data_4R8K
#
_entry.id   4R8K
#
_cell.length_a   98.550
_cell.length_b   123.310
_cell.length_c   120.560
_cell.angle_alpha   90.00
_cell.angle_beta   92.35
_cell.angle_gamma   90.00
#
_symmetry.space_group_name_H-M   'P 1 21 1'
#
loop_
_entity.id
_entity.type
_entity.pdbx_description
1 polymer 'Uncharacterized protein'
2 non-polymer '4-(2-HYDROXYETHYL)-1-PIPERAZINE ETHANESULFONIC ACID'
3 water water
#
_entity_poly.entity_id   1
_entity_poly.type   'polypeptide(L)'
_entity_poly.pdbx_seq_one_letter_code
;MGSSHHHHHHSSGGNENLYFQGHMARASGSERHLLLIYTGGTLGMQSKGGVLVPGPGLVTLLRTLPMFHDKEFAQAQGLP
DHALALPPASHGPRVLYTVLECQPLLDSSDMTIDDWIRIAKIIERHYEQYQGFVVIHGTDTMASGASMLSFMLENLHKPV
ILTGAQVPIRVLWNDARENLLGALLVAGQYIIPEVCLFMNSQLFRGNRVTKVDSQKFEAFCSPNLSPLATVGADVTIAWD
LVRKVKWKDPLVVHSNMEHDVALLRLYPGIPASLVRAFLQPPLKGVVLETFGSGNGPSKPDLLQELRAAAQRGLIMVNCS
QCLRGSVTPGYATSLAGANIVSGLDMTSEAALAKLSYVLGLPELSLERRQELLAKDLRGEMTLPT
;
_entity_poly.pdbx_strand_id   A,B,C,D,E,F,G,H
#
loop_
_chem_comp.id
_chem_comp.type
_chem_comp.name
_chem_comp.formula
EPE non-polymer '4-(2-HYDROXYETHYL)-1-PIPERAZINE ETHANESULFONIC ACID' 'C8 H18 N2 O4 S'
#
# COMPACT_ATOMS: atom_id res chain seq x y z
N SER A 30 -23.31 -41.67 46.85
CA SER A 30 -24.37 -41.12 47.74
C SER A 30 -23.81 -40.18 48.82
N GLU A 31 -22.85 -40.68 49.60
CA GLU A 31 -22.49 -40.03 50.87
C GLU A 31 -21.00 -40.17 51.18
N ARG A 32 -20.35 -39.08 51.58
CA ARG A 32 -18.90 -39.09 51.85
C ARG A 32 -18.61 -38.46 53.22
N HIS A 33 -17.75 -39.11 54.02
CA HIS A 33 -17.58 -38.73 55.41
C HIS A 33 -16.14 -38.20 55.61
N LEU A 34 -16.02 -37.06 56.28
CA LEU A 34 -14.73 -36.42 56.55
C LEU A 34 -14.48 -36.30 58.03
N LEU A 35 -13.20 -36.33 58.39
CA LEU A 35 -12.80 -36.01 59.75
C LEU A 35 -12.15 -34.63 59.75
N LEU A 36 -12.70 -33.73 60.55
CA LEU A 36 -12.20 -32.39 60.67
C LEU A 36 -11.38 -32.31 61.94
N ILE A 37 -10.07 -32.18 61.78
CA ILE A 37 -9.15 -32.14 62.90
C ILE A 37 -8.79 -30.69 63.22
N TYR A 38 -9.10 -30.28 64.42
CA TYR A 38 -8.89 -28.91 64.83
C TYR A 38 -7.69 -28.88 65.81
N THR A 39 -6.56 -28.32 65.35
CA THR A 39 -5.33 -28.31 66.12
C THR A 39 -5.05 -27.01 66.84
N GLY A 40 -5.70 -25.93 66.42
CA GLY A 40 -5.41 -24.61 66.99
C GLY A 40 -5.45 -23.54 65.90
N GLY A 41 -4.93 -22.37 66.22
CA GLY A 41 -4.91 -21.27 65.29
C GLY A 41 -6.02 -20.26 65.42
N THR A 42 -5.81 -19.12 64.79
CA THR A 42 -6.71 -17.97 64.83
C THR A 42 -8.15 -18.34 64.48
N LEU A 43 -8.32 -19.29 63.55
CA LEU A 43 -9.64 -19.65 63.09
C LEU A 43 -10.59 -19.92 64.24
N GLY A 44 -10.13 -20.67 65.24
CA GLY A 44 -11.00 -21.10 66.31
C GLY A 44 -10.99 -20.23 67.54
N MET A 45 -10.24 -19.14 67.52
CA MET A 45 -10.08 -18.30 68.71
C MET A 45 -11.24 -17.32 68.97
N GLN A 46 -11.20 -16.65 70.11
CA GLN A 46 -12.20 -15.66 70.51
C GLN A 46 -11.53 -14.33 70.72
N SER A 47 -12.22 -13.23 70.38
CA SER A 47 -11.71 -11.89 70.68
C SER A 47 -12.19 -11.45 72.07
N LYS A 48 -11.28 -10.95 72.91
CA LYS A 48 -11.61 -10.51 74.27
C LYS A 48 -10.77 -9.32 74.69
N GLY A 49 -11.33 -8.13 74.48
CA GLY A 49 -10.61 -6.89 74.75
C GLY A 49 -9.51 -6.66 73.73
N GLY A 50 -9.86 -6.81 72.45
CA GLY A 50 -8.92 -6.63 71.34
C GLY A 50 -7.73 -7.58 71.32
N VAL A 51 -7.89 -8.73 71.99
CA VAL A 51 -6.83 -9.75 72.08
C VAL A 51 -7.45 -11.14 71.92
N LEU A 52 -6.72 -12.02 71.24
CA LEU A 52 -7.25 -13.33 70.89
C LEU A 52 -6.87 -14.35 71.95
N VAL A 53 -7.85 -15.14 72.38
CA VAL A 53 -7.62 -16.22 73.34
C VAL A 53 -8.17 -17.53 72.76
N PRO A 54 -7.81 -18.69 73.35
CA PRO A 54 -8.32 -19.95 72.81
C PRO A 54 -9.85 -20.05 72.81
N GLY A 55 -10.36 -20.84 71.88
CA GLY A 55 -11.79 -20.93 71.60
C GLY A 55 -12.21 -22.38 71.40
N PRO A 56 -12.48 -23.08 72.50
CA PRO A 56 -12.87 -24.49 72.37
C PRO A 56 -14.34 -24.60 71.96
N GLY A 57 -14.75 -25.83 71.70
CA GLY A 57 -16.10 -26.14 71.30
C GLY A 57 -16.42 -25.57 69.93
N LEU A 58 -15.60 -25.92 68.95
CA LEU A 58 -15.86 -25.53 67.59
C LEU A 58 -17.17 -26.16 67.10
N VAL A 59 -17.35 -27.44 67.39
CA VAL A 59 -18.54 -28.15 66.96
C VAL A 59 -19.85 -27.46 67.42
N THR A 60 -19.86 -26.83 68.59
CA THR A 60 -21.09 -26.23 69.11
C THR A 60 -21.45 -24.99 68.30
N LEU A 61 -20.45 -24.29 67.80
CA LEU A 61 -20.70 -23.14 66.95
C LEU A 61 -21.14 -23.56 65.55
N LEU A 62 -20.41 -24.50 64.94
CA LEU A 62 -20.73 -24.95 63.60
C LEU A 62 -22.16 -25.49 63.45
N ARG A 63 -22.67 -26.14 64.50
CA ARG A 63 -24.01 -26.72 64.50
C ARG A 63 -25.06 -25.64 64.28
N THR A 64 -24.78 -24.42 64.74
CA THR A 64 -25.72 -23.30 64.61
C THR A 64 -25.61 -22.55 63.30
N LEU A 65 -24.73 -22.96 62.39
CA LEU A 65 -24.54 -22.25 61.12
C LEU A 65 -25.03 -23.09 59.94
N PRO A 66 -26.09 -22.65 59.27
CA PRO A 66 -26.72 -23.40 58.20
C PRO A 66 -25.76 -23.79 57.10
N MET A 67 -24.81 -22.92 56.81
CA MET A 67 -23.83 -23.25 55.77
C MET A 67 -22.96 -24.42 56.17
N PHE A 68 -22.81 -24.63 57.47
CA PHE A 68 -22.00 -25.75 57.98
C PHE A 68 -22.78 -26.94 58.46
N HIS A 69 -24.04 -26.74 58.78
CA HIS A 69 -24.86 -27.83 59.31
C HIS A 69 -26.32 -27.72 58.90
N ASP A 70 -26.78 -28.73 58.20
CA ASP A 70 -28.18 -28.86 57.78
C ASP A 70 -29.00 -29.59 58.85
N LYS A 71 -29.60 -28.86 59.78
CA LYS A 71 -30.39 -29.47 60.86
C LYS A 71 -31.50 -30.38 60.34
N GLU A 72 -32.22 -29.90 59.33
CA GLU A 72 -33.37 -30.62 58.80
C GLU A 72 -32.99 -32.02 58.30
N PHE A 73 -31.89 -32.12 57.56
CA PHE A 73 -31.41 -33.40 57.06
C PHE A 73 -30.88 -34.28 58.19
N ALA A 74 -30.34 -33.66 59.23
CA ALA A 74 -29.81 -34.40 60.37
C ALA A 74 -30.92 -35.12 61.13
N GLN A 75 -31.98 -34.40 61.48
CA GLN A 75 -33.14 -35.03 62.13
C GLN A 75 -33.82 -36.05 61.22
N ALA A 76 -33.99 -35.70 59.95
CA ALA A 76 -34.63 -36.58 58.97
C ALA A 76 -33.83 -37.85 58.67
N GLN A 77 -32.58 -37.93 59.13
CA GLN A 77 -31.77 -39.13 58.98
C GLN A 77 -31.35 -39.66 60.34
N GLY A 78 -31.92 -39.09 61.39
CA GLY A 78 -31.50 -39.37 62.76
C GLY A 78 -30.01 -39.60 62.92
N LEU A 79 -29.21 -38.64 62.45
CA LEU A 79 -27.75 -38.73 62.58
C LEU A 79 -27.35 -38.50 64.02
N PRO A 80 -26.27 -39.18 64.47
CA PRO A 80 -25.77 -38.86 65.82
C PRO A 80 -25.34 -37.40 65.85
N ASP A 81 -25.40 -36.75 67.00
CA ASP A 81 -25.16 -35.30 67.03
C ASP A 81 -23.68 -34.89 67.25
N HIS A 82 -22.76 -35.82 67.03
CA HIS A 82 -21.34 -35.47 66.84
C HIS A 82 -21.02 -35.27 65.33
N ALA A 83 -21.96 -35.66 64.47
CA ALA A 83 -21.79 -35.65 63.02
C ALA A 83 -22.55 -34.50 62.37
N LEU A 84 -21.84 -33.63 61.66
CA LEU A 84 -22.47 -32.52 60.99
C LEU A 84 -22.65 -32.88 59.54
N ALA A 85 -23.59 -32.18 58.89
CA ALA A 85 -23.94 -32.44 57.52
C ALA A 85 -23.98 -31.12 56.77
N LEU A 86 -23.19 -31.02 55.72
CA LEU A 86 -23.23 -29.81 54.91
C LEU A 86 -24.55 -29.84 54.13
N PRO A 87 -25.16 -28.67 53.93
CA PRO A 87 -26.25 -28.59 52.96
C PRO A 87 -25.87 -29.18 51.60
N PRO A 88 -26.87 -29.46 50.75
CA PRO A 88 -26.52 -30.03 49.43
C PRO A 88 -25.80 -28.99 48.59
N ALA A 89 -24.75 -29.42 47.90
CA ALA A 89 -24.01 -28.57 46.98
C ALA A 89 -24.65 -28.71 45.61
N SER A 90 -24.10 -27.99 44.63
CA SER A 90 -24.60 -28.06 43.25
C SER A 90 -24.69 -29.49 42.75
N HIS A 91 -23.53 -30.16 42.68
CA HIS A 91 -23.44 -31.54 42.23
C HIS A 91 -22.93 -32.43 43.35
N GLY A 92 -22.39 -33.60 43.00
CA GLY A 92 -21.62 -34.41 43.95
C GLY A 92 -22.51 -35.11 44.95
N PRO A 93 -21.90 -35.91 45.85
CA PRO A 93 -22.62 -36.56 46.91
C PRO A 93 -22.71 -35.68 48.16
N ARG A 94 -23.49 -36.12 49.13
CA ARG A 94 -23.68 -35.37 50.35
C ARG A 94 -22.44 -35.51 51.26
N VAL A 95 -22.03 -34.42 51.91
CA VAL A 95 -20.81 -34.41 52.72
C VAL A 95 -21.15 -34.31 54.20
N LEU A 96 -20.72 -35.31 54.95
CA LEU A 96 -20.86 -35.36 56.40
C LEU A 96 -19.48 -35.28 57.03
N TYR A 97 -19.39 -34.69 58.20
CA TYR A 97 -18.09 -34.60 58.86
C TYR A 97 -18.17 -34.61 60.37
N THR A 98 -17.11 -35.12 60.98
CA THR A 98 -17.02 -35.23 62.43
C THR A 98 -15.89 -34.30 62.87
N VAL A 99 -16.09 -33.61 63.98
CA VAL A 99 -15.11 -32.70 64.48
C VAL A 99 -14.30 -33.31 65.62
N LEU A 100 -12.99 -33.42 65.41
CA LEU A 100 -12.07 -33.87 66.42
C LEU A 100 -11.23 -32.69 66.87
N GLU A 101 -11.43 -32.28 68.10
CA GLU A 101 -10.73 -31.16 68.67
C GLU A 101 -9.53 -31.61 69.53
N CYS A 102 -8.31 -31.27 69.12
CA CYS A 102 -7.11 -31.60 69.88
C CYS A 102 -7.01 -30.80 71.15
N GLN A 103 -6.35 -31.35 72.14
CA GLN A 103 -6.19 -30.67 73.40
C GLN A 103 -4.78 -30.99 73.88
N PRO A 104 -3.98 -29.98 74.22
CA PRO A 104 -4.35 -28.57 74.12
C PRO A 104 -4.27 -28.00 72.70
N LEU A 105 -5.03 -26.95 72.46
CA LEU A 105 -4.97 -26.24 71.19
C LEU A 105 -3.71 -25.38 71.17
N LEU A 106 -3.06 -25.34 70.02
CA LEU A 106 -1.75 -24.69 69.87
C LEU A 106 -1.78 -23.50 68.94
N ASP A 107 -1.09 -22.44 69.32
CA ASP A 107 -0.58 -21.48 68.35
C ASP A 107 0.40 -22.21 67.43
N SER A 108 0.30 -21.99 66.12
CA SER A 108 1.12 -22.74 65.18
C SER A 108 2.63 -22.46 65.29
N SER A 109 3.00 -21.33 65.88
CA SER A 109 4.39 -21.03 66.14
C SER A 109 5.01 -21.95 67.17
N ASP A 110 4.19 -22.67 67.95
CA ASP A 110 4.66 -23.61 68.95
C ASP A 110 4.66 -25.05 68.46
N MET A 111 4.28 -25.27 67.21
CA MET A 111 4.26 -26.63 66.73
C MET A 111 5.61 -27.10 66.30
N THR A 112 5.79 -28.40 66.40
CA THR A 112 7.05 -29.06 66.08
C THR A 112 6.76 -30.31 65.30
N ILE A 113 7.82 -30.98 64.91
CA ILE A 113 7.75 -32.26 64.20
C ILE A 113 6.87 -33.25 64.99
N ASP A 114 6.97 -33.25 66.32
CA ASP A 114 6.14 -34.16 67.10
C ASP A 114 4.63 -33.90 66.97
N ASP A 115 4.25 -32.62 66.94
CA ASP A 115 2.83 -32.28 66.78
C ASP A 115 2.33 -32.75 65.41
N TRP A 116 3.15 -32.59 64.37
CA TRP A 116 2.76 -33.00 63.04
C TRP A 116 2.70 -34.54 62.94
N ILE A 117 3.65 -35.23 63.58
CA ILE A 117 3.55 -36.68 63.69
C ILE A 117 2.22 -37.10 64.34
N ARG A 118 1.84 -36.44 65.45
CA ARG A 118 0.58 -36.76 66.11
C ARG A 118 -0.59 -36.62 65.15
N ILE A 119 -0.58 -35.57 64.35
CA ILE A 119 -1.64 -35.37 63.39
C ILE A 119 -1.64 -36.51 62.40
N ALA A 120 -0.46 -36.89 61.95
CA ALA A 120 -0.35 -37.98 60.98
C ALA A 120 -0.86 -39.29 61.56
N LYS A 121 -0.61 -39.50 62.83
CA LYS A 121 -1.11 -40.69 63.52
C LYS A 121 -2.62 -40.67 63.74
N ILE A 122 -3.21 -39.50 63.94
CA ILE A 122 -4.67 -39.39 63.98
C ILE A 122 -5.27 -39.82 62.64
N ILE A 123 -4.69 -39.34 61.55
CA ILE A 123 -5.19 -39.68 60.22
C ILE A 123 -5.04 -41.17 59.98
N GLU A 124 -3.88 -41.72 60.33
CA GLU A 124 -3.63 -43.15 60.21
C GLU A 124 -4.68 -43.96 60.97
N ARG A 125 -4.92 -43.60 62.24
CA ARG A 125 -5.84 -44.35 63.10
C ARG A 125 -7.25 -44.39 62.52
N HIS A 126 -7.68 -43.31 61.87
CA HIS A 126 -9.03 -43.22 61.36
C HIS A 126 -9.08 -43.36 59.83
N TYR A 127 -8.00 -43.83 59.20
CA TYR A 127 -7.91 -43.83 57.75
C TYR A 127 -9.04 -44.53 57.04
N GLU A 128 -9.44 -45.72 57.49
CA GLU A 128 -10.44 -46.51 56.77
C GLU A 128 -11.86 -46.02 57.00
N GLN A 129 -12.09 -45.28 58.07
CA GLN A 129 -13.43 -44.83 58.43
C GLN A 129 -13.84 -43.56 57.70
N TYR A 130 -12.91 -42.83 57.08
CA TYR A 130 -13.25 -41.55 56.41
C TYR A 130 -12.72 -41.49 55.00
N GLN A 131 -13.35 -40.69 54.16
CA GLN A 131 -12.91 -40.54 52.76
C GLN A 131 -11.97 -39.35 52.56
N GLY A 132 -11.88 -38.48 53.55
CA GLY A 132 -10.98 -37.33 53.48
C GLY A 132 -10.83 -36.65 54.83
N PHE A 133 -9.90 -35.70 54.89
CA PHE A 133 -9.53 -35.04 56.13
C PHE A 133 -9.29 -33.56 55.91
N VAL A 134 -9.75 -32.76 56.85
CA VAL A 134 -9.46 -31.34 56.85
C VAL A 134 -8.80 -31.05 58.18
N VAL A 135 -7.73 -30.25 58.16
CA VAL A 135 -6.99 -29.94 59.36
C VAL A 135 -6.96 -28.43 59.54
N ILE A 136 -7.58 -27.95 60.59
CA ILE A 136 -7.53 -26.53 60.90
C ILE A 136 -6.24 -26.30 61.63
N HIS A 137 -5.48 -25.31 61.17
CA HIS A 137 -4.10 -25.10 61.62
C HIS A 137 -3.83 -23.61 61.60
N GLY A 138 -2.97 -23.09 62.49
CA GLY A 138 -2.57 -21.67 62.45
C GLY A 138 -1.76 -21.40 61.18
N THR A 139 -1.85 -20.18 60.65
CA THR A 139 -1.20 -19.86 59.38
C THR A 139 0.32 -19.73 59.50
N ASP A 140 0.80 -19.31 60.67
CA ASP A 140 2.24 -19.02 60.87
C ASP A 140 3.16 -20.13 60.41
N THR A 141 2.83 -21.37 60.71
CA THR A 141 3.68 -22.49 60.30
C THR A 141 2.91 -23.50 59.45
N MET A 142 1.80 -23.08 58.87
CA MET A 142 1.01 -24.00 58.08
C MET A 142 1.76 -24.64 56.92
N ALA A 143 2.62 -23.86 56.28
CA ALA A 143 3.46 -24.37 55.19
C ALA A 143 4.42 -25.45 55.66
N SER A 144 4.97 -25.29 56.85
CA SER A 144 5.84 -26.30 57.43
C SER A 144 5.03 -27.53 57.79
N GLY A 145 3.86 -27.33 58.38
CA GLY A 145 3.00 -28.46 58.70
C GLY A 145 2.58 -29.26 57.48
N ALA A 146 2.10 -28.55 56.46
CA ALA A 146 1.68 -29.22 55.23
C ALA A 146 2.85 -29.96 54.58
N SER A 147 4.03 -29.34 54.58
CA SER A 147 5.20 -30.00 54.01
C SER A 147 5.55 -31.25 54.78
N MET A 148 5.55 -31.15 56.12
CA MET A 148 5.84 -32.32 56.93
C MET A 148 4.84 -33.46 56.69
N LEU A 149 3.56 -33.16 56.75
CA LEU A 149 2.56 -34.20 56.57
C LEU A 149 2.67 -34.82 55.22
N SER A 150 3.01 -34.01 54.21
CA SER A 150 3.23 -34.51 52.86
C SER A 150 4.22 -35.68 52.83
N PHE A 151 5.31 -35.54 53.56
CA PHE A 151 6.30 -36.60 53.60
C PHE A 151 5.88 -37.71 54.52
N MET A 152 5.33 -37.38 55.68
CA MET A 152 4.94 -38.42 56.64
C MET A 152 3.93 -39.42 56.08
N LEU A 153 3.02 -38.95 55.21
CA LEU A 153 1.94 -39.78 54.72
C LEU A 153 2.26 -40.38 53.39
N GLU A 154 3.12 -41.36 53.40
CA GLU A 154 3.56 -42.03 52.19
C GLU A 154 2.43 -42.86 51.57
N ASN A 155 2.29 -42.77 50.25
CA ASN A 155 1.22 -43.46 49.50
C ASN A 155 -0.18 -42.97 49.85
N LEU A 156 -0.30 -41.74 50.31
CA LEU A 156 -1.61 -41.18 50.62
C LEU A 156 -2.57 -41.36 49.47
N HIS A 157 -3.78 -41.84 49.78
CA HIS A 157 -4.81 -42.08 48.76
C HIS A 157 -5.96 -41.09 48.83
N LYS A 158 -5.99 -40.25 49.87
CA LYS A 158 -7.14 -39.40 50.18
C LYS A 158 -6.72 -37.97 50.48
N PRO A 159 -7.61 -37.00 50.22
CA PRO A 159 -7.23 -35.61 50.45
C PRO A 159 -7.08 -35.31 51.91
N VAL A 160 -5.99 -34.61 52.22
CA VAL A 160 -5.75 -34.02 53.52
C VAL A 160 -5.58 -32.52 53.28
N ILE A 161 -6.59 -31.76 53.63
CA ILE A 161 -6.59 -30.36 53.32
C ILE A 161 -6.40 -29.53 54.58
N LEU A 162 -5.29 -28.81 54.66
CA LEU A 162 -5.09 -27.82 55.72
C LEU A 162 -5.73 -26.49 55.37
N THR A 163 -6.23 -25.81 56.38
CA THR A 163 -6.80 -24.51 56.18
C THR A 163 -6.75 -23.77 57.48
N GLY A 164 -7.00 -22.48 57.39
CA GLY A 164 -6.91 -21.59 58.55
C GLY A 164 -7.47 -20.24 58.15
N ALA A 165 -7.18 -19.21 58.94
CA ALA A 165 -7.75 -17.89 58.69
C ALA A 165 -6.94 -16.80 59.36
N GLN A 166 -6.95 -15.61 58.77
CA GLN A 166 -6.36 -14.46 59.40
C GLN A 166 -7.24 -13.91 60.53
N VAL A 167 -8.53 -14.23 60.50
CA VAL A 167 -9.49 -13.69 61.44
C VAL A 167 -10.35 -14.82 61.96
N PRO A 168 -10.67 -14.81 63.27
CA PRO A 168 -11.42 -15.95 63.80
C PRO A 168 -12.83 -16.07 63.24
N ILE A 169 -13.32 -17.30 63.11
CA ILE A 169 -14.66 -17.55 62.62
C ILE A 169 -15.74 -16.93 63.51
N ARG A 170 -15.42 -16.70 64.78
CA ARG A 170 -16.33 -16.04 65.71
C ARG A 170 -16.36 -14.52 65.61
N VAL A 171 -15.40 -13.91 64.93
CA VAL A 171 -15.51 -12.50 64.58
C VAL A 171 -16.35 -12.37 63.30
N LEU A 172 -17.23 -11.40 63.25
CA LEU A 172 -18.25 -11.35 62.21
C LEU A 172 -17.61 -11.32 60.80
N TRP A 173 -16.70 -10.36 60.60
CA TRP A 173 -16.08 -10.13 59.30
C TRP A 173 -14.80 -10.91 59.20
N ASN A 174 -14.87 -12.07 58.56
CA ASN A 174 -13.77 -12.99 58.58
C ASN A 174 -13.59 -13.76 57.28
N ASP A 175 -12.45 -14.40 57.15
CA ASP A 175 -12.13 -15.24 56.01
C ASP A 175 -12.31 -16.71 56.34
N ALA A 176 -12.59 -16.99 57.60
CA ALA A 176 -12.62 -18.38 58.10
C ALA A 176 -13.78 -19.18 57.58
N ARG A 177 -14.96 -18.57 57.50
CA ARG A 177 -16.14 -19.30 57.03
C ARG A 177 -15.88 -19.91 55.66
N GLU A 178 -15.44 -19.10 54.72
CA GLU A 178 -15.28 -19.59 53.34
C GLU A 178 -14.05 -20.51 53.22
N ASN A 179 -13.01 -20.28 54.00
CA ASN A 179 -11.87 -21.17 53.95
C ASN A 179 -12.23 -22.55 54.46
N LEU A 180 -12.92 -22.60 55.58
CA LEU A 180 -13.28 -23.88 56.15
C LEU A 180 -14.27 -24.63 55.24
N LEU A 181 -15.29 -23.92 54.78
CA LEU A 181 -16.27 -24.57 53.90
C LEU A 181 -15.63 -25.09 52.65
N GLY A 182 -14.76 -24.29 52.05
CA GLY A 182 -14.11 -24.70 50.82
C GLY A 182 -13.28 -25.92 51.01
N ALA A 183 -12.57 -25.98 52.13
CA ALA A 183 -11.72 -27.16 52.39
C ALA A 183 -12.58 -28.40 52.53
N LEU A 184 -13.69 -28.27 53.24
CA LEU A 184 -14.61 -29.42 53.42
C LEU A 184 -15.18 -29.87 52.08
N LEU A 185 -15.62 -28.92 51.27
CA LEU A 185 -16.19 -29.25 49.97
C LEU A 185 -15.18 -29.89 49.05
N VAL A 186 -13.95 -29.39 49.06
CA VAL A 186 -12.92 -29.98 48.21
C VAL A 186 -12.62 -31.40 48.67
N ALA A 187 -12.41 -31.59 49.96
CA ALA A 187 -12.06 -32.91 50.47
C ALA A 187 -13.24 -33.86 50.29
N GLY A 188 -14.45 -33.32 50.43
CA GLY A 188 -15.66 -34.12 50.32
C GLY A 188 -16.01 -34.53 48.91
N GLN A 189 -15.58 -33.77 47.92
CA GLN A 189 -16.07 -34.00 46.56
C GLN A 189 -15.05 -34.44 45.54
N TYR A 190 -13.76 -34.37 45.85
CA TYR A 190 -12.74 -34.67 44.85
C TYR A 190 -11.71 -35.62 45.42
N ILE A 191 -11.17 -36.47 44.57
CA ILE A 191 -10.17 -37.42 44.99
C ILE A 191 -8.83 -36.86 44.55
N ILE A 192 -8.28 -36.02 45.41
CA ILE A 192 -6.96 -35.43 45.26
C ILE A 192 -6.14 -36.01 46.39
N PRO A 193 -5.30 -37.01 46.08
CA PRO A 193 -4.57 -37.75 47.09
C PRO A 193 -3.29 -37.05 47.52
N GLU A 194 -3.43 -35.85 48.05
CA GLU A 194 -2.27 -35.04 48.44
C GLU A 194 -2.58 -34.24 49.69
N VAL A 195 -1.53 -33.85 50.38
CA VAL A 195 -1.66 -32.88 51.46
C VAL A 195 -1.68 -31.52 50.81
N CYS A 196 -2.76 -30.79 51.00
CA CYS A 196 -2.98 -29.51 50.34
C CYS A 196 -3.21 -28.40 51.33
N LEU A 197 -3.19 -27.19 50.82
CA LEU A 197 -3.58 -26.05 51.59
C LEU A 197 -4.67 -25.32 50.85
N PHE A 198 -5.80 -25.09 51.50
CA PHE A 198 -6.88 -24.32 50.90
C PHE A 198 -7.04 -22.99 51.60
N MET A 199 -6.90 -21.89 50.85
CA MET A 199 -7.17 -20.54 51.34
C MET A 199 -7.60 -19.63 50.20
N ASN A 200 -8.57 -18.76 50.49
CA ASN A 200 -8.93 -17.70 49.58
C ASN A 200 -9.20 -18.26 48.19
N SER A 201 -10.07 -19.27 48.17
CA SER A 201 -10.55 -19.87 46.92
C SER A 201 -9.50 -20.62 46.09
N GLN A 202 -8.34 -20.94 46.68
CA GLN A 202 -7.28 -21.65 45.96
C GLN A 202 -6.82 -22.89 46.73
N LEU A 203 -6.60 -23.98 46.01
CA LEU A 203 -6.04 -25.18 46.57
C LEU A 203 -4.62 -25.32 46.09
N PHE A 204 -3.67 -25.28 47.01
CA PHE A 204 -2.25 -25.38 46.67
C PHE A 204 -1.71 -26.71 47.09
N ARG A 205 -0.68 -27.19 46.39
CA ARG A 205 0.03 -28.34 46.87
C ARG A 205 0.75 -27.94 48.16
N GLY A 206 0.56 -28.72 49.20
CA GLY A 206 1.05 -28.33 50.54
C GLY A 206 2.55 -28.09 50.58
N ASN A 207 3.30 -28.95 49.94
CA ASN A 207 4.76 -28.84 49.99
C ASN A 207 5.30 -27.85 48.98
N ARG A 208 4.42 -27.06 48.37
CA ARG A 208 4.83 -25.98 47.45
C ARG A 208 4.51 -24.59 47.95
N VAL A 209 3.85 -24.48 49.11
CA VAL A 209 3.39 -23.16 49.57
C VAL A 209 4.32 -22.53 50.58
N THR A 210 4.19 -21.22 50.69
CA THR A 210 4.85 -20.46 51.71
C THR A 210 3.96 -19.24 52.03
N LYS A 211 4.07 -18.74 53.26
CA LYS A 211 3.29 -17.62 53.71
C LYS A 211 3.96 -16.33 53.30
N VAL A 212 3.27 -15.53 52.49
CA VAL A 212 3.87 -14.29 51.96
C VAL A 212 3.28 -13.00 52.53
N ASP A 213 2.11 -13.08 53.17
CA ASP A 213 1.50 -11.88 53.70
C ASP A 213 0.93 -12.14 55.09
N SER A 214 1.30 -11.32 56.04
CA SER A 214 0.86 -11.50 57.41
C SER A 214 -0.48 -10.83 57.72
N GLN A 215 -1.08 -10.12 56.76
CA GLN A 215 -2.35 -9.38 57.02
C GLN A 215 -3.48 -9.68 56.01
N LYS A 216 -3.17 -9.82 54.73
CA LYS A 216 -4.19 -10.07 53.73
C LYS A 216 -4.76 -11.48 53.76
N PHE A 217 -5.96 -11.62 53.24
CA PHE A 217 -6.60 -12.91 53.17
C PHE A 217 -5.89 -13.83 52.20
N GLU A 218 -5.30 -13.25 51.16
CA GLU A 218 -4.39 -14.01 50.29
C GLU A 218 -3.04 -14.09 50.98
N ALA A 219 -2.92 -15.01 51.92
CA ALA A 219 -1.76 -15.08 52.79
C ALA A 219 -0.65 -15.94 52.23
N PHE A 220 -1.00 -16.87 51.31
CA PHE A 220 -0.08 -17.85 50.84
C PHE A 220 0.13 -17.77 49.37
N CYS A 221 1.28 -18.29 48.98
CA CYS A 221 1.69 -18.31 47.58
C CYS A 221 2.32 -19.67 47.32
N SER A 222 2.09 -20.22 46.13
CA SER A 222 2.83 -21.38 45.63
C SER A 222 3.72 -20.85 44.49
N PRO A 223 4.93 -20.37 44.83
CA PRO A 223 5.70 -19.57 43.86
C PRO A 223 6.19 -20.31 42.62
N ASN A 224 6.45 -21.60 42.71
CA ASN A 224 6.98 -22.37 41.59
C ASN A 224 6.07 -23.49 41.10
N LEU A 225 4.79 -23.42 41.42
CA LEU A 225 3.81 -24.38 40.92
C LEU A 225 2.45 -23.76 40.91
N SER A 226 1.67 -24.03 39.86
CA SER A 226 0.31 -23.58 39.84
C SER A 226 -0.45 -24.19 41.00
N PRO A 227 -1.56 -23.55 41.38
CA PRO A 227 -2.50 -24.17 42.30
C PRO A 227 -2.99 -25.47 41.71
N LEU A 228 -3.30 -26.43 42.56
CA LEU A 228 -3.93 -27.67 42.12
C LEU A 228 -5.37 -27.42 41.75
N ALA A 229 -5.99 -26.40 42.34
CA ALA A 229 -7.36 -26.07 42.03
C ALA A 229 -7.71 -24.63 42.32
N THR A 230 -8.69 -24.14 41.60
CA THR A 230 -9.22 -22.81 41.80
C THR A 230 -10.71 -22.94 41.89
N VAL A 231 -11.29 -22.11 42.73
CA VAL A 231 -12.72 -22.09 42.98
C VAL A 231 -13.29 -20.73 42.57
N GLY A 232 -14.32 -20.79 41.74
CA GLY A 232 -15.03 -19.59 41.29
C GLY A 232 -16.46 -20.04 41.06
N ALA A 233 -17.12 -19.44 40.07
CA ALA A 233 -18.39 -19.95 39.60
C ALA A 233 -18.26 -21.45 39.31
N ASP A 234 -17.12 -21.82 38.71
CA ASP A 234 -16.75 -23.22 38.51
C ASP A 234 -15.54 -23.60 39.36
N VAL A 235 -15.39 -24.90 39.55
CA VAL A 235 -14.22 -25.48 40.16
C VAL A 235 -13.28 -26.03 39.08
N THR A 236 -12.08 -25.47 38.98
CA THR A 236 -11.10 -25.88 37.98
C THR A 236 -9.98 -26.64 38.67
N ILE A 237 -9.68 -27.84 38.21
CA ILE A 237 -8.65 -28.66 38.81
C ILE A 237 -7.57 -29.02 37.79
N ALA A 238 -6.32 -28.77 38.17
CA ALA A 238 -5.17 -29.10 37.36
C ALA A 238 -4.87 -30.59 37.48
N TRP A 239 -5.70 -31.42 36.87
CA TRP A 239 -5.51 -32.89 36.92
C TRP A 239 -4.18 -33.35 36.32
N ASP A 240 -3.64 -32.56 35.41
CA ASP A 240 -2.28 -32.80 34.88
C ASP A 240 -1.18 -32.76 35.95
N LEU A 241 -1.41 -32.01 37.04
CA LEU A 241 -0.43 -31.92 38.13
C LEU A 241 -0.73 -32.89 39.29
N VAL A 242 -2.01 -33.11 39.56
CA VAL A 242 -2.42 -33.88 40.70
C VAL A 242 -1.78 -35.26 40.63
N ARG A 243 -1.24 -35.72 41.74
CA ARG A 243 -0.56 -37.00 41.78
C ARG A 243 -1.54 -38.17 41.69
N LYS A 244 -1.00 -39.33 41.29
CA LYS A 244 -1.81 -40.52 40.98
C LYS A 244 -1.99 -41.41 42.20
N VAL A 245 -3.23 -41.82 42.44
CA VAL A 245 -3.56 -42.74 43.54
C VAL A 245 -2.94 -44.10 43.20
N LYS A 246 -2.07 -44.61 44.06
CA LYS A 246 -1.52 -45.98 43.89
C LYS A 246 -2.30 -46.93 44.81
N TRP A 247 -3.41 -47.46 44.28
CA TRP A 247 -4.40 -48.15 45.08
C TRP A 247 -3.87 -49.42 45.71
N LYS A 248 -2.89 -50.02 45.06
CA LYS A 248 -2.32 -51.28 45.51
C LYS A 248 -1.50 -51.13 46.79
N ASP A 249 -0.76 -50.02 46.90
CA ASP A 249 0.16 -49.81 48.02
C ASP A 249 -0.55 -49.23 49.24
N PRO A 250 -0.24 -49.76 50.44
CA PRO A 250 -0.92 -49.25 51.59
C PRO A 250 -0.27 -47.95 52.10
N LEU A 251 -1.03 -47.20 52.89
CA LEU A 251 -0.52 -46.02 53.55
C LEU A 251 0.60 -46.42 54.47
N VAL A 252 1.73 -45.71 54.40
CA VAL A 252 2.81 -45.89 55.36
C VAL A 252 3.13 -44.55 56.01
N VAL A 253 3.00 -44.50 57.33
CA VAL A 253 3.16 -43.27 58.08
C VAL A 253 4.51 -43.27 58.69
N HIS A 254 5.30 -42.26 58.35
CA HIS A 254 6.66 -42.12 58.86
C HIS A 254 6.71 -41.33 60.17
N SER A 255 6.67 -42.04 61.28
CA SER A 255 6.92 -41.46 62.61
C SER A 255 8.39 -41.22 62.82
N ASN A 256 9.20 -41.90 62.00
CA ASN A 256 10.65 -41.84 62.07
C ASN A 256 11.12 -40.64 61.26
N MET A 257 11.02 -39.45 61.85
CA MET A 257 11.46 -38.23 61.20
C MET A 257 12.61 -37.71 62.02
N GLU A 258 13.72 -37.41 61.39
CA GLU A 258 14.85 -36.91 62.11
C GLU A 258 14.52 -35.53 62.68
N HIS A 259 14.72 -35.39 63.98
CA HIS A 259 14.46 -34.14 64.70
C HIS A 259 15.61 -33.15 64.60
N ASP A 260 16.85 -33.64 64.53
CA ASP A 260 18.01 -32.75 64.53
C ASP A 260 18.34 -32.24 63.13
N VAL A 261 17.40 -31.49 62.58
CA VAL A 261 17.58 -30.76 61.31
C VAL A 261 17.22 -29.33 61.56
N ALA A 262 17.93 -28.42 60.89
CA ALA A 262 17.77 -27.00 61.13
C ALA A 262 17.74 -26.26 59.83
N LEU A 263 17.41 -24.98 59.93
CA LEU A 263 17.46 -24.06 58.83
C LEU A 263 18.40 -22.92 59.19
N LEU A 264 19.28 -22.52 58.28
CA LEU A 264 20.25 -21.46 58.52
C LEU A 264 20.22 -20.46 57.39
N ARG A 265 19.88 -19.22 57.68
CA ARG A 265 19.86 -18.19 56.66
C ARG A 265 21.18 -17.45 56.62
N LEU A 266 21.89 -17.57 55.51
CA LEU A 266 23.19 -16.88 55.38
C LEU A 266 22.89 -15.43 55.12
N TYR A 267 23.57 -14.54 55.80
CA TYR A 267 23.42 -13.13 55.57
C TYR A 267 24.81 -12.59 55.26
N PRO A 268 24.90 -11.42 54.64
CA PRO A 268 26.20 -10.94 54.19
C PRO A 268 27.16 -10.78 55.34
N GLY A 269 28.37 -11.30 55.18
CA GLY A 269 29.38 -11.22 56.21
C GLY A 269 29.22 -12.17 57.38
N ILE A 270 28.31 -13.14 57.28
CA ILE A 270 28.11 -14.06 58.37
C ILE A 270 29.46 -14.70 58.73
N PRO A 271 29.91 -14.60 60.00
CA PRO A 271 31.21 -15.18 60.36
C PRO A 271 31.28 -16.69 60.46
N ALA A 272 32.44 -17.22 60.11
CA ALA A 272 32.69 -18.66 60.14
C ALA A 272 32.46 -19.24 61.52
N SER A 273 32.81 -18.47 62.54
CA SER A 273 32.67 -18.96 63.92
C SER A 273 31.23 -19.18 64.31
N LEU A 274 30.35 -18.34 63.78
CA LEU A 274 28.92 -18.48 64.03
C LEU A 274 28.38 -19.67 63.29
N VAL A 275 28.82 -19.86 62.05
CA VAL A 275 28.41 -21.03 61.29
C VAL A 275 28.92 -22.30 61.95
N ARG A 276 30.16 -22.28 62.45
CA ARG A 276 30.71 -23.42 63.18
C ARG A 276 29.83 -23.79 64.34
N ALA A 277 29.44 -22.79 65.12
CA ALA A 277 28.62 -23.00 66.31
C ALA A 277 27.27 -23.56 65.96
N PHE A 278 26.71 -23.04 64.86
CA PHE A 278 25.38 -23.46 64.42
C PHE A 278 25.36 -24.91 63.98
N LEU A 279 26.45 -25.35 63.36
CA LEU A 279 26.51 -26.73 62.81
C LEU A 279 27.11 -27.80 63.75
N GLN A 280 27.29 -27.48 65.02
CA GLN A 280 27.80 -28.47 65.97
C GLN A 280 26.87 -29.68 66.17
N PRO A 281 27.45 -30.83 66.58
CA PRO A 281 26.64 -31.96 67.01
C PRO A 281 25.69 -31.52 68.09
N PRO A 282 24.49 -32.10 68.13
CA PRO A 282 24.11 -33.31 67.38
C PRO A 282 23.40 -33.07 66.02
N LEU A 283 23.56 -31.90 65.41
CA LEU A 283 22.82 -31.60 64.18
C LEU A 283 23.17 -32.63 63.10
N LYS A 284 22.15 -33.15 62.41
CA LYS A 284 22.36 -34.15 61.36
C LYS A 284 22.14 -33.58 59.96
N GLY A 285 21.29 -32.57 59.86
CA GLY A 285 21.02 -31.94 58.55
C GLY A 285 20.71 -30.45 58.68
N VAL A 286 20.99 -29.69 57.63
CA VAL A 286 20.67 -28.31 57.61
C VAL A 286 20.25 -27.88 56.22
N VAL A 287 19.22 -27.05 56.16
CA VAL A 287 18.90 -26.30 54.96
C VAL A 287 19.59 -24.94 55.01
N LEU A 288 20.52 -24.69 54.09
CA LEU A 288 21.18 -23.42 54.00
C LEU A 288 20.38 -22.56 53.06
N GLU A 289 19.98 -21.38 53.51
CA GLU A 289 19.33 -20.43 52.62
C GLU A 289 20.37 -19.45 52.09
N THR A 290 20.64 -19.52 50.82
CA THR A 290 21.70 -18.73 50.20
C THR A 290 21.10 -17.66 49.30
N PHE A 291 21.95 -16.87 48.68
CA PHE A 291 21.49 -15.75 47.87
C PHE A 291 21.22 -16.16 46.43
N GLY A 292 20.25 -15.48 45.82
CA GLY A 292 19.90 -15.68 44.43
C GLY A 292 19.84 -17.12 43.98
N SER A 293 20.63 -17.44 42.98
CA SER A 293 20.62 -18.74 42.34
C SER A 293 21.43 -19.79 43.12
N GLY A 294 21.71 -19.51 44.38
CA GLY A 294 22.31 -20.48 45.28
C GLY A 294 23.73 -20.15 45.71
N ASN A 295 24.06 -18.86 45.85
CA ASN A 295 25.43 -18.41 46.14
C ASN A 295 25.52 -17.95 47.56
N GLY A 296 26.43 -18.54 48.31
CA GLY A 296 26.76 -18.07 49.65
C GLY A 296 28.08 -17.34 49.57
N PRO A 297 28.57 -16.81 50.69
CA PRO A 297 29.90 -16.19 50.69
C PRO A 297 30.98 -17.22 50.46
N SER A 298 32.02 -16.85 49.76
CA SER A 298 33.07 -17.79 49.40
C SER A 298 34.31 -17.61 50.25
N LYS A 299 34.25 -16.84 51.34
CA LYS A 299 35.45 -16.69 52.17
C LYS A 299 35.90 -18.06 52.70
N PRO A 300 37.22 -18.34 52.61
CA PRO A 300 37.77 -19.65 52.93
C PRO A 300 37.45 -20.18 54.31
N ASP A 301 37.44 -19.34 55.33
CA ASP A 301 37.12 -19.86 56.65
C ASP A 301 35.68 -20.37 56.75
N LEU A 302 34.74 -19.71 56.09
CA LEU A 302 33.36 -20.18 56.07
C LEU A 302 33.27 -21.50 55.30
N LEU A 303 33.88 -21.56 54.14
CA LEU A 303 33.81 -22.79 53.32
C LEU A 303 34.42 -23.97 54.03
N GLN A 304 35.50 -23.70 54.77
CA GLN A 304 36.12 -24.71 55.61
C GLN A 304 35.16 -25.26 56.67
N GLU A 305 34.32 -24.41 57.27
CA GLU A 305 33.34 -24.89 58.26
C GLU A 305 32.29 -25.76 57.64
N LEU A 306 31.96 -25.50 56.38
CA LEU A 306 31.04 -26.37 55.66
C LEU A 306 31.68 -27.71 55.33
N ARG A 307 32.95 -27.66 54.92
CA ARG A 307 33.71 -28.87 54.65
C ARG A 307 33.80 -29.71 55.90
N ALA A 308 34.13 -29.08 57.03
CA ALA A 308 34.30 -29.81 58.28
C ALA A 308 33.00 -30.45 58.73
N ALA A 309 31.87 -29.77 58.50
CA ALA A 309 30.59 -30.34 58.87
C ALA A 309 30.25 -31.51 57.97
N ALA A 310 30.52 -31.37 56.68
CA ALA A 310 30.34 -32.48 55.75
C ALA A 310 31.18 -33.69 56.17
N GLN A 311 32.40 -33.45 56.61
CA GLN A 311 33.23 -34.55 57.09
C GLN A 311 32.65 -35.23 58.34
N ARG A 312 31.96 -34.47 59.19
CA ARG A 312 31.31 -35.07 60.36
C ARG A 312 30.07 -35.85 59.95
N GLY A 313 29.71 -35.81 58.67
CA GLY A 313 28.55 -36.52 58.15
C GLY A 313 27.29 -35.67 58.05
N LEU A 314 27.40 -34.37 58.26
CA LEU A 314 26.25 -33.50 58.17
C LEU A 314 25.82 -33.38 56.71
N ILE A 315 24.51 -33.48 56.44
CA ILE A 315 24.01 -33.24 55.11
C ILE A 315 23.39 -31.86 55.00
N MET A 316 23.75 -31.16 53.93
CA MET A 316 23.33 -29.77 53.70
C MET A 316 22.54 -29.69 52.41
N VAL A 317 21.43 -28.98 52.45
CA VAL A 317 20.60 -28.71 51.27
C VAL A 317 20.62 -27.22 51.04
N ASN A 318 20.96 -26.82 49.83
CA ASN A 318 21.01 -25.41 49.45
C ASN A 318 19.69 -24.92 48.78
N CYS A 319 18.97 -24.03 49.48
CA CYS A 319 17.78 -23.39 48.97
C CYS A 319 18.00 -21.91 48.82
N SER A 320 17.26 -21.30 47.91
CA SER A 320 17.37 -19.87 47.68
C SER A 320 16.52 -19.09 48.64
N GLN A 321 17.05 -17.98 49.13
CA GLN A 321 16.28 -17.00 49.88
C GLN A 321 15.18 -16.38 49.05
N CYS A 322 15.34 -16.36 47.74
CA CYS A 322 14.32 -15.78 46.85
C CYS A 322 13.04 -16.61 46.84
N LEU A 323 11.92 -15.91 46.89
CA LEU A 323 10.61 -16.52 46.85
C LEU A 323 10.46 -17.41 45.61
N ARG A 324 10.89 -16.91 44.46
CA ARG A 324 10.69 -17.57 43.16
C ARG A 324 12.01 -17.97 42.51
N GLY A 325 11.98 -19.06 41.74
CA GLY A 325 13.17 -19.59 41.05
C GLY A 325 13.94 -20.66 41.82
N SER A 326 15.13 -20.95 41.30
CA SER A 326 15.77 -22.22 41.50
C SER A 326 17.26 -22.08 41.79
N VAL A 327 17.79 -23.01 42.57
CA VAL A 327 19.22 -23.06 42.82
C VAL A 327 19.93 -23.80 41.67
N THR A 328 20.92 -23.15 41.08
CA THR A 328 21.81 -23.81 40.13
C THR A 328 22.94 -24.51 40.93
N PRO A 329 23.21 -25.81 40.64
CA PRO A 329 24.30 -26.54 41.33
C PRO A 329 25.70 -25.87 41.31
N GLY A 330 26.50 -26.10 42.35
CA GLY A 330 27.90 -25.64 42.34
C GLY A 330 28.49 -25.04 43.62
N TYR A 331 27.69 -24.29 44.39
CA TYR A 331 28.25 -23.63 45.58
C TYR A 331 28.80 -24.63 46.60
N ALA A 332 30.07 -24.44 46.95
CA ALA A 332 30.77 -25.23 47.99
C ALA A 332 30.96 -26.71 47.67
N THR A 333 30.64 -27.14 46.44
CA THR A 333 30.74 -28.55 46.08
C THR A 333 32.19 -29.03 46.04
N SER A 334 33.12 -28.14 45.76
CA SER A 334 34.54 -28.49 45.72
C SER A 334 35.11 -28.75 47.14
N LEU A 335 34.40 -28.33 48.20
CA LEU A 335 34.79 -28.64 49.58
C LEU A 335 33.87 -29.65 50.31
N ALA A 336 32.56 -29.47 50.22
CA ALA A 336 31.61 -30.34 50.93
C ALA A 336 31.23 -31.56 50.11
N GLY A 337 31.70 -31.62 48.87
CA GLY A 337 31.38 -32.72 47.98
C GLY A 337 29.89 -32.98 47.93
N ALA A 338 29.55 -34.25 47.88
CA ALA A 338 28.18 -34.67 47.67
C ALA A 338 27.31 -34.49 48.93
N ASN A 339 27.93 -34.08 50.05
CA ASN A 339 27.19 -33.72 51.27
C ASN A 339 26.41 -32.39 51.16
N ILE A 340 26.67 -31.60 50.12
CA ILE A 340 25.85 -30.43 49.85
C ILE A 340 25.05 -30.59 48.56
N VAL A 341 23.73 -30.56 48.69
CA VAL A 341 22.80 -30.94 47.65
C VAL A 341 21.97 -29.74 47.25
N SER A 342 21.75 -29.55 45.96
CA SER A 342 20.92 -28.45 45.49
C SER A 342 19.46 -28.73 45.80
N GLY A 343 18.78 -27.74 46.37
CA GLY A 343 17.36 -27.83 46.60
C GLY A 343 16.52 -27.38 45.42
N LEU A 344 17.15 -27.04 44.30
CA LEU A 344 16.44 -26.59 43.10
C LEU A 344 15.40 -25.55 43.44
N ASP A 345 14.13 -25.76 43.07
CA ASP A 345 13.11 -24.76 43.28
C ASP A 345 12.28 -25.00 44.57
N MET A 346 12.76 -25.85 45.47
CA MET A 346 11.99 -26.18 46.67
C MET A 346 11.84 -24.97 47.57
N THR A 347 10.68 -24.84 48.20
CA THR A 347 10.57 -23.98 49.37
C THR A 347 11.41 -24.52 50.51
N SER A 348 11.76 -23.66 51.46
CA SER A 348 12.59 -24.04 52.59
C SER A 348 11.82 -24.95 53.54
N GLU A 349 10.52 -24.76 53.59
CA GLU A 349 9.63 -25.66 54.33
C GLU A 349 9.68 -27.08 53.76
N ALA A 350 9.59 -27.21 52.45
CA ALA A 350 9.67 -28.52 51.83
C ALA A 350 11.02 -29.14 52.03
N ALA A 351 12.05 -28.33 51.89
CA ALA A 351 13.39 -28.81 52.00
C ALA A 351 13.67 -29.37 53.40
N LEU A 352 13.19 -28.67 54.42
CA LEU A 352 13.41 -29.09 55.80
C LEU A 352 12.64 -30.37 56.10
N ALA A 353 11.45 -30.48 55.53
CA ALA A 353 10.66 -31.69 55.72
C ALA A 353 11.31 -32.91 55.07
N LYS A 354 11.82 -32.71 53.87
CA LYS A 354 12.35 -33.81 53.09
C LYS A 354 13.61 -34.29 53.71
N LEU A 355 14.36 -33.36 54.25
CA LEU A 355 15.61 -33.69 54.93
C LEU A 355 15.35 -34.50 56.19
N SER A 356 14.34 -34.08 56.94
CA SER A 356 13.93 -34.81 58.15
C SER A 356 13.46 -36.22 57.79
N TYR A 357 12.71 -36.33 56.70
CA TYR A 357 12.20 -37.62 56.21
C TYR A 357 13.32 -38.55 55.79
N VAL A 358 14.19 -38.04 54.93
CA VAL A 358 15.27 -38.82 54.39
C VAL A 358 16.24 -39.24 55.48
N LEU A 359 16.57 -38.35 56.40
CA LEU A 359 17.51 -38.68 57.51
C LEU A 359 16.90 -39.63 58.50
N GLY A 360 15.58 -39.69 58.54
CA GLY A 360 14.89 -40.61 59.43
C GLY A 360 14.77 -42.03 58.90
N LEU A 361 15.04 -42.24 57.59
CA LEU A 361 14.91 -43.58 56.99
C LEU A 361 15.99 -44.49 57.56
N PRO A 362 15.63 -45.73 57.92
CA PRO A 362 16.62 -46.60 58.56
C PRO A 362 17.60 -47.21 57.55
N GLU A 363 18.86 -47.35 57.98
CA GLU A 363 19.86 -48.21 57.34
C GLU A 363 20.12 -47.87 55.88
N LEU A 364 20.45 -46.62 55.65
CA LEU A 364 20.77 -46.16 54.32
C LEU A 364 22.17 -45.59 54.36
N SER A 365 22.91 -45.77 53.27
CA SER A 365 24.19 -45.16 53.13
C SER A 365 23.98 -43.68 52.96
N LEU A 366 25.03 -42.94 53.19
CA LEU A 366 25.03 -41.53 52.93
C LEU A 366 24.74 -41.19 51.47
N GLU A 367 25.28 -41.98 50.54
CA GLU A 367 25.10 -41.75 49.11
C GLU A 367 23.63 -41.93 48.72
N ARG A 368 22.96 -42.87 49.37
CA ARG A 368 21.57 -43.12 49.10
C ARG A 368 20.73 -41.93 49.56
N ARG A 369 21.07 -41.37 50.71
CA ARG A 369 20.34 -40.24 51.28
C ARG A 369 20.44 -39.05 50.36
N GLN A 370 21.64 -38.82 49.86
CA GLN A 370 21.90 -37.78 48.86
C GLN A 370 21.12 -38.00 47.56
N GLU A 371 21.01 -39.24 47.10
CA GLU A 371 20.19 -39.54 45.92
C GLU A 371 18.73 -39.20 46.18
N LEU A 372 18.23 -39.54 47.37
CA LEU A 372 16.82 -39.35 47.66
C LEU A 372 16.50 -37.87 47.74
N LEU A 373 17.38 -37.08 48.33
CA LEU A 373 17.21 -35.64 48.40
C LEU A 373 17.14 -34.97 47.03
N ALA A 374 17.82 -35.56 46.04
CA ALA A 374 17.83 -35.05 44.66
C ALA A 374 16.63 -35.51 43.83
N LYS A 375 15.77 -36.35 44.38
CA LYS A 375 14.55 -36.79 43.68
C LYS A 375 13.35 -35.96 44.09
N ASP A 376 12.35 -35.93 43.22
CA ASP A 376 11.06 -35.33 43.52
C ASP A 376 10.18 -36.37 44.21
N LEU A 377 10.12 -36.37 45.52
CA LEU A 377 9.48 -37.47 46.23
C LEU A 377 7.99 -37.28 46.44
N ARG A 378 7.52 -36.03 46.48
CA ARG A 378 6.12 -35.76 46.76
C ARG A 378 5.52 -34.65 45.90
N GLY A 379 6.20 -34.26 44.83
CA GLY A 379 5.74 -33.16 44.01
C GLY A 379 6.25 -31.82 44.48
N GLU A 380 7.22 -31.85 45.39
CA GLU A 380 7.80 -30.64 45.99
C GLU A 380 8.90 -29.96 45.19
N MET A 381 9.43 -30.64 44.18
CA MET A 381 10.63 -30.18 43.48
C MET A 381 10.50 -30.47 41.98
N THR A 382 10.82 -29.49 41.16
CA THR A 382 10.79 -29.65 39.71
C THR A 382 12.20 -29.95 39.21
N LEU A 383 12.40 -31.12 38.61
CA LEU A 383 13.70 -31.46 38.05
C LEU A 383 13.89 -30.82 36.67
N PRO A 384 15.12 -30.38 36.34
CA PRO A 384 15.37 -29.84 35.01
C PRO A 384 15.42 -30.95 33.95
N SER B 30 -23.41 4.83 68.92
CA SER B 30 -24.17 3.63 69.40
C SER B 30 -24.70 2.74 68.26
N GLU B 31 -25.45 3.33 67.34
CA GLU B 31 -26.26 2.57 66.40
C GLU B 31 -26.37 3.25 65.02
N ARG B 32 -26.15 2.51 63.94
CA ARG B 32 -26.17 3.07 62.58
C ARG B 32 -27.10 2.26 61.69
N HIS B 33 -27.94 2.93 60.91
CA HIS B 33 -28.98 2.22 60.14
C HIS B 33 -28.71 2.37 58.65
N LEU B 34 -28.84 1.26 57.94
CA LEU B 34 -28.63 1.22 56.50
C LEU B 34 -29.87 0.77 55.76
N LEU B 35 -30.01 1.25 54.54
CA LEU B 35 -31.02 0.75 53.65
C LEU B 35 -30.34 -0.13 52.60
N LEU B 36 -30.77 -1.38 52.52
CA LEU B 36 -30.27 -2.33 51.56
C LEU B 36 -31.25 -2.43 50.39
N ILE B 37 -30.84 -1.94 49.23
CA ILE B 37 -31.71 -1.87 48.06
C ILE B 37 -31.37 -3.00 47.12
N TYR B 38 -32.32 -3.86 46.89
CA TYR B 38 -32.09 -5.03 46.07
C TYR B 38 -32.76 -4.84 44.70
N THR B 39 -31.94 -4.65 43.65
CA THR B 39 -32.42 -4.32 42.32
C THR B 39 -32.47 -5.51 41.37
N GLY B 40 -31.78 -6.58 41.68
CA GLY B 40 -31.70 -7.74 40.78
C GLY B 40 -30.30 -8.33 40.78
N GLY B 41 -30.05 -9.20 39.80
CA GLY B 41 -28.76 -9.85 39.70
C GLY B 41 -28.67 -11.25 40.26
N THR B 42 -27.57 -11.92 39.91
CA THR B 42 -27.29 -13.30 40.31
C THR B 42 -27.35 -13.52 41.83
N LEU B 43 -26.91 -12.52 42.60
CA LEU B 43 -26.85 -12.66 44.04
C LEU B 43 -28.13 -13.19 44.63
N GLY B 44 -29.25 -12.67 44.17
CA GLY B 44 -30.53 -13.04 44.76
C GLY B 44 -31.28 -14.17 44.09
N MET B 45 -30.70 -14.76 43.04
CA MET B 45 -31.40 -15.75 42.23
C MET B 45 -31.41 -17.17 42.86
N GLN B 46 -32.14 -18.09 42.24
CA GLN B 46 -32.23 -19.49 42.65
C GLN B 46 -31.75 -20.38 41.53
N PRO B 56 -37.03 -13.90 44.72
CA PRO B 56 -37.57 -12.89 45.63
C PRO B 56 -37.51 -13.29 47.11
N GLY B 57 -37.87 -12.35 47.98
CA GLY B 57 -37.87 -12.56 49.43
C GLY B 57 -36.48 -12.74 49.97
N LEU B 58 -35.61 -11.79 49.67
CA LEU B 58 -34.26 -11.82 50.19
C LEU B 58 -34.28 -11.70 51.71
N VAL B 59 -35.09 -10.80 52.23
CA VAL B 59 -35.20 -10.59 53.66
C VAL B 59 -35.55 -11.86 54.45
N THR B 60 -36.33 -12.76 53.87
CA THR B 60 -36.68 -13.94 54.64
C THR B 60 -35.53 -14.92 54.76
N LEU B 61 -34.64 -14.92 53.76
CA LEU B 61 -33.45 -15.75 53.84
C LEU B 61 -32.45 -15.18 54.82
N LEU B 62 -32.20 -13.89 54.69
CA LEU B 62 -31.22 -13.21 55.55
C LEU B 62 -31.54 -13.34 57.03
N ARG B 63 -32.83 -13.33 57.37
CA ARG B 63 -33.27 -13.46 58.76
C ARG B 63 -32.78 -14.78 59.38
N THR B 64 -32.66 -15.82 58.57
CA THR B 64 -32.24 -17.14 59.05
C THR B 64 -30.74 -17.32 59.11
N LEU B 65 -29.95 -16.30 58.76
CA LEU B 65 -28.49 -16.43 58.74
C LEU B 65 -27.86 -15.59 59.83
N PRO B 66 -27.27 -16.25 60.83
CA PRO B 66 -26.69 -15.56 61.99
C PRO B 66 -25.70 -14.46 61.64
N MET B 67 -24.92 -14.68 60.59
CA MET B 67 -23.97 -13.63 60.15
C MET B 67 -24.67 -12.37 59.67
N PHE B 68 -25.91 -12.52 59.20
CA PHE B 68 -26.70 -11.39 58.70
C PHE B 68 -27.74 -10.86 59.68
N HIS B 69 -28.15 -11.69 60.62
CA HIS B 69 -29.22 -11.31 61.55
C HIS B 69 -29.05 -11.92 62.92
N ASP B 70 -28.90 -11.04 63.89
CA ASP B 70 -28.79 -11.45 65.29
C ASP B 70 -30.19 -11.52 65.93
N LYS B 71 -30.82 -12.70 65.89
CA LYS B 71 -32.15 -12.89 66.50
C LYS B 71 -32.23 -12.46 67.96
N GLU B 72 -31.25 -12.86 68.76
CA GLU B 72 -31.25 -12.61 70.19
C GLU B 72 -31.31 -11.12 70.50
N PHE B 73 -30.52 -10.32 69.80
CA PHE B 73 -30.52 -8.87 69.99
C PHE B 73 -31.81 -8.25 69.49
N ALA B 74 -32.40 -8.85 68.46
CA ALA B 74 -33.65 -8.33 67.88
C ALA B 74 -34.80 -8.44 68.88
N GLN B 75 -34.99 -9.63 69.45
CA GLN B 75 -36.02 -9.82 70.48
C GLN B 75 -35.73 -9.01 71.73
N ALA B 76 -34.49 -9.00 72.18
CA ALA B 76 -34.09 -8.21 73.34
C ALA B 76 -34.21 -6.69 73.18
N GLN B 77 -34.44 -6.22 71.96
CA GLN B 77 -34.66 -4.80 71.72
C GLN B 77 -36.02 -4.58 71.10
N GLY B 78 -36.83 -5.64 71.08
CA GLY B 78 -38.11 -5.64 70.36
C GLY B 78 -38.10 -4.84 69.06
N LEU B 79 -37.17 -5.15 68.18
CA LEU B 79 -37.08 -4.45 66.89
C LEU B 79 -38.22 -4.91 66.00
N PRO B 80 -38.74 -4.01 65.14
CA PRO B 80 -39.72 -4.48 64.16
C PRO B 80 -39.08 -5.52 63.26
N ASP B 81 -39.84 -6.45 62.71
CA ASP B 81 -39.23 -7.57 61.99
C ASP B 81 -39.03 -7.32 60.47
N HIS B 82 -39.08 -6.06 60.05
CA HIS B 82 -38.56 -5.66 58.75
C HIS B 82 -37.07 -5.21 58.87
N ALA B 83 -36.62 -5.02 60.11
CA ALA B 83 -35.28 -4.51 60.42
C ALA B 83 -34.35 -5.65 60.88
N LEU B 84 -33.25 -5.84 60.17
CA LEU B 84 -32.27 -6.83 60.56
C LEU B 84 -31.15 -6.18 61.31
N ALA B 85 -30.45 -6.97 62.11
CA ALA B 85 -29.36 -6.49 62.94
C ALA B 85 -28.14 -7.39 62.74
N LEU B 86 -27.02 -6.80 62.35
CA LEU B 86 -25.79 -7.58 62.21
C LEU B 86 -25.31 -7.90 63.60
N PRO B 87 -24.71 -9.08 63.79
CA PRO B 87 -24.03 -9.35 65.04
C PRO B 87 -23.02 -8.25 65.35
N PRO B 88 -22.56 -8.17 66.60
CA PRO B 88 -21.54 -7.18 66.88
C PRO B 88 -20.24 -7.47 66.13
N ALA B 89 -19.64 -6.44 65.55
CA ALA B 89 -18.33 -6.56 64.91
C ALA B 89 -17.24 -6.31 65.96
N SER B 90 -15.98 -6.37 65.54
CA SER B 90 -14.85 -6.15 66.43
C SER B 90 -14.98 -4.82 67.18
N HIS B 91 -15.01 -3.72 66.43
CA HIS B 91 -15.12 -2.37 66.98
C HIS B 91 -16.40 -1.73 66.44
N GLY B 92 -16.48 -0.41 66.47
CA GLY B 92 -17.55 0.32 65.80
C GLY B 92 -18.87 0.24 66.54
N PRO B 93 -19.91 0.89 65.98
CA PRO B 93 -21.26 0.79 66.53
C PRO B 93 -22.03 -0.39 65.93
N ARG B 94 -23.21 -0.65 66.47
CA ARG B 94 -24.06 -1.72 65.98
C ARG B 94 -24.73 -1.33 64.64
N VAL B 95 -24.80 -2.27 63.71
CA VAL B 95 -25.34 -1.98 62.37
C VAL B 95 -26.71 -2.67 62.19
N LEU B 96 -27.72 -1.85 61.92
CA LEU B 96 -29.05 -2.33 61.58
C LEU B 96 -29.39 -1.96 60.15
N TYR B 97 -30.21 -2.77 59.51
CA TYR B 97 -30.54 -2.47 58.13
C TYR B 97 -31.92 -2.95 57.76
N THR B 98 -32.50 -2.25 56.77
CA THR B 98 -33.81 -2.57 56.24
C THR B 98 -33.68 -2.97 54.79
N VAL B 99 -34.42 -3.98 54.37
CA VAL B 99 -34.32 -4.47 53.01
C VAL B 99 -35.45 -3.94 52.18
N LEU B 100 -35.10 -3.21 51.14
CA LEU B 100 -36.05 -2.77 50.15
C LEU B 100 -35.84 -3.52 48.85
N GLU B 101 -36.81 -4.35 48.50
CA GLU B 101 -36.74 -5.15 47.30
C GLU B 101 -37.51 -4.48 46.13
N CYS B 102 -36.81 -4.09 45.07
CA CYS B 102 -37.43 -3.50 43.90
C CYS B 102 -38.23 -4.52 43.14
N GLN B 103 -39.24 -4.04 42.43
CA GLN B 103 -40.07 -4.90 41.62
C GLN B 103 -40.36 -4.12 40.35
N PRO B 104 -40.11 -4.71 39.19
CA PRO B 104 -39.56 -6.07 39.05
C PRO B 104 -38.04 -6.08 39.26
N LEU B 105 -37.51 -7.25 39.60
CA LEU B 105 -36.08 -7.44 39.67
C LEU B 105 -35.50 -7.58 38.26
N LEU B 106 -34.37 -6.96 38.02
CA LEU B 106 -33.77 -6.89 36.69
C LEU B 106 -32.43 -7.61 36.57
N ASP B 107 -32.24 -8.32 35.45
CA ASP B 107 -30.89 -8.62 34.97
C ASP B 107 -30.22 -7.30 34.64
N SER B 108 -28.96 -7.14 35.05
CA SER B 108 -28.30 -5.83 34.91
C SER B 108 -28.07 -5.41 33.46
N SER B 109 -28.09 -6.36 32.55
CA SER B 109 -27.96 -6.05 31.13
C SER B 109 -29.18 -5.29 30.58
N ASP B 110 -30.30 -5.33 31.31
CA ASP B 110 -31.51 -4.63 30.91
C ASP B 110 -31.65 -3.28 31.61
N MET B 111 -30.67 -2.87 32.41
CA MET B 111 -30.81 -1.62 33.08
C MET B 111 -30.40 -0.46 32.20
N THR B 112 -31.03 0.68 32.46
CA THR B 112 -30.86 1.89 31.70
C THR B 112 -30.76 3.06 32.64
N ILE B 113 -30.51 4.21 32.06
CA ILE B 113 -30.38 5.45 32.80
C ILE B 113 -31.61 5.61 33.70
N ASP B 114 -32.79 5.26 33.20
CA ASP B 114 -34.00 5.44 34.01
C ASP B 114 -33.99 4.58 35.28
N ASP B 115 -33.48 3.36 35.19
CA ASP B 115 -33.43 2.48 36.35
C ASP B 115 -32.49 3.09 37.36
N TRP B 116 -31.37 3.62 36.90
CA TRP B 116 -30.40 4.20 37.82
C TRP B 116 -30.90 5.49 38.46
N ILE B 117 -31.61 6.31 37.68
CA ILE B 117 -32.35 7.45 38.25
C ILE B 117 -33.32 7.00 39.36
N ARG B 118 -34.08 5.93 39.12
CA ARG B 118 -34.99 5.41 40.14
C ARG B 118 -34.25 5.08 41.42
N ILE B 119 -33.09 4.43 41.28
CA ILE B 119 -32.32 4.07 42.45
C ILE B 119 -31.86 5.32 43.17
N ALA B 120 -31.42 6.32 42.41
CA ALA B 120 -30.99 7.57 43.02
C ALA B 120 -32.15 8.24 43.76
N LYS B 121 -33.36 8.13 43.23
CA LYS B 121 -34.53 8.73 43.89
C LYS B 121 -34.95 7.97 45.15
N ILE B 122 -34.74 6.67 45.17
CA ILE B 122 -34.95 5.89 46.40
C ILE B 122 -34.01 6.37 47.51
N ILE B 123 -32.75 6.59 47.15
CA ILE B 123 -31.78 7.06 48.11
C ILE B 123 -32.17 8.44 48.59
N GLU B 124 -32.53 9.31 47.67
CA GLU B 124 -32.95 10.69 47.99
C GLU B 124 -34.09 10.68 48.98
N ARG B 125 -35.10 9.89 48.68
CA ARG B 125 -36.28 9.87 49.52
C ARG B 125 -36.02 9.47 50.95
N HIS B 126 -35.07 8.54 51.15
CA HIS B 126 -34.80 8.02 52.45
C HIS B 126 -33.50 8.57 53.01
N TYR B 127 -32.98 9.64 52.42
CA TYR B 127 -31.64 10.10 52.76
C TYR B 127 -31.45 10.40 54.24
N GLU B 128 -32.38 11.10 54.89
CA GLU B 128 -32.18 11.51 56.29
C GLU B 128 -32.43 10.40 57.28
N GLN B 129 -33.15 9.39 56.86
CA GLN B 129 -33.55 8.33 57.72
C GLN B 129 -32.43 7.26 57.87
N TYR B 130 -31.41 7.25 57.00
CA TYR B 130 -30.35 6.22 57.04
C TYR B 130 -28.97 6.83 56.97
N GLN B 131 -27.97 6.12 57.52
CA GLN B 131 -26.59 6.63 57.53
C GLN B 131 -25.78 6.11 56.35
N GLY B 132 -26.32 5.13 55.63
CA GLY B 132 -25.65 4.58 54.47
C GLY B 132 -26.56 3.68 53.66
N PHE B 133 -26.08 3.28 52.48
CA PHE B 133 -26.87 2.51 51.53
C PHE B 133 -26.03 1.43 50.85
N VAL B 134 -26.65 0.27 50.64
CA VAL B 134 -26.02 -0.80 49.92
C VAL B 134 -26.99 -1.16 48.84
N VAL B 135 -26.46 -1.35 47.63
CA VAL B 135 -27.29 -1.66 46.49
C VAL B 135 -26.84 -2.97 45.88
N ILE B 136 -27.68 -3.98 45.92
CA ILE B 136 -27.38 -5.24 45.27
C ILE B 136 -27.74 -5.08 43.81
N HIS B 137 -26.81 -5.41 42.94
CA HIS B 137 -26.89 -5.11 41.50
C HIS B 137 -26.22 -6.24 40.72
N GLY B 138 -26.68 -6.55 39.50
CA GLY B 138 -26.00 -7.54 38.67
C GLY B 138 -24.65 -7.04 38.25
N THR B 139 -23.69 -7.95 38.07
CA THR B 139 -22.31 -7.55 37.77
C THR B 139 -22.13 -7.02 36.35
N ASP B 140 -22.93 -7.52 35.40
CA ASP B 140 -22.76 -7.17 33.97
C ASP B 140 -22.64 -5.68 33.72
N THR B 141 -23.48 -4.86 34.36
CA THR B 141 -23.44 -3.41 34.13
C THR B 141 -23.22 -2.65 35.41
N MET B 142 -22.70 -3.33 36.42
CA MET B 142 -22.49 -2.69 37.69
C MET B 142 -21.59 -1.45 37.58
N ALA B 143 -20.56 -1.52 36.73
CA ALA B 143 -19.65 -0.39 36.56
C ALA B 143 -20.36 0.83 35.96
N SER B 144 -21.25 0.57 35.03
CA SER B 144 -22.08 1.64 34.46
C SER B 144 -23.03 2.20 35.50
N GLY B 145 -23.69 1.32 36.27
CA GLY B 145 -24.58 1.79 37.34
C GLY B 145 -23.88 2.62 38.38
N ALA B 146 -22.75 2.13 38.85
CA ALA B 146 -21.97 2.88 39.84
C ALA B 146 -21.54 4.22 39.28
N SER B 147 -21.09 4.24 38.03
CA SER B 147 -20.65 5.48 37.44
C SER B 147 -21.82 6.45 37.36
N MET B 148 -22.98 5.99 36.89
CA MET B 148 -24.15 6.85 36.77
C MET B 148 -24.56 7.41 38.11
N LEU B 149 -24.68 6.56 39.12
CA LEU B 149 -25.08 7.03 40.44
C LEU B 149 -24.10 8.03 40.99
N SER B 150 -22.82 7.83 40.69
CA SER B 150 -21.78 8.73 41.13
C SER B 150 -22.07 10.15 40.70
N PHE B 151 -22.52 10.29 39.48
CA PHE B 151 -22.85 11.62 38.95
C PHE B 151 -24.20 12.11 39.41
N MET B 152 -25.19 11.24 39.41
CA MET B 152 -26.53 11.63 39.82
C MET B 152 -26.57 12.17 41.25
N LEU B 153 -25.77 11.62 42.16
CA LEU B 153 -25.81 11.99 43.57
C LEU B 153 -24.79 13.06 43.91
N GLU B 154 -25.10 14.28 43.50
CA GLU B 154 -24.20 15.40 43.75
C GLU B 154 -24.15 15.76 45.24
N ASN B 155 -22.93 16.01 45.73
CA ASN B 155 -22.66 16.36 47.14
C ASN B 155 -23.00 15.24 48.10
N LEU B 156 -22.93 14.00 47.62
CA LEU B 156 -23.20 12.85 48.47
C LEU B 156 -22.37 12.93 49.76
N HIS B 157 -23.03 12.69 50.89
CA HIS B 157 -22.36 12.76 52.20
C HIS B 157 -22.20 11.38 52.83
N LYS B 158 -22.78 10.36 52.23
CA LYS B 158 -22.87 9.04 52.83
C LYS B 158 -22.49 7.95 51.86
N PRO B 159 -21.97 6.83 52.37
CA PRO B 159 -21.62 5.74 51.49
C PRO B 159 -22.80 5.11 50.79
N VAL B 160 -22.62 4.89 49.49
CA VAL B 160 -23.51 4.11 48.68
C VAL B 160 -22.65 3.01 48.06
N ILE B 161 -22.82 1.78 48.56
CA ILE B 161 -21.97 0.70 48.18
C ILE B 161 -22.72 -0.30 47.32
N LEU B 162 -22.32 -0.44 46.06
CA LEU B 162 -22.85 -1.48 45.19
C LEU B 162 -22.12 -2.77 45.41
N THR B 163 -22.85 -3.86 45.29
CA THR B 163 -22.23 -5.15 45.39
C THR B 163 -23.08 -6.17 44.67
N GLY B 164 -22.51 -7.34 44.47
CA GLY B 164 -23.15 -8.40 43.71
C GLY B 164 -22.33 -9.65 43.83
N ALA B 165 -22.59 -10.64 42.98
CA ALA B 165 -21.91 -11.92 43.08
C ALA B 165 -21.94 -12.68 41.78
N GLN B 166 -20.91 -13.50 41.54
CA GLN B 166 -20.92 -14.42 40.40
C GLN B 166 -21.84 -15.60 40.66
N VAL B 167 -22.11 -15.92 41.95
CA VAL B 167 -22.88 -17.09 42.34
C VAL B 167 -23.96 -16.69 43.35
N PRO B 168 -25.18 -17.23 43.22
CA PRO B 168 -26.24 -16.78 44.12
C PRO B 168 -26.00 -17.14 45.58
N ILE B 169 -26.48 -16.29 46.48
CA ILE B 169 -26.31 -16.49 47.92
C ILE B 169 -27.00 -17.78 48.37
N ARG B 170 -27.98 -18.25 47.62
CA ARG B 170 -28.70 -19.49 47.95
C ARG B 170 -27.93 -20.72 47.54
N VAL B 171 -26.92 -20.60 46.69
CA VAL B 171 -26.08 -21.75 46.37
C VAL B 171 -25.01 -21.81 47.47
N LEU B 172 -24.70 -23.00 47.93
CA LEU B 172 -23.88 -23.18 49.12
C LEU B 172 -22.51 -22.52 49.00
N TRP B 173 -21.81 -22.87 47.93
CA TRP B 173 -20.51 -22.33 47.67
C TRP B 173 -20.63 -21.07 46.83
N ASN B 174 -20.53 -19.91 47.48
CA ASN B 174 -20.73 -18.65 46.78
C ASN B 174 -19.89 -17.51 47.30
N ASP B 175 -19.87 -16.44 46.52
CA ASP B 175 -19.09 -15.24 46.86
C ASP B 175 -20.00 -14.17 47.41
N ALA B 176 -21.30 -14.46 47.37
CA ALA B 176 -22.30 -13.47 47.75
C ALA B 176 -22.34 -13.15 49.25
N ARG B 177 -22.21 -14.16 50.10
CA ARG B 177 -22.28 -13.94 51.54
C ARG B 177 -21.25 -12.89 51.96
N GLU B 178 -20.00 -13.10 51.58
CA GLU B 178 -18.95 -12.19 52.04
C GLU B 178 -19.04 -10.84 51.32
N ASN B 179 -19.45 -10.82 50.06
CA ASN B 179 -19.60 -9.53 49.37
C ASN B 179 -20.69 -8.70 50.04
N LEU B 180 -21.82 -9.31 50.32
CA LEU B 180 -22.92 -8.56 50.93
C LEU B 180 -22.58 -8.11 52.33
N LEU B 181 -22.02 -9.00 53.13
CA LEU B 181 -21.66 -8.63 54.50
C LEU B 181 -20.65 -7.53 54.50
N GLY B 182 -19.65 -7.63 53.64
CA GLY B 182 -18.59 -6.61 53.58
C GLY B 182 -19.12 -5.24 53.19
N ALA B 183 -20.03 -5.21 52.24
CA ALA B 183 -20.67 -3.94 51.83
C ALA B 183 -21.47 -3.31 52.95
N LEU B 184 -22.23 -4.13 53.68
CA LEU B 184 -22.95 -3.63 54.88
C LEU B 184 -22.00 -3.10 55.95
N LEU B 185 -20.95 -3.86 56.26
CA LEU B 185 -20.03 -3.45 57.31
C LEU B 185 -19.30 -2.20 56.91
N VAL B 186 -18.92 -2.07 55.65
CA VAL B 186 -18.22 -0.86 55.20
C VAL B 186 -19.15 0.35 55.27
N ALA B 187 -20.36 0.21 54.74
CA ALA B 187 -21.32 1.30 54.77
C ALA B 187 -21.76 1.64 56.21
N GLY B 188 -21.85 0.61 57.04
CA GLY B 188 -22.23 0.78 58.44
C GLY B 188 -21.17 1.41 59.33
N GLN B 189 -19.89 1.27 59.00
CA GLN B 189 -18.86 1.66 59.94
C GLN B 189 -17.95 2.79 59.50
N TYR B 190 -17.99 3.19 58.23
CA TYR B 190 -17.06 4.20 57.75
C TYR B 190 -17.78 5.27 57.00
N ILE B 191 -17.28 6.49 57.10
CA ILE B 191 -17.89 7.60 56.41
C ILE B 191 -17.07 7.88 55.17
N ILE B 192 -17.44 7.16 54.12
CA ILE B 192 -16.85 7.29 52.82
C ILE B 192 -17.97 7.78 51.93
N PRO B 193 -17.95 9.08 51.58
CA PRO B 193 -19.07 9.72 50.93
C PRO B 193 -19.02 9.59 49.41
N GLU B 194 -19.04 8.34 48.94
CA GLU B 194 -18.84 8.06 47.52
C GLU B 194 -19.70 6.88 47.14
N VAL B 195 -20.03 6.81 45.86
CA VAL B 195 -20.61 5.60 45.29
C VAL B 195 -19.44 4.63 45.01
N CYS B 196 -19.49 3.47 45.66
CA CYS B 196 -18.39 2.51 45.63
C CYS B 196 -18.87 1.18 45.12
N LEU B 197 -17.89 0.32 44.83
CA LEU B 197 -18.19 -1.06 44.51
C LEU B 197 -17.40 -1.94 45.45
N PHE B 198 -18.08 -2.82 46.17
CA PHE B 198 -17.39 -3.76 47.05
C PHE B 198 -17.49 -5.17 46.53
N MET B 199 -16.36 -5.79 46.22
CA MET B 199 -16.29 -7.20 45.79
C MET B 199 -14.96 -7.82 46.20
N ASN B 200 -15.01 -9.06 46.66
CA ASN B 200 -13.80 -9.84 46.88
C ASN B 200 -12.81 -9.07 47.78
N SER B 201 -13.33 -8.59 48.91
CA SER B 201 -12.54 -7.93 49.94
C SER B 201 -11.95 -6.58 49.54
N GLN B 202 -12.43 -5.97 48.45
CA GLN B 202 -11.90 -4.70 47.98
C GLN B 202 -13.03 -3.69 47.80
N LEU B 203 -12.78 -2.45 48.21
CA LEU B 203 -13.70 -1.35 47.97
C LEU B 203 -13.10 -0.43 46.90
N PHE B 204 -13.76 -0.33 45.77
CA PHE B 204 -13.29 0.50 44.68
C PHE B 204 -14.11 1.74 44.57
N ARG B 205 -13.54 2.80 44.02
CA ARG B 205 -14.33 3.93 43.61
C ARG B 205 -15.20 3.54 42.45
N GLY B 206 -16.49 3.75 42.58
CA GLY B 206 -17.45 3.25 41.61
C GLY B 206 -17.14 3.71 40.18
N ASN B 207 -16.83 4.99 40.02
CA ASN B 207 -16.63 5.53 38.69
C ASN B 207 -15.23 5.23 38.13
N ARG B 208 -14.49 4.35 38.80
CA ARG B 208 -13.17 3.95 38.36
C ARG B 208 -13.10 2.48 37.96
N VAL B 209 -14.19 1.71 38.15
CA VAL B 209 -14.14 0.29 37.95
C VAL B 209 -14.61 -0.13 36.59
N THR B 210 -14.17 -1.32 36.20
CA THR B 210 -14.68 -1.98 35.03
C THR B 210 -14.59 -3.48 35.25
N LYS B 211 -15.47 -4.22 34.59
CA LYS B 211 -15.54 -5.66 34.77
C LYS B 211 -14.53 -6.31 33.85
N VAL B 212 -13.60 -7.06 34.42
CA VAL B 212 -12.52 -7.67 33.64
C VAL B 212 -12.56 -9.18 33.52
N ASP B 213 -13.35 -9.84 34.36
CA ASP B 213 -13.46 -11.29 34.31
C ASP B 213 -14.90 -11.74 34.45
N SER B 214 -15.35 -12.55 33.49
CA SER B 214 -16.71 -13.02 33.51
C SER B 214 -16.96 -14.28 34.36
N GLN B 215 -15.90 -14.87 34.95
CA GLN B 215 -16.05 -16.12 35.72
C GLN B 215 -15.48 -16.06 37.15
N LYS B 216 -14.32 -15.42 37.33
CA LYS B 216 -13.69 -15.37 38.64
C LYS B 216 -14.41 -14.47 39.63
N PHE B 217 -14.17 -14.74 40.90
CA PHE B 217 -14.71 -13.92 41.96
C PHE B 217 -14.10 -12.52 41.96
N GLU B 218 -12.84 -12.42 41.58
CA GLU B 218 -12.24 -11.12 41.34
C GLU B 218 -12.69 -10.69 39.94
N ALA B 219 -13.90 -10.17 39.86
CA ALA B 219 -14.50 -9.84 38.58
C ALA B 219 -14.16 -8.43 38.10
N PHE B 220 -13.78 -7.53 39.02
CA PHE B 220 -13.60 -6.13 38.72
C PHE B 220 -12.22 -5.64 38.98
N CYS B 221 -11.88 -4.57 38.27
CA CYS B 221 -10.59 -3.95 38.35
C CYS B 221 -10.84 -2.44 38.35
N SER B 222 -10.01 -1.72 39.11
CA SER B 222 -9.93 -0.28 39.04
C SER B 222 -8.57 0.02 38.41
N PRO B 223 -8.51 0.08 37.08
CA PRO B 223 -7.19 0.09 36.44
C PRO B 223 -6.29 1.30 36.68
N ASN B 224 -6.87 2.48 36.88
CA ASN B 224 -6.08 3.70 37.03
C ASN B 224 -6.23 4.36 38.37
N LEU B 225 -6.69 3.61 39.37
CA LEU B 225 -6.76 4.13 40.72
C LEU B 225 -6.69 2.97 41.70
N SER B 226 -5.98 3.16 42.80
CA SER B 226 -5.96 2.14 43.83
C SER B 226 -7.38 2.00 44.39
N PRO B 227 -7.67 0.85 44.97
CA PRO B 227 -8.88 0.71 45.77
C PRO B 227 -8.95 1.75 46.86
N LEU B 228 -10.14 2.15 47.23
CA LEU B 228 -10.35 3.03 48.36
C LEU B 228 -10.10 2.29 49.65
N ALA B 229 -10.35 0.98 49.64
CA ALA B 229 -10.16 0.18 50.83
C ALA B 229 -9.89 -1.26 50.53
N THR B 230 -9.20 -1.89 51.46
CA THR B 230 -8.92 -3.31 51.40
C THR B 230 -9.26 -3.91 52.74
N VAL B 231 -9.78 -5.13 52.69
CA VAL B 231 -10.22 -5.84 53.86
C VAL B 231 -9.40 -7.11 54.03
N GLY B 232 -8.79 -7.23 55.21
CA GLY B 232 -7.97 -8.36 55.54
C GLY B 232 -8.13 -8.54 57.03
N ALA B 233 -7.06 -9.01 57.69
CA ALA B 233 -7.02 -9.05 59.15
C ALA B 233 -7.39 -7.65 59.69
N ASP B 234 -6.91 -6.63 58.99
CA ASP B 234 -7.29 -5.25 59.24
C ASP B 234 -8.02 -4.68 58.04
N VAL B 235 -8.73 -3.57 58.30
CA VAL B 235 -9.33 -2.78 57.27
C VAL B 235 -8.42 -1.58 56.98
N THR B 236 -7.91 -1.50 55.76
CA THR B 236 -7.03 -0.42 55.36
C THR B 236 -7.78 0.50 54.41
N ILE B 237 -7.82 1.80 54.74
CA ILE B 237 -8.53 2.78 53.92
C ILE B 237 -7.58 3.85 53.40
N ALA B 238 -7.63 4.08 52.09
CA ALA B 238 -6.86 5.13 51.45
C ALA B 238 -7.53 6.49 51.67
N TRP B 239 -7.42 7.01 52.90
CA TRP B 239 -8.05 8.31 53.25
C TRP B 239 -7.49 9.46 52.42
N ASP B 240 -6.26 9.33 51.95
CA ASP B 240 -5.68 10.28 51.01
C ASP B 240 -6.48 10.43 49.69
N LEU B 241 -7.21 9.37 49.29
CA LEU B 241 -7.98 9.40 48.05
C LEU B 241 -9.44 9.72 48.30
N VAL B 242 -9.96 9.25 49.42
CA VAL B 242 -11.38 9.37 49.69
C VAL B 242 -11.78 10.83 49.63
N ARG B 243 -12.89 11.11 48.97
CA ARG B 243 -13.35 12.49 48.83
C ARG B 243 -13.91 13.08 50.12
N LYS B 244 -13.92 14.41 50.19
CA LYS B 244 -14.25 15.14 51.41
C LYS B 244 -15.73 15.43 51.50
N VAL B 245 -16.31 15.16 52.68
CA VAL B 245 -17.73 15.46 52.95
C VAL B 245 -17.91 16.98 53.00
N LYS B 246 -18.75 17.53 52.13
CA LYS B 246 -19.08 18.96 52.19
C LYS B 246 -20.41 19.14 52.94
N TRP B 247 -20.31 19.27 54.26
CA TRP B 247 -21.47 19.16 55.14
C TRP B 247 -22.48 20.27 54.93
N LYS B 248 -21.99 21.41 54.49
CA LYS B 248 -22.81 22.59 54.29
C LYS B 248 -23.78 22.43 53.11
N ASP B 249 -23.32 21.79 52.03
CA ASP B 249 -24.11 21.70 50.79
C ASP B 249 -25.07 20.53 50.81
N PRO B 250 -26.30 20.74 50.35
CA PRO B 250 -27.25 19.65 50.42
C PRO B 250 -27.09 18.69 49.25
N LEU B 251 -27.61 17.49 49.41
CA LEU B 251 -27.65 16.52 48.34
C LEU B 251 -28.49 17.07 47.21
N VAL B 252 -27.97 16.98 45.98
CA VAL B 252 -28.75 17.33 44.80
C VAL B 252 -28.73 16.13 43.87
N VAL B 253 -29.92 15.62 43.57
CA VAL B 253 -30.06 14.45 42.75
C VAL B 253 -30.43 14.84 41.33
N HIS B 254 -29.59 14.45 40.37
CA HIS B 254 -29.80 14.83 38.98
C HIS B 254 -30.64 13.82 38.24
N SER B 255 -31.95 14.06 38.20
CA SER B 255 -32.88 13.31 37.34
C SER B 255 -32.77 13.74 35.89
N ASN B 256 -32.19 14.91 35.67
CA ASN B 256 -31.95 15.49 34.34
C ASN B 256 -30.65 14.95 33.73
N MET B 257 -30.69 13.72 33.23
CA MET B 257 -29.52 13.09 32.63
C MET B 257 -29.88 12.94 31.18
N GLU B 258 -29.00 13.38 30.30
CA GLU B 258 -29.28 13.27 28.88
C GLU B 258 -29.27 11.80 28.48
N HIS B 259 -30.35 11.37 27.85
CA HIS B 259 -30.53 9.99 27.41
C HIS B 259 -29.87 9.72 26.06
N ASP B 260 -29.80 10.72 25.19
CA ASP B 260 -29.26 10.53 23.83
C ASP B 260 -27.73 10.68 23.79
N VAL B 261 -27.07 9.79 24.52
CA VAL B 261 -25.63 9.64 24.50
C VAL B 261 -25.33 8.20 24.16
N ALA B 262 -24.24 7.98 23.45
CA ALA B 262 -23.88 6.66 23.00
C ALA B 262 -22.39 6.43 23.17
N LEU B 263 -22.00 5.16 22.99
CA LEU B 263 -20.64 4.75 22.97
C LEU B 263 -20.36 4.12 21.61
N LEU B 264 -19.23 4.46 21.00
CA LEU B 264 -18.86 3.95 19.69
C LEU B 264 -17.42 3.47 19.70
N ARG B 265 -17.22 2.19 19.46
CA ARG B 265 -15.87 1.62 19.45
C ARG B 265 -15.31 1.61 18.03
N LEU B 266 -14.27 2.40 17.80
CA LEU B 266 -13.68 2.45 16.48
C LEU B 266 -12.87 1.20 16.30
N TYR B 267 -13.02 0.56 15.16
CA TYR B 267 -12.23 -0.63 14.89
C TYR B 267 -11.50 -0.33 13.61
N PRO B 268 -10.44 -1.05 13.34
CA PRO B 268 -9.66 -0.75 12.13
C PRO B 268 -10.50 -0.82 10.87
N GLY B 269 -10.37 0.21 10.03
CA GLY B 269 -11.12 0.26 8.77
C GLY B 269 -12.59 0.60 8.90
N ILE B 270 -13.04 1.04 10.07
CA ILE B 270 -14.46 1.40 10.23
C ILE B 270 -14.84 2.45 9.19
N PRO B 271 -15.87 2.19 8.38
CA PRO B 271 -16.20 3.16 7.28
C PRO B 271 -16.91 4.43 7.72
N ALA B 272 -16.59 5.50 7.03
CA ALA B 272 -17.16 6.79 7.32
C ALA B 272 -18.70 6.74 7.29
N SER B 273 -19.25 5.96 6.37
CA SER B 273 -20.71 5.91 6.20
C SER B 273 -21.38 5.31 7.43
N LEU B 274 -20.71 4.36 8.06
CA LEU B 274 -21.23 3.77 9.28
C LEU B 274 -21.13 4.76 10.43
N VAL B 275 -20.02 5.49 10.52
CA VAL B 275 -19.87 6.50 11.53
C VAL B 275 -20.91 7.61 11.32
N ARG B 276 -21.15 8.01 10.07
CA ARG B 276 -22.19 9.00 9.76
C ARG B 276 -23.54 8.55 10.28
N ALA B 277 -23.91 7.30 9.98
CA ALA B 277 -25.19 6.75 10.42
C ALA B 277 -25.31 6.73 11.94
N PHE B 278 -24.22 6.36 12.60
CA PHE B 278 -24.22 6.22 14.04
C PHE B 278 -24.41 7.57 14.71
N LEU B 279 -23.85 8.63 14.13
CA LEU B 279 -23.89 9.94 14.76
C LEU B 279 -25.07 10.82 14.32
N GLN B 280 -26.07 10.27 13.64
CA GLN B 280 -27.24 11.05 13.24
C GLN B 280 -28.04 11.58 14.44
N PRO B 281 -28.80 12.68 14.23
CA PRO B 281 -29.81 13.13 15.22
C PRO B 281 -30.75 11.98 15.55
N PRO B 282 -31.22 11.88 16.79
CA PRO B 282 -31.10 12.94 17.81
C PRO B 282 -29.89 12.80 18.78
N LEU B 283 -28.84 12.09 18.39
CA LEU B 283 -27.72 11.88 19.32
C LEU B 283 -27.13 13.22 19.72
N LYS B 284 -26.88 13.41 21.02
CA LYS B 284 -26.29 14.64 21.53
C LYS B 284 -24.83 14.50 21.93
N GLY B 285 -24.45 13.31 22.37
CA GLY B 285 -23.08 13.05 22.81
C GLY B 285 -22.64 11.64 22.49
N VAL B 286 -21.34 11.46 22.27
CA VAL B 286 -20.80 10.13 22.05
C VAL B 286 -19.44 10.00 22.71
N VAL B 287 -19.22 8.85 23.33
CA VAL B 287 -17.88 8.44 23.76
C VAL B 287 -17.26 7.64 22.62
N LEU B 288 -16.19 8.15 22.02
CA LEU B 288 -15.45 7.42 21.01
C LEU B 288 -14.38 6.62 21.70
N GLU B 289 -14.35 5.32 21.49
CA GLU B 289 -13.26 4.51 22.01
C GLU B 289 -12.22 4.33 20.92
N THR B 290 -11.06 4.91 21.13
CA THR B 290 -10.02 4.94 20.12
C THR B 290 -8.83 4.09 20.59
N PHE B 291 -7.80 3.99 19.75
CA PHE B 291 -6.68 3.05 19.98
C PHE B 291 -5.63 3.69 20.85
N GLY B 292 -4.95 2.88 21.65
CA GLY B 292 -3.83 3.33 22.44
C GLY B 292 -4.03 4.64 23.19
N SER B 293 -3.14 5.59 22.93
CA SER B 293 -3.17 6.91 23.56
C SER B 293 -4.24 7.86 23.02
N GLY B 294 -5.18 7.37 22.25
CA GLY B 294 -6.27 8.18 21.78
C GLY B 294 -6.29 8.42 20.29
N ASN B 295 -5.80 7.46 19.51
CA ASN B 295 -5.67 7.63 18.06
C ASN B 295 -6.77 6.84 17.36
N GLY B 296 -7.54 7.52 16.53
CA GLY B 296 -8.47 6.88 15.65
C GLY B 296 -7.93 6.92 14.25
N PRO B 297 -8.65 6.34 13.28
CA PRO B 297 -8.14 6.39 11.91
C PRO B 297 -8.17 7.82 11.43
N SER B 298 -7.21 8.20 10.60
CA SER B 298 -7.11 9.55 10.13
C SER B 298 -7.63 9.71 8.70
N LYS B 299 -8.30 8.71 8.15
CA LYS B 299 -8.77 8.85 6.77
C LYS B 299 -9.74 10.03 6.69
N PRO B 300 -9.57 10.87 5.66
CA PRO B 300 -10.31 12.12 5.56
C PRO B 300 -11.82 11.98 5.62
N ASP B 301 -12.39 10.96 5.01
CA ASP B 301 -13.84 10.87 5.00
C ASP B 301 -14.36 10.62 6.43
N LEU B 302 -13.64 9.85 7.24
CA LEU B 302 -14.05 9.63 8.61
C LEU B 302 -13.91 10.91 9.41
N LEU B 303 -12.77 11.59 9.30
CA LEU B 303 -12.57 12.84 10.04
C LEU B 303 -13.64 13.87 9.67
N GLN B 304 -14.01 13.90 8.39
CA GLN B 304 -15.06 14.79 7.94
C GLN B 304 -16.38 14.51 8.64
N GLU B 305 -16.70 13.24 8.87
CA GLU B 305 -17.93 12.91 9.56
C GLU B 305 -17.91 13.39 11.00
N LEU B 306 -16.73 13.41 11.60
CA LEU B 306 -16.62 13.91 12.96
C LEU B 306 -16.76 15.41 12.98
N ARG B 307 -16.17 16.07 11.99
CA ARG B 307 -16.31 17.51 11.83
C ARG B 307 -17.77 17.88 11.67
N ALA B 308 -18.46 17.16 10.78
CA ALA B 308 -19.87 17.46 10.49
C ALA B 308 -20.75 17.26 11.72
N ALA B 309 -20.45 16.25 12.53
CA ALA B 309 -21.23 16.03 13.75
C ALA B 309 -20.96 17.15 14.75
N ALA B 310 -19.71 17.55 14.89
CA ALA B 310 -19.35 18.68 15.74
C ALA B 310 -20.10 19.95 15.30
N GLN B 311 -20.22 20.16 14.00
CA GLN B 311 -20.96 21.32 13.48
C GLN B 311 -22.45 21.25 13.77
N ARG B 312 -23.01 20.04 13.86
CA ARG B 312 -24.39 19.88 14.33
C ARG B 312 -24.53 20.08 15.85
N GLY B 313 -23.41 20.27 16.56
CA GLY B 313 -23.43 20.49 18.01
C GLY B 313 -23.21 19.23 18.83
N LEU B 314 -22.85 18.13 18.19
CA LEU B 314 -22.56 16.90 18.91
C LEU B 314 -21.29 17.06 19.72
N ILE B 315 -21.31 16.62 20.97
CA ILE B 315 -20.08 16.58 21.77
C ILE B 315 -19.50 15.17 21.84
N MET B 316 -18.19 15.08 21.63
CA MET B 316 -17.48 13.80 21.56
C MET B 316 -16.44 13.76 22.65
N VAL B 317 -16.35 12.62 23.35
CA VAL B 317 -15.30 12.39 24.31
C VAL B 317 -14.49 11.22 23.82
N ASN B 318 -13.16 11.39 23.80
CA ASN B 318 -12.24 10.38 23.35
C ASN B 318 -11.68 9.59 24.54
N CYS B 319 -12.04 8.31 24.61
CA CYS B 319 -11.49 7.37 25.60
C CYS B 319 -10.70 6.28 24.91
N SER B 320 -9.72 5.72 25.63
CA SER B 320 -8.91 4.65 25.09
C SER B 320 -9.63 3.32 25.24
N GLN B 321 -9.52 2.49 24.21
CA GLN B 321 -9.88 1.07 24.30
C GLN B 321 -9.03 0.28 25.29
N CYS B 322 -7.81 0.74 25.58
CA CYS B 322 -6.97 0.06 26.54
C CYS B 322 -7.50 0.15 27.96
N LEU B 323 -7.43 -0.99 28.67
CA LEU B 323 -7.87 -1.08 30.05
C LEU B 323 -7.15 -0.04 30.88
N ARG B 324 -5.84 0.10 30.69
CA ARG B 324 -4.99 0.93 31.54
C ARG B 324 -4.35 2.07 30.73
N GLY B 325 -4.12 3.21 31.40
CA GLY B 325 -3.56 4.40 30.77
C GLY B 325 -4.58 5.43 30.23
N SER B 326 -4.05 6.37 29.44
CA SER B 326 -4.64 7.67 29.30
C SER B 326 -4.60 8.18 27.84
N VAL B 327 -5.58 8.99 27.48
CA VAL B 327 -5.62 9.63 26.19
C VAL B 327 -4.81 10.92 26.20
N THR B 328 -3.85 11.03 25.29
CA THR B 328 -3.14 12.29 25.03
C THR B 328 -3.98 13.13 24.08
N PRO B 329 -4.22 14.42 24.41
CA PRO B 329 -4.94 15.33 23.49
C PRO B 329 -4.40 15.40 22.02
N GLY B 330 -5.29 15.66 21.06
CA GLY B 330 -4.87 15.93 19.69
C GLY B 330 -5.65 15.30 18.55
N TYR B 331 -6.16 14.08 18.71
CA TYR B 331 -6.88 13.41 17.62
C TYR B 331 -8.11 14.20 17.17
N ALA B 332 -8.15 14.51 15.86
CA ALA B 332 -9.29 15.17 15.21
C ALA B 332 -9.57 16.60 15.67
N THR B 333 -8.72 17.17 16.50
CA THR B 333 -8.97 18.51 17.06
C THR B 333 -8.91 19.58 15.97
N SER B 334 -8.13 19.36 14.92
CA SER B 334 -8.03 20.31 13.82
C SER B 334 -9.32 20.34 12.94
N LEU B 335 -10.21 19.35 13.10
CA LEU B 335 -11.53 19.34 12.42
C LEU B 335 -12.75 19.53 13.34
N ALA B 336 -12.79 18.81 14.46
CA ALA B 336 -13.92 18.91 15.39
C ALA B 336 -13.76 20.01 16.45
N GLY B 337 -12.59 20.66 16.46
CA GLY B 337 -12.29 21.70 17.43
C GLY B 337 -12.56 21.25 18.85
N ALA B 338 -13.09 22.17 19.63
CA ALA B 338 -13.32 21.94 21.05
C ALA B 338 -14.52 21.00 21.32
N ASN B 339 -15.24 20.61 20.27
CA ASN B 339 -16.32 19.60 20.41
C ASN B 339 -15.81 18.18 20.61
N ILE B 340 -14.49 17.96 20.42
CA ILE B 340 -13.90 16.67 20.81
C ILE B 340 -12.92 16.81 21.98
N VAL B 341 -13.24 16.14 23.08
CA VAL B 341 -12.60 16.33 24.36
C VAL B 341 -11.86 15.07 24.76
N SER B 342 -10.66 15.20 25.31
CA SER B 342 -9.93 14.08 25.82
C SER B 342 -10.53 13.54 27.11
N GLY B 343 -10.75 12.23 27.14
CA GLY B 343 -11.23 11.57 28.34
C GLY B 343 -10.11 11.17 29.31
N LEU B 344 -8.87 11.54 28.99
CA LEU B 344 -7.74 11.18 29.81
C LEU B 344 -7.78 9.69 30.24
N ASP B 345 -7.73 9.39 31.53
CA ASP B 345 -7.67 8.00 31.98
C ASP B 345 -9.04 7.44 32.38
N MET B 346 -10.13 8.10 31.97
CA MET B 346 -11.45 7.65 32.37
C MET B 346 -11.78 6.29 31.80
N THR B 347 -12.48 5.48 32.58
CA THR B 347 -13.17 4.34 32.01
C THR B 347 -14.29 4.84 31.09
N SER B 348 -14.73 3.99 30.18
CA SER B 348 -15.79 4.37 29.24
C SER B 348 -17.12 4.49 29.94
N GLU B 349 -17.27 3.70 31.00
CA GLU B 349 -18.46 3.79 31.86
C GLU B 349 -18.56 5.17 32.53
N ALA B 350 -17.46 5.64 33.10
CA ALA B 350 -17.42 6.97 33.68
C ALA B 350 -17.66 8.05 32.63
N ALA B 351 -17.03 7.90 31.47
CA ALA B 351 -17.11 8.89 30.43
C ALA B 351 -18.56 9.05 29.95
N LEU B 352 -19.24 7.94 29.79
CA LEU B 352 -20.62 7.96 29.29
C LEU B 352 -21.55 8.59 30.34
N ALA B 353 -21.29 8.29 31.62
CA ALA B 353 -22.07 8.88 32.70
C ALA B 353 -21.86 10.39 32.79
N LYS B 354 -20.62 10.81 32.69
CA LYS B 354 -20.28 12.23 32.83
C LYS B 354 -20.88 13.04 31.70
N LEU B 355 -20.90 12.43 30.53
CA LEU B 355 -21.40 13.08 29.36
C LEU B 355 -22.91 13.24 29.46
N SER B 356 -23.57 12.19 29.92
CA SER B 356 -25.00 12.25 30.19
C SER B 356 -25.35 13.35 31.23
N TYR B 357 -24.53 13.43 32.28
CA TYR B 357 -24.70 14.40 33.35
C TYR B 357 -24.50 15.83 32.86
N VAL B 358 -23.37 16.07 32.21
CA VAL B 358 -23.04 17.37 31.72
C VAL B 358 -24.06 17.85 30.67
N LEU B 359 -24.48 16.98 29.76
CA LEU B 359 -25.44 17.37 28.72
C LEU B 359 -26.81 17.60 29.30
N GLY B 360 -27.09 17.03 30.45
CA GLY B 360 -28.39 17.20 31.09
C GLY B 360 -28.50 18.47 31.90
N LEU B 361 -27.38 19.14 32.18
CA LEU B 361 -27.42 20.37 32.97
C LEU B 361 -28.11 21.49 32.20
N PRO B 362 -28.98 22.26 32.87
CA PRO B 362 -29.76 23.25 32.13
C PRO B 362 -28.97 24.52 31.84
N GLU B 363 -29.23 25.10 30.67
CA GLU B 363 -28.84 26.48 30.34
C GLU B 363 -27.34 26.71 30.47
N LEU B 364 -26.57 25.89 29.79
CA LEU B 364 -25.12 26.07 29.73
C LEU B 364 -24.71 26.24 28.29
N SER B 365 -23.70 27.06 28.06
CA SER B 365 -23.12 27.19 26.74
C SER B 365 -22.39 25.93 26.42
N LEU B 366 -22.13 25.73 25.14
CA LEU B 366 -21.34 24.61 24.69
C LEU B 366 -19.94 24.63 25.30
N GLU B 367 -19.37 25.82 25.44
CA GLU B 367 -17.99 25.95 25.95
C GLU B 367 -17.92 25.56 27.41
N ARG B 368 -18.99 25.85 28.14
CA ARG B 368 -19.07 25.48 29.53
C ARG B 368 -19.15 23.96 29.68
N ARG B 369 -19.91 23.31 28.80
CA ARG B 369 -20.07 21.85 28.82
C ARG B 369 -18.73 21.19 28.57
N GLN B 370 -17.98 21.72 27.61
CA GLN B 370 -16.62 21.27 27.32
C GLN B 370 -15.66 21.47 28.49
N GLU B 371 -15.77 22.60 29.19
CA GLU B 371 -14.97 22.82 30.39
C GLU B 371 -15.28 21.77 31.47
N LEU B 372 -16.57 21.48 31.66
CA LEU B 372 -16.96 20.56 32.73
C LEU B 372 -16.48 19.15 32.42
N LEU B 373 -16.57 18.72 31.16
CA LEU B 373 -16.06 17.40 30.75
C LEU B 373 -14.56 17.23 31.00
N ALA B 374 -13.81 18.32 30.95
CA ALA B 374 -12.37 18.32 31.19
C ALA B 374 -11.98 18.38 32.68
N LYS B 375 -12.96 18.51 33.58
CA LYS B 375 -12.70 18.58 35.02
C LYS B 375 -12.90 17.22 35.64
N ASP B 376 -12.24 16.98 36.76
CA ASP B 376 -12.49 15.82 37.57
C ASP B 376 -13.67 16.11 38.49
N LEU B 377 -14.87 15.70 38.10
CA LEU B 377 -16.05 16.07 38.86
C LEU B 377 -16.38 15.15 40.04
N ARG B 378 -16.00 13.88 39.97
CA ARG B 378 -16.37 12.92 41.00
C ARG B 378 -15.22 11.98 41.38
N GLY B 379 -13.99 12.31 41.01
CA GLY B 379 -12.86 11.41 41.26
C GLY B 379 -12.66 10.37 40.18
N GLU B 380 -13.34 10.56 39.06
CA GLU B 380 -13.30 9.64 37.93
C GLU B 380 -12.11 9.82 36.96
N MET B 381 -11.40 10.94 37.09
CA MET B 381 -10.41 11.33 36.10
C MET B 381 -9.22 11.97 36.80
N THR B 382 -8.01 11.54 36.42
CA THR B 382 -6.77 12.07 36.97
C THR B 382 -6.25 13.13 36.02
N LEU B 383 -6.14 14.36 36.47
CA LEU B 383 -5.58 15.44 35.64
C LEU B 383 -4.06 15.38 35.67
N PRO B 384 -3.40 15.64 34.53
CA PRO B 384 -1.92 15.50 34.51
C PRO B 384 -1.19 16.52 35.39
N THR B 385 -0.05 16.06 35.94
CA THR B 385 0.77 16.77 36.95
C THR B 385 2.26 16.53 36.65
N GLU C 31 23.58 -20.99 9.65
CA GLU C 31 23.20 -19.61 9.22
C GLU C 31 21.72 -19.50 8.87
N ARG C 32 21.02 -18.53 9.45
CA ARG C 32 19.56 -18.36 9.23
C ARG C 32 19.23 -16.91 8.83
N HIS C 33 18.40 -16.73 7.80
CA HIS C 33 18.19 -15.39 7.23
CA HIS C 33 18.20 -15.41 7.21
C HIS C 33 16.74 -14.97 7.44
N LEU C 34 16.57 -13.72 7.89
CA LEU C 34 15.27 -13.16 8.17
C LEU C 34 14.99 -11.95 7.32
N LEU C 35 13.72 -11.74 7.03
CA LEU C 35 13.30 -10.50 6.40
C LEU C 35 12.59 -9.65 7.45
N LEU C 36 13.10 -8.43 7.63
CA LEU C 36 12.55 -7.51 8.58
C LEU C 36 11.70 -6.51 7.82
N ILE C 37 10.39 -6.57 8.03
CA ILE C 37 9.45 -5.73 7.31
C ILE C 37 9.02 -4.58 8.20
N TYR C 38 9.27 -3.38 7.74
CA TYR C 38 9.02 -2.20 8.53
C TYR C 38 7.83 -1.46 7.92
N THR C 39 6.69 -1.50 8.62
CA THR C 39 5.46 -0.94 8.09
C THR C 39 5.14 0.43 8.61
N GLY C 40 5.75 0.82 9.72
CA GLY C 40 5.40 2.07 10.41
C GLY C 40 5.45 1.93 11.94
N GLY C 41 4.87 2.90 12.62
CA GLY C 41 4.79 2.87 14.07
C GLY C 41 5.88 3.65 14.77
N THR C 42 5.64 3.88 16.06
CA THR C 42 6.47 4.68 16.93
C THR C 42 7.93 4.22 16.90
N LEU C 43 8.14 2.91 16.78
CA LEU C 43 9.48 2.38 16.80
C LEU C 43 10.42 3.12 15.88
N GLY C 44 9.98 3.38 14.66
CA GLY C 44 10.85 3.97 13.66
C GLY C 44 10.79 5.48 13.53
N MET C 45 10.01 6.14 14.38
CA MET C 45 9.80 7.57 14.25
C MET C 45 10.93 8.43 14.87
N GLN C 46 10.85 9.73 14.65
CA GLN C 46 11.82 10.70 15.16
C GLN C 46 11.09 11.69 16.04
N SER C 47 11.74 12.17 17.10
CA SER C 47 11.18 13.25 17.94
C SER C 47 11.64 14.60 17.40
N LYS C 48 10.69 15.54 17.22
CA LYS C 48 10.97 16.88 16.69
C LYS C 48 10.08 17.94 17.32
N GLY C 49 10.59 18.57 18.37
CA GLY C 49 9.81 19.54 19.13
C GLY C 49 8.72 18.85 19.94
N GLY C 50 9.10 17.80 20.67
CA GLY C 50 8.17 17.03 21.50
C GLY C 50 7.03 16.35 20.76
N VAL C 51 7.20 16.12 19.44
CA VAL C 51 6.18 15.50 18.58
C VAL C 51 6.86 14.51 17.63
N LEU C 52 6.18 13.39 17.39
CA LEU C 52 6.77 12.31 16.61
C LEU C 52 6.41 12.46 15.13
N VAL C 53 7.43 12.34 14.28
CA VAL C 53 7.23 12.38 12.83
C VAL C 53 7.84 11.11 12.20
N PRO C 54 7.51 10.82 10.94
CA PRO C 54 8.08 9.61 10.31
C PRO C 54 9.61 9.60 10.25
N GLY C 55 10.15 8.40 10.25
CA GLY C 55 11.59 8.16 10.39
C GLY C 55 12.03 7.09 9.42
N PRO C 56 12.31 7.49 8.18
CA PRO C 56 12.78 6.52 7.20
C PRO C 56 14.26 6.17 7.39
N GLY C 57 14.72 5.19 6.62
CA GLY C 57 16.10 4.73 6.67
C GLY C 57 16.44 4.05 7.98
N LEU C 58 15.63 3.06 8.33
CA LEU C 58 15.89 2.27 9.53
C LEU C 58 17.22 1.54 9.37
N VAL C 59 17.44 0.96 8.22
CA VAL C 59 18.66 0.22 7.98
C VAL C 59 19.94 1.04 8.24
N THR C 60 19.93 2.35 7.98
CA THR C 60 21.12 3.17 8.14
C THR C 60 21.44 3.34 9.61
N LEU C 61 20.42 3.36 10.45
CA LEU C 61 20.63 3.45 11.89
C LEU C 61 21.10 2.11 12.47
N LEU C 62 20.41 1.03 12.11
CA LEU C 62 20.76 -0.30 12.62
C LEU C 62 22.19 -0.71 12.32
N ARG C 63 22.71 -0.32 11.17
CA ARG C 63 24.10 -0.67 10.84
C ARG C 63 25.11 -0.09 11.82
N THR C 64 24.78 1.05 12.41
CA THR C 64 25.68 1.71 13.36
C THR C 64 25.56 1.18 14.79
N LEU C 65 24.71 0.19 15.03
CA LEU C 65 24.50 -0.34 16.38
C LEU C 65 25.03 -1.76 16.51
N PRO C 66 26.09 -1.95 17.32
CA PRO C 66 26.76 -3.26 17.44
C PRO C 66 25.86 -4.39 17.85
N MET C 67 24.87 -4.09 18.67
CA MET C 67 23.90 -5.11 19.04
C MET C 67 23.05 -5.59 17.85
N PHE C 68 22.88 -4.73 16.85
CA PHE C 68 22.11 -5.08 15.66
C PHE C 68 22.93 -5.47 14.44
N HIS C 69 24.20 -5.06 14.41
CA HIS C 69 25.05 -5.31 13.27
C HIS C 69 26.51 -5.50 13.66
N ASP C 70 27.01 -6.69 13.37
CA ASP C 70 28.40 -7.03 13.59
C ASP C 70 29.26 -6.65 12.36
N LYS C 71 29.82 -5.44 12.34
CA LYS C 71 30.64 -4.97 11.20
C LYS C 71 31.78 -5.92 10.86
N GLU C 72 32.49 -6.37 11.89
CA GLU C 72 33.67 -7.20 11.70
C GLU C 72 33.33 -8.49 10.94
N PHE C 73 32.24 -9.16 11.30
CA PHE C 73 31.82 -10.39 10.62
C PHE C 73 31.31 -10.11 9.21
N ALA C 74 30.74 -8.92 9.01
CA ALA C 74 30.25 -8.52 7.70
C ALA C 74 31.38 -8.37 6.70
N GLN C 75 32.41 -7.61 7.07
CA GLN C 75 33.60 -7.47 6.19
C GLN C 75 34.32 -8.79 6.01
N ALA C 76 34.49 -9.54 7.09
CA ALA C 76 35.16 -10.85 7.03
C ALA C 76 34.40 -11.91 6.23
N GLN C 77 33.16 -11.65 5.85
CA GLN C 77 32.41 -12.55 4.99
C GLN C 77 32.01 -11.86 3.71
N GLY C 78 32.56 -10.68 3.48
CA GLY C 78 32.12 -9.79 2.40
C GLY C 78 30.64 -9.84 2.09
N LEU C 79 29.80 -9.62 3.10
CA LEU C 79 28.36 -9.62 2.91
C LEU C 79 27.93 -8.38 2.17
N PRO C 80 26.89 -8.48 1.32
CA PRO C 80 26.37 -7.26 0.71
C PRO C 80 25.88 -6.33 1.80
N ASP C 81 25.89 -5.02 1.56
CA ASP C 81 25.60 -4.08 2.66
C ASP C 81 24.10 -3.70 2.79
N HIS C 82 23.21 -4.49 2.19
CA HIS C 82 21.78 -4.46 2.52
C HIS C 82 21.45 -5.50 3.63
N ALA C 83 22.42 -6.38 3.89
CA ALA C 83 22.25 -7.50 4.82
C ALA C 83 22.97 -7.23 6.13
N LEU C 84 22.23 -7.26 7.23
CA LEU C 84 22.82 -7.06 8.54
C LEU C 84 23.02 -8.39 9.21
N ALA C 85 23.93 -8.42 10.16
CA ALA C 85 24.32 -9.62 10.87
C ALA C 85 24.31 -9.35 12.37
N LEU C 86 23.52 -10.12 13.10
CA LEU C 86 23.53 -9.98 14.54
C LEU C 86 24.82 -10.56 15.06
N PRO C 87 25.35 -9.99 16.14
CA PRO C 87 26.47 -10.62 16.82
C PRO C 87 26.12 -12.04 17.22
N PRO C 88 27.13 -12.87 17.56
CA PRO C 88 26.83 -14.24 17.96
C PRO C 88 26.08 -14.25 19.27
N ALA C 89 25.05 -15.07 19.36
CA ALA C 89 24.29 -15.27 20.60
C ALA C 89 24.94 -16.40 21.38
N SER C 90 24.36 -16.73 22.53
CA SER C 90 24.88 -17.82 23.37
C SER C 90 25.04 -19.12 22.59
N HIS C 91 23.91 -19.62 22.07
CA HIS C 91 23.87 -20.88 21.31
C HIS C 91 23.35 -20.57 19.90
N GLY C 92 22.86 -21.58 19.20
CA GLY C 92 22.15 -21.38 17.95
C GLY C 92 23.07 -21.02 16.80
N PRO C 93 22.48 -20.85 15.60
CA PRO C 93 23.24 -20.44 14.43
C PRO C 93 23.29 -18.93 14.32
N ARG C 94 24.08 -18.44 13.38
CA ARG C 94 24.21 -17.02 13.16
C ARG C 94 22.97 -16.45 12.46
N VAL C 95 22.53 -15.27 12.87
CA VAL C 95 21.32 -14.66 12.32
C VAL C 95 21.65 -13.45 11.45
N LEU C 96 21.24 -13.52 10.19
CA LEU C 96 21.36 -12.42 9.24
C LEU C 96 19.97 -11.94 8.86
N TYR C 97 19.85 -10.66 8.55
CA TYR C 97 18.56 -10.14 8.17
C TYR C 97 18.64 -8.97 7.19
N THR C 98 17.57 -8.84 6.38
CA THR C 98 17.46 -7.80 5.37
C THR C 98 16.28 -6.92 5.77
N VAL C 99 16.43 -5.62 5.59
CA VAL C 99 15.40 -4.70 5.97
C VAL C 99 14.60 -4.23 4.77
N LEU C 100 13.30 -4.48 4.80
CA LEU C 100 12.40 -4.02 3.78
C LEU C 100 11.48 -2.96 4.36
N GLU C 101 11.65 -1.76 3.89
CA GLU C 101 10.91 -0.63 4.37
C GLU C 101 9.72 -0.30 3.45
N CYS C 102 8.50 -0.45 3.95
CA CYS C 102 7.29 -0.09 3.20
C CYS C 102 7.15 1.40 3.01
N GLN C 103 6.47 1.79 1.96
CA GLN C 103 6.27 3.20 1.67
C GLN C 103 4.88 3.30 1.12
N PRO C 104 4.04 4.15 1.69
CA PRO C 104 4.38 5.03 2.82
C PRO C 104 4.30 4.30 4.16
N LEU C 105 5.04 4.78 5.14
CA LEU C 105 4.97 4.25 6.51
C LEU C 105 3.69 4.75 7.19
N LEU C 106 3.04 3.85 7.91
CA LEU C 106 1.71 4.09 8.46
C LEU C 106 1.69 4.10 9.97
N ASP C 107 0.96 5.05 10.53
CA ASP C 107 0.42 4.91 11.89
C ASP C 107 -0.51 3.72 11.86
N SER C 108 -0.41 2.85 12.86
CA SER C 108 -1.19 1.62 12.85
C SER C 108 -2.70 1.85 12.95
N SER C 109 -3.12 3.01 13.47
CA SER C 109 -4.54 3.34 13.51
C SER C 109 -5.14 3.51 12.12
N ASP C 110 -4.30 3.70 11.11
CA ASP C 110 -4.76 3.87 9.74
C ASP C 110 -4.71 2.58 8.94
N MET C 111 -4.30 1.49 9.56
CA MET C 111 -4.21 0.25 8.84
C MET C 111 -5.54 -0.43 8.74
N THR C 112 -5.69 -1.16 7.63
CA THR C 112 -6.92 -1.86 7.30
C THR C 112 -6.57 -3.25 6.82
N ILE C 113 -7.61 -4.02 6.53
CA ILE C 113 -7.48 -5.36 5.99
C ILE C 113 -6.57 -5.35 4.76
N ASP C 114 -6.68 -4.32 3.92
CA ASP C 114 -5.82 -4.27 2.73
C ASP C 114 -4.33 -4.15 3.03
N ASP C 115 -3.98 -3.36 4.04
CA ASP C 115 -2.60 -3.25 4.43
C ASP C 115 -2.08 -4.58 4.93
N TRP C 116 -2.90 -5.30 5.70
CA TRP C 116 -2.46 -6.58 6.24
C TRP C 116 -2.33 -7.63 5.15
N ILE C 117 -3.23 -7.59 4.17
CA ILE C 117 -3.09 -8.41 2.98
C ILE C 117 -1.78 -8.13 2.26
N ARG C 118 -1.43 -6.87 2.09
CA ARG C 118 -0.16 -6.51 1.48
C ARG C 118 1.00 -7.13 2.21
N ILE C 119 0.95 -7.10 3.53
CA ILE C 119 2.06 -7.65 4.32
C ILE C 119 2.12 -9.14 4.08
N ALA C 120 0.96 -9.78 4.03
CA ALA C 120 0.91 -11.22 3.82
C ALA C 120 1.50 -11.56 2.45
N LYS C 121 1.25 -10.70 1.46
CA LYS C 121 1.76 -10.92 0.12
C LYS C 121 3.27 -10.70 0.03
N ILE C 122 3.79 -9.78 0.81
CA ILE C 122 5.24 -9.65 0.91
C ILE C 122 5.87 -10.94 1.44
N ILE C 123 5.28 -11.48 2.49
CA ILE C 123 5.81 -12.70 3.11
C ILE C 123 5.73 -13.85 2.09
N GLU C 124 4.59 -13.94 1.39
CA GLU C 124 4.40 -14.95 0.36
C GLU C 124 5.46 -14.87 -0.71
N ARG C 125 5.70 -13.66 -1.22
CA ARG C 125 6.63 -13.45 -2.32
C ARG C 125 8.04 -13.89 -1.95
N HIS C 126 8.44 -13.69 -0.70
CA HIS C 126 9.80 -13.98 -0.27
C HIS C 126 9.89 -15.23 0.58
N TYR C 127 8.82 -16.04 0.59
CA TYR C 127 8.72 -17.16 1.53
C TYR C 127 9.89 -18.13 1.47
N GLU C 128 10.32 -18.52 0.28
CA GLU C 128 11.37 -19.53 0.15
C GLU C 128 12.77 -18.99 0.41
N GLN C 129 12.96 -17.68 0.33
CA GLN C 129 14.27 -17.07 0.48
C GLN C 129 14.64 -16.83 1.92
N TYR C 130 13.69 -16.89 2.86
CA TYR C 130 14.00 -16.57 4.28
C TYR C 130 13.46 -17.62 5.21
N GLN C 131 14.06 -17.74 6.39
CA GLN C 131 13.64 -18.74 7.36
C GLN C 131 12.64 -18.17 8.37
N GLY C 132 12.49 -16.86 8.40
CA GLY C 132 11.58 -16.22 9.32
C GLY C 132 11.37 -14.77 8.98
N PHE C 133 10.39 -14.14 9.64
CA PHE C 133 10.00 -12.77 9.36
C PHE C 133 9.71 -12.01 10.65
N VAL C 134 10.12 -10.75 10.68
CA VAL C 134 9.79 -9.87 11.75
C VAL C 134 9.10 -8.70 11.11
N VAL C 135 8.01 -8.24 11.73
CA VAL C 135 7.23 -7.11 11.19
C VAL C 135 7.14 -6.02 12.23
N ILE C 136 7.74 -4.88 11.96
CA ILE C 136 7.64 -3.74 12.85
C ILE C 136 6.35 -3.03 12.53
N HIS C 137 5.57 -2.78 13.57
CA HIS C 137 4.16 -2.38 13.41
C HIS C 137 3.83 -1.49 14.57
N GLY C 138 2.94 -0.52 14.36
CA GLY C 138 2.50 0.32 15.49
C GLY C 138 1.73 -0.53 16.50
N THR C 139 1.78 -0.15 17.78
CA THR C 139 1.10 -0.92 18.82
C THR C 139 -0.43 -0.80 18.80
N ASP C 140 -0.95 0.36 18.39
CA ASP C 140 -2.39 0.66 18.46
C ASP C 140 -3.26 -0.45 17.88
N THR C 141 -2.92 -0.97 16.72
CA THR C 141 -3.73 -2.02 16.09
C THR C 141 -2.91 -3.29 15.86
N MET C 142 -1.82 -3.45 16.60
CA MET C 142 -0.98 -4.62 16.40
C MET C 142 -1.71 -5.94 16.62
N ALA C 143 -2.58 -5.97 17.61
CA ALA C 143 -3.36 -7.17 17.92
C ALA C 143 -4.29 -7.53 16.76
N SER C 144 -4.88 -6.51 16.13
CA SER C 144 -5.71 -6.74 14.95
C SER C 144 -4.86 -7.22 13.78
N GLY C 145 -3.72 -6.60 13.57
CA GLY C 145 -2.81 -7.06 12.50
C GLY C 145 -2.36 -8.49 12.69
N ALA C 146 -1.92 -8.81 13.91
CA ALA C 146 -1.43 -10.15 14.18
C ALA C 146 -2.56 -11.18 13.98
N SER C 147 -3.77 -10.82 14.42
CA SER C 147 -4.89 -11.72 14.26
C SER C 147 -5.18 -11.94 12.78
N MET C 148 -5.23 -10.86 12.00
CA MET C 148 -5.48 -10.98 10.59
C MET C 148 -4.44 -11.82 9.90
N LEU C 149 -3.17 -11.53 10.12
CA LEU C 149 -2.14 -12.30 9.45
C LEU C 149 -2.21 -13.75 9.83
N SER C 150 -2.53 -14.04 11.10
CA SER C 150 -2.71 -15.40 11.56
C SER C 150 -3.67 -16.19 10.66
N PHE C 151 -4.79 -15.57 10.27
CA PHE C 151 -5.75 -16.22 9.41
C PHE C 151 -5.30 -16.21 7.97
N MET C 152 -4.77 -15.09 7.52
CA MET C 152 -4.34 -15.00 6.11
C MET C 152 -3.27 -16.02 5.72
N LEU C 153 -2.35 -16.35 6.64
CA LEU C 153 -1.23 -17.23 6.33
C LEU C 153 -1.52 -18.67 6.73
N GLU C 154 -2.34 -19.32 5.92
CA GLU C 154 -2.72 -20.69 6.19
C GLU C 154 -1.56 -21.65 5.98
N ASN C 155 -1.41 -22.59 6.90
CA ASN C 155 -0.31 -23.58 6.89
C ASN C 155 1.06 -22.97 7.05
N LEU C 156 1.13 -21.83 7.73
CA LEU C 156 2.41 -21.17 7.97
C LEU C 156 3.41 -22.15 8.61
N HIS C 157 4.62 -22.17 8.07
CA HIS C 157 5.67 -23.08 8.54
C HIS C 157 6.79 -22.36 9.28
N LYS C 158 6.76 -21.03 9.28
CA LYS C 158 7.87 -20.22 9.76
C LYS C 158 7.39 -19.09 10.67
N PRO C 159 8.23 -18.65 11.61
CA PRO C 159 7.81 -17.59 12.52
C PRO C 159 7.62 -16.27 11.80
N VAL C 160 6.50 -15.64 12.10
CA VAL C 160 6.22 -14.26 11.72
C VAL C 160 5.98 -13.50 13.03
N ILE C 161 6.97 -12.70 13.43
CA ILE C 161 6.94 -12.05 14.75
C ILE C 161 6.73 -10.55 14.61
N LEU C 162 5.57 -10.06 15.06
CA LEU C 162 5.31 -8.65 15.11
C LEU C 162 5.92 -8.04 16.34
N THR C 163 6.40 -6.81 16.20
CA THR C 163 6.90 -6.11 17.35
C THR C 163 6.80 -4.63 17.12
N GLY C 164 7.01 -3.88 18.18
CA GLY C 164 6.89 -2.43 18.14
C GLY C 164 7.40 -1.87 19.45
N ALA C 165 7.07 -0.62 19.73
CA ALA C 165 7.57 0.05 20.92
C ALA C 165 6.73 1.23 21.32
N GLN C 166 6.71 1.54 22.62
CA GLN C 166 6.05 2.76 23.09
C GLN C 166 6.90 4.00 22.85
N VAL C 167 8.21 3.81 22.65
CA VAL C 167 9.15 4.91 22.46
C VAL C 167 10.06 4.61 21.26
N PRO C 168 10.33 5.62 20.40
CA PRO C 168 11.12 5.32 19.20
C PRO C 168 12.55 4.87 19.50
N ILE C 169 13.09 4.02 18.65
CA ILE C 169 14.44 3.51 18.79
C ILE C 169 15.49 4.61 18.68
N ARG C 170 15.14 5.74 18.07
CA ARG C 170 16.03 6.89 18.01
C ARG C 170 16.04 7.77 19.24
N VAL C 171 15.06 7.60 20.12
CA VAL C 171 15.11 8.25 21.42
C VAL C 171 15.97 7.38 22.32
N LEU C 172 16.84 8.01 23.11
CA LEU C 172 17.86 7.29 23.83
C LEU C 172 17.25 6.24 24.77
N TRP C 173 16.31 6.68 25.60
CA TRP C 173 15.68 5.81 26.59
C TRP C 173 14.44 5.20 26.01
N ASN C 174 14.55 3.96 25.55
CA ASN C 174 13.44 3.33 24.85
C ASN C 174 13.31 1.84 25.09
N ASP C 175 12.17 1.30 24.66
CA ASP C 175 11.89 -0.14 24.75
C ASP C 175 12.12 -0.85 23.40
N ALA C 176 12.39 -0.05 22.37
CA ALA C 176 12.46 -0.55 21.01
C ALA C 176 13.68 -1.43 20.77
N ARG C 177 14.83 -1.07 21.30
CA ARG C 177 16.03 -1.85 21.05
C ARG C 177 15.80 -3.29 21.45
N GLU C 178 15.37 -3.50 22.68
CA GLU C 178 15.23 -4.87 23.17
C GLU C 178 14.03 -5.61 22.50
N ASN C 179 12.95 -4.89 22.18
CA ASN C 179 11.86 -5.54 21.50
C ASN C 179 12.26 -6.02 20.11
N LEU C 180 12.96 -5.16 19.38
CA LEU C 180 13.37 -5.53 18.04
C LEU C 180 14.39 -6.66 18.05
N LEU C 181 15.39 -6.54 18.91
CA LEU C 181 16.41 -7.60 19.02
C LEU C 181 15.80 -8.92 19.41
N GLY C 182 14.90 -8.89 20.37
CA GLY C 182 14.27 -10.12 20.82
C GLY C 182 13.47 -10.80 19.74
N ALA C 183 12.74 -10.00 18.96
CA ALA C 183 11.95 -10.57 17.86
C ALA C 183 12.87 -11.25 16.86
N LEU C 184 13.98 -10.59 16.54
CA LEU C 184 14.92 -11.15 15.55
C LEU C 184 15.52 -12.43 16.07
N LEU C 185 15.93 -12.42 17.32
CA LEU C 185 16.52 -13.63 17.91
C LEU C 185 15.56 -14.75 17.98
N VAL C 186 14.31 -14.47 18.33
CA VAL C 186 13.31 -15.54 18.40
C VAL C 186 13.04 -16.11 17.02
N ALA C 187 12.78 -15.24 16.06
CA ALA C 187 12.51 -15.70 14.69
C ALA C 187 13.74 -16.39 14.09
N GLY C 188 14.93 -15.91 14.44
CA GLY C 188 16.15 -16.47 13.94
C GLY C 188 16.51 -17.82 14.51
N GLN C 189 16.07 -18.12 15.73
CA GLN C 189 16.60 -19.29 16.44
C GLN C 189 15.61 -20.37 16.72
N TYR C 190 14.31 -20.11 16.57
CA TYR C 190 13.31 -21.11 16.95
C TYR C 190 12.31 -21.30 15.84
N ILE C 191 11.85 -22.53 15.70
CA ILE C 191 10.88 -22.84 14.67
C ILE C 191 9.54 -22.87 15.36
N ILE C 192 8.95 -21.68 15.44
CA ILE C 192 7.62 -21.47 15.96
C ILE C 192 6.80 -21.00 14.75
N PRO C 193 5.98 -21.89 14.17
CA PRO C 193 5.28 -21.61 12.94
C PRO C 193 3.96 -20.87 13.15
N GLU C 194 4.03 -19.69 13.74
CA GLU C 194 2.85 -18.93 14.09
C GLU C 194 3.12 -17.45 13.93
N VAL C 195 2.04 -16.70 13.75
CA VAL C 195 2.12 -15.27 13.82
C VAL C 195 2.09 -14.91 15.30
N CYS C 196 3.15 -14.26 15.76
CA CYS C 196 3.34 -13.94 17.17
C CYS C 196 3.49 -12.46 17.37
N LEU C 197 3.43 -12.07 18.64
CA LEU C 197 3.78 -10.75 19.04
C LEU C 197 4.87 -10.84 20.10
N PHE C 198 6.00 -10.15 19.88
CA PHE C 198 7.05 -10.08 20.89
C PHE C 198 7.15 -8.68 21.48
N MET C 199 6.96 -8.56 22.80
CA MET C 199 7.15 -7.30 23.55
C MET C 199 7.56 -7.57 24.98
N ASN C 200 8.50 -6.77 25.49
CA ASN C 200 8.85 -6.79 26.90
C ASN C 200 9.16 -8.21 27.37
N SER C 201 10.05 -8.84 26.63
CA SER C 201 10.57 -10.17 26.96
C SER C 201 9.56 -11.32 26.89
N GLN C 202 8.41 -11.12 26.25
CA GLN C 202 7.37 -12.15 26.14
C GLN C 202 6.95 -12.36 24.67
N LEU C 203 6.78 -13.62 24.28
CA LEU C 203 6.27 -13.96 23.00
C LEU C 203 4.85 -14.47 23.16
N PHE C 204 3.89 -13.78 22.56
CA PHE C 204 2.50 -14.14 22.66
C PHE C 204 2.00 -14.72 21.35
N ARG C 205 0.99 -15.59 21.41
CA ARG C 205 0.31 -15.98 20.20
C ARG C 205 -0.45 -14.74 19.69
N GLY C 206 -0.26 -14.42 18.42
CA GLY C 206 -0.77 -13.20 17.87
C GLY C 206 -2.27 -13.05 17.99
N ASN C 207 -3.00 -14.11 17.69
CA ASN C 207 -4.43 -14.07 17.71
C ASN C 207 -5.00 -14.23 19.12
N ARG C 208 -4.14 -14.14 20.15
CA ARG C 208 -4.59 -14.19 21.53
C ARG C 208 -4.32 -12.91 22.30
N VAL C 209 -3.67 -11.93 21.67
CA VAL C 209 -3.27 -10.73 22.40
C VAL C 209 -4.25 -9.59 22.25
N THR C 210 -4.18 -8.68 23.20
CA THR C 210 -4.85 -7.42 23.12
C THR C 210 -4.00 -6.38 23.86
N LYS C 211 -4.16 -5.12 23.46
CA LYS C 211 -3.42 -4.03 24.07
C LYS C 211 -4.14 -3.56 25.32
N VAL C 212 -3.47 -3.64 26.48
CA VAL C 212 -4.09 -3.27 27.74
C VAL C 212 -3.55 -2.00 28.38
N ASP C 213 -2.39 -1.52 27.95
CA ASP C 213 -1.82 -0.32 28.56
C ASP C 213 -1.24 0.61 27.52
N SER C 214 -1.69 1.86 27.54
CA SER C 214 -1.27 2.81 26.52
C SER C 214 0.05 3.52 26.84
N GLN C 215 0.65 3.26 28.00
CA GLN C 215 1.87 3.96 28.43
C GLN C 215 3.03 3.03 28.85
N LYS C 216 2.73 1.96 29.55
CA LYS C 216 3.79 1.09 30.03
C LYS C 216 4.41 0.23 28.95
N PHE C 217 5.62 -0.22 29.22
CA PHE C 217 6.33 -1.07 28.29
C PHE C 217 5.67 -2.43 28.17
N GLU C 218 5.06 -2.90 29.25
CA GLU C 218 4.18 -4.06 29.20
C GLU C 218 2.84 -3.62 28.66
N ALA C 219 2.75 -3.50 27.35
CA ALA C 219 1.58 -2.92 26.72
C ALA C 219 0.52 -3.94 26.38
N PHE C 220 0.92 -5.20 26.25
CA PHE C 220 0.01 -6.25 25.79
C PHE C 220 -0.19 -7.36 26.78
N CYS C 221 -1.30 -8.04 26.60
CA CYS C 221 -1.72 -9.13 27.44
C CYS C 221 -2.30 -10.23 26.54
N SER C 222 -2.06 -11.48 26.90
CA SER C 222 -2.74 -12.62 26.30
C SER C 222 -3.64 -13.19 27.41
N PRO C 223 -4.89 -12.66 27.54
CA PRO C 223 -5.67 -12.95 28.74
C PRO C 223 -6.13 -14.38 28.95
N ASN C 224 -6.34 -15.13 27.87
CA ASN C 224 -6.80 -16.51 27.99
C ASN C 224 -5.85 -17.55 27.46
N LEU C 225 -4.57 -17.23 27.35
CA LEU C 225 -3.56 -18.20 26.97
C LEU C 225 -2.22 -17.76 27.49
N SER C 226 -1.42 -18.70 27.97
CA SER C 226 -0.09 -18.38 28.36
C SER C 226 0.68 -17.84 27.18
N PRO C 227 1.75 -17.07 27.45
CA PRO C 227 2.72 -16.75 26.40
C PRO C 227 3.26 -18.01 25.79
N LEU C 228 3.61 -17.97 24.51
CA LEU C 228 4.31 -19.05 23.86
C LEU C 228 5.74 -19.13 24.33
N ALA C 229 6.31 -17.99 24.72
CA ALA C 229 7.68 -17.98 25.23
C ALA C 229 7.95 -16.83 26.16
N THR C 230 8.93 -17.06 27.02
CA THR C 230 9.40 -16.04 27.93
C THR C 230 10.90 -15.99 27.82
N VAL C 231 11.43 -14.79 27.94
CA VAL C 231 12.85 -14.53 27.83
C VAL C 231 13.39 -13.95 29.14
N GLY C 232 14.43 -14.59 29.65
CA GLY C 232 15.10 -14.13 30.87
C GLY C 232 16.55 -14.52 30.71
N ALA C 233 17.19 -14.86 31.82
CA ALA C 233 18.50 -15.52 31.75
C ALA C 233 18.43 -16.69 30.75
N ASP C 234 17.32 -17.44 30.81
CA ASP C 234 17.02 -18.50 29.86
C ASP C 234 15.82 -18.15 29.03
N VAL C 235 15.70 -18.84 27.89
CA VAL C 235 14.53 -18.79 27.05
C VAL C 235 13.64 -20.00 27.31
N THR C 236 12.42 -19.77 27.76
CA THR C 236 11.48 -20.84 28.04
C THR C 236 10.36 -20.83 27.00
N ILE C 237 10.13 -21.96 26.34
CA ILE C 237 9.11 -22.06 25.33
C ILE C 237 8.04 -23.09 25.68
N ALA C 238 6.77 -22.69 25.61
CA ALA C 238 5.65 -23.59 25.82
C ALA C 238 5.41 -24.44 24.58
N TRP C 239 6.27 -25.44 24.36
CA TRP C 239 6.15 -26.32 23.18
C TRP C 239 4.85 -27.11 23.20
N ASP C 240 4.29 -27.35 24.37
CA ASP C 240 2.96 -27.96 24.48
C ASP C 240 1.85 -27.14 23.76
N LEU C 241 2.04 -25.82 23.64
CA LEU C 241 1.05 -24.97 23.02
C LEU C 241 1.36 -24.69 21.56
N VAL C 242 2.64 -24.57 21.26
CA VAL C 242 3.08 -24.16 19.93
C VAL C 242 2.53 -25.11 18.90
N ARG C 243 1.97 -24.56 17.82
CA ARG C 243 1.34 -25.38 16.81
C ARG C 243 2.36 -26.16 16.00
N LYS C 244 1.89 -27.24 15.36
CA LYS C 244 2.75 -28.20 14.66
C LYS C 244 2.95 -27.83 13.19
N VAL C 245 4.20 -27.86 12.76
CA VAL C 245 4.53 -27.58 11.35
C VAL C 245 3.98 -28.71 10.49
N LYS C 246 3.11 -28.39 9.53
CA LYS C 246 2.63 -29.40 8.58
C LYS C 246 3.43 -29.26 7.28
N TRP C 247 4.55 -29.97 7.24
CA TRP C 247 5.56 -29.77 6.19
C TRP C 247 5.05 -30.14 4.81
N LYS C 248 4.11 -31.07 4.77
CA LYS C 248 3.57 -31.57 3.52
C LYS C 248 2.73 -30.51 2.80
N ASP C 249 1.96 -29.74 3.55
CA ASP C 249 1.02 -28.76 2.97
C ASP C 249 1.70 -27.43 2.63
N PRO C 250 1.40 -26.87 1.46
CA PRO C 250 2.02 -25.61 1.13
C PRO C 250 1.32 -24.40 1.79
N LEU C 251 2.04 -23.28 1.88
CA LEU C 251 1.49 -22.05 2.34
C LEU C 251 0.37 -21.64 1.41
N VAL C 252 -0.77 -21.24 1.99
CA VAL C 252 -1.87 -20.67 1.21
C VAL C 252 -2.25 -19.34 1.81
N VAL C 253 -2.15 -18.28 1.01
CA VAL C 253 -2.35 -16.94 1.49
C VAL C 253 -3.70 -16.45 1.09
N HIS C 254 -4.52 -16.10 2.06
CA HIS C 254 -5.89 -15.67 1.79
C HIS C 254 -5.98 -14.17 1.57
N SER C 255 -5.93 -13.75 0.32
CA SER C 255 -6.24 -12.38 -0.07
C SER C 255 -7.75 -12.12 -0.06
N ASN C 256 -8.53 -13.20 -0.08
CA ASN C 256 -9.98 -13.16 -0.10
C ASN C 256 -10.51 -13.05 1.32
N MET C 257 -10.48 -11.84 1.87
CA MET C 257 -10.96 -11.61 3.21
C MET C 257 -12.14 -10.69 3.06
N GLU C 258 -13.27 -11.03 3.69
CA GLU C 258 -14.43 -10.18 3.61
C GLU C 258 -14.18 -8.88 4.34
N HIS C 259 -14.39 -7.78 3.63
CA HIS C 259 -14.16 -6.43 4.14
C HIS C 259 -15.34 -5.92 4.94
N ASP C 260 -16.56 -6.33 4.59
CA ASP C 260 -17.77 -5.84 5.24
C ASP C 260 -18.10 -6.62 6.52
N VAL C 261 -17.18 -6.55 7.47
CA VAL C 261 -17.37 -7.04 8.80
C VAL C 261 -17.09 -5.88 9.76
N ALA C 262 -17.80 -5.86 10.87
CA ALA C 262 -17.69 -4.81 11.81
C ALA C 262 -17.68 -5.36 13.22
N LEU C 263 -17.35 -4.47 14.16
CA LEU C 263 -17.43 -4.73 15.57
C LEU C 263 -18.41 -3.74 16.21
N LEU C 264 -19.28 -4.22 17.08
CA LEU C 264 -20.29 -3.37 17.73
C LEU C 264 -20.30 -3.62 19.22
N ARG C 265 -19.99 -2.58 20.01
CA ARG C 265 -19.98 -2.72 21.44
C ARG C 265 -21.34 -2.32 22.01
N LEU C 266 -22.05 -3.28 22.58
CA LEU C 266 -23.36 -2.97 23.20
C LEU C 266 -23.09 -2.26 24.49
N TYR C 267 -23.79 -1.18 24.73
CA TYR C 267 -23.65 -0.47 25.97
C TYR C 267 -25.06 -0.41 26.57
N PRO C 268 -25.17 -0.17 27.87
CA PRO C 268 -26.48 -0.22 28.50
C PRO C 268 -27.45 0.77 27.89
N GLY C 269 -28.65 0.30 27.56
CA GLY C 269 -29.67 1.15 26.95
C GLY C 269 -29.46 1.46 25.49
N ILE C 270 -28.53 0.78 24.82
CA ILE C 270 -28.32 1.04 23.39
C ILE C 270 -29.65 0.86 22.63
N PRO C 271 -30.09 1.88 21.88
CA PRO C 271 -31.40 1.78 21.20
C PRO C 271 -31.42 0.91 19.95
N ALA C 272 -32.56 0.27 19.75
CA ALA C 272 -32.76 -0.62 18.64
C ALA C 272 -32.49 0.10 17.29
N SER C 273 -32.88 1.37 17.21
CA SER C 273 -32.74 2.13 15.97
C SER C 273 -31.28 2.35 15.59
N LEU C 274 -30.44 2.51 16.60
CA LEU C 274 -29.00 2.61 16.38
C LEU C 274 -28.41 1.27 15.96
N VAL C 275 -28.85 0.19 16.58
CA VAL C 275 -28.42 -1.16 16.16
C VAL C 275 -28.89 -1.46 14.74
N ARG C 276 -30.13 -1.09 14.42
CA ARG C 276 -30.64 -1.26 13.05
C ARG C 276 -29.74 -0.57 12.04
N ALA C 277 -29.40 0.70 12.33
CA ALA C 277 -28.56 1.48 11.44
C ALA C 277 -27.18 0.86 11.27
N PHE C 278 -26.63 0.36 12.37
CA PHE C 278 -25.31 -0.23 12.35
C PHE C 278 -25.27 -1.51 11.52
N LEU C 279 -26.33 -2.29 11.54
CA LEU C 279 -26.37 -3.57 10.83
C LEU C 279 -26.93 -3.53 9.41
N GLN C 280 -27.13 -2.34 8.85
CA GLN C 280 -27.69 -2.20 7.51
C GLN C 280 -26.71 -2.74 6.44
N PRO C 281 -27.26 -3.16 5.28
CA PRO C 281 -26.42 -3.57 4.15
C PRO C 281 -25.46 -2.45 3.83
N PRO C 282 -24.26 -2.78 3.37
CA PRO C 282 -23.87 -4.12 2.92
C PRO C 282 -23.16 -5.02 3.96
N LEU C 283 -23.36 -4.77 5.25
CA LEU C 283 -22.62 -5.52 6.28
C LEU C 283 -22.93 -7.01 6.19
N LYS C 284 -21.89 -7.85 6.22
CA LYS C 284 -22.07 -9.31 6.10
C LYS C 284 -21.87 -10.00 7.45
N GLY C 285 -21.05 -9.41 8.31
CA GLY C 285 -20.74 -10.03 9.60
C GLY C 285 -20.49 -8.99 10.66
N VAL C 286 -20.79 -9.33 11.90
CA VAL C 286 -20.52 -8.45 13.02
C VAL C 286 -20.09 -9.23 14.26
N VAL C 287 -19.08 -8.70 14.94
CA VAL C 287 -18.76 -9.16 16.27
C VAL C 287 -19.49 -8.29 17.29
N LEU C 288 -20.41 -8.88 18.03
CA LEU C 288 -21.12 -8.16 19.06
C LEU C 288 -20.36 -8.31 20.34
N GLU C 289 -20.02 -7.20 20.98
CA GLU C 289 -19.36 -7.29 22.28
C GLU C 289 -20.42 -7.08 23.37
N THR C 290 -20.68 -8.13 24.12
CA THR C 290 -21.77 -8.14 25.08
C THR C 290 -21.19 -8.12 26.50
N PHE C 291 -22.08 -8.11 27.50
CA PHE C 291 -21.66 -8.03 28.90
C PHE C 291 -21.36 -9.38 29.53
N GLY C 292 -20.41 -9.40 30.45
CA GLY C 292 -20.03 -10.60 31.16
C GLY C 292 -19.93 -11.84 30.32
N SER C 293 -20.70 -12.86 30.68
CA SER C 293 -20.64 -14.18 30.04
C SER C 293 -21.32 -14.24 28.71
N GLY C 294 -21.64 -13.09 28.15
CA GLY C 294 -22.24 -13.04 26.82
C GLY C 294 -23.68 -12.55 26.79
N ASN C 295 -24.06 -11.64 27.69
CA ASN C 295 -25.46 -11.17 27.82
C ASN C 295 -25.57 -9.79 27.24
N GLY C 296 -26.47 -9.61 26.30
CA GLY C 296 -26.84 -8.29 25.82
C GLY C 296 -28.21 -7.91 26.39
N PRO C 297 -28.71 -6.72 26.07
CA PRO C 297 -30.04 -6.35 26.57
C PRO C 297 -31.08 -7.22 25.90
N SER C 298 -32.14 -7.54 26.63
CA SER C 298 -33.16 -8.42 26.11
C SER C 298 -34.42 -7.65 25.70
N LYS C 299 -34.37 -6.33 25.58
CA LYS C 299 -35.58 -5.60 25.15
C LYS C 299 -36.00 -6.05 23.73
N PRO C 300 -37.31 -6.25 23.52
CA PRO C 300 -37.81 -6.89 22.31
C PRO C 300 -37.48 -6.16 21.02
N ASP C 301 -37.48 -4.84 21.03
CA ASP C 301 -37.13 -4.13 19.82
C ASP C 301 -35.66 -4.32 19.40
N LEU C 302 -34.74 -4.39 20.35
CA LEU C 302 -33.36 -4.73 20.03
C LEU C 302 -33.24 -6.16 19.50
N LEU C 303 -33.86 -7.11 20.17
CA LEU C 303 -33.74 -8.53 19.73
C LEU C 303 -34.29 -8.69 18.34
N GLN C 304 -35.39 -8.00 18.06
CA GLN C 304 -35.99 -8.02 16.75
C GLN C 304 -35.01 -7.54 15.67
N GLU C 305 -34.20 -6.55 15.97
CA GLU C 305 -33.22 -6.07 14.99
C GLU C 305 -32.15 -7.10 14.74
N LEU C 306 -31.86 -7.92 15.74
CA LEU C 306 -30.90 -9.00 15.56
C LEU C 306 -31.50 -10.12 14.73
N ARG C 307 -32.78 -10.40 14.98
CA ARG C 307 -33.51 -11.40 14.20
C ARG C 307 -33.54 -10.99 12.74
N ALA C 308 -33.87 -9.71 12.52
CA ALA C 308 -34.01 -9.19 11.17
C ALA C 308 -32.70 -9.27 10.42
N ALA C 309 -31.59 -9.01 11.12
CA ALA C 309 -30.30 -9.06 10.46
C ALA C 309 -29.93 -10.51 10.12
N ALA C 310 -30.21 -11.43 11.04
CA ALA C 310 -30.02 -12.84 10.76
C ALA C 310 -30.83 -13.31 9.57
N GLN C 311 -32.06 -12.81 9.44
CA GLN C 311 -32.90 -13.12 8.27
C GLN C 311 -32.32 -12.57 6.95
N ARG C 312 -31.62 -11.45 7.03
CA ARG C 312 -30.91 -10.94 5.85
C ARG C 312 -29.65 -11.76 5.53
N GLY C 313 -29.32 -12.74 6.38
CA GLY C 313 -28.12 -13.55 6.21
C GLY C 313 -26.88 -13.08 6.99
N LEU C 314 -27.03 -12.06 7.84
CA LEU C 314 -25.89 -11.51 8.55
C LEU C 314 -25.45 -12.53 9.58
N ILE C 315 -24.14 -12.77 9.69
CA ILE C 315 -23.62 -13.64 10.72
C ILE C 315 -23.07 -12.82 11.87
N MET C 316 -23.44 -13.20 13.08
CA MET C 316 -23.07 -12.51 14.29
C MET C 316 -22.27 -13.41 15.22
N VAL C 317 -21.16 -12.89 15.75
CA VAL C 317 -20.33 -13.60 16.69
C VAL C 317 -20.38 -12.84 18.01
N ASN C 318 -20.68 -13.54 19.09
CA ASN C 318 -20.81 -12.92 20.40
C ASN C 318 -19.53 -13.09 21.23
N CYS C 319 -18.87 -11.97 21.50
CA CYS C 319 -17.68 -11.90 22.32
C CYS C 319 -17.96 -11.09 23.57
N SER C 320 -17.24 -11.38 24.64
CA SER C 320 -17.40 -10.64 25.87
C SER C 320 -16.59 -9.35 25.86
N GLN C 321 -17.17 -8.29 26.41
CA GLN C 321 -16.41 -7.06 26.72
C GLN C 321 -15.33 -7.27 27.77
N CYS C 322 -15.46 -8.30 28.60
CA CYS C 322 -14.46 -8.56 29.62
C CYS C 322 -13.15 -9.02 29.00
N LEU C 323 -12.05 -8.51 29.53
CA LEU C 323 -10.72 -8.87 29.11
C LEU C 323 -10.52 -10.39 29.21
N ARG C 324 -10.97 -10.98 30.32
CA ARG C 324 -10.71 -12.40 30.62
C ARG C 324 -12.00 -13.22 30.71
N GLY C 325 -11.92 -14.50 30.34
CA GLY C 325 -13.06 -15.41 30.35
C GLY C 325 -13.81 -15.55 29.01
N SER C 326 -14.96 -16.19 29.10
CA SER C 326 -15.57 -16.85 27.98
C SER C 326 -17.07 -16.59 27.89
N VAL C 327 -17.60 -16.61 26.66
CA VAL C 327 -19.02 -16.49 26.44
C VAL C 327 -19.69 -17.85 26.59
N THR C 328 -20.68 -17.95 27.48
CA THR C 328 -21.56 -19.14 27.56
C THR C 328 -22.70 -18.99 26.52
N PRO C 329 -22.96 -20.05 25.71
CA PRO C 329 -23.98 -19.98 24.65
C PRO C 329 -25.40 -19.61 25.14
N GLY C 330 -26.21 -18.98 24.29
CA GLY C 330 -27.62 -18.75 24.61
C GLY C 330 -28.25 -17.40 24.26
N TYR C 331 -27.50 -16.32 24.35
CA TYR C 331 -28.10 -14.99 24.10
C TYR C 331 -28.62 -14.88 22.65
N ALA C 332 -29.91 -14.53 22.55
CA ALA C 332 -30.58 -14.23 21.29
C ALA C 332 -30.72 -15.42 20.35
N THR C 333 -30.38 -16.62 20.81
CA THR C 333 -30.43 -17.79 19.94
C THR C 333 -31.87 -18.13 19.55
N SER C 334 -32.84 -17.76 20.39
CA SER C 334 -34.25 -18.02 20.09
C SER C 334 -34.81 -17.10 19.00
N LEU C 335 -34.10 -16.03 18.68
CA LEU C 335 -34.46 -15.15 17.57
C LEU C 335 -33.54 -15.24 16.34
N ALA C 336 -32.23 -15.24 16.55
CA ALA C 336 -31.25 -15.25 15.47
C ALA C 336 -30.77 -16.65 15.06
N GLY C 337 -31.21 -17.65 15.79
CA GLY C 337 -30.85 -19.04 15.53
C GLY C 337 -29.36 -19.24 15.41
N ALA C 338 -28.97 -20.09 14.46
CA ALA C 338 -27.57 -20.43 14.23
C ALA C 338 -26.74 -19.30 13.56
N ASN C 339 -27.40 -18.20 13.16
CA ASN C 339 -26.69 -17.02 12.70
C ASN C 339 -25.99 -16.24 13.80
N ILE C 340 -26.27 -16.55 15.07
CA ILE C 340 -25.48 -15.97 16.18
C ILE C 340 -24.66 -17.04 16.88
N VAL C 341 -23.35 -16.89 16.82
CA VAL C 341 -22.38 -17.91 17.20
C VAL C 341 -21.59 -17.41 18.42
N SER C 342 -21.36 -18.29 19.39
CA SER C 342 -20.58 -17.91 20.54
C SER C 342 -19.10 -17.79 20.16
N GLY C 343 -18.48 -16.70 20.60
CA GLY C 343 -17.07 -16.51 20.40
C GLY C 343 -16.20 -17.09 21.52
N LEU C 344 -16.83 -17.80 22.46
CA LEU C 344 -16.11 -18.42 23.57
C LEU C 344 -15.10 -17.44 24.16
N ASP C 345 -13.84 -17.81 24.24
CA ASP C 345 -12.86 -16.96 24.93
C ASP C 345 -12.03 -16.11 23.96
N MET C 346 -12.49 -15.97 22.71
CA MET C 346 -11.73 -15.22 21.72
C MET C 346 -11.64 -13.76 22.09
N THR C 347 -10.49 -13.16 21.82
CA THR C 347 -10.41 -11.71 21.76
C THR C 347 -11.25 -11.21 20.59
N SER C 348 -11.65 -9.95 20.67
CA SER C 348 -12.49 -9.37 19.63
C SER C 348 -11.69 -9.19 18.33
N GLU C 349 -10.39 -8.98 18.47
CA GLU C 349 -9.46 -8.91 17.32
C GLU C 349 -9.43 -10.23 16.56
N ALA C 350 -9.31 -11.33 17.29
CA ALA C 350 -9.36 -12.66 16.68
C ALA C 350 -10.71 -12.93 16.06
N ALA C 351 -11.77 -12.56 16.77
CA ALA C 351 -13.11 -12.84 16.29
C ALA C 351 -13.39 -12.12 14.94
N LEU C 352 -12.97 -10.86 14.87
CA LEU C 352 -13.18 -10.07 13.69
C LEU C 352 -12.38 -10.63 12.51
N ALA C 353 -11.17 -11.09 12.79
CA ALA C 353 -10.31 -11.68 11.76
C ALA C 353 -10.88 -12.99 11.23
N LYS C 354 -11.37 -13.82 12.14
CA LYS C 354 -11.90 -15.12 11.77
C LYS C 354 -13.15 -14.99 10.96
N LEU C 355 -13.94 -14.00 11.30
CA LEU C 355 -15.20 -13.75 10.62
C LEU C 355 -14.94 -13.24 9.20
N SER C 356 -13.96 -12.35 9.06
CA SER C 356 -13.51 -11.88 7.76
C SER C 356 -12.97 -13.02 6.89
N TYR C 357 -12.19 -13.89 7.50
CA TYR C 357 -11.62 -15.08 6.82
C TYR C 357 -12.71 -16.04 6.35
N VAL C 358 -13.57 -16.43 7.26
CA VAL C 358 -14.61 -17.40 6.96
C VAL C 358 -15.60 -16.85 5.93
N LEU C 359 -16.01 -15.59 6.05
CA LEU C 359 -16.92 -14.98 5.09
C LEU C 359 -16.26 -14.78 3.72
N GLY C 360 -14.95 -14.73 3.68
CA GLY C 360 -14.25 -14.59 2.40
C GLY C 360 -14.03 -15.89 1.65
N LEU C 361 -14.23 -17.03 2.30
CA LEU C 361 -14.02 -18.33 1.63
C LEU C 361 -15.05 -18.51 0.52
N PRO C 362 -14.62 -18.95 -0.67
CA PRO C 362 -15.57 -19.12 -1.78
C PRO C 362 -16.45 -20.38 -1.68
N GLU C 363 -17.69 -20.21 -2.11
CA GLU C 363 -18.61 -21.31 -2.37
C GLU C 363 -18.86 -22.19 -1.16
N LEU C 364 -19.28 -21.59 -0.06
CA LEU C 364 -19.68 -22.34 1.11
C LEU C 364 -21.14 -22.02 1.42
N SER C 365 -21.86 -23.00 1.93
CA SER C 365 -23.17 -22.73 2.53
C SER C 365 -23.02 -21.91 3.82
N LEU C 366 -24.12 -21.29 4.22
CA LEU C 366 -24.18 -20.60 5.49
C LEU C 366 -23.83 -21.54 6.65
N GLU C 367 -24.31 -22.78 6.54
CA GLU C 367 -24.20 -23.79 7.59
C GLU C 367 -22.71 -24.16 7.80
N ARG C 368 -21.99 -24.22 6.69
CA ARG C 368 -20.57 -24.48 6.70
C ARG C 368 -19.77 -23.36 7.32
N ARG C 369 -20.17 -22.12 7.04
CA ARG C 369 -19.53 -20.96 7.64
C ARG C 369 -19.70 -20.99 9.14
N GLN C 370 -20.92 -21.28 9.59
CA GLN C 370 -21.22 -21.36 11.04
C GLN C 370 -20.38 -22.46 11.71
N GLU C 371 -20.20 -23.58 11.03
CA GLU C 371 -19.35 -24.67 11.55
C GLU C 371 -17.89 -24.26 11.67
N LEU C 372 -17.39 -23.53 10.68
CA LEU C 372 -16.02 -23.07 10.72
C LEU C 372 -15.81 -22.07 11.85
N LEU C 373 -16.74 -21.15 12.05
CA LEU C 373 -16.61 -20.16 13.14
C LEU C 373 -16.53 -20.80 14.52
N ALA C 374 -17.15 -21.97 14.66
CA ALA C 374 -17.17 -22.71 15.91
C ALA C 374 -15.94 -23.60 16.12
N LYS C 375 -15.03 -23.66 15.16
CA LYS C 375 -13.78 -24.41 15.29
C LYS C 375 -12.62 -23.50 15.71
N ASP C 376 -11.61 -24.10 16.32
CA ASP C 376 -10.36 -23.43 16.65
C ASP C 376 -9.43 -23.52 15.44
N LEU C 377 -9.43 -22.50 14.58
CA LEU C 377 -8.75 -22.61 13.31
C LEU C 377 -7.28 -22.27 13.36
N ARG C 378 -6.86 -21.43 14.30
CA ARG C 378 -5.47 -20.98 14.39
C ARG C 378 -4.94 -20.90 15.80
N GLY C 379 -5.62 -21.50 16.77
CA GLY C 379 -5.17 -21.44 18.16
C GLY C 379 -5.76 -20.27 18.89
N GLU C 380 -6.74 -19.64 18.27
CA GLU C 380 -7.35 -18.43 18.80
C GLU C 380 -8.47 -18.66 19.81
N MET C 381 -8.96 -19.90 19.91
CA MET C 381 -10.17 -20.18 20.66
C MET C 381 -10.01 -21.52 21.37
N THR C 382 -10.36 -21.54 22.65
CA THR C 382 -10.31 -22.75 23.45
C THR C 382 -11.71 -23.37 23.47
N LEU C 383 -11.85 -24.57 22.95
CA LEU C 383 -13.11 -25.30 23.02
C LEU C 383 -13.30 -25.98 24.39
N PRO C 384 -14.54 -25.99 24.89
CA PRO C 384 -14.74 -26.59 26.22
C PRO C 384 -14.49 -28.11 26.23
N THR C 385 -13.91 -28.58 27.32
CA THR C 385 -13.12 -29.81 27.29
C THR C 385 -13.92 -31.10 27.43
N GLU D 31 24.42 20.85 31.85
CA GLU D 31 25.37 19.69 31.91
C GLU D 31 25.47 19.08 33.32
N ARG D 32 25.31 17.77 33.44
CA ARG D 32 25.31 17.11 34.75
C ARG D 32 26.29 15.93 34.73
N HIS D 33 27.12 15.81 35.76
CA HIS D 33 28.18 14.78 35.74
C HIS D 33 27.94 13.72 36.82
N LEU D 34 28.12 12.46 36.44
CA LEU D 34 27.89 11.34 37.32
C LEU D 34 29.14 10.53 37.48
N LEU D 35 29.27 9.90 38.64
CA LEU D 35 30.30 8.93 38.84
C LEU D 35 29.67 7.55 38.84
N LEU D 36 30.16 6.68 37.94
CA LEU D 36 29.69 5.31 37.83
C LEU D 36 30.68 4.38 38.51
N ILE D 37 30.26 3.81 39.61
CA ILE D 37 31.14 3.00 40.43
C ILE D 37 30.85 1.56 40.16
N TYR D 38 31.84 0.83 39.68
CA TYR D 38 31.66 -0.55 39.31
C TYR D 38 32.33 -1.45 40.34
N THR D 39 31.53 -2.15 41.12
CA THR D 39 32.03 -2.93 42.23
C THR D 39 32.16 -4.42 41.92
N GLY D 40 31.49 -4.89 40.87
CA GLY D 40 31.44 -6.32 40.58
C GLY D 40 30.06 -6.74 40.08
N GLY D 41 29.81 -8.04 40.05
CA GLY D 41 28.50 -8.56 39.66
C GLY D 41 28.40 -9.04 38.22
N THR D 42 27.35 -9.81 37.96
CA THR D 42 27.07 -10.40 36.65
C THR D 42 27.11 -9.39 35.52
N LEU D 43 26.65 -8.16 35.77
CA LEU D 43 26.58 -7.17 34.72
C LEU D 43 27.89 -7.08 33.96
N GLY D 44 29.01 -7.06 34.69
CA GLY D 44 30.29 -6.81 34.04
C GLY D 44 31.06 -8.04 33.65
N MET D 45 30.50 -9.22 33.89
CA MET D 45 31.23 -10.46 33.66
C MET D 45 31.26 -10.90 32.19
N GLN D 46 32.02 -11.96 31.94
CA GLN D 46 32.16 -12.54 30.61
C GLN D 46 31.71 -13.98 30.65
N SER D 47 31.08 -14.45 29.57
CA SER D 47 30.77 -15.89 29.43
C SER D 47 31.93 -16.64 28.78
N LYS D 48 32.33 -17.76 29.39
CA LYS D 48 33.44 -18.57 28.89
C LYS D 48 33.18 -20.05 29.14
N GLY D 49 32.61 -20.72 28.13
CA GLY D 49 32.25 -22.13 28.24
C GLY D 49 31.06 -22.30 29.16
N GLY D 50 30.02 -21.51 28.93
CA GLY D 50 28.79 -21.53 29.72
C GLY D 50 28.95 -21.21 31.20
N VAL D 51 30.04 -20.50 31.54
CA VAL D 51 30.37 -20.13 32.94
C VAL D 51 30.87 -18.68 32.97
N LEU D 52 30.47 -17.96 34.01
CA LEU D 52 30.77 -16.53 34.11
C LEU D 52 32.07 -16.28 34.87
N VAL D 53 32.95 -15.46 34.29
CA VAL D 53 34.20 -15.07 34.95
C VAL D 53 34.29 -13.54 35.00
N PRO D 54 35.21 -12.99 35.81
CA PRO D 54 35.29 -11.52 35.89
C PRO D 54 35.58 -10.84 34.55
N GLY D 55 35.13 -9.59 34.46
CA GLY D 55 35.14 -8.82 33.21
C GLY D 55 35.58 -7.39 33.48
N PRO D 56 36.90 -7.17 33.55
CA PRO D 56 37.40 -5.81 33.72
C PRO D 56 37.32 -4.96 32.46
N GLY D 57 37.62 -3.67 32.62
CA GLY D 57 37.63 -2.72 31.52
C GLY D 57 36.23 -2.48 31.02
N LEU D 58 35.34 -2.11 31.92
CA LEU D 58 33.99 -1.77 31.54
C LEU D 58 34.02 -0.54 30.63
N VAL D 59 34.80 0.45 31.02
CA VAL D 59 34.88 1.70 30.26
C VAL D 59 35.27 1.48 28.79
N THR D 60 36.08 0.49 28.50
CA THR D 60 36.54 0.28 27.12
C THR D 60 35.41 -0.34 26.27
N LEU D 61 34.50 -1.10 26.89
CA LEU D 61 33.30 -1.59 26.19
C LEU D 61 32.26 -0.48 25.97
N LEU D 62 31.96 0.26 27.04
CA LEU D 62 30.96 1.32 26.96
C LEU D 62 31.29 2.35 25.91
N ARG D 63 32.58 2.65 25.73
CA ARG D 63 33.03 3.67 24.75
C ARG D 63 32.61 3.29 23.34
N THR D 64 32.52 1.98 23.06
CA THR D 64 32.12 1.48 21.75
C THR D 64 30.61 1.35 21.55
N LEU D 65 29.80 1.71 22.54
CA LEU D 65 28.35 1.59 22.41
C LEU D 65 27.69 2.99 22.33
N PRO D 66 27.11 3.33 21.16
CA PRO D 66 26.51 4.64 20.95
C PRO D 66 25.49 5.04 22.01
N MET D 67 24.72 4.07 22.51
CA MET D 67 23.71 4.39 23.54
C MET D 67 24.37 4.85 24.84
N PHE D 68 25.61 4.41 25.06
CA PHE D 68 26.38 4.79 26.26
C PHE D 68 27.43 5.88 26.05
N HIS D 69 27.88 6.09 24.81
CA HIS D 69 28.90 7.09 24.53
C HIS D 69 28.76 7.74 23.18
N ASP D 70 28.55 9.06 23.20
CA ASP D 70 28.44 9.86 21.98
C ASP D 70 29.83 10.35 21.55
N LYS D 71 30.51 9.58 20.69
CA LYS D 71 31.86 9.95 20.19
C LYS D 71 31.90 11.34 19.57
N GLU D 72 30.92 11.65 18.74
CA GLU D 72 30.91 12.91 18.01
C GLU D 72 30.92 14.11 18.97
N PHE D 73 30.11 14.06 20.00
CA PHE D 73 30.05 15.16 20.98
C PHE D 73 31.30 15.21 21.82
N ALA D 74 31.93 14.07 22.03
CA ALA D 74 33.16 14.00 22.83
C ALA D 74 34.31 14.72 22.12
N GLN D 75 34.53 14.40 20.85
CA GLN D 75 35.56 15.09 20.07
C GLN D 75 35.23 16.56 19.89
N ALA D 76 33.97 16.86 19.58
CA ALA D 76 33.53 18.26 19.41
C ALA D 76 33.60 19.11 20.70
N GLN D 77 33.82 18.49 21.85
CA GLN D 77 34.01 19.23 23.09
C GLN D 77 35.36 18.93 23.69
N GLY D 78 36.21 18.26 22.91
CA GLY D 78 37.49 17.76 23.40
C GLY D 78 37.47 17.29 24.83
N LEU D 79 36.55 16.39 25.14
CA LEU D 79 36.46 15.84 26.50
C LEU D 79 37.61 14.88 26.74
N PRO D 80 38.11 14.81 27.99
CA PRO D 80 39.12 13.79 28.27
C PRO D 80 38.52 12.42 28.03
N ASP D 81 39.33 11.42 27.71
CA ASP D 81 38.77 10.12 27.30
C ASP D 81 38.59 9.12 28.45
N HIS D 82 38.60 9.61 29.68
CA HIS D 82 38.05 8.85 30.82
C HIS D 82 36.53 9.19 31.04
N ALA D 83 36.07 10.25 30.37
CA ALA D 83 34.72 10.76 30.55
C ALA D 83 33.83 10.34 29.38
N LEU D 84 32.73 9.67 29.66
CA LEU D 84 31.78 9.31 28.63
C LEU D 84 30.63 10.29 28.64
N ALA D 85 29.95 10.36 27.50
CA ALA D 85 28.83 11.27 27.31
C ALA D 85 27.66 10.50 26.72
N LEU D 86 26.53 10.54 27.41
CA LEU D 86 25.33 9.92 26.86
C LEU D 86 24.85 10.77 25.71
N PRO D 87 24.30 10.13 24.68
CA PRO D 87 23.62 10.89 23.67
C PRO D 87 22.56 11.80 24.27
N PRO D 88 22.09 12.79 23.50
CA PRO D 88 21.00 13.62 24.04
C PRO D 88 19.73 12.82 24.28
N ALA D 89 19.09 13.04 25.41
CA ALA D 89 17.79 12.46 25.73
C ALA D 89 16.70 13.40 25.24
N SER D 90 15.45 13.01 25.43
CA SER D 90 14.30 13.81 24.99
C SER D 90 14.39 15.24 25.53
N HIS D 91 14.38 15.35 26.86
CA HIS D 91 14.44 16.64 27.55
C HIS D 91 15.71 16.68 28.41
N GLY D 92 15.73 17.56 29.40
CA GLY D 92 16.78 17.54 30.40
C GLY D 92 18.09 18.08 29.89
N PRO D 93 19.12 18.12 30.76
CA PRO D 93 20.46 18.51 30.36
C PRO D 93 21.27 17.30 29.87
N ARG D 94 22.45 17.58 29.33
CA ARG D 94 23.34 16.53 28.85
C ARG D 94 24.01 15.79 30.04
N VAL D 95 24.13 14.47 29.94
CA VAL D 95 24.67 13.65 31.03
C VAL D 95 26.04 13.09 30.66
N LEU D 96 27.03 13.45 31.47
CA LEU D 96 28.39 12.93 31.34
C LEU D 96 28.71 12.07 32.56
N TYR D 97 29.57 11.08 32.38
CA TYR D 97 29.91 10.24 33.49
C TYR D 97 31.31 9.69 33.39
N THR D 98 31.88 9.40 34.55
CA THR D 98 33.21 8.83 34.66
C THR D 98 33.09 7.46 35.31
N VAL D 99 33.86 6.51 34.83
CA VAL D 99 33.77 5.15 35.33
C VAL D 99 34.90 4.87 36.28
N LEU D 100 34.53 4.56 37.51
CA LEU D 100 35.48 4.14 38.50
C LEU D 100 35.33 2.65 38.79
N GLU D 101 36.34 1.88 38.41
CA GLU D 101 36.32 0.44 38.54
C GLU D 101 37.08 0.00 39.79
N CYS D 102 36.37 -0.58 40.76
CA CYS D 102 36.98 -1.07 41.98
C CYS D 102 37.84 -2.29 41.69
N GLN D 103 38.83 -2.50 42.54
CA GLN D 103 39.72 -3.64 42.41
C GLN D 103 40.02 -4.12 43.81
N PRO D 104 39.80 -5.39 44.08
CA PRO D 104 39.25 -6.38 43.13
C PRO D 104 37.73 -6.25 42.95
N LEU D 105 37.23 -6.73 41.82
CA LEU D 105 35.80 -6.86 41.61
C LEU D 105 35.24 -8.05 42.40
N LEU D 106 34.07 -7.87 42.99
CA LEU D 106 33.48 -8.85 43.90
C LEU D 106 32.17 -9.42 43.40
N ASP D 107 32.01 -10.72 43.55
CA ASP D 107 30.66 -11.31 43.64
C ASP D 107 29.97 -10.66 44.85
N SER D 108 28.71 -10.26 44.70
CA SER D 108 28.02 -9.58 45.78
C SER D 108 27.79 -10.44 47.05
N SER D 109 27.84 -11.75 46.90
CA SER D 109 27.74 -12.65 48.06
C SER D 109 28.94 -12.51 48.98
N ASP D 110 30.04 -11.95 48.48
CA ASP D 110 31.24 -11.78 49.27
C ASP D 110 31.39 -10.36 49.81
N MET D 111 30.41 -9.53 49.58
CA MET D 111 30.46 -8.19 50.15
C MET D 111 30.04 -8.14 51.59
N THR D 112 30.61 -7.17 52.29
CA THR D 112 30.44 -7.01 53.72
C THR D 112 30.30 -5.54 54.03
N ILE D 113 30.03 -5.27 55.29
CA ILE D 113 29.86 -3.91 55.77
C ILE D 113 31.05 -3.07 55.34
N ASP D 114 32.26 -3.63 55.38
CA ASP D 114 33.45 -2.87 55.01
C ASP D 114 33.47 -2.45 53.56
N ASP D 115 33.00 -3.32 52.67
CA ASP D 115 32.93 -2.99 51.25
C ASP D 115 31.95 -1.88 51.07
N TRP D 116 30.83 -1.92 51.78
CA TRP D 116 29.81 -0.87 51.62
C TRP D 116 30.28 0.47 52.20
N ILE D 117 30.99 0.42 53.33
CA ILE D 117 31.65 1.62 53.85
C ILE D 117 32.63 2.23 52.85
N ARG D 118 33.45 1.39 52.21
CA ARG D 118 34.34 1.86 51.17
C ARG D 118 33.56 2.60 50.09
N ILE D 119 32.43 2.04 49.65
CA ILE D 119 31.66 2.67 48.59
C ILE D 119 31.16 4.02 49.08
N ALA D 120 30.71 4.07 50.33
CA ALA D 120 30.20 5.33 50.90
C ALA D 120 31.31 6.35 51.00
N LYS D 121 32.53 5.91 51.27
CA LYS D 121 33.68 6.83 51.30
C LYS D 121 34.08 7.32 49.91
N ILE D 122 33.91 6.50 48.89
CA ILE D 122 34.16 6.92 47.53
C ILE D 122 33.19 8.06 47.18
N ILE D 123 31.92 7.87 47.51
CA ILE D 123 30.89 8.88 47.24
C ILE D 123 31.19 10.15 48.00
N GLU D 124 31.54 10.02 49.28
CA GLU D 124 31.95 11.17 50.10
C GLU D 124 33.10 11.96 49.48
N ARG D 125 34.15 11.25 49.10
CA ARG D 125 35.32 11.90 48.57
C ARG D 125 35.05 12.70 47.32
N HIS D 126 34.14 12.21 46.48
CA HIS D 126 33.87 12.84 45.22
C HIS D 126 32.53 13.57 45.25
N TYR D 127 31.98 13.81 46.44
CA TYR D 127 30.64 14.36 46.55
C TYR D 127 30.42 15.68 45.83
N GLU D 128 31.35 16.64 45.96
CA GLU D 128 31.13 17.96 45.38
C GLU D 128 31.39 18.01 43.89
N GLN D 129 32.13 17.05 43.36
CA GLN D 129 32.49 17.04 41.95
C GLN D 129 31.40 16.47 41.07
N TYR D 130 30.43 15.74 41.63
CA TYR D 130 29.41 15.06 40.81
C TYR D 130 28.00 15.34 41.30
N GLN D 131 27.03 15.29 40.40
CA GLN D 131 25.64 15.57 40.75
C GLN D 131 24.87 14.31 41.10
N GLY D 132 25.45 13.15 40.82
CA GLY D 132 24.81 11.88 41.14
C GLY D 132 25.76 10.71 40.98
N PHE D 133 25.31 9.54 41.44
CA PHE D 133 26.13 8.35 41.48
C PHE D 133 25.34 7.11 41.10
N VAL D 134 25.97 6.22 40.35
CA VAL D 134 25.40 4.96 39.98
C VAL D 134 26.38 3.93 40.41
N VAL D 135 25.88 2.86 41.05
CA VAL D 135 26.76 1.83 41.56
C VAL D 135 26.34 0.50 40.95
N ILE D 136 27.21 -0.10 40.15
CA ILE D 136 26.95 -1.40 39.60
C ILE D 136 27.33 -2.42 40.63
N HIS D 137 26.43 -3.34 40.90
CA HIS D 137 26.53 -4.21 42.07
C HIS D 137 25.90 -5.53 41.69
N GLY D 138 26.36 -6.63 42.25
CA GLY D 138 25.69 -7.93 42.03
C GLY D 138 24.30 -7.93 42.66
N THR D 139 23.38 -8.69 42.09
CA THR D 139 22.00 -8.73 42.58
C THR D 139 21.81 -9.50 43.89
N ASP D 140 22.62 -10.53 44.12
CA ASP D 140 22.49 -11.39 45.31
C ASP D 140 22.36 -10.61 46.64
N THR D 141 23.19 -9.58 46.86
CA THR D 141 23.13 -8.81 48.11
C THR D 141 22.87 -7.35 47.85
N MET D 142 22.34 -7.03 46.68
CA MET D 142 22.10 -5.64 46.37
C MET D 142 21.17 -4.94 47.36
N ALA D 143 20.14 -5.65 47.83
CA ALA D 143 19.21 -5.10 48.80
C ALA D 143 19.88 -4.76 50.13
N SER D 144 20.81 -5.61 50.54
CA SER D 144 21.60 -5.35 51.72
C SER D 144 22.53 -4.15 51.50
N GLY D 145 23.19 -4.11 50.35
CA GLY D 145 24.04 -2.95 50.02
C GLY D 145 23.31 -1.64 49.98
N ALA D 146 22.17 -1.63 49.30
CA ALA D 146 21.36 -0.43 49.23
C ALA D 146 20.88 0.01 50.62
N SER D 147 20.47 -0.94 51.43
CA SER D 147 20.00 -0.64 52.76
C SER D 147 21.15 -0.06 53.57
N MET D 148 22.33 -0.69 53.51
CA MET D 148 23.47 -0.17 54.25
C MET D 148 23.87 1.22 53.82
N LEU D 149 24.01 1.43 52.52
CA LEU D 149 24.34 2.76 52.07
C LEU D 149 23.31 3.81 52.49
N SER D 150 22.04 3.42 52.49
CA SER D 150 20.98 4.32 52.87
C SER D 150 21.24 4.91 54.27
N PHE D 151 21.70 4.06 55.18
CA PHE D 151 21.99 4.51 56.52
C PHE D 151 23.34 5.21 56.62
N MET D 152 24.34 4.70 55.94
CA MET D 152 25.66 5.32 55.98
C MET D 152 25.66 6.76 55.46
N LEU D 153 24.83 7.07 54.45
CA LEU D 153 24.86 8.40 53.84
C LEU D 153 23.79 9.30 54.42
N GLU D 154 24.05 9.80 55.62
CA GLU D 154 23.13 10.69 56.31
C GLU D 154 23.03 12.05 55.62
N ASN D 155 21.80 12.55 55.47
CA ASN D 155 21.52 13.85 54.82
C ASN D 155 21.88 13.87 53.35
N LEU D 156 21.87 12.69 52.73
CA LEU D 156 22.15 12.60 51.29
C LEU D 156 21.32 13.59 50.49
N HIS D 157 21.95 14.31 49.58
CA HIS D 157 21.27 15.33 48.77
C HIS D 157 21.11 14.93 47.35
N LYS D 158 21.73 13.83 46.95
CA LYS D 158 21.90 13.46 45.54
C LYS D 158 21.57 11.98 45.33
N PRO D 159 21.07 11.64 44.14
CA PRO D 159 20.76 10.25 43.87
C PRO D 159 21.96 9.32 43.83
N VAL D 160 21.82 8.20 44.51
CA VAL D 160 22.75 7.11 44.49
C VAL D 160 21.95 5.90 44.04
N ILE D 161 22.14 5.49 42.79
CA ILE D 161 21.32 4.47 42.19
C ILE D 161 22.11 3.22 41.98
N LEU D 162 21.73 2.16 42.70
CA LEU D 162 22.31 0.85 42.47
C LEU D 162 21.61 0.14 41.33
N THR D 163 22.37 -0.64 40.56
CA THR D 163 21.78 -1.42 39.50
C THR D 163 22.66 -2.58 39.20
N GLY D 164 22.13 -3.51 38.43
CA GLY D 164 22.82 -4.75 38.11
C GLY D 164 22.02 -5.47 37.03
N ALA D 165 22.29 -6.76 36.83
CA ALA D 165 21.63 -7.52 35.77
C ALA D 165 21.69 -9.00 36.04
N GLN D 166 20.68 -9.73 35.55
CA GLN D 166 20.72 -11.20 35.60
C GLN D 166 21.64 -11.77 34.52
N VAL D 167 21.91 -10.99 33.48
CA VAL D 167 22.74 -11.44 32.36
C VAL D 167 23.80 -10.37 32.03
N PRO D 168 25.05 -10.80 31.73
CA PRO D 168 26.08 -9.79 31.53
C PRO D 168 25.84 -8.92 30.31
N ILE D 169 26.28 -7.67 30.39
CA ILE D 169 26.13 -6.72 29.31
C ILE D 169 26.87 -7.20 28.04
N ARG D 170 27.88 -8.05 28.19
CA ARG D 170 28.65 -8.59 27.06
C ARG D 170 27.92 -9.74 26.36
N VAL D 171 26.91 -10.33 26.97
CA VAL D 171 26.08 -11.31 26.30
C VAL D 171 24.99 -10.55 25.53
N LEU D 172 24.69 -10.99 24.31
CA LEU D 172 23.89 -10.20 23.37
C LEU D 172 22.50 -9.88 23.92
N TRP D 173 21.81 -10.93 24.34
CA TRP D 173 20.51 -10.81 24.88
C TRP D 173 20.59 -10.64 26.39
N ASN D 174 20.44 -9.40 26.85
CA ASN D 174 20.61 -9.10 28.26
C ASN D 174 19.71 -8.01 28.79
N ASP D 175 19.64 -7.91 30.11
CA ASP D 175 18.89 -6.88 30.77
C ASP D 175 19.78 -5.73 31.22
N ALA D 176 21.08 -5.90 31.04
CA ALA D 176 22.07 -4.97 31.59
C ALA D 176 22.09 -3.65 30.88
N ARG D 177 21.95 -3.65 29.56
CA ARG D 177 22.03 -2.38 28.82
C ARG D 177 20.98 -1.41 29.33
N GLU D 178 19.72 -1.86 29.38
CA GLU D 178 18.64 -0.96 29.76
C GLU D 178 18.66 -0.65 31.28
N ASN D 179 19.07 -1.58 32.12
CA ASN D 179 19.22 -1.25 33.53
C ASN D 179 20.27 -0.20 33.77
N LEU D 180 21.43 -0.35 33.13
CA LEU D 180 22.53 0.62 33.33
C LEU D 180 22.19 1.97 32.75
N LEU D 181 21.65 1.99 31.54
CA LEU D 181 21.24 3.25 30.94
C LEU D 181 20.17 3.97 31.78
N GLY D 182 19.18 3.22 32.24
CA GLY D 182 18.11 3.81 33.04
C GLY D 182 18.61 4.41 34.35
N ALA D 183 19.52 3.71 35.01
CA ALA D 183 20.11 4.24 36.25
C ALA D 183 20.86 5.53 36.00
N LEU D 184 21.65 5.59 34.92
CA LEU D 184 22.36 6.82 34.55
C LEU D 184 21.40 7.94 34.24
N LEU D 185 20.37 7.67 33.43
CA LEU D 185 19.42 8.71 33.06
C LEU D 185 18.63 9.21 34.27
N VAL D 186 18.26 8.32 35.17
CA VAL D 186 17.54 8.74 36.38
C VAL D 186 18.44 9.60 37.26
N ALA D 187 19.65 9.14 37.52
CA ALA D 187 20.57 9.89 38.35
C ALA D 187 20.99 11.21 37.69
N GLY D 188 21.07 11.18 36.37
CA GLY D 188 21.46 12.36 35.61
C GLY D 188 20.39 13.42 35.49
N GLN D 189 19.12 13.04 35.57
CA GLN D 189 18.05 13.97 35.24
C GLN D 189 17.10 14.34 36.37
N TYR D 190 17.14 13.64 37.50
CA TYR D 190 16.19 13.90 38.57
C TYR D 190 16.88 14.02 39.90
N ILE D 191 16.33 14.88 40.75
CA ILE D 191 16.92 15.10 42.06
C ILE D 191 16.11 14.30 43.05
N ILE D 192 16.52 13.05 43.19
CA ILE D 192 15.93 12.11 44.13
C ILE D 192 17.02 11.77 45.11
N PRO D 193 16.96 12.36 46.32
CA PRO D 193 18.07 12.32 47.25
C PRO D 193 18.03 11.09 48.12
N GLU D 194 18.09 9.93 47.48
CA GLU D 194 17.97 8.67 48.19
C GLU D 194 18.85 7.62 47.54
N VAL D 195 19.22 6.63 48.33
CA VAL D 195 19.85 5.44 47.78
C VAL D 195 18.72 4.57 47.20
N CYS D 196 18.78 4.32 45.89
CA CYS D 196 17.71 3.64 45.17
C CYS D 196 18.26 2.40 44.47
N LEU D 197 17.33 1.60 44.00
CA LEU D 197 17.66 0.48 43.17
C LEU D 197 16.88 0.61 41.87
N PHE D 198 17.57 0.61 40.74
CA PHE D 198 16.89 0.63 39.45
C PHE D 198 17.04 -0.69 38.75
N MET D 199 15.91 -1.35 38.45
CA MET D 199 15.89 -2.57 37.62
C MET D 199 14.59 -2.69 36.86
N ASN D 200 14.67 -3.14 35.62
CA ASN D 200 13.47 -3.51 34.87
C ASN D 200 12.46 -2.38 34.87
N SER D 201 12.96 -1.20 34.50
CA SER D 201 12.12 -0.01 34.33
C SER D 201 11.50 0.55 35.63
N GLN D 202 11.95 0.12 36.81
CA GLN D 202 11.39 0.57 38.08
C GLN D 202 12.49 1.10 39.00
N LEU D 203 12.20 2.21 39.65
CA LEU D 203 13.11 2.78 40.65
C LEU D 203 12.51 2.52 42.02
N PHE D 204 13.21 1.75 42.86
CA PHE D 204 12.72 1.42 44.21
C PHE D 204 13.51 2.13 45.26
N ARG D 205 12.89 2.41 46.41
CA ARG D 205 13.65 2.90 47.54
C ARG D 205 14.56 1.77 48.02
N GLY D 206 15.83 2.06 48.13
CA GLY D 206 16.83 1.03 48.37
C GLY D 206 16.57 0.21 49.63
N ASN D 207 16.24 0.90 50.72
CA ASN D 207 16.00 0.22 51.96
C ASN D 207 14.60 -0.42 52.07
N ARG D 208 13.88 -0.49 50.95
CA ARG D 208 12.57 -1.15 50.90
C ARG D 208 12.54 -2.37 50.02
N VAL D 209 13.65 -2.70 49.36
CA VAL D 209 13.64 -3.77 48.37
C VAL D 209 14.16 -5.07 48.92
N THR D 210 13.76 -6.14 48.26
CA THR D 210 14.29 -7.46 48.51
C THR D 210 14.24 -8.26 47.20
N LYS D 211 15.16 -9.21 47.06
CA LYS D 211 15.26 -9.99 45.85
C LYS D 211 14.28 -11.14 45.93
N VAL D 212 13.35 -11.21 44.98
CA VAL D 212 12.30 -12.24 44.99
C VAL D 212 12.39 -13.28 43.90
N ASP D 213 13.17 -13.03 42.86
CA ASP D 213 13.31 -14.00 41.78
C ASP D 213 14.78 -14.15 41.34
N SER D 214 15.26 -15.38 41.33
CA SER D 214 16.65 -15.64 40.99
C SER D 214 16.89 -15.82 39.51
N GLN D 215 15.83 -15.77 38.67
CA GLN D 215 15.99 -15.97 37.20
C GLN D 215 15.38 -14.86 36.33
N LYS D 216 14.22 -14.32 36.72
CA LYS D 216 13.55 -13.32 35.91
C LYS D 216 14.20 -11.94 35.97
N PHE D 217 13.96 -11.14 34.94
CA PHE D 217 14.50 -9.80 34.87
C PHE D 217 13.86 -8.91 35.93
N GLU D 218 12.60 -9.18 36.26
CA GLU D 218 11.98 -8.56 37.42
C GLU D 218 12.42 -9.30 38.69
N ALA D 219 13.63 -8.98 39.14
CA ALA D 219 14.27 -9.74 40.21
C ALA D 219 13.91 -9.23 41.59
N PHE D 220 13.48 -7.98 41.68
CA PHE D 220 13.28 -7.33 42.96
C PHE D 220 11.86 -6.85 43.15
N CYS D 221 11.50 -6.72 44.42
CA CYS D 221 10.19 -6.30 44.84
C CYS D 221 10.38 -5.34 46.00
N SER D 222 9.51 -4.33 46.08
CA SER D 222 9.43 -3.43 47.22
C SER D 222 8.07 -3.75 47.85
N PRO D 223 8.03 -4.74 48.75
CA PRO D 223 6.72 -5.29 49.14
C PRO D 223 5.79 -4.37 49.92
N ASN D 224 6.34 -3.44 50.70
CA ASN D 224 5.53 -2.56 51.52
C ASN D 224 5.66 -1.09 51.16
N LEU D 225 6.09 -0.81 49.94
CA LEU D 225 6.12 0.57 49.45
C LEU D 225 6.08 0.57 47.95
N SER D 226 5.38 1.54 47.35
CA SER D 226 5.39 1.70 45.91
C SER D 226 6.79 2.01 45.47
N PRO D 227 7.10 1.70 44.22
CA PRO D 227 8.27 2.26 43.59
C PRO D 227 8.29 3.76 43.67
N LEU D 228 9.48 4.35 43.76
CA LEU D 228 9.64 5.79 43.69
C LEU D 228 9.39 6.28 42.29
N ALA D 229 9.64 5.42 41.30
CA ALA D 229 9.48 5.82 39.91
C ALA D 229 9.30 4.67 39.00
N THR D 230 8.63 4.94 37.90
CA THR D 230 8.36 3.96 36.86
C THR D 230 8.71 4.62 35.55
N VAL D 231 9.27 3.82 34.66
CA VAL D 231 9.69 4.27 33.37
C VAL D 231 8.91 3.53 32.27
N GLY D 232 8.33 4.32 31.38
CA GLY D 232 7.55 3.80 30.28
C GLY D 232 7.67 4.84 29.20
N ALA D 233 6.62 5.00 28.41
CA ALA D 233 6.57 6.10 27.44
C ALA D 233 6.89 7.41 28.17
N ASP D 234 6.36 7.52 29.40
CA ASP D 234 6.67 8.61 30.30
C ASP D 234 7.41 8.10 31.53
N VAL D 235 8.07 9.02 32.20
CA VAL D 235 8.67 8.79 33.49
C VAL D 235 7.74 9.31 34.59
N THR D 236 7.26 8.42 35.44
CA THR D 236 6.34 8.78 36.52
C THR D 236 7.09 8.68 37.82
N ILE D 237 7.09 9.76 38.60
CA ILE D 237 7.77 9.80 39.90
C ILE D 237 6.81 10.08 41.04
N ALA D 238 6.84 9.22 42.05
CA ALA D 238 6.03 9.40 43.25
C ALA D 238 6.65 10.46 44.16
N TRP D 239 6.53 11.73 43.77
CA TRP D 239 7.11 12.84 44.52
C TRP D 239 6.53 12.95 45.93
N ASP D 240 5.31 12.47 46.11
CA ASP D 240 4.73 12.37 47.45
C ASP D 240 5.56 11.49 48.42
N LEU D 241 6.28 10.51 47.88
CA LEU D 241 7.07 9.59 48.71
C LEU D 241 8.53 10.03 48.83
N VAL D 242 9.07 10.60 47.75
CA VAL D 242 10.47 10.93 47.69
C VAL D 242 10.82 11.83 48.84
N ARG D 243 11.92 11.54 49.50
CA ARG D 243 12.34 12.34 50.65
C ARG D 243 12.84 13.72 50.26
N LYS D 244 12.81 14.63 51.24
CA LYS D 244 13.11 16.05 51.01
C LYS D 244 14.59 16.36 51.19
N VAL D 245 15.17 17.09 50.23
CA VAL D 245 16.57 17.54 50.31
C VAL D 245 16.69 18.56 51.42
N LYS D 246 17.53 18.28 52.42
CA LYS D 246 17.80 19.26 53.48
C LYS D 246 19.11 20.00 53.17
N TRP D 247 18.98 21.08 52.39
CA TRP D 247 20.13 21.72 51.76
C TRP D 247 21.09 22.31 52.76
N LYS D 248 20.57 22.71 53.90
CA LYS D 248 21.35 23.34 54.95
C LYS D 248 22.34 22.39 55.60
N ASP D 249 21.94 21.14 55.81
CA ASP D 249 22.75 20.17 56.53
C ASP D 249 23.76 19.47 55.63
N PRO D 250 24.99 19.30 56.09
CA PRO D 250 25.94 18.64 55.25
C PRO D 250 25.81 17.11 55.28
N LEU D 251 26.35 16.47 54.25
CA LEU D 251 26.45 15.04 54.24
C LEU D 251 27.29 14.57 55.40
N VAL D 252 26.82 13.54 56.09
CA VAL D 252 27.61 12.88 57.14
C VAL D 252 27.65 11.40 56.86
N VAL D 253 28.85 10.87 56.72
CA VAL D 253 29.04 9.49 56.34
C VAL D 253 29.43 8.68 57.55
N HIS D 254 28.63 7.66 57.85
CA HIS D 254 28.85 6.83 59.01
C HIS D 254 29.73 5.62 58.73
N SER D 255 31.02 5.77 58.98
CA SER D 255 31.99 4.67 58.95
C SER D 255 31.92 3.82 60.19
N ASN D 256 31.31 4.35 61.24
CA ASN D 256 31.14 3.56 62.49
C ASN D 256 29.81 2.79 62.47
N MET D 257 29.89 1.62 61.87
CA MET D 257 28.75 0.76 61.73
C MET D 257 29.11 -0.44 62.50
N GLU D 258 28.24 -0.85 63.41
CA GLU D 258 28.57 -1.98 64.23
C GLU D 258 28.61 -3.24 63.35
N HIS D 259 29.71 -3.98 63.43
CA HIS D 259 29.93 -5.19 62.66
C HIS D 259 29.29 -6.41 63.32
N ASP D 260 29.22 -6.45 64.65
CA ASP D 260 28.73 -7.63 65.36
C ASP D 260 27.20 -7.63 65.48
N VAL D 261 26.55 -7.65 64.33
CA VAL D 261 25.11 -7.78 64.23
C VAL D 261 24.84 -8.97 63.31
N ALA D 262 23.77 -9.70 63.58
CA ALA D 262 23.46 -10.90 62.86
C ALA D 262 21.98 -10.97 62.60
N LEU D 263 21.63 -11.90 61.71
CA LEU D 263 20.27 -12.22 61.39
C LEU D 263 20.03 -13.66 61.78
N LEU D 264 18.91 -13.94 62.42
CA LEU D 264 18.58 -15.31 62.84
C LEU D 264 17.16 -15.65 62.44
N ARG D 265 17.00 -16.65 61.60
CA ARG D 265 15.68 -17.07 61.17
C ARG D 265 15.16 -18.17 62.10
N LEU D 266 14.10 -17.89 62.83
CA LEU D 266 13.52 -18.90 63.70
C LEU D 266 12.74 -19.87 62.84
N TYR D 267 12.95 -21.15 63.07
CA TYR D 267 12.22 -22.14 62.30
C TYR D 267 11.50 -22.99 63.34
N PRO D 268 10.48 -23.74 62.93
CA PRO D 268 9.69 -24.47 63.91
C PRO D 268 10.53 -25.46 64.68
N GLY D 269 10.40 -25.45 66.00
CA GLY D 269 11.17 -26.34 66.86
C GLY D 269 12.62 -25.96 67.08
N ILE D 270 13.05 -24.77 66.67
CA ILE D 270 14.44 -24.37 66.85
C ILE D 270 14.81 -24.49 68.34
N PRO D 271 15.89 -25.25 68.67
CA PRO D 271 16.19 -25.48 70.09
C PRO D 271 16.85 -24.31 70.79
N ALA D 272 16.52 -24.18 72.08
CA ALA D 272 17.06 -23.09 72.90
C ALA D 272 18.59 -23.09 72.90
N SER D 273 19.19 -24.28 72.88
CA SER D 273 20.65 -24.39 72.95
C SER D 273 21.30 -23.80 71.71
N LEU D 274 20.65 -23.95 70.58
CA LEU D 274 21.16 -23.38 69.33
C LEU D 274 21.00 -21.89 69.33
N VAL D 275 19.88 -21.40 69.85
CA VAL D 275 19.71 -19.95 70.02
C VAL D 275 20.75 -19.38 71.00
N ARG D 276 21.00 -20.08 72.09
CA ARG D 276 21.98 -19.64 73.06
C ARG D 276 23.32 -19.48 72.40
N ALA D 277 23.73 -20.47 71.62
CA ALA D 277 25.01 -20.46 70.94
C ALA D 277 25.10 -19.31 69.96
N PHE D 278 24.01 -19.06 69.26
CA PHE D 278 23.99 -18.06 68.24
C PHE D 278 24.14 -16.65 68.83
N LEU D 279 23.56 -16.45 70.00
CA LEU D 279 23.56 -15.12 70.62
C LEU D 279 24.75 -14.86 71.58
N GLN D 280 25.76 -15.72 71.61
CA GLN D 280 26.92 -15.50 72.49
C GLN D 280 27.68 -14.22 72.12
N PRO D 281 28.38 -13.62 73.12
CA PRO D 281 29.37 -12.58 72.84
C PRO D 281 30.35 -13.04 71.77
N PRO D 282 30.82 -12.13 70.93
CA PRO D 282 30.63 -10.67 71.07
C PRO D 282 29.42 -10.05 70.33
N LEU D 283 28.38 -10.82 70.01
CA LEU D 283 27.23 -10.28 69.26
C LEU D 283 26.60 -9.12 70.04
N LYS D 284 26.35 -7.99 69.37
CA LYS D 284 25.72 -6.83 69.99
C LYS D 284 24.24 -6.66 69.59
N GLY D 285 23.88 -7.10 68.39
CA GLY D 285 22.50 -6.99 67.90
C GLY D 285 22.11 -8.15 67.02
N VAL D 286 20.82 -8.46 67.00
CA VAL D 286 20.32 -9.48 66.13
C VAL D 286 18.94 -9.10 65.61
N VAL D 287 18.73 -9.37 64.31
CA VAL D 287 17.41 -9.35 63.73
C VAL D 287 16.82 -10.77 63.81
N LEU D 288 15.76 -10.94 64.59
CA LEU D 288 15.06 -12.20 64.65
C LEU D 288 13.98 -12.22 63.60
N GLU D 289 14.00 -13.22 62.73
CA GLU D 289 12.93 -13.36 61.76
C GLU D 289 11.93 -14.36 62.28
N THR D 290 10.73 -13.88 62.58
CA THR D 290 9.69 -14.67 63.24
C THR D 290 8.54 -14.90 62.28
N PHE D 291 7.54 -15.66 62.72
CA PHE D 291 6.45 -16.10 61.85
C PHE D 291 5.35 -15.05 61.79
N GLY D 292 4.69 -14.97 60.65
CA GLY D 292 3.52 -14.11 60.46
C GLY D 292 3.68 -12.69 61.01
N SER D 293 2.77 -12.31 61.90
CA SER D 293 2.75 -10.99 62.53
C SER D 293 3.78 -10.77 63.64
N GLY D 294 4.77 -11.64 63.73
CA GLY D 294 5.86 -11.45 64.66
C GLY D 294 5.89 -12.46 65.80
N ASN D 295 5.45 -13.68 65.55
CA ASN D 295 5.36 -14.68 66.59
C ASN D 295 6.49 -15.66 66.42
N GLY D 296 7.26 -15.84 67.48
CA GLY D 296 8.22 -16.92 67.55
C GLY D 296 7.66 -18.01 68.44
N PRO D 297 8.41 -19.11 68.60
CA PRO D 297 7.95 -20.12 69.54
C PRO D 297 7.96 -19.59 70.96
N SER D 298 7.00 -20.01 71.76
CA SER D 298 6.88 -19.50 73.11
C SER D 298 7.40 -20.50 74.15
N LYS D 299 8.12 -21.54 73.74
CA LYS D 299 8.61 -22.50 74.73
C LYS D 299 9.55 -21.79 75.71
N PRO D 300 9.36 -22.04 77.02
CA PRO D 300 10.05 -21.30 78.04
C PRO D 300 11.57 -21.29 77.92
N ASP D 301 12.18 -22.40 77.51
CA ASP D 301 13.63 -22.41 77.46
C ASP D 301 14.14 -21.45 76.38
N LEU D 302 13.43 -21.34 75.26
CA LEU D 302 13.82 -20.42 74.22
C LEU D 302 13.62 -18.99 74.69
N LEU D 303 12.49 -18.69 75.29
CA LEU D 303 12.25 -17.33 75.78
C LEU D 303 13.29 -16.92 76.82
N GLN D 304 13.68 -17.86 77.66
CA GLN D 304 14.71 -17.61 78.66
C GLN D 304 16.04 -17.20 78.00
N GLU D 305 16.37 -17.80 76.86
CA GLU D 305 17.61 -17.44 76.18
C GLU D 305 17.54 -16.05 75.64
N LEU D 306 16.35 -15.60 75.27
CA LEU D 306 16.18 -14.23 74.78
C LEU D 306 16.26 -13.24 75.93
N ARG D 307 15.69 -13.62 77.07
CA ARG D 307 15.81 -12.83 78.29
C ARG D 307 17.27 -12.68 78.70
N ALA D 308 17.99 -13.80 78.73
CA ALA D 308 19.39 -13.78 79.13
C ALA D 308 20.25 -12.90 78.21
N ALA D 309 19.97 -12.94 76.91
CA ALA D 309 20.73 -12.12 75.98
C ALA D 309 20.42 -10.64 76.19
N ALA D 310 19.14 -10.32 76.39
CA ALA D 310 18.76 -8.96 76.71
C ALA D 310 19.48 -8.47 77.97
N GLN D 311 19.63 -9.34 78.98
CA GLN D 311 20.33 -8.98 80.21
C GLN D 311 21.80 -8.73 79.97
N ARG D 312 22.39 -9.41 79.01
CA ARG D 312 23.77 -9.11 78.59
C ARG D 312 23.87 -7.82 77.78
N GLY D 313 22.74 -7.19 77.44
CA GLY D 313 22.73 -5.95 76.69
C GLY D 313 22.52 -6.11 75.20
N LEU D 314 22.21 -7.31 74.76
CA LEU D 314 21.98 -7.52 73.34
C LEU D 314 20.69 -6.85 72.93
N ILE D 315 20.70 -6.17 71.81
CA ILE D 315 19.45 -5.61 71.25
C ILE D 315 18.90 -6.49 70.13
N MET D 316 17.61 -6.76 70.19
CA MET D 316 16.94 -7.65 69.24
C MET D 316 15.85 -6.86 68.50
N VAL D 317 15.79 -7.03 67.19
CA VAL D 317 14.73 -6.46 66.36
C VAL D 317 13.93 -7.60 65.76
N ASN D 318 12.62 -7.56 65.91
CA ASN D 318 11.72 -8.64 65.41
C ASN D 318 11.13 -8.26 64.05
N CYS D 319 11.52 -9.00 63.03
CA CYS D 319 10.99 -8.84 61.68
C CYS D 319 10.21 -10.07 61.28
N SER D 320 9.25 -9.90 60.38
CA SER D 320 8.50 -11.04 59.87
C SER D 320 9.25 -11.76 58.74
N GLN D 321 9.20 -13.07 58.76
CA GLN D 321 9.61 -13.90 57.61
C GLN D 321 8.76 -13.67 56.35
N CYS D 322 7.52 -13.19 56.51
CA CYS D 322 6.68 -12.94 55.36
C CYS D 322 7.21 -11.80 54.53
N LEU D 323 7.16 -11.96 53.21
CA LEU D 323 7.55 -10.95 52.27
C LEU D 323 6.76 -9.64 52.51
N ARG D 324 5.46 -9.75 52.72
CA ARG D 324 4.57 -8.62 52.85
C ARG D 324 3.89 -8.52 54.23
N GLY D 325 3.64 -7.29 54.68
CA GLY D 325 3.06 -7.03 56.01
C GLY D 325 4.08 -6.76 57.15
N SER D 326 3.55 -6.77 58.37
CA SER D 326 4.10 -6.03 59.48
C SER D 326 4.07 -6.83 60.78
N VAL D 327 5.03 -6.56 61.67
CA VAL D 327 5.07 -7.16 62.99
C VAL D 327 4.24 -6.36 63.97
N THR D 328 3.30 -7.03 64.63
CA THR D 328 2.54 -6.45 65.74
C THR D 328 3.37 -6.61 67.01
N PRO D 329 3.54 -5.53 67.80
CA PRO D 329 4.28 -5.62 69.10
C PRO D 329 3.78 -6.72 70.07
N GLY D 330 4.69 -7.28 70.89
CA GLY D 330 4.27 -8.20 71.95
C GLY D 330 5.09 -9.45 72.21
N TYR D 331 5.63 -10.08 71.16
CA TYR D 331 6.39 -11.32 71.36
C TYR D 331 7.62 -11.11 72.25
N ALA D 332 7.68 -11.91 73.33
CA ALA D 332 8.81 -11.95 74.27
C ALA D 332 9.05 -10.68 75.07
N THR D 333 8.16 -9.71 74.98
CA THR D 333 8.36 -8.42 75.66
C THR D 333 8.30 -8.58 77.18
N SER D 334 7.56 -9.57 77.66
CA SER D 334 7.45 -9.79 79.11
C SER D 334 8.76 -10.40 79.69
N LEU D 335 9.67 -10.89 78.84
CA LEU D 335 10.98 -11.37 79.27
C LEU D 335 12.18 -10.52 78.84
N ALA D 336 12.24 -10.11 77.57
CA ALA D 336 13.35 -9.29 77.07
C ALA D 336 13.12 -7.77 77.25
N GLY D 337 11.93 -7.39 77.72
CA GLY D 337 11.60 -5.99 77.89
C GLY D 337 11.90 -5.18 76.65
N ALA D 338 12.40 -3.97 76.86
CA ALA D 338 12.60 -3.00 75.79
C ALA D 338 13.80 -3.34 74.91
N ASN D 339 14.55 -4.37 75.29
CA ASN D 339 15.64 -4.87 74.43
C ASN D 339 15.16 -5.67 73.21
N ILE D 340 13.85 -5.99 73.15
CA ILE D 340 13.27 -6.51 71.90
C ILE D 340 12.30 -5.53 71.28
N VAL D 341 12.63 -5.10 70.06
CA VAL D 341 11.95 -4.01 69.37
C VAL D 341 11.23 -4.54 68.13
N SER D 342 10.01 -4.07 67.88
CA SER D 342 9.29 -4.45 66.68
C SER D 342 9.90 -3.79 65.46
N GLY D 343 10.14 -4.59 64.43
CA GLY D 343 10.60 -4.06 63.16
C GLY D 343 9.48 -3.61 62.24
N LEU D 344 8.23 -3.67 62.71
CA LEU D 344 7.10 -3.29 61.88
C LEU D 344 7.18 -3.91 60.47
N ASP D 345 7.11 -3.11 59.41
CA ASP D 345 7.06 -3.65 58.07
C ASP D 345 8.45 -3.64 57.39
N MET D 346 9.53 -3.52 58.17
CA MET D 346 10.86 -3.44 57.58
C MET D 346 11.23 -4.73 56.90
N THR D 347 11.92 -4.63 55.76
CA THR D 347 12.66 -5.78 55.26
C THR D 347 13.79 -6.14 56.23
N SER D 348 14.24 -7.36 56.19
CA SER D 348 15.30 -7.82 57.07
C SER D 348 16.62 -7.14 56.73
N GLU D 349 16.79 -6.80 55.45
CA GLU D 349 17.96 -6.07 55.00
C GLU D 349 18.00 -4.68 55.65
N ALA D 350 16.86 -3.99 55.63
CA ALA D 350 16.79 -2.67 56.28
C ALA D 350 16.99 -2.77 57.78
N ALA D 351 16.37 -3.77 58.38
CA ALA D 351 16.48 -3.95 59.81
C ALA D 351 17.95 -4.18 60.25
N LEU D 352 18.68 -5.01 59.51
CA LEU D 352 20.04 -5.32 59.86
C LEU D 352 20.92 -4.09 59.67
N ALA D 353 20.65 -3.31 58.62
CA ALA D 353 21.39 -2.08 58.38
C ALA D 353 21.16 -1.04 59.50
N LYS D 354 19.91 -0.88 59.89
CA LYS D 354 19.54 0.13 60.88
C LYS D 354 20.13 -0.20 62.22
N LEU D 355 20.18 -1.48 62.51
CA LEU D 355 20.70 -1.96 63.76
C LEU D 355 22.21 -1.72 63.83
N SER D 356 22.88 -2.02 62.72
CA SER D 356 24.31 -1.76 62.60
C SER D 356 24.60 -0.25 62.77
N TYR D 357 23.77 0.57 62.14
CA TYR D 357 23.88 2.03 62.22
C TYR D 357 23.67 2.57 63.66
N VAL D 358 22.54 2.20 64.25
CA VAL D 358 22.19 2.65 65.55
C VAL D 358 23.24 2.19 66.57
N LEU D 359 23.69 0.94 66.49
CA LEU D 359 24.68 0.42 67.45
C LEU D 359 26.04 1.05 67.26
N GLY D 360 26.28 1.58 66.08
CA GLY D 360 27.54 2.24 65.82
C GLY D 360 27.58 3.71 66.21
N LEU D 361 26.44 4.31 66.54
CA LEU D 361 26.43 5.70 66.97
C LEU D 361 27.15 5.88 68.33
N PRO D 362 27.96 6.94 68.45
CA PRO D 362 28.73 7.12 69.69
C PRO D 362 27.92 7.71 70.84
N GLU D 363 28.20 7.24 72.04
CA GLU D 363 27.76 7.86 73.29
C GLU D 363 26.26 8.01 73.39
N LEU D 364 25.55 6.89 73.26
CA LEU D 364 24.13 6.87 73.47
C LEU D 364 23.81 5.87 74.54
N SER D 365 22.77 6.14 75.31
CA SER D 365 22.23 5.14 76.22
C SER D 365 21.57 4.00 75.43
N LEU D 366 21.37 2.87 76.08
CA LEU D 366 20.59 1.81 75.53
C LEU D 366 19.17 2.27 75.17
N GLU D 367 18.54 3.09 76.02
CA GLU D 367 17.15 3.51 75.81
C GLU D 367 17.04 4.36 74.55
N ARG D 368 18.06 5.15 74.30
CA ARG D 368 18.11 6.00 73.14
C ARG D 368 18.24 5.18 71.86
N ARG D 369 19.04 4.11 71.93
CA ARG D 369 19.21 3.20 70.80
C ARG D 369 17.87 2.54 70.46
N GLN D 370 17.16 2.08 71.48
CA GLN D 370 15.83 1.53 71.30
C GLN D 370 14.85 2.52 70.69
N GLU D 371 14.91 3.78 71.12
CA GLU D 371 14.05 4.80 70.54
C GLU D 371 14.33 4.96 69.04
N LEU D 372 15.63 4.95 68.69
CA LEU D 372 16.02 5.23 67.32
C LEU D 372 15.61 4.09 66.42
N LEU D 373 15.75 2.86 66.89
CA LEU D 373 15.26 1.70 66.15
C LEU D 373 13.74 1.72 65.85
N ALA D 374 12.97 2.35 66.72
CA ALA D 374 11.53 2.48 66.54
C ALA D 374 11.11 3.65 65.66
N LYS D 375 12.07 4.46 65.19
CA LYS D 375 11.76 5.59 64.31
C LYS D 375 11.99 5.19 62.86
N ASP D 376 11.32 5.89 61.96
CA ASP D 376 11.57 5.78 60.54
C ASP D 376 12.73 6.72 60.17
N LEU D 377 13.95 6.20 60.10
CA LEU D 377 15.10 7.08 59.92
C LEU D 377 15.43 7.42 58.47
N ARG D 378 15.09 6.54 57.54
CA ARG D 378 15.45 6.71 56.12
C ARG D 378 14.32 6.37 55.14
N GLY D 379 13.08 6.26 55.62
CA GLY D 379 11.97 5.86 54.76
C GLY D 379 11.84 4.35 54.66
N GLU D 380 12.55 3.63 55.54
CA GLU D 380 12.53 2.17 55.55
C GLU D 380 11.37 1.50 56.30
N MET D 381 10.63 2.28 57.08
CA MET D 381 9.65 1.73 58.01
C MET D 381 8.41 2.64 58.08
N THR D 382 7.23 2.03 58.01
CA THR D 382 5.98 2.76 58.05
C THR D 382 5.44 2.67 59.46
N LEU D 383 5.28 3.81 60.13
CA LEU D 383 4.71 3.83 61.49
C LEU D 383 3.20 3.80 61.44
N PRO D 384 2.54 3.09 62.37
CA PRO D 384 1.09 2.96 62.30
C PRO D 384 0.33 4.24 62.65
N THR D 385 -0.87 4.37 62.10
CA THR D 385 -1.72 5.53 62.45
C THR D 385 -2.13 5.54 63.93
N SER E 30 24.06 -22.21 -32.37
CA SER E 30 24.75 -21.81 -31.11
C SER E 30 25.23 -20.35 -31.10
N GLU E 31 26.02 -19.98 -32.11
CA GLU E 31 26.80 -18.75 -32.05
C GLU E 31 26.95 -18.09 -33.43
N ARG E 32 26.72 -16.78 -33.54
CA ARG E 32 26.78 -16.08 -34.83
C ARG E 32 27.67 -14.85 -34.73
N HIS E 33 28.55 -14.64 -35.72
CA HIS E 33 29.57 -13.60 -35.62
C HIS E 33 29.35 -12.50 -36.69
N LEU E 34 29.41 -11.24 -36.25
CA LEU E 34 29.17 -10.07 -37.11
C LEU E 34 30.37 -9.18 -37.20
N LEU E 35 30.53 -8.53 -38.35
CA LEU E 35 31.54 -7.49 -38.51
C LEU E 35 30.84 -6.13 -38.52
N LEU E 36 31.23 -5.28 -37.58
CA LEU E 36 30.65 -3.96 -37.43
C LEU E 36 31.60 -2.97 -38.03
N ILE E 37 31.21 -2.40 -39.17
CA ILE E 37 32.05 -1.50 -39.94
C ILE E 37 31.65 -0.07 -39.65
N TYR E 38 32.57 0.69 -39.11
CA TYR E 38 32.30 2.04 -38.73
C TYR E 38 32.96 2.98 -39.74
N THR E 39 32.15 3.63 -40.59
CA THR E 39 32.64 4.50 -41.68
C THR E 39 32.59 5.97 -41.39
N GLY E 40 31.83 6.39 -40.38
CA GLY E 40 31.71 7.81 -40.04
C GLY E 40 30.31 8.15 -39.61
N GLY E 41 30.03 9.43 -39.53
CA GLY E 41 28.76 9.91 -39.06
C GLY E 41 28.66 10.33 -37.59
N THR E 42 27.56 11.01 -37.30
CA THR E 42 27.27 11.56 -35.95
C THR E 42 27.35 10.50 -34.83
N LEU E 43 26.92 9.28 -35.15
CA LEU E 43 26.84 8.22 -34.14
C LEU E 43 28.10 8.13 -33.31
N GLY E 44 29.25 8.19 -33.99
CA GLY E 44 30.49 7.96 -33.29
C GLY E 44 31.19 9.19 -32.75
N MET E 45 30.62 10.37 -32.96
CA MET E 45 31.36 11.62 -32.62
C MET E 45 31.37 12.00 -31.12
N GLN E 46 32.13 13.04 -30.74
CA GLN E 46 32.12 13.58 -29.38
C GLN E 46 31.61 15.01 -29.36
N SER E 47 30.94 15.43 -28.30
CA SER E 47 30.51 16.85 -28.15
C SER E 47 31.58 17.63 -27.39
N GLY E 50 29.81 22.49 -27.36
CA GLY E 50 28.56 22.44 -28.11
C GLY E 50 28.69 22.14 -29.59
N VAL E 51 29.80 21.49 -29.96
CA VAL E 51 30.13 21.19 -31.37
C VAL E 51 30.72 19.78 -31.50
N LEU E 52 30.42 19.09 -32.60
CA LEU E 52 30.81 17.67 -32.76
C LEU E 52 32.21 17.55 -33.40
N VAL E 53 33.10 16.75 -32.75
CA VAL E 53 34.60 16.54 -32.96
C VAL E 53 35.04 15.03 -32.88
N PRO E 54 36.31 14.69 -33.24
CA PRO E 54 36.73 13.26 -33.18
C PRO E 54 36.70 12.60 -31.81
N GLY E 55 36.66 11.27 -31.81
CA GLY E 55 36.71 10.44 -30.57
C GLY E 55 37.88 9.46 -30.40
N PRO E 56 38.02 8.86 -29.19
CA PRO E 56 38.72 7.58 -29.18
C PRO E 56 37.89 6.57 -29.95
N GLY E 57 38.44 5.37 -30.05
CA GLY E 57 37.79 4.26 -30.68
C GLY E 57 36.46 3.81 -30.13
N LEU E 58 35.63 3.41 -31.08
CA LEU E 58 34.27 3.02 -30.75
C LEU E 58 34.32 1.77 -29.89
N VAL E 59 35.16 0.84 -30.26
CA VAL E 59 35.27 -0.42 -29.51
C VAL E 59 35.55 -0.25 -28.02
N THR E 60 36.31 0.77 -27.65
CA THR E 60 36.70 0.96 -26.25
C THR E 60 35.50 1.47 -25.43
N LEU E 61 34.59 2.18 -26.08
CA LEU E 61 33.36 2.61 -25.41
C LEU E 61 32.39 1.43 -25.26
N LEU E 62 32.16 0.71 -26.37
CA LEU E 62 31.18 -0.36 -26.40
C LEU E 62 31.49 -1.45 -25.36
N ARG E 63 32.77 -1.71 -25.13
CA ARG E 63 33.19 -2.68 -24.14
C ARG E 63 32.64 -2.34 -22.74
N THR E 64 32.49 -1.06 -22.43
CA THR E 64 32.06 -0.62 -21.11
C THR E 64 30.56 -0.58 -20.95
N LEU E 65 29.81 -0.96 -21.99
CA LEU E 65 28.35 -0.87 -21.95
C LEU E 65 27.75 -2.26 -21.94
N PRO E 66 27.13 -2.66 -20.81
CA PRO E 66 26.54 -3.97 -20.66
C PRO E 66 25.57 -4.39 -21.76
N MET E 67 24.80 -3.45 -22.27
CA MET E 67 23.89 -3.79 -23.37
C MET E 67 24.65 -4.19 -24.64
N PHE E 68 25.88 -3.72 -24.78
CA PHE E 68 26.70 -4.01 -25.97
C PHE E 68 27.74 -5.09 -25.75
N HIS E 69 28.11 -5.31 -24.49
CA HIS E 69 29.18 -6.25 -24.19
C HIS E 69 28.96 -6.94 -22.83
N ASP E 70 28.80 -8.25 -22.89
CA ASP E 70 28.62 -9.06 -21.70
C ASP E 70 29.96 -9.50 -21.15
N LYS E 71 30.55 -8.73 -20.24
CA LYS E 71 31.88 -9.03 -19.68
C LYS E 71 31.94 -10.44 -19.10
N GLU E 72 30.93 -10.81 -18.33
CA GLU E 72 30.91 -12.08 -17.61
C GLU E 72 31.02 -13.27 -18.56
N PHE E 73 30.28 -13.24 -19.66
CA PHE E 73 30.35 -14.30 -20.67
C PHE E 73 31.69 -14.28 -21.42
N ALA E 74 32.26 -13.08 -21.59
CA ALA E 74 33.54 -12.96 -22.28
C ALA E 74 34.67 -13.64 -21.50
N GLN E 75 34.79 -13.33 -20.21
CA GLN E 75 35.80 -13.98 -19.36
C GLN E 75 35.55 -15.46 -19.20
N ALA E 76 34.30 -15.83 -18.98
CA ALA E 76 33.90 -17.25 -18.88
C ALA E 76 34.11 -18.07 -20.17
N GLN E 77 34.36 -17.43 -21.30
CA GLN E 77 34.67 -18.13 -22.55
C GLN E 77 36.05 -17.80 -23.04
N GLY E 78 36.82 -17.10 -22.21
CA GLY E 78 38.09 -16.51 -22.62
C GLY E 78 38.14 -16.01 -24.06
N LEU E 79 37.21 -15.13 -24.42
CA LEU E 79 37.18 -14.58 -25.78
C LEU E 79 38.30 -13.58 -25.94
N PRO E 80 38.85 -13.49 -27.16
CA PRO E 80 39.83 -12.41 -27.37
C PRO E 80 39.16 -11.07 -27.16
N ASP E 81 39.89 -10.04 -26.77
CA ASP E 81 39.24 -8.78 -26.40
C ASP E 81 39.03 -7.79 -27.56
N HIS E 82 39.16 -8.26 -28.80
CA HIS E 82 38.71 -7.49 -29.96
C HIS E 82 37.25 -7.89 -30.31
N ALA E 83 36.79 -8.98 -29.69
CA ALA E 83 35.47 -9.56 -29.94
C ALA E 83 34.48 -9.25 -28.82
N LEU E 84 33.38 -8.59 -29.16
CA LEU E 84 32.39 -8.22 -28.15
C LEU E 84 31.28 -9.24 -28.24
N ALA E 85 30.54 -9.37 -27.15
CA ALA E 85 29.46 -10.33 -27.03
C ALA E 85 28.21 -9.63 -26.50
N LEU E 86 27.14 -9.68 -27.27
CA LEU E 86 25.90 -9.13 -26.80
C LEU E 86 25.35 -10.04 -25.69
N PRO E 87 24.70 -9.43 -24.68
CA PRO E 87 23.97 -10.27 -23.73
C PRO E 87 22.99 -11.22 -24.43
N PRO E 88 22.51 -12.24 -23.72
CA PRO E 88 21.53 -13.13 -24.34
C PRO E 88 20.23 -12.40 -24.62
N ALA E 89 19.67 -12.63 -25.80
CA ALA E 89 18.37 -12.09 -26.17
C ALA E 89 17.30 -13.10 -25.77
N SER E 90 16.03 -12.78 -26.05
CA SER E 90 14.92 -13.65 -25.71
C SER E 90 15.15 -15.07 -26.26
N HIS E 91 15.25 -15.16 -27.59
CA HIS E 91 15.43 -16.44 -28.27
C HIS E 91 16.75 -16.37 -29.05
N GLY E 92 16.89 -17.22 -30.07
CA GLY E 92 18.01 -17.11 -30.99
C GLY E 92 19.34 -17.59 -30.41
N PRO E 93 20.42 -17.54 -31.23
CA PRO E 93 21.75 -17.89 -30.77
C PRO E 93 22.46 -16.66 -30.22
N ARG E 94 23.63 -16.89 -29.63
CA ARG E 94 24.41 -15.80 -29.07
C ARG E 94 25.12 -14.98 -30.17
N VAL E 95 25.14 -13.65 -30.04
CA VAL E 95 25.71 -12.77 -31.06
C VAL E 95 27.01 -12.16 -30.61
N LEU E 96 28.06 -12.43 -31.37
CA LEU E 96 29.38 -11.87 -31.15
C LEU E 96 29.74 -10.96 -32.32
N TYR E 97 30.53 -9.93 -32.08
CA TYR E 97 30.89 -9.03 -33.16
C TYR E 97 32.26 -8.42 -32.97
N THR E 98 32.86 -8.05 -34.09
CA THR E 98 34.17 -7.42 -34.13
C THR E 98 34.00 -6.03 -34.75
N VAL E 99 34.71 -5.06 -34.22
CA VAL E 99 34.60 -3.70 -34.72
C VAL E 99 35.74 -3.32 -35.64
N LEU E 100 35.40 -2.93 -36.87
CA LEU E 100 36.36 -2.43 -37.83
C LEU E 100 36.11 -0.95 -38.05
N GLU E 101 37.05 -0.13 -37.60
CA GLU E 101 36.95 1.30 -37.72
C GLU E 101 37.75 1.85 -38.93
N CYS E 102 37.06 2.40 -39.92
CA CYS E 102 37.71 2.94 -41.10
C CYS E 102 38.48 4.17 -40.75
N GLN E 103 39.51 4.45 -41.53
CA GLN E 103 40.30 5.65 -41.32
C GLN E 103 40.68 6.17 -42.70
N PRO E 104 40.32 7.40 -43.01
CA PRO E 104 39.65 8.33 -42.12
C PRO E 104 38.14 8.08 -42.02
N LEU E 105 37.54 8.55 -40.94
CA LEU E 105 36.09 8.59 -40.80
C LEU E 105 35.50 9.75 -41.61
N LEU E 106 34.39 9.49 -42.30
CA LEU E 106 33.77 10.48 -43.24
C LEU E 106 32.42 10.99 -42.81
N ASP E 107 32.22 12.30 -42.96
CA ASP E 107 30.86 12.86 -43.01
C ASP E 107 30.22 12.27 -44.25
N SER E 108 28.98 11.81 -44.13
CA SER E 108 28.36 11.09 -45.24
C SER E 108 28.08 11.98 -46.48
N SER E 109 28.05 13.30 -46.30
CA SER E 109 27.94 14.22 -47.43
C SER E 109 29.15 14.20 -48.36
N ASP E 110 30.29 13.70 -47.88
CA ASP E 110 31.51 13.61 -48.68
C ASP E 110 31.68 12.26 -49.34
N MET E 111 30.73 11.34 -49.14
CA MET E 111 30.94 10.02 -49.69
C MET E 111 30.56 9.99 -51.14
N THR E 112 31.23 9.10 -51.87
CA THR E 112 31.05 8.92 -53.29
C THR E 112 31.00 7.44 -53.59
N ILE E 113 30.77 7.16 -54.87
CA ILE E 113 30.70 5.80 -55.36
C ILE E 113 31.95 5.01 -54.96
N ASP E 114 33.11 5.65 -54.98
CA ASP E 114 34.33 4.98 -54.56
C ASP E 114 34.33 4.54 -53.09
N ASP E 115 33.78 5.36 -52.21
CA ASP E 115 33.73 5.00 -50.79
C ASP E 115 32.81 3.82 -50.59
N TRP E 116 31.70 3.81 -51.33
CA TRP E 116 30.77 2.69 -51.21
C TRP E 116 31.35 1.41 -51.81
N ILE E 117 32.06 1.51 -52.93
CA ILE E 117 32.81 0.38 -53.46
C ILE E 117 33.81 -0.16 -52.42
N ARG E 118 34.55 0.72 -51.74
CA ARG E 118 35.45 0.28 -50.67
C ARG E 118 34.70 -0.53 -49.59
N ILE E 119 33.53 -0.06 -49.18
CA ILE E 119 32.78 -0.76 -48.17
C ILE E 119 32.39 -2.11 -48.69
N ALA E 120 31.95 -2.16 -49.95
CA ALA E 120 31.55 -3.43 -50.55
C ALA E 120 32.75 -4.39 -50.60
N LYS E 121 33.94 -3.86 -50.84
CA LYS E 121 35.14 -4.69 -50.88
C LYS E 121 35.57 -5.18 -49.48
N ILE E 122 35.31 -4.41 -48.44
CA ILE E 122 35.53 -4.87 -47.06
C ILE E 122 34.62 -6.06 -46.77
N ILE E 123 33.37 -5.96 -47.15
CA ILE E 123 32.43 -7.05 -46.93
C ILE E 123 32.87 -8.26 -47.70
N GLU E 124 33.25 -8.07 -48.97
CA GLU E 124 33.72 -9.17 -49.82
C GLU E 124 34.89 -9.88 -49.17
N ARG E 125 35.87 -9.12 -48.72
CA ARG E 125 37.10 -9.69 -48.17
C ARG E 125 36.87 -10.51 -46.93
N HIS E 126 35.89 -10.14 -46.12
CA HIS E 126 35.59 -10.86 -44.91
C HIS E 126 34.32 -11.70 -45.01
N TYR E 127 33.82 -11.93 -46.22
CA TYR E 127 32.51 -12.55 -46.38
C TYR E 127 32.36 -13.90 -45.68
N GLU E 128 33.35 -14.77 -45.79
CA GLU E 128 33.20 -16.16 -45.29
C GLU E 128 33.41 -16.24 -43.79
N GLN E 129 34.07 -15.23 -43.21
CA GLN E 129 34.37 -15.25 -41.80
C GLN E 129 33.23 -14.76 -40.92
N TYR E 130 32.21 -14.12 -41.49
CA TYR E 130 31.11 -13.56 -40.67
C TYR E 130 29.74 -13.94 -41.23
N GLN E 131 28.72 -13.96 -40.37
CA GLN E 131 27.37 -14.31 -40.77
C GLN E 131 26.53 -13.09 -41.14
N GLY E 132 27.03 -11.90 -40.81
CA GLY E 132 26.30 -10.67 -41.12
C GLY E 132 27.17 -9.45 -40.90
N PHE E 133 26.68 -8.29 -41.33
CA PHE E 133 27.42 -7.05 -41.31
C PHE E 133 26.54 -5.89 -40.89
N VAL E 134 27.09 -4.99 -40.09
CA VAL E 134 26.41 -3.79 -39.72
C VAL E 134 27.37 -2.67 -40.10
N VAL E 135 26.84 -1.63 -40.74
CA VAL E 135 27.65 -0.52 -41.22
C VAL E 135 27.16 0.78 -40.61
N ILE E 136 27.97 1.38 -39.76
CA ILE E 136 27.61 2.65 -39.19
C ILE E 136 27.96 3.71 -40.22
N HIS E 137 27.00 4.57 -40.52
CA HIS E 137 27.08 5.51 -41.67
C HIS E 137 26.37 6.80 -41.29
N GLY E 138 26.81 7.93 -41.81
CA GLY E 138 26.07 9.19 -41.56
C GLY E 138 24.71 9.16 -42.21
N THR E 139 23.75 9.86 -41.65
CA THR E 139 22.39 9.80 -42.17
C THR E 139 22.18 10.58 -43.48
N ASP E 140 22.96 11.64 -43.68
CA ASP E 140 22.75 12.54 -44.83
C ASP E 140 22.68 11.80 -46.16
N THR E 141 23.57 10.84 -46.41
CA THR E 141 23.55 10.09 -47.69
C THR E 141 23.36 8.61 -47.47
N MET E 142 22.82 8.23 -46.32
CA MET E 142 22.65 6.83 -46.02
C MET E 142 21.79 6.11 -47.04
N ALA E 143 20.75 6.77 -47.52
CA ALA E 143 19.88 6.19 -48.53
C ALA E 143 20.60 5.94 -49.85
N SER E 144 21.47 6.86 -50.23
CA SER E 144 22.30 6.65 -51.40
C SER E 144 23.29 5.51 -51.16
N GLY E 145 23.92 5.47 -50.00
CA GLY E 145 24.85 4.38 -49.69
C GLY E 145 24.18 3.02 -49.71
N ALA E 146 23.04 2.93 -49.06
CA ALA E 146 22.31 1.66 -49.02
C ALA E 146 21.91 1.22 -50.42
N SER E 147 21.46 2.18 -51.22
CA SER E 147 21.04 1.87 -52.57
C SER E 147 22.24 1.38 -53.38
N MET E 148 23.37 2.08 -53.29
CA MET E 148 24.57 1.66 -54.02
C MET E 148 25.04 0.28 -53.60
N LEU E 149 25.16 0.04 -52.30
CA LEU E 149 25.58 -1.27 -51.83
C LEU E 149 24.62 -2.37 -52.26
N SER E 150 23.34 -2.07 -52.29
CA SER E 150 22.33 -3.02 -52.76
C SER E 150 22.67 -3.57 -54.14
N PHE E 151 23.11 -2.68 -55.02
CA PHE E 151 23.43 -3.11 -56.36
C PHE E 151 24.81 -3.71 -56.42
N MET E 152 25.78 -3.11 -55.75
CA MET E 152 27.15 -3.62 -55.79
C MET E 152 27.27 -5.06 -55.29
N LEU E 153 26.47 -5.45 -54.29
CA LEU E 153 26.54 -6.79 -53.71
C LEU E 153 25.55 -7.76 -54.35
N GLU E 154 25.87 -8.17 -55.57
CA GLU E 154 25.01 -9.12 -56.30
C GLU E 154 25.00 -10.51 -55.65
N ASN E 155 23.82 -11.11 -55.56
CA ASN E 155 23.63 -12.41 -54.93
C ASN E 155 23.95 -12.46 -53.44
N LEU E 156 23.83 -11.32 -52.77
CA LEU E 156 24.05 -11.24 -51.35
C LEU E 156 23.25 -12.31 -50.59
N HIS E 157 23.91 -13.01 -49.68
CA HIS E 157 23.29 -14.11 -48.94
C HIS E 157 23.08 -13.77 -47.49
N LYS E 158 23.63 -12.63 -47.05
CA LYS E 158 23.70 -12.28 -45.62
C LYS E 158 23.29 -10.84 -45.37
N PRO E 159 22.78 -10.55 -44.18
CA PRO E 159 22.29 -9.20 -43.91
C PRO E 159 23.42 -8.19 -43.82
N VAL E 160 23.23 -7.07 -44.50
CA VAL E 160 24.09 -5.91 -44.41
C VAL E 160 23.19 -4.77 -43.95
N ILE E 161 23.29 -4.43 -42.67
CA ILE E 161 22.40 -3.47 -42.08
C ILE E 161 23.12 -2.16 -41.83
N LEU E 162 22.71 -1.11 -42.54
CA LEU E 162 23.20 0.23 -42.25
C LEU E 162 22.44 0.83 -41.08
N THR E 163 23.13 1.61 -40.27
CA THR E 163 22.48 2.36 -39.24
C THR E 163 23.28 3.58 -38.89
N GLY E 164 22.67 4.46 -38.11
CA GLY E 164 23.27 5.73 -37.75
C GLY E 164 22.43 6.39 -36.70
N ALA E 165 22.65 7.68 -36.45
CA ALA E 165 21.92 8.38 -35.41
C ALA E 165 21.91 9.88 -35.62
N GLN E 166 20.87 10.56 -35.15
CA GLN E 166 20.84 12.01 -35.16
C GLN E 166 21.74 12.56 -34.05
N VAL E 167 22.01 11.77 -33.00
CA VAL E 167 22.77 12.23 -31.82
C VAL E 167 23.85 11.19 -31.47
N PRO E 168 25.06 11.65 -31.12
CA PRO E 168 26.12 10.69 -30.88
C PRO E 168 25.86 9.77 -29.70
N ILE E 169 26.34 8.54 -29.78
CA ILE E 169 26.19 7.55 -28.72
C ILE E 169 26.85 7.99 -27.41
N ARG E 170 27.83 8.86 -27.49
CA ARG E 170 28.47 9.40 -26.29
C ARG E 170 27.68 10.50 -25.59
N VAL E 171 26.69 11.09 -26.26
CA VAL E 171 25.80 12.04 -25.59
C VAL E 171 24.70 11.20 -24.88
N LEU E 172 24.36 11.59 -23.66
CA LEU E 172 23.55 10.73 -22.78
C LEU E 172 22.21 10.39 -23.40
N TRP E 173 21.51 11.44 -23.82
CA TRP E 173 20.23 11.28 -24.44
C TRP E 173 20.39 11.16 -25.96
N ASN E 174 20.29 9.94 -26.47
CA ASN E 174 20.51 9.72 -27.88
C ASN E 174 19.69 8.60 -28.47
N ASP E 175 19.71 8.53 -29.79
CA ASP E 175 19.00 7.48 -30.53
C ASP E 175 19.97 6.39 -31.00
N ALA E 176 21.25 6.62 -30.78
CA ALA E 176 22.28 5.73 -31.28
C ALA E 176 22.30 4.36 -30.59
N ARG E 177 22.12 4.32 -29.29
CA ARG E 177 22.21 3.07 -28.56
C ARG E 177 21.22 2.06 -29.16
N GLU E 178 19.95 2.46 -29.27
CA GLU E 178 18.95 1.53 -29.72
C GLU E 178 19.07 1.25 -31.22
N ASN E 179 19.50 2.22 -32.00
CA ASN E 179 19.71 1.95 -33.42
C ASN E 179 20.81 0.92 -33.61
N LEU E 180 21.94 1.11 -32.92
CA LEU E 180 23.08 0.22 -33.11
C LEU E 180 22.76 -1.18 -32.59
N LEU E 181 22.16 -1.25 -31.42
CA LEU E 181 21.80 -2.56 -30.87
C LEU E 181 20.81 -3.28 -31.77
N GLY E 182 19.82 -2.57 -32.25
CA GLY E 182 18.81 -3.19 -33.11
C GLY E 182 19.40 -3.73 -34.38
N ALA E 183 20.31 -2.98 -34.99
CA ALA E 183 20.96 -3.44 -36.20
C ALA E 183 21.77 -4.72 -35.95
N LEU E 184 22.51 -4.74 -34.86
CA LEU E 184 23.27 -5.95 -34.50
C LEU E 184 22.35 -7.14 -34.27
N LEU E 185 21.26 -6.94 -33.52
CA LEU E 185 20.36 -8.04 -33.22
C LEU E 185 19.71 -8.56 -34.45
N VAL E 186 19.33 -7.66 -35.34
CA VAL E 186 18.68 -8.08 -36.57
C VAL E 186 19.66 -8.87 -37.42
N ALA E 187 20.85 -8.32 -37.62
CA ALA E 187 21.86 -9.00 -38.45
C ALA E 187 22.31 -10.32 -37.80
N GLY E 188 22.34 -10.34 -36.48
CA GLY E 188 22.74 -11.52 -35.75
C GLY E 188 21.72 -12.64 -35.70
N GLN E 189 20.45 -12.32 -35.81
CA GLN E 189 19.43 -13.32 -35.55
C GLN E 189 18.61 -13.73 -36.75
N TYR E 190 18.66 -12.99 -37.84
CA TYR E 190 17.74 -13.27 -38.93
C TYR E 190 18.51 -13.34 -40.20
N ILE E 191 18.05 -14.20 -41.09
CA ILE E 191 18.69 -14.34 -42.37
C ILE E 191 17.84 -13.56 -43.35
N ILE E 192 18.17 -12.28 -43.44
CA ILE E 192 17.57 -11.36 -44.38
C ILE E 192 18.70 -10.97 -45.30
N PRO E 193 18.73 -11.54 -46.50
CA PRO E 193 19.84 -11.36 -47.42
C PRO E 193 19.77 -10.09 -48.26
N GLU E 194 19.73 -8.95 -47.61
CA GLU E 194 19.53 -7.67 -48.28
C GLU E 194 20.33 -6.60 -47.60
N VAL E 195 20.63 -5.54 -48.35
CA VAL E 195 21.17 -4.32 -47.74
C VAL E 195 19.98 -3.55 -47.17
N CYS E 196 19.97 -3.36 -45.86
CA CYS E 196 18.87 -2.74 -45.14
C CYS E 196 19.31 -1.49 -44.41
N LEU E 197 18.31 -0.76 -43.91
CA LEU E 197 18.55 0.37 -43.05
C LEU E 197 17.74 0.15 -41.79
N PHE E 198 18.39 0.17 -40.64
CA PHE E 198 17.68 0.05 -39.37
C PHE E 198 17.73 1.36 -38.62
N MET E 199 16.56 1.95 -38.35
CA MET E 199 16.43 3.17 -37.51
C MET E 199 15.10 3.20 -36.79
N ASN E 200 15.11 3.61 -35.53
CA ASN E 200 13.88 3.90 -34.80
C ASN E 200 12.93 2.70 -34.83
N SER E 201 13.48 1.54 -34.49
CA SER E 201 12.74 0.29 -34.38
C SER E 201 12.20 -0.29 -35.69
N GLN E 202 12.69 0.18 -36.84
CA GLN E 202 12.19 -0.26 -38.14
C GLN E 202 13.33 -0.71 -39.03
N LEU E 203 13.13 -1.82 -39.72
CA LEU E 203 14.08 -2.27 -40.73
C LEU E 203 13.50 -2.02 -42.09
N PHE E 204 14.17 -1.19 -42.88
CA PHE E 204 13.69 -0.86 -44.23
C PHE E 204 14.55 -1.53 -45.28
N ARG E 205 13.99 -1.80 -46.44
CA ARG E 205 14.80 -2.18 -47.56
C ARG E 205 15.65 -0.97 -47.97
N GLY E 206 16.95 -1.17 -48.07
CA GLY E 206 17.88 -0.09 -48.28
C GLY E 206 17.60 0.73 -49.52
N ASN E 207 17.31 0.06 -50.63
CA ASN E 207 17.07 0.75 -51.86
C ASN E 207 15.63 1.32 -51.97
N ARG E 208 14.87 1.28 -50.88
CA ARG E 208 13.54 1.85 -50.86
C ARG E 208 13.42 3.09 -49.95
N VAL E 209 14.49 3.45 -49.24
CA VAL E 209 14.40 4.52 -48.24
C VAL E 209 14.82 5.86 -48.76
N THR E 210 14.33 6.89 -48.09
CA THR E 210 14.82 8.24 -48.29
C THR E 210 14.71 8.99 -46.99
N LYS E 211 15.56 9.99 -46.84
CA LYS E 211 15.61 10.77 -45.59
C LYS E 211 14.57 11.87 -45.68
N VAL E 212 13.61 11.85 -44.76
CA VAL E 212 12.51 12.82 -44.78
C VAL E 212 12.57 13.88 -43.69
N ASP E 213 13.35 13.67 -42.64
CA ASP E 213 13.41 14.61 -41.54
C ASP E 213 14.84 14.81 -41.09
N SER E 214 15.26 16.06 -41.06
CA SER E 214 16.62 16.38 -40.64
C SER E 214 16.84 16.50 -39.12
N GLN E 215 15.78 16.38 -38.29
CA GLN E 215 15.90 16.58 -36.84
C GLN E 215 15.32 15.43 -36.00
N LYS E 216 14.19 14.87 -36.40
CA LYS E 216 13.56 13.80 -35.62
C LYS E 216 14.30 12.46 -35.70
N PHE E 217 14.08 11.62 -34.70
CA PHE E 217 14.67 10.30 -34.65
C PHE E 217 14.08 9.41 -35.73
N GLU E 218 12.80 9.62 -36.06
CA GLU E 218 12.24 9.01 -37.25
C GLU E 218 12.69 9.84 -38.45
N ALA E 219 13.91 9.60 -38.90
CA ALA E 219 14.51 10.37 -39.95
C ALA E 219 14.20 9.85 -41.36
N PHE E 220 13.86 8.58 -41.48
CA PHE E 220 13.72 7.93 -42.78
C PHE E 220 12.35 7.36 -43.01
N CYS E 221 12.03 7.22 -44.28
CA CYS E 221 10.75 6.74 -44.74
C CYS E 221 11.01 5.82 -45.91
N SER E 222 10.22 4.75 -46.00
CA SER E 222 10.20 3.87 -47.17
C SER E 222 8.84 4.12 -47.81
N PRO E 223 8.76 5.13 -48.70
CA PRO E 223 7.43 5.61 -49.08
C PRO E 223 6.57 4.63 -49.88
N ASN E 224 7.19 3.76 -50.66
CA ASN E 224 6.44 2.86 -51.53
C ASN E 224 6.63 1.38 -51.22
N LEU E 225 7.08 1.08 -50.01
CA LEU E 225 7.18 -0.30 -49.57
C LEU E 225 7.10 -0.34 -48.08
N SER E 226 6.42 -1.34 -47.56
CA SER E 226 6.43 -1.57 -46.13
C SER E 226 7.85 -1.80 -45.65
N PRO E 227 8.10 -1.51 -44.38
CA PRO E 227 9.29 -2.00 -43.75
C PRO E 227 9.42 -3.50 -43.88
N LEU E 228 10.64 -3.99 -43.97
CA LEU E 228 10.91 -5.43 -43.93
C LEU E 228 10.70 -5.98 -42.54
N ALA E 229 10.88 -5.13 -41.52
CA ALA E 229 10.64 -5.57 -40.17
C ALA E 229 10.33 -4.44 -39.24
N THR E 230 9.62 -4.78 -38.18
CA THR E 230 9.28 -3.86 -37.12
C THR E 230 9.63 -4.52 -35.81
N VAL E 231 10.09 -3.70 -34.90
CA VAL E 231 10.51 -4.15 -33.59
C VAL E 231 9.66 -3.50 -32.51
N GLY E 232 9.08 -4.34 -31.67
CA GLY E 232 8.25 -3.89 -30.56
C GLY E 232 8.42 -4.92 -29.48
N ALA E 233 7.37 -5.15 -28.71
CA ALA E 233 7.33 -6.30 -27.79
C ALA E 233 7.73 -7.57 -28.53
N ASP E 234 7.26 -7.69 -29.78
CA ASP E 234 7.67 -8.73 -30.70
C ASP E 234 8.37 -8.18 -31.90
N VAL E 235 9.11 -9.05 -32.58
CA VAL E 235 9.73 -8.74 -33.83
C VAL E 235 8.86 -9.29 -34.96
N THR E 236 8.36 -8.41 -35.80
CA THR E 236 7.53 -8.80 -36.93
C THR E 236 8.32 -8.63 -38.21
N ILE E 237 8.40 -9.69 -39.01
CA ILE E 237 9.12 -9.64 -40.26
C ILE E 237 8.22 -9.94 -41.45
N ALA E 238 8.26 -9.06 -42.45
CA ALA E 238 7.52 -9.26 -43.67
C ALA E 238 8.23 -10.26 -44.58
N TRP E 239 8.15 -11.54 -44.23
CA TRP E 239 8.82 -12.60 -45.02
C TRP E 239 8.29 -12.69 -46.44
N ASP E 240 7.04 -12.28 -46.63
CA ASP E 240 6.48 -12.18 -47.98
C ASP E 240 7.27 -11.22 -48.91
N LEU E 241 7.93 -10.22 -48.34
CA LEU E 241 8.70 -9.25 -49.13
C LEU E 241 10.17 -9.59 -49.21
N VAL E 242 10.70 -10.15 -48.12
CA VAL E 242 12.14 -10.40 -48.03
C VAL E 242 12.58 -11.27 -49.19
N ARG E 243 13.68 -10.89 -49.82
CA ARG E 243 14.17 -11.63 -50.97
C ARG E 243 14.78 -12.99 -50.61
N LYS E 244 14.86 -13.87 -51.62
CA LYS E 244 15.24 -15.27 -51.43
C LYS E 244 16.74 -15.48 -51.57
N VAL E 245 17.33 -16.19 -50.61
CA VAL E 245 18.76 -16.53 -50.65
C VAL E 245 18.98 -17.52 -51.81
N LYS E 246 19.83 -17.16 -52.75
CA LYS E 246 20.21 -18.10 -53.83
C LYS E 246 21.55 -18.73 -53.47
N TRP E 247 21.46 -19.84 -52.74
CA TRP E 247 22.64 -20.43 -52.12
C TRP E 247 23.67 -20.93 -53.11
N LYS E 248 23.20 -21.31 -54.29
CA LYS E 248 24.04 -21.87 -55.34
C LYS E 248 24.99 -20.83 -55.93
N ASP E 249 24.51 -19.61 -56.11
CA ASP E 249 25.27 -18.55 -56.79
C ASP E 249 26.21 -17.79 -55.85
N PRO E 250 27.44 -17.51 -56.29
CA PRO E 250 28.35 -16.87 -55.37
C PRO E 250 28.14 -15.35 -55.37
N LEU E 251 28.61 -14.71 -54.32
CA LEU E 251 28.61 -13.26 -54.24
C LEU E 251 29.44 -12.70 -55.36
N VAL E 252 28.91 -11.70 -56.06
CA VAL E 252 29.66 -10.99 -57.08
C VAL E 252 29.60 -9.51 -56.75
N VAL E 253 30.76 -8.91 -56.55
CA VAL E 253 30.84 -7.55 -56.13
C VAL E 253 31.19 -6.66 -57.29
N HIS E 254 30.32 -5.71 -57.61
CA HIS E 254 30.48 -4.87 -58.79
C HIS E 254 31.27 -3.63 -58.48
N SER E 255 32.57 -3.69 -58.71
CA SER E 255 33.45 -2.54 -58.62
C SER E 255 33.33 -1.68 -59.86
N ASN E 256 32.75 -2.26 -60.91
CA ASN E 256 32.53 -1.60 -62.19
C ASN E 256 31.21 -0.84 -62.17
N MET E 257 31.21 0.32 -61.54
CA MET E 257 30.01 1.14 -61.43
C MET E 257 30.33 2.37 -62.21
N GLU E 258 29.44 2.76 -63.13
CA GLU E 258 29.69 3.94 -63.93
C GLU E 258 29.64 5.18 -63.04
N HIS E 259 30.69 5.97 -63.11
CA HIS E 259 30.84 7.18 -62.30
C HIS E 259 30.15 8.39 -62.94
N ASP E 260 30.09 8.44 -64.26
CA ASP E 260 29.51 9.59 -64.97
C ASP E 260 27.98 9.44 -65.12
N VAL E 261 27.30 9.40 -63.96
CA VAL E 261 25.86 9.48 -63.87
C VAL E 261 25.54 10.67 -62.95
N ALA E 262 24.42 11.33 -63.23
CA ALA E 262 24.02 12.49 -62.47
C ALA E 262 22.54 12.45 -62.20
N LEU E 263 22.12 13.36 -61.31
CA LEU E 263 20.72 13.58 -61.01
C LEU E 263 20.38 15.01 -61.35
N LEU E 264 19.26 15.23 -62.02
CA LEU E 264 18.86 16.60 -62.45
C LEU E 264 17.43 16.85 -62.09
N ARG E 265 17.20 17.83 -61.23
CA ARG E 265 15.85 18.14 -60.81
C ARG E 265 15.28 19.23 -61.72
N LEU E 266 14.23 18.89 -62.47
CA LEU E 266 13.59 19.88 -63.36
C LEU E 266 12.75 20.78 -62.49
N TYR E 267 12.88 22.07 -62.69
CA TYR E 267 12.08 22.99 -61.93
C TYR E 267 11.31 23.77 -62.98
N PRO E 268 10.21 24.40 -62.59
CA PRO E 268 9.46 25.17 -63.57
C PRO E 268 10.29 26.20 -64.31
N GLY E 269 10.17 26.20 -65.62
CA GLY E 269 10.87 27.18 -66.45
C GLY E 269 12.34 26.90 -66.69
N ILE E 270 12.83 25.72 -66.29
CA ILE E 270 14.25 25.42 -66.42
C ILE E 270 14.65 25.60 -67.90
N PRO E 271 15.66 26.41 -68.20
CA PRO E 271 15.98 26.68 -69.62
C PRO E 271 16.70 25.55 -70.33
N ALA E 272 16.41 25.41 -71.61
CA ALA E 272 17.03 24.42 -72.45
C ALA E 272 18.57 24.52 -72.44
N SER E 273 19.09 25.73 -72.40
CA SER E 273 20.52 25.93 -72.44
C SER E 273 21.20 25.36 -71.18
N LEU E 274 20.53 25.45 -70.05
CA LEU E 274 21.04 24.89 -68.83
C LEU E 274 20.99 23.37 -68.88
N VAL E 275 19.90 22.82 -69.40
CA VAL E 275 19.80 21.38 -69.56
C VAL E 275 20.88 20.89 -70.53
N ARG E 276 21.11 21.63 -71.62
CA ARG E 276 22.14 21.27 -72.59
C ARG E 276 23.49 21.19 -71.91
N ALA E 277 23.81 22.21 -71.12
CA ALA E 277 25.10 22.26 -70.41
C ALA E 277 25.25 21.11 -69.43
N PHE E 278 24.17 20.79 -68.73
CA PHE E 278 24.19 19.74 -67.73
C PHE E 278 24.41 18.37 -68.35
N LEU E 279 23.86 18.14 -69.54
CA LEU E 279 23.95 16.83 -70.19
C LEU E 279 25.14 16.67 -71.15
N GLN E 280 26.12 17.59 -71.14
CA GLN E 280 27.30 17.44 -72.00
C GLN E 280 28.15 16.22 -71.64
N PRO E 281 28.91 15.69 -72.64
CA PRO E 281 29.94 14.69 -72.35
C PRO E 281 30.87 15.18 -71.25
N PRO E 282 31.36 14.28 -70.40
CA PRO E 282 31.28 12.83 -70.58
C PRO E 282 30.09 12.12 -69.87
N LEU E 283 29.00 12.81 -69.57
CA LEU E 283 27.89 12.20 -68.85
C LEU E 283 27.32 11.02 -69.64
N LYS E 284 27.10 9.89 -68.98
CA LYS E 284 26.57 8.69 -69.64
C LYS E 284 25.12 8.42 -69.27
N GLY E 285 24.73 8.82 -68.07
CA GLY E 285 23.36 8.60 -67.60
C GLY E 285 22.88 9.70 -66.68
N VAL E 286 21.57 9.92 -66.66
CA VAL E 286 20.98 10.91 -65.78
C VAL E 286 19.63 10.45 -65.29
N VAL E 287 19.40 10.69 -64.00
CA VAL E 287 18.06 10.58 -63.44
C VAL E 287 17.39 11.95 -63.49
N LEU E 288 16.32 12.07 -64.27
CA LEU E 288 15.56 13.31 -64.35
C LEU E 288 14.48 13.23 -63.32
N GLU E 289 14.41 14.21 -62.43
CA GLU E 289 13.32 14.27 -61.48
C GLU E 289 12.27 15.22 -62.02
N THR E 290 11.10 14.67 -62.32
CA THR E 290 10.05 15.42 -62.98
C THR E 290 8.87 15.62 -62.02
N PHE E 291 7.83 16.29 -62.49
CA PHE E 291 6.69 16.62 -61.64
C PHE E 291 5.65 15.50 -61.60
N GLY E 292 4.97 15.35 -60.47
CA GLY E 292 3.86 14.42 -60.32
C GLY E 292 4.11 13.03 -60.88
N SER E 293 3.23 12.62 -61.79
CA SER E 293 3.29 11.30 -62.44
C SER E 293 4.35 11.18 -63.52
N GLY E 294 5.29 12.11 -63.58
CA GLY E 294 6.40 11.99 -64.50
C GLY E 294 6.40 13.00 -65.62
N ASN E 295 5.90 14.21 -65.35
CA ASN E 295 5.74 15.23 -66.37
C ASN E 295 6.79 16.27 -66.20
N GLY E 296 7.56 16.52 -67.24
CA GLY E 296 8.47 17.65 -67.30
C GLY E 296 7.88 18.70 -68.18
N PRO E 297 8.57 19.84 -68.33
CA PRO E 297 8.06 20.83 -69.24
C PRO E 297 8.10 20.31 -70.66
N SER E 298 7.12 20.70 -71.47
CA SER E 298 7.07 20.23 -72.84
C SER E 298 7.55 21.27 -73.84
N LYS E 299 8.20 22.35 -73.41
CA LYS E 299 8.65 23.34 -74.38
C LYS E 299 9.65 22.70 -75.37
N PRO E 300 9.48 23.00 -76.67
CA PRO E 300 10.23 22.29 -77.72
C PRO E 300 11.72 22.36 -77.58
N ASP E 301 12.25 23.51 -77.16
CA ASP E 301 13.71 23.59 -77.06
C ASP E 301 14.26 22.66 -75.99
N LEU E 302 13.54 22.50 -74.88
CA LEU E 302 13.97 21.58 -73.84
C LEU E 302 13.87 20.14 -74.35
N LEU E 303 12.75 19.77 -74.97
CA LEU E 303 12.59 18.40 -75.47
C LEU E 303 13.67 18.08 -76.50
N GLN E 304 14.03 19.06 -77.31
CA GLN E 304 15.08 18.89 -78.30
C GLN E 304 16.42 18.55 -77.63
N GLU E 305 16.72 19.17 -76.50
CA GLU E 305 17.96 18.87 -75.80
C GLU E 305 17.96 17.47 -75.26
N LEU E 306 16.78 16.96 -74.90
CA LEU E 306 16.70 15.58 -74.45
C LEU E 306 16.87 14.61 -75.62
N ARG E 307 16.29 14.97 -76.77
CA ARG E 307 16.45 14.18 -77.98
C ARG E 307 17.91 14.11 -78.37
N ALA E 308 18.58 15.25 -78.37
CA ALA E 308 19.96 15.35 -78.75
C ALA E 308 20.86 14.52 -77.84
N ALA E 309 20.56 14.51 -76.54
CA ALA E 309 21.35 13.73 -75.59
C ALA E 309 21.14 12.25 -75.83
N ALA E 310 19.89 11.86 -76.07
CA ALA E 310 19.58 10.48 -76.42
C ALA E 310 20.34 10.04 -77.68
N GLN E 311 20.44 10.92 -78.67
CA GLN E 311 21.21 10.63 -79.89
C GLN E 311 22.70 10.47 -79.62
N ARG E 312 23.23 11.16 -78.62
CA ARG E 312 24.62 10.96 -78.19
C ARG E 312 24.80 9.65 -77.41
N GLY E 313 23.71 8.96 -77.14
CA GLY E 313 23.75 7.70 -76.40
C GLY E 313 23.52 7.84 -74.90
N LEU E 314 23.12 9.03 -74.44
CA LEU E 314 22.83 9.21 -73.03
C LEU E 314 21.58 8.45 -72.65
N ILE E 315 21.62 7.73 -71.53
CA ILE E 315 20.43 7.10 -71.02
C ILE E 315 19.80 7.92 -69.88
N MET E 316 18.48 8.10 -69.94
CA MET E 316 17.75 8.92 -69.00
C MET E 316 16.73 8.07 -68.29
N VAL E 317 16.65 8.22 -66.99
CA VAL E 317 15.59 7.59 -66.18
C VAL E 317 14.72 8.68 -65.57
N ASN E 318 13.41 8.53 -65.71
CA ASN E 318 12.46 9.51 -65.21
C ASN E 318 11.90 9.07 -63.85
N CYS E 319 12.23 9.82 -62.81
CA CYS E 319 11.67 9.63 -61.47
C CYS E 319 10.82 10.82 -61.06
N SER E 320 9.87 10.58 -60.19
CA SER E 320 9.01 11.65 -59.67
C SER E 320 9.69 12.39 -58.51
N GLN E 321 9.55 13.71 -58.53
CA GLN E 321 9.89 14.54 -57.36
C GLN E 321 9.04 14.25 -56.13
N CYS E 322 7.86 13.70 -56.32
CA CYS E 322 7.01 13.36 -55.19
C CYS E 322 7.60 12.22 -54.37
N LEU E 323 7.53 12.39 -53.06
CA LEU E 323 7.97 11.37 -52.11
C LEU E 323 7.25 10.02 -52.37
N ARG E 324 5.94 10.05 -52.61
CA ARG E 324 5.13 8.85 -52.78
C ARG E 324 4.50 8.74 -54.18
N GLY E 325 4.32 7.50 -54.65
CA GLY E 325 3.77 7.23 -56.00
C GLY E 325 4.77 6.98 -57.12
N SER E 326 4.24 6.86 -58.35
CA SER E 326 4.91 6.19 -59.49
C SER E 326 4.83 7.08 -60.77
N VAL E 327 5.84 6.94 -61.61
CA VAL E 327 5.86 7.59 -62.91
C VAL E 327 5.08 6.75 -63.91
N THR E 328 4.08 7.37 -64.55
CA THR E 328 3.39 6.77 -65.70
C THR E 328 4.23 7.02 -66.95
N PRO E 329 4.51 5.96 -67.75
CA PRO E 329 5.24 6.12 -69.03
C PRO E 329 4.69 7.21 -70.01
N GLY E 330 5.57 7.84 -70.78
CA GLY E 330 5.12 8.74 -71.86
C GLY E 330 5.86 10.04 -72.08
N TYR E 331 6.35 10.68 -71.02
CA TYR E 331 7.03 11.97 -71.19
C TYR E 331 8.27 11.86 -72.07
N ALA E 332 8.30 12.68 -73.13
CA ALA E 332 9.44 12.82 -74.04
C ALA E 332 9.76 11.58 -74.88
N THR E 333 8.92 10.55 -74.82
CA THR E 333 9.22 9.29 -75.49
C THR E 333 9.17 9.47 -77.01
N SER E 334 8.37 10.43 -77.50
CA SER E 334 8.26 10.68 -78.93
C SER E 334 9.54 11.37 -79.50
N LEU E 335 10.41 11.89 -78.62
CA LEU E 335 11.70 12.44 -79.04
C LEU E 335 12.95 11.63 -78.62
N ALA E 336 13.00 11.20 -77.35
CA ALA E 336 14.16 10.45 -76.83
C ALA E 336 14.03 8.93 -77.02
N GLY E 337 12.87 8.50 -77.52
CA GLY E 337 12.61 7.08 -77.74
C GLY E 337 12.91 6.26 -76.50
N ALA E 338 13.48 5.08 -76.73
CA ALA E 338 13.75 4.12 -75.67
C ALA E 338 14.93 4.53 -74.77
N ASN E 339 15.64 5.62 -75.11
CA ASN E 339 16.68 6.18 -74.24
C ASN E 339 16.13 6.90 -73.00
N ILE E 340 14.82 7.15 -72.94
CA ILE E 340 14.20 7.62 -71.71
C ILE E 340 13.27 6.58 -71.10
N VAL E 341 13.61 6.15 -69.90
CA VAL E 341 12.99 5.00 -69.24
C VAL E 341 12.23 5.45 -68.00
N SER E 342 11.05 4.91 -67.77
CA SER E 342 10.28 5.23 -66.60
C SER E 342 10.89 4.58 -65.35
N GLY E 343 11.08 5.36 -64.29
CA GLY E 343 11.58 4.86 -63.04
C GLY E 343 10.48 4.32 -62.14
N LEU E 344 9.25 4.31 -62.62
CA LEU E 344 8.10 3.87 -61.83
C LEU E 344 8.13 4.46 -60.42
N ASP E 345 8.11 3.64 -59.38
CA ASP E 345 8.01 4.13 -58.03
C ASP E 345 9.37 4.17 -57.34
N MET E 346 10.46 4.13 -58.09
CA MET E 346 11.78 4.15 -57.47
C MET E 346 12.07 5.46 -56.77
N THR E 347 12.76 5.39 -55.64
CA THR E 347 13.43 6.56 -55.12
C THR E 347 14.53 7.01 -56.08
N SER E 348 14.91 8.27 -55.99
CA SER E 348 15.97 8.79 -56.85
C SER E 348 17.31 8.19 -56.49
N GLU E 349 17.49 7.87 -55.21
CA GLU E 349 18.70 7.21 -54.73
C GLU E 349 18.85 5.83 -55.42
N ALA E 350 17.75 5.07 -55.44
CA ALA E 350 17.76 3.77 -56.11
C ALA E 350 18.00 3.91 -57.59
N ALA E 351 17.35 4.90 -58.19
CA ALA E 351 17.46 5.09 -59.62
C ALA E 351 18.88 5.39 -60.03
N LEU E 352 19.53 6.26 -59.27
CA LEU E 352 20.89 6.65 -59.60
C LEU E 352 21.87 5.46 -59.42
N ALA E 353 21.63 4.66 -58.40
CA ALA E 353 22.44 3.47 -58.15
C ALA E 353 22.29 2.42 -59.26
N LYS E 354 21.05 2.19 -59.67
CA LYS E 354 20.76 1.21 -60.71
C LYS E 354 21.35 1.61 -62.04
N LEU E 355 21.33 2.90 -62.31
CA LEU E 355 21.81 3.43 -63.53
C LEU E 355 23.33 3.32 -63.59
N SER E 356 23.99 3.63 -62.49
CA SER E 356 25.42 3.41 -62.34
C SER E 356 25.81 1.93 -62.51
N TYR E 357 25.04 1.05 -61.92
CA TYR E 357 25.24 -0.39 -62.03
C TYR E 357 25.07 -0.91 -63.46
N VAL E 358 23.93 -0.61 -64.06
CA VAL E 358 23.62 -1.05 -65.41
C VAL E 358 24.61 -0.48 -66.43
N LEU E 359 24.97 0.80 -66.33
CA LEU E 359 25.95 1.39 -67.26
C LEU E 359 27.35 0.85 -67.06
N GLY E 360 27.62 0.32 -65.88
CA GLY E 360 28.92 -0.25 -65.61
C GLY E 360 29.09 -1.69 -66.09
N LEU E 361 27.99 -2.36 -66.43
CA LEU E 361 28.07 -3.75 -66.92
C LEU E 361 28.80 -3.82 -68.28
N PRO E 362 29.71 -4.80 -68.45
CA PRO E 362 30.51 -4.81 -69.69
C PRO E 362 29.74 -5.41 -70.86
N GLU E 363 29.99 -4.85 -72.05
CA GLU E 363 29.63 -5.47 -73.34
C GLU E 363 28.14 -5.76 -73.45
N LEU E 364 27.33 -4.73 -73.24
CA LEU E 364 25.89 -4.85 -73.44
C LEU E 364 25.48 -3.85 -74.47
N SER E 365 24.48 -4.21 -75.27
CA SER E 365 23.87 -3.27 -76.18
C SER E 365 23.12 -2.24 -75.38
N LEU E 366 22.84 -1.12 -76.03
CA LEU E 366 21.98 -0.10 -75.45
C LEU E 366 20.57 -0.65 -75.09
N GLU E 367 20.02 -1.51 -75.95
CA GLU E 367 18.67 -2.04 -75.74
C GLU E 367 18.63 -2.92 -74.53
N ARG E 368 19.73 -3.64 -74.30
CA ARG E 368 19.84 -4.50 -73.14
C ARG E 368 19.87 -3.67 -71.84
N ARG E 369 20.60 -2.56 -71.87
CA ARG E 369 20.70 -1.68 -70.73
C ARG E 369 19.33 -1.12 -70.38
N GLN E 370 18.59 -0.72 -71.39
CA GLN E 370 17.21 -0.23 -71.22
C GLN E 370 16.30 -1.31 -70.65
N GLU E 371 16.45 -2.56 -71.09
CA GLU E 371 15.66 -3.67 -70.54
C GLU E 371 15.96 -3.84 -69.05
N LEU E 372 17.25 -3.76 -68.69
CA LEU E 372 17.66 -4.00 -67.30
C LEU E 372 17.14 -2.90 -66.38
N LEU E 373 17.19 -1.65 -66.84
CA LEU E 373 16.62 -0.53 -66.08
C LEU E 373 15.12 -0.66 -65.81
N ALA E 374 14.39 -1.33 -66.71
CA ALA E 374 12.96 -1.56 -66.55
C ALA E 374 12.62 -2.78 -65.68
N LYS E 375 13.61 -3.53 -65.22
CA LYS E 375 13.38 -4.69 -64.35
C LYS E 375 13.56 -4.31 -62.90
N ASP E 376 12.93 -5.06 -62.02
CA ASP E 376 13.15 -4.96 -60.58
C ASP E 376 14.37 -5.82 -60.20
N LEU E 377 15.56 -5.22 -60.13
CA LEU E 377 16.77 -6.00 -59.96
C LEU E 377 17.12 -6.32 -58.53
N ARG E 378 16.67 -5.49 -57.58
CA ARG E 378 17.02 -5.69 -56.17
C ARG E 378 15.88 -5.44 -55.21
N GLY E 379 14.65 -5.38 -55.72
CA GLY E 379 13.49 -5.08 -54.87
C GLY E 379 13.24 -3.59 -54.74
N GLU E 380 13.91 -2.81 -55.59
CA GLU E 380 13.80 -1.34 -55.57
C GLU E 380 12.61 -0.76 -56.32
N MET E 381 11.92 -1.57 -57.10
CA MET E 381 10.93 -1.08 -58.05
C MET E 381 9.77 -2.05 -58.12
N THR E 382 8.56 -1.52 -58.03
CA THR E 382 7.34 -2.32 -58.13
C THR E 382 6.82 -2.25 -59.55
N LEU E 383 6.77 -3.38 -60.23
CA LEU E 383 6.21 -3.42 -61.58
C LEU E 383 4.67 -3.49 -61.54
N PRO E 384 3.97 -2.80 -62.47
CA PRO E 384 2.49 -2.78 -62.41
C PRO E 384 1.78 -4.08 -62.79
N GLU F 31 22.68 21.18 -9.08
CA GLU F 31 22.33 19.78 -8.68
C GLU F 31 20.83 19.62 -8.35
N ARG F 32 20.17 18.64 -8.95
CA ARG F 32 18.72 18.45 -8.78
C ARG F 32 18.45 16.99 -8.39
N HIS F 33 17.59 16.77 -7.38
CA HIS F 33 17.42 15.44 -6.83
CA HIS F 33 17.40 15.43 -6.84
C HIS F 33 15.97 14.97 -7.09
N LEU F 34 15.84 13.73 -7.56
CA LEU F 34 14.56 13.13 -7.88
C LEU F 34 14.32 11.92 -7.04
N LEU F 35 13.05 11.66 -6.77
CA LEU F 35 12.65 10.40 -6.19
C LEU F 35 12.01 9.53 -7.28
N LEU F 36 12.56 8.34 -7.49
CA LEU F 36 12.06 7.40 -8.44
C LEU F 36 11.25 6.36 -7.69
N ILE F 37 9.93 6.40 -7.88
CA ILE F 37 9.03 5.51 -7.21
C ILE F 37 8.68 4.33 -8.13
N TYR F 38 8.99 3.12 -7.70
CA TYR F 38 8.75 1.93 -8.51
C TYR F 38 7.58 1.15 -7.92
N THR F 39 6.44 1.17 -8.62
CA THR F 39 5.21 0.59 -8.11
C THR F 39 4.91 -0.80 -8.67
N GLY F 40 5.54 -1.17 -9.77
CA GLY F 40 5.26 -2.41 -10.45
C GLY F 40 5.30 -2.26 -11.96
N GLY F 41 4.79 -3.25 -12.66
CA GLY F 41 4.75 -3.21 -14.12
C GLY F 41 5.85 -3.97 -14.82
N THR F 42 5.63 -4.18 -16.11
CA THR F 42 6.53 -4.92 -16.98
C THR F 42 7.95 -4.41 -16.92
N LEU F 43 8.11 -3.09 -16.77
CA LEU F 43 9.45 -2.49 -16.82
C LEU F 43 10.41 -3.21 -15.91
N GLY F 44 9.97 -3.54 -14.71
CA GLY F 44 10.86 -4.11 -13.72
C GLY F 44 10.85 -5.62 -13.63
N MET F 45 10.10 -6.29 -14.50
CA MET F 45 9.94 -7.75 -14.39
C MET F 45 11.11 -8.54 -15.01
N GLN F 46 11.06 -9.85 -14.84
CA GLN F 46 12.06 -10.78 -15.39
C GLN F 46 11.38 -11.77 -16.30
N SER F 47 12.04 -12.19 -17.37
CA SER F 47 11.53 -13.27 -18.23
C SER F 47 12.03 -14.62 -17.71
N LYS F 48 11.12 -15.58 -17.58
CA LYS F 48 11.44 -16.93 -17.07
C LYS F 48 10.59 -18.00 -17.73
N GLY F 49 11.13 -18.58 -18.79
CA GLY F 49 10.41 -19.56 -19.59
C GLY F 49 9.29 -18.90 -20.39
N GLY F 50 9.63 -17.81 -21.09
CA GLY F 50 8.68 -17.06 -21.90
C GLY F 50 7.50 -16.45 -21.16
N VAL F 51 7.67 -16.25 -19.85
CA VAL F 51 6.62 -15.69 -18.97
C VAL F 51 7.25 -14.69 -17.98
N LEU F 52 6.53 -13.60 -17.71
CA LEU F 52 7.07 -12.52 -16.90
C LEU F 52 6.72 -12.69 -15.44
N VAL F 53 7.72 -12.57 -14.57
CA VAL F 53 7.51 -12.66 -13.12
C VAL F 53 8.08 -11.41 -12.45
N PRO F 54 7.72 -11.18 -11.18
CA PRO F 54 8.23 -9.94 -10.53
C PRO F 54 9.75 -9.87 -10.45
N GLY F 55 10.25 -8.63 -10.43
CA GLY F 55 11.68 -8.34 -10.55
C GLY F 55 12.07 -7.27 -9.55
N PRO F 56 12.35 -7.70 -8.32
CA PRO F 56 12.76 -6.72 -7.32
C PRO F 56 14.23 -6.33 -7.50
N GLY F 57 14.64 -5.35 -6.70
CA GLY F 57 15.99 -4.85 -6.71
C GLY F 57 16.27 -4.15 -8.02
N LEU F 58 15.44 -3.18 -8.36
CA LEU F 58 15.69 -2.34 -9.51
C LEU F 58 16.98 -1.56 -9.33
N VAL F 59 17.17 -0.99 -8.15
CA VAL F 59 18.36 -0.21 -7.86
C VAL F 59 19.67 -0.99 -8.13
N THR F 60 19.69 -2.30 -7.91
CA THR F 60 20.94 -3.05 -8.03
C THR F 60 21.28 -3.27 -9.49
N LEU F 61 20.27 -3.30 -10.35
CA LEU F 61 20.51 -3.33 -11.79
C LEU F 61 20.94 -1.97 -12.35
N LEU F 62 20.20 -0.92 -11.98
CA LEU F 62 20.52 0.42 -12.47
C LEU F 62 21.96 0.85 -12.13
N ARG F 63 22.46 0.44 -10.97
CA ARG F 63 23.80 0.79 -10.51
C ARG F 63 24.87 0.30 -11.50
N THR F 64 24.60 -0.82 -12.18
CA THR F 64 25.52 -1.40 -13.12
C THR F 64 25.41 -0.85 -14.53
N LEU F 65 24.51 0.10 -14.77
CA LEU F 65 24.33 0.64 -16.11
C LEU F 65 24.82 2.08 -16.18
N PRO F 66 25.91 2.32 -16.92
CA PRO F 66 26.51 3.66 -17.01
C PRO F 66 25.54 4.76 -17.40
N MET F 67 24.59 4.46 -18.28
CA MET F 67 23.61 5.48 -18.68
C MET F 67 22.71 5.89 -17.52
N PHE F 68 22.56 5.00 -16.54
CA PHE F 68 21.77 5.30 -15.35
C PHE F 68 22.56 5.66 -14.08
N HIS F 69 23.82 5.26 -14.03
CA HIS F 69 24.63 5.52 -12.85
C HIS F 69 26.11 5.77 -13.16
N ASP F 70 26.55 6.97 -12.83
CA ASP F 70 27.94 7.35 -13.00
C ASP F 70 28.74 6.98 -11.75
N LYS F 71 29.33 5.78 -11.73
CA LYS F 71 30.15 5.31 -10.59
C LYS F 71 31.25 6.29 -10.20
N GLU F 72 31.98 6.76 -11.20
CA GLU F 72 33.16 7.57 -10.97
C GLU F 72 32.78 8.89 -10.23
N PHE F 73 31.67 9.52 -10.59
CA PHE F 73 31.17 10.74 -9.90
C PHE F 73 30.63 10.42 -8.51
N ALA F 74 30.10 9.21 -8.34
CA ALA F 74 29.57 8.80 -7.05
C ALA F 74 30.67 8.65 -6.01
N GLN F 75 31.74 7.93 -6.34
CA GLN F 75 32.91 7.78 -5.46
C GLN F 75 33.57 9.13 -5.22
N ALA F 76 33.76 9.90 -6.29
CA ALA F 76 34.40 11.23 -6.21
C ALA F 76 33.59 12.27 -5.42
N GLN F 77 32.34 11.97 -5.08
CA GLN F 77 31.54 12.83 -4.23
C GLN F 77 31.10 12.10 -2.98
N GLY F 78 31.67 10.92 -2.76
CA GLY F 78 31.26 10.03 -1.67
C GLY F 78 29.76 10.06 -1.41
N LEU F 79 28.97 9.84 -2.45
CA LEU F 79 27.52 9.81 -2.30
C LEU F 79 27.10 8.54 -1.58
N PRO F 80 26.03 8.61 -0.79
CA PRO F 80 25.53 7.36 -0.19
C PRO F 80 25.10 6.42 -1.31
N ASP F 81 25.16 5.12 -1.08
CA ASP F 81 24.94 4.18 -2.21
C ASP F 81 23.48 3.74 -2.38
N HIS F 82 22.55 4.50 -1.80
CA HIS F 82 21.13 4.43 -2.20
C HIS F 82 20.81 5.48 -3.32
N ALA F 83 21.75 6.40 -3.54
CA ALA F 83 21.58 7.52 -4.45
C ALA F 83 22.33 7.27 -5.75
N LEU F 84 21.63 7.29 -6.88
CA LEU F 84 22.26 7.16 -8.18
C LEU F 84 22.43 8.51 -8.81
N ALA F 85 23.36 8.58 -9.74
CA ALA F 85 23.71 9.82 -10.41
C ALA F 85 23.74 9.57 -11.89
N LEU F 86 22.95 10.34 -12.63
CA LEU F 86 23.01 10.25 -14.07
C LEU F 86 24.33 10.86 -14.53
N PRO F 87 24.93 10.27 -15.59
CA PRO F 87 26.04 10.97 -16.23
C PRO F 87 25.67 12.41 -16.59
N PRO F 88 26.68 13.25 -16.87
CA PRO F 88 26.34 14.62 -17.31
C PRO F 88 25.61 14.62 -18.66
N ALA F 89 24.56 15.43 -18.75
CA ALA F 89 23.82 15.61 -19.99
C ALA F 89 24.46 16.76 -20.74
N SER F 90 23.92 17.08 -21.92
CA SER F 90 24.43 18.17 -22.73
C SER F 90 24.52 19.47 -21.92
N HIS F 91 23.36 19.94 -21.46
CA HIS F 91 23.27 21.18 -20.69
C HIS F 91 22.71 20.86 -19.31
N GLY F 92 22.16 21.87 -18.63
CA GLY F 92 21.42 21.64 -17.40
C GLY F 92 22.31 21.30 -16.23
N PRO F 93 21.71 21.09 -15.03
CA PRO F 93 22.45 20.68 -13.84
C PRO F 93 22.55 19.16 -13.77
N ARG F 94 23.34 18.69 -12.82
CA ARG F 94 23.50 17.26 -12.62
C ARG F 94 22.25 16.64 -11.94
N VAL F 95 21.84 15.45 -12.40
CA VAL F 95 20.62 14.82 -11.88
C VAL F 95 20.96 13.60 -11.04
N LEU F 96 20.54 13.65 -9.78
CA LEU F 96 20.68 12.54 -8.85
C LEU F 96 19.29 12.00 -8.53
N TYR F 97 19.20 10.72 -8.23
CA TYR F 97 17.92 10.18 -7.88
C TYR F 97 18.00 9.00 -6.91
N THR F 98 16.95 8.86 -6.13
CA THR F 98 16.85 7.79 -5.13
C THR F 98 15.73 6.87 -5.57
N VAL F 99 15.94 5.58 -5.42
CA VAL F 99 14.96 4.59 -5.81
C VAL F 99 14.18 4.08 -4.62
N LEU F 100 12.87 4.32 -4.67
CA LEU F 100 11.99 3.82 -3.68
C LEU F 100 11.16 2.72 -4.32
N GLU F 101 11.37 1.50 -3.87
CA GLU F 101 10.67 0.35 -4.37
C GLU F 101 9.49 -0.06 -3.46
N CYS F 102 8.26 0.06 -3.97
CA CYS F 102 7.08 -0.33 -3.20
C CYS F 102 7.02 -1.83 -3.03
N GLN F 103 6.39 -2.28 -1.96
CA GLN F 103 6.24 -3.69 -1.69
C GLN F 103 4.85 -3.92 -1.10
N PRO F 104 4.06 -4.83 -1.65
CA PRO F 104 4.38 -5.58 -2.86
C PRO F 104 4.26 -4.80 -4.18
N LEU F 105 4.98 -5.26 -5.19
CA LEU F 105 4.88 -4.69 -6.54
C LEU F 105 3.61 -5.20 -7.18
N LEU F 106 2.94 -4.32 -7.90
CA LEU F 106 1.64 -4.59 -8.48
C LEU F 106 1.65 -4.61 -10.02
N ASP F 107 0.96 -5.59 -10.60
CA ASP F 107 0.44 -5.43 -11.95
C ASP F 107 -0.54 -4.26 -11.93
N SER F 108 -0.46 -3.39 -12.93
CA SER F 108 -1.29 -2.19 -12.91
C SER F 108 -2.79 -2.46 -13.03
N SER F 109 -3.16 -3.62 -13.57
CA SER F 109 -4.56 -3.99 -13.63
C SER F 109 -5.18 -4.19 -12.25
N ASP F 110 -4.34 -4.36 -11.22
CA ASP F 110 -4.82 -4.55 -9.86
C ASP F 110 -4.82 -3.26 -9.05
N MET F 111 -4.44 -2.16 -9.65
CA MET F 111 -4.38 -0.93 -8.90
C MET F 111 -5.74 -0.30 -8.81
N THR F 112 -5.92 0.44 -7.71
CA THR F 112 -7.14 1.09 -7.37
C THR F 112 -6.85 2.47 -6.86
N ILE F 113 -7.93 3.20 -6.57
CA ILE F 113 -7.85 4.54 -6.04
C ILE F 113 -6.94 4.53 -4.79
N ASP F 114 -7.02 3.51 -3.97
CA ASP F 114 -6.18 3.47 -2.76
C ASP F 114 -4.68 3.38 -3.04
N ASP F 115 -4.31 2.63 -4.08
CA ASP F 115 -2.91 2.55 -4.46
C ASP F 115 -2.43 3.90 -4.97
N TRP F 116 -3.26 4.60 -5.73
CA TRP F 116 -2.88 5.93 -6.25
C TRP F 116 -2.82 6.98 -5.13
N ILE F 117 -3.73 6.90 -4.17
CA ILE F 117 -3.62 7.72 -2.96
C ILE F 117 -2.28 7.48 -2.24
N ARG F 118 -1.90 6.22 -2.07
CA ARG F 118 -0.63 5.91 -1.44
C ARG F 118 0.53 6.56 -2.17
N ILE F 119 0.51 6.53 -3.50
CA ILE F 119 1.56 7.14 -4.27
C ILE F 119 1.57 8.64 -4.00
N ALA F 120 0.38 9.25 -3.99
CA ALA F 120 0.28 10.68 -3.74
C ALA F 120 0.82 11.03 -2.37
N LYS F 121 0.60 10.14 -1.41
CA LYS F 121 1.11 10.38 -0.06
C LYS F 121 2.61 10.21 0.06
N ILE F 122 3.19 9.32 -0.73
CA ILE F 122 4.63 9.21 -0.81
C ILE F 122 5.22 10.51 -1.34
N ILE F 123 4.61 11.07 -2.38
CA ILE F 123 5.09 12.32 -2.95
C ILE F 123 4.97 13.43 -1.92
N GLU F 124 3.82 13.50 -1.24
CA GLU F 124 3.57 14.51 -0.24
C GLU F 124 4.61 14.47 0.83
N ARG F 125 4.87 13.28 1.33
CA ARG F 125 5.78 13.14 2.44
C ARG F 125 7.20 13.58 2.11
N HIS F 126 7.62 13.41 0.87
CA HIS F 126 8.97 13.73 0.48
C HIS F 126 9.02 14.99 -0.36
N TYR F 127 7.94 15.75 -0.38
CA TYR F 127 7.84 16.85 -1.31
C TYR F 127 8.99 17.85 -1.24
N GLU F 128 9.41 18.24 -0.04
CA GLU F 128 10.42 19.31 0.08
C GLU F 128 11.81 18.83 -0.16
N GLN F 129 12.02 17.53 -0.05
CA GLN F 129 13.35 16.97 -0.19
C GLN F 129 13.75 16.75 -1.63
N TYR F 130 12.81 16.79 -2.57
CA TYR F 130 13.14 16.49 -3.99
C TYR F 130 12.58 17.54 -4.91
N GLN F 131 13.20 17.69 -6.08
CA GLN F 131 12.76 18.67 -7.06
C GLN F 131 11.79 18.09 -8.10
N GLY F 132 11.70 16.77 -8.15
CA GLY F 132 10.80 16.10 -9.10
C GLY F 132 10.66 14.62 -8.79
N PHE F 133 9.71 13.98 -9.46
CA PHE F 133 9.35 12.60 -9.19
C PHE F 133 9.08 11.83 -10.47
N VAL F 134 9.52 10.58 -10.50
CA VAL F 134 9.25 9.71 -11.60
C VAL F 134 8.62 8.51 -10.98
N VAL F 135 7.56 8.03 -11.61
CA VAL F 135 6.83 6.88 -11.11
C VAL F 135 6.82 5.80 -12.17
N ILE F 136 7.46 4.68 -11.90
CA ILE F 136 7.37 3.54 -12.80
C ILE F 136 6.08 2.80 -12.51
N HIS F 137 5.31 2.54 -13.54
CA HIS F 137 3.93 2.06 -13.39
C HIS F 137 3.64 1.15 -14.58
N GLY F 138 2.78 0.16 -14.41
CA GLY F 138 2.37 -0.70 -15.53
C GLY F 138 1.57 0.13 -16.53
N THR F 139 1.66 -0.22 -17.80
CA THR F 139 0.96 0.54 -18.84
C THR F 139 -0.55 0.36 -18.83
N ASP F 140 -1.02 -0.81 -18.41
CA ASP F 140 -2.44 -1.16 -18.53
C ASP F 140 -3.36 -0.08 -17.94
N THR F 141 -3.03 0.45 -16.77
CA THR F 141 -3.90 1.46 -16.14
C THR F 141 -3.13 2.74 -15.89
N MET F 142 -2.03 2.93 -16.61
CA MET F 142 -1.24 4.13 -16.41
C MET F 142 -2.02 5.42 -16.63
N ALA F 143 -2.89 5.44 -17.63
CA ALA F 143 -3.70 6.61 -17.92
C ALA F 143 -4.65 6.92 -16.75
N SER F 144 -5.19 5.88 -16.13
CA SER F 144 -6.05 6.06 -14.98
C SER F 144 -5.24 6.57 -13.79
N GLY F 145 -4.07 5.98 -13.56
CA GLY F 145 -3.20 6.46 -12.50
C GLY F 145 -2.80 7.91 -12.68
N ALA F 146 -2.35 8.25 -13.88
CA ALA F 146 -1.91 9.62 -14.14
C ALA F 146 -3.07 10.59 -13.95
N SER F 147 -4.24 10.21 -14.41
CA SER F 147 -5.40 11.06 -14.25
C SER F 147 -5.73 11.25 -12.77
N MET F 148 -5.72 10.16 -12.00
CA MET F 148 -6.02 10.25 -10.58
C MET F 148 -5.01 11.14 -9.87
N LEU F 149 -3.73 10.92 -10.10
CA LEU F 149 -2.73 11.71 -9.41
C LEU F 149 -2.85 13.19 -9.77
N SER F 150 -3.20 13.46 -11.03
CA SER F 150 -3.40 14.80 -11.49
C SER F 150 -4.39 15.55 -10.60
N PHE F 151 -5.50 14.89 -10.23
CA PHE F 151 -6.46 15.51 -9.37
C PHE F 151 -6.04 15.50 -7.92
N MET F 152 -5.48 14.39 -7.45
CA MET F 152 -5.07 14.30 -6.05
C MET F 152 -4.05 15.36 -5.66
N LEU F 153 -3.14 15.74 -6.57
CA LEU F 153 -2.05 16.66 -6.25
C LEU F 153 -2.39 18.09 -6.63
N GLU F 154 -3.26 18.70 -5.84
CA GLU F 154 -3.70 20.07 -6.09
C GLU F 154 -2.56 21.07 -5.85
N ASN F 155 -2.43 22.02 -6.76
CA ASN F 155 -1.36 23.04 -6.71
C ASN F 155 0.04 22.47 -6.87
N LEU F 156 0.16 21.34 -7.54
CA LEU F 156 1.46 20.74 -7.78
C LEU F 156 2.43 21.77 -8.38
N HIS F 157 3.63 21.82 -7.83
CA HIS F 157 4.65 22.76 -8.29
C HIS F 157 5.80 22.08 -9.03
N LYS F 158 5.83 20.75 -9.03
CA LYS F 158 6.96 19.97 -9.51
C LYS F 158 6.55 18.83 -10.43
N PRO F 159 7.41 18.44 -11.36
CA PRO F 159 7.03 17.40 -12.30
C PRO F 159 6.88 16.05 -11.59
N VAL F 160 5.78 15.38 -11.93
CA VAL F 160 5.56 14.01 -11.56
C VAL F 160 5.37 13.26 -12.89
N ILE F 161 6.39 12.49 -13.29
CA ILE F 161 6.38 11.85 -14.59
C ILE F 161 6.21 10.33 -14.44
N LEU F 162 5.09 9.82 -14.92
CA LEU F 162 4.88 8.39 -15.02
C LEU F 162 5.51 7.83 -16.26
N THR F 163 6.03 6.61 -16.15
CA THR F 163 6.58 5.95 -17.30
C THR F 163 6.53 4.45 -17.07
N GLY F 164 6.79 3.71 -18.13
CA GLY F 164 6.71 2.27 -18.11
C GLY F 164 7.23 1.74 -19.42
N ALA F 165 6.95 0.47 -19.72
CA ALA F 165 7.48 -0.16 -20.90
C ALA F 165 6.66 -1.35 -21.33
N GLN F 166 6.67 -1.63 -22.62
CA GLN F 166 6.08 -2.88 -23.12
C GLN F 166 6.97 -4.09 -22.88
N VAL F 167 8.28 -3.86 -22.68
CA VAL F 167 9.25 -4.93 -22.53
C VAL F 167 10.13 -4.62 -21.33
N PRO F 168 10.40 -5.63 -20.48
CA PRO F 168 11.20 -5.33 -19.30
C PRO F 168 12.63 -4.83 -19.59
N ILE F 169 13.13 -3.99 -18.70
CA ILE F 169 14.46 -3.42 -18.85
C ILE F 169 15.53 -4.49 -18.79
N ARG F 170 15.23 -5.63 -18.19
CA ARG F 170 16.17 -6.75 -18.12
C ARG F 170 16.23 -7.57 -19.41
N VAL F 171 15.25 -7.42 -20.30
CA VAL F 171 15.32 -8.05 -21.60
C VAL F 171 16.16 -7.13 -22.48
N LEU F 172 17.06 -7.70 -23.27
CA LEU F 172 18.06 -6.92 -23.99
C LEU F 172 17.44 -5.86 -24.91
N TRP F 173 16.54 -6.31 -25.78
CA TRP F 173 15.87 -5.44 -26.71
C TRP F 173 14.57 -4.89 -26.11
N ASN F 174 14.63 -3.65 -25.62
CA ASN F 174 13.50 -3.07 -24.89
C ASN F 174 13.31 -1.60 -25.09
N ASP F 175 12.15 -1.12 -24.66
CA ASP F 175 11.81 0.29 -24.71
C ASP F 175 11.98 0.95 -23.36
N ALA F 176 12.29 0.15 -22.35
CA ALA F 176 12.35 0.63 -20.97
C ALA F 176 13.51 1.56 -20.71
N ARG F 177 14.67 1.27 -21.27
CA ARG F 177 15.85 2.08 -20.97
C ARG F 177 15.62 3.52 -21.34
N GLU F 178 15.17 3.73 -22.56
CA GLU F 178 14.99 5.08 -23.03
C GLU F 178 13.76 5.75 -22.38
N ASN F 179 12.71 4.99 -22.09
CA ASN F 179 11.59 5.60 -21.40
C ASN F 179 11.97 6.07 -20.00
N LEU F 180 12.67 5.22 -19.27
CA LEU F 180 13.05 5.59 -17.91
C LEU F 180 14.04 6.76 -17.90
N LEU F 181 15.05 6.69 -18.76
CA LEU F 181 16.03 7.77 -18.81
C LEU F 181 15.39 9.08 -19.18
N GLY F 182 14.52 9.05 -20.16
CA GLY F 182 13.86 10.25 -20.61
C GLY F 182 13.00 10.89 -19.54
N ALA F 183 12.28 10.05 -18.77
CA ALA F 183 11.49 10.58 -17.68
C ALA F 183 12.36 11.26 -16.63
N LEU F 184 13.47 10.62 -16.28
CA LEU F 184 14.40 11.18 -15.30
C LEU F 184 14.99 12.50 -15.80
N LEU F 185 15.42 12.52 -17.04
CA LEU F 185 15.97 13.75 -17.60
C LEU F 185 14.96 14.88 -17.67
N VAL F 186 13.72 14.57 -18.05
CA VAL F 186 12.69 15.59 -18.13
C VAL F 186 12.39 16.12 -16.73
N ALA F 187 12.16 15.24 -15.78
CA ALA F 187 11.85 15.68 -14.42
C ALA F 187 13.02 16.40 -13.80
N GLY F 188 14.23 15.95 -14.15
CA GLY F 188 15.44 16.54 -13.61
C GLY F 188 15.80 17.90 -14.17
N GLN F 189 15.37 18.21 -15.38
CA GLN F 189 15.86 19.40 -16.06
C GLN F 189 14.81 20.47 -16.38
N TYR F 190 13.52 20.18 -16.23
CA TYR F 190 12.49 21.15 -16.60
C TYR F 190 11.45 21.28 -15.51
N ILE F 191 10.91 22.49 -15.38
CA ILE F 191 9.93 22.76 -14.36
C ILE F 191 8.60 22.76 -15.06
N ILE F 192 8.05 21.54 -15.16
CA ILE F 192 6.73 21.31 -15.69
C ILE F 192 5.93 20.79 -14.51
N PRO F 193 5.10 21.65 -13.93
CA PRO F 193 4.35 21.33 -12.72
C PRO F 193 3.06 20.56 -12.99
N GLU F 194 3.19 19.39 -13.59
CA GLU F 194 2.05 18.57 -13.95
C GLU F 194 2.38 17.10 -13.78
N VAL F 195 1.33 16.30 -13.60
CA VAL F 195 1.46 14.86 -13.70
C VAL F 195 1.47 14.53 -15.17
N CYS F 196 2.55 13.93 -15.64
CA CYS F 196 2.75 13.64 -17.03
C CYS F 196 2.96 12.16 -17.27
N LEU F 197 2.96 11.79 -18.54
CA LEU F 197 3.33 10.47 -18.95
C LEU F 197 4.42 10.60 -20.00
N PHE F 198 5.55 9.96 -19.77
CA PHE F 198 6.63 9.95 -20.77
C PHE F 198 6.78 8.57 -21.38
N MET F 199 6.60 8.45 -22.69
CA MET F 199 6.85 7.21 -23.46
C MET F 199 7.27 7.53 -24.86
N ASN F 200 8.25 6.78 -25.38
CA ASN F 200 8.60 6.82 -26.79
C ASN F 200 8.85 8.26 -27.22
N SER F 201 9.71 8.92 -26.46
CA SER F 201 10.20 10.25 -26.77
C SER F 201 9.15 11.37 -26.67
N GLN F 202 8.00 11.10 -26.07
CA GLN F 202 6.93 12.09 -25.97
C GLN F 202 6.49 12.27 -24.51
N LEU F 203 6.30 13.52 -24.11
CA LEU F 203 5.76 13.84 -22.81
C LEU F 203 4.31 14.30 -22.99
N PHE F 204 3.37 13.54 -22.44
CA PHE F 204 1.96 13.88 -22.56
C PHE F 204 1.43 14.41 -21.23
N ARG F 205 0.39 15.23 -21.29
CA ARG F 205 -0.32 15.57 -20.08
C ARG F 205 -1.02 14.30 -19.59
N GLY F 206 -0.83 13.99 -18.31
CA GLY F 206 -1.30 12.72 -17.76
C GLY F 206 -2.79 12.53 -17.91
N ASN F 207 -3.58 13.57 -17.63
CA ASN F 207 -5.01 13.46 -17.67
C ASN F 207 -5.57 13.60 -19.08
N ARG F 208 -4.70 13.61 -20.08
CA ARG F 208 -5.12 13.63 -21.49
C ARG F 208 -4.79 12.38 -22.28
N VAL F 209 -4.09 11.43 -21.65
CA VAL F 209 -3.66 10.23 -22.38
C VAL F 209 -4.62 9.06 -22.24
N THR F 210 -4.51 8.15 -23.20
CA THR F 210 -5.16 6.87 -23.14
C THR F 210 -4.27 5.84 -23.90
N LYS F 211 -4.37 4.58 -23.50
CA LYS F 211 -3.58 3.51 -24.09
C LYS F 211 -4.27 3.02 -25.35
N VAL F 212 -3.60 3.14 -26.48
CA VAL F 212 -4.19 2.77 -27.76
C VAL F 212 -3.63 1.52 -28.40
N ASP F 213 -2.45 1.07 -27.97
CA ASP F 213 -1.86 -0.09 -28.57
C ASP F 213 -1.27 -1.01 -27.52
N SER F 214 -1.66 -2.28 -27.55
CA SER F 214 -1.20 -3.24 -26.54
C SER F 214 0.14 -3.88 -26.86
N GLN F 215 0.74 -3.58 -28.03
CA GLN F 215 2.00 -4.25 -28.45
C GLN F 215 3.11 -3.26 -28.85
N LYS F 216 2.77 -2.18 -29.55
CA LYS F 216 3.80 -1.26 -30.03
C LYS F 216 4.39 -0.40 -28.92
N PHE F 217 5.60 0.10 -29.17
CA PHE F 217 6.24 0.98 -28.24
C PHE F 217 5.51 2.30 -28.13
N GLU F 218 4.91 2.74 -29.23
CA GLU F 218 4.01 3.91 -29.16
C GLU F 218 2.66 3.41 -28.64
N ALA F 219 2.57 3.25 -27.33
CA ALA F 219 1.42 2.61 -26.72
C ALA F 219 0.31 3.61 -26.37
N PHE F 220 0.68 4.88 -26.23
CA PHE F 220 -0.24 5.91 -25.75
C PHE F 220 -0.46 7.02 -26.73
N CYS F 221 -1.60 7.64 -26.59
CA CYS F 221 -2.03 8.71 -27.44
C CYS F 221 -2.64 9.77 -26.53
N SER F 222 -2.44 11.04 -26.87
CA SER F 222 -3.17 12.16 -26.26
C SER F 222 -4.08 12.70 -27.36
N PRO F 223 -5.28 12.14 -27.48
CA PRO F 223 -6.05 12.40 -28.71
C PRO F 223 -6.53 13.83 -28.91
N ASN F 224 -6.78 14.56 -27.83
CA ASN F 224 -7.36 15.90 -27.94
C ASN F 224 -6.44 16.98 -27.38
N LEU F 225 -5.16 16.69 -27.29
CA LEU F 225 -4.19 17.70 -26.87
C LEU F 225 -2.83 17.31 -27.37
N SER F 226 -2.06 18.30 -27.80
CA SER F 226 -0.70 18.03 -28.20
C SER F 226 0.07 17.51 -27.02
N PRO F 227 1.17 16.82 -27.30
CA PRO F 227 2.13 16.52 -26.25
C PRO F 227 2.61 17.79 -25.63
N LEU F 228 2.95 17.75 -24.35
CA LEU F 228 3.59 18.85 -23.69
C LEU F 228 5.02 19.00 -24.14
N ALA F 229 5.64 17.90 -24.55
CA ALA F 229 7.01 17.94 -25.01
C ALA F 229 7.35 16.79 -25.94
N THR F 230 8.34 17.04 -26.79
CA THR F 230 8.84 16.07 -27.69
C THR F 230 10.34 16.10 -27.55
N VAL F 231 10.92 14.92 -27.66
CA VAL F 231 12.33 14.73 -27.54
C VAL F 231 12.90 14.20 -28.86
N GLY F 232 13.92 14.88 -29.36
CA GLY F 232 14.59 14.47 -30.59
C GLY F 232 16.02 14.95 -30.43
N ALA F 233 16.64 15.34 -31.55
CA ALA F 233 17.91 16.04 -31.49
C ALA F 233 17.79 17.21 -30.49
N ASP F 234 16.65 17.89 -30.52
CA ASP F 234 16.30 18.93 -29.55
C ASP F 234 15.12 18.51 -28.71
N VAL F 235 15.00 19.17 -27.57
CA VAL F 235 13.85 19.06 -26.72
C VAL F 235 12.91 20.25 -26.95
N THR F 236 11.71 19.97 -27.46
CA THR F 236 10.73 20.99 -27.73
C THR F 236 9.62 20.91 -26.69
N ILE F 237 9.33 22.03 -26.03
CA ILE F 237 8.30 22.08 -25.00
C ILE F 237 7.21 23.08 -25.34
N ALA F 238 5.97 22.63 -25.30
CA ALA F 238 4.81 23.47 -25.55
C ALA F 238 4.51 24.30 -24.32
N TRP F 239 5.33 25.32 -24.08
CA TRP F 239 5.15 26.20 -22.90
C TRP F 239 3.82 26.93 -22.91
N ASP F 240 3.25 27.15 -24.09
CA ASP F 240 1.91 27.71 -24.23
C ASP F 240 0.83 26.85 -23.55
N LEU F 241 1.06 25.53 -23.47
CA LEU F 241 0.09 24.61 -22.85
C LEU F 241 0.41 24.35 -21.37
N VAL F 242 1.70 24.29 -21.06
CA VAL F 242 2.12 23.87 -19.73
C VAL F 242 1.48 24.78 -18.70
N ARG F 243 0.94 24.20 -17.64
CA ARG F 243 0.29 25.00 -16.61
C ARG F 243 1.27 25.80 -15.78
N LYS F 244 0.74 26.83 -15.13
CA LYS F 244 1.56 27.82 -14.42
C LYS F 244 1.77 27.44 -12.95
N VAL F 245 3.03 27.51 -12.48
CA VAL F 245 3.37 27.24 -11.08
C VAL F 245 2.76 28.35 -10.22
N LYS F 246 1.89 28.00 -9.28
CA LYS F 246 1.37 28.98 -8.32
C LYS F 246 2.16 28.87 -7.02
N TRP F 247 3.26 29.61 -6.96
CA TRP F 247 4.27 29.44 -5.91
C TRP F 247 3.76 29.78 -4.53
N LYS F 248 2.78 30.67 -4.46
CA LYS F 248 2.20 31.12 -3.21
C LYS F 248 1.39 30.03 -2.52
N ASP F 249 0.65 29.24 -3.29
CA ASP F 249 -0.25 28.23 -2.73
C ASP F 249 0.46 26.91 -2.40
N PRO F 250 0.19 26.33 -1.23
CA PRO F 250 0.86 25.09 -0.93
C PRO F 250 0.21 23.87 -1.61
N LEU F 251 0.96 22.80 -1.71
CA LEU F 251 0.44 21.53 -2.18
C LEU F 251 -0.68 21.08 -1.27
N VAL F 252 -1.79 20.65 -1.86
CA VAL F 252 -2.86 20.03 -1.10
C VAL F 252 -3.18 18.67 -1.71
N VAL F 253 -3.06 17.62 -0.92
CA VAL F 253 -3.21 16.27 -1.42
C VAL F 253 -4.56 15.76 -1.02
N HIS F 254 -5.36 15.38 -2.01
CA HIS F 254 -6.70 14.90 -1.75
C HIS F 254 -6.71 13.41 -1.54
N SER F 255 -6.66 12.98 -0.29
CA SER F 255 -6.93 11.59 0.08
C SER F 255 -8.42 11.27 0.06
N ASN F 256 -9.24 12.32 0.09
CA ASN F 256 -10.70 12.22 0.09
C ASN F 256 -11.18 12.10 -1.33
N MET F 257 -11.10 10.90 -1.87
CA MET F 257 -11.55 10.65 -3.25
C MET F 257 -12.70 9.68 -3.14
N GLU F 258 -13.82 9.98 -3.80
CA GLU F 258 -14.98 9.10 -3.70
C GLU F 258 -14.66 7.79 -4.42
N HIS F 259 -14.86 6.69 -3.72
CA HIS F 259 -14.60 5.35 -4.25
C HIS F 259 -15.75 4.81 -5.06
N ASP F 260 -17.00 5.18 -4.70
CA ASP F 260 -18.18 4.63 -5.36
C ASP F 260 -18.51 5.44 -6.61
N VAL F 261 -17.57 5.40 -7.55
CA VAL F 261 -17.78 5.90 -8.90
C VAL F 261 -17.47 4.74 -9.88
N ALA F 262 -18.18 4.71 -10.98
CA ALA F 262 -18.04 3.64 -11.95
C ALA F 262 -18.03 4.20 -13.35
N LEU F 263 -17.69 3.34 -14.28
CA LEU F 263 -17.76 3.63 -15.68
C LEU F 263 -18.72 2.64 -16.31
N LEU F 264 -19.61 3.10 -17.19
CA LEU F 264 -20.57 2.23 -17.86
C LEU F 264 -20.58 2.47 -19.35
N ARG F 265 -20.20 1.46 -20.13
CA ARG F 265 -20.17 1.61 -21.58
C ARG F 265 -21.51 1.17 -22.17
N LEU F 266 -22.24 2.11 -22.75
CA LEU F 266 -23.51 1.78 -23.36
C LEU F 266 -23.18 1.04 -24.64
N TYR F 267 -23.87 -0.04 -24.89
CA TYR F 267 -23.73 -0.72 -26.14
C TYR F 267 -25.12 -0.77 -26.76
N PRO F 268 -25.19 -1.00 -28.07
CA PRO F 268 -26.52 -0.99 -28.71
C PRO F 268 -27.48 -2.00 -28.10
N GLY F 269 -28.68 -1.55 -27.80
CA GLY F 269 -29.69 -2.42 -27.21
C GLY F 269 -29.52 -2.72 -25.74
N ILE F 270 -28.62 -2.04 -25.05
CA ILE F 270 -28.41 -2.31 -23.63
C ILE F 270 -29.74 -2.18 -22.87
N PRO F 271 -30.17 -3.21 -22.11
CA PRO F 271 -31.50 -3.16 -21.50
C PRO F 271 -31.59 -2.29 -20.25
N ALA F 272 -32.75 -1.68 -20.07
CA ALA F 272 -32.99 -0.79 -18.94
C ALA F 272 -32.76 -1.50 -17.62
N SER F 273 -33.10 -2.79 -17.56
CA SER F 273 -32.96 -3.55 -16.32
C SER F 273 -31.50 -3.70 -15.93
N LEU F 274 -30.63 -3.83 -16.91
CA LEU F 274 -29.21 -3.92 -16.64
C LEU F 274 -28.65 -2.58 -16.19
N VAL F 275 -29.10 -1.50 -16.81
CA VAL F 275 -28.69 -0.19 -16.39
C VAL F 275 -29.19 0.07 -14.97
N ARG F 276 -30.42 -0.34 -14.66
CA ARG F 276 -30.99 -0.16 -13.32
C ARG F 276 -30.13 -0.85 -12.29
N ALA F 277 -29.75 -2.08 -12.57
CA ALA F 277 -28.90 -2.86 -11.67
C ALA F 277 -27.53 -2.21 -11.47
N PHE F 278 -26.97 -1.71 -12.56
CA PHE F 278 -25.65 -1.10 -12.52
C PHE F 278 -25.63 0.16 -11.67
N LEU F 279 -26.71 0.93 -11.71
CA LEU F 279 -26.77 2.23 -11.02
C LEU F 279 -27.36 2.17 -9.61
N GLN F 280 -27.54 0.97 -9.05
CA GLN F 280 -28.04 0.86 -7.66
C GLN F 280 -27.10 1.47 -6.63
N PRO F 281 -27.66 1.92 -5.49
CA PRO F 281 -26.83 2.27 -4.34
C PRO F 281 -25.85 1.14 -4.02
N PRO F 282 -24.64 1.45 -3.56
CA PRO F 282 -24.25 2.78 -3.10
C PRO F 282 -23.53 3.66 -4.13
N LEU F 283 -23.72 3.41 -5.42
CA LEU F 283 -23.01 4.18 -6.43
C LEU F 283 -23.36 5.67 -6.30
N LYS F 284 -22.35 6.52 -6.34
CA LYS F 284 -22.56 7.97 -6.24
C LYS F 284 -22.39 8.67 -7.58
N GLY F 285 -21.53 8.13 -8.42
CA GLY F 285 -21.25 8.76 -9.71
C GLY F 285 -20.95 7.74 -10.79
N VAL F 286 -21.25 8.09 -12.02
CA VAL F 286 -20.96 7.21 -13.14
C VAL F 286 -20.57 8.01 -14.38
N VAL F 287 -19.54 7.52 -15.07
CA VAL F 287 -19.21 8.02 -16.39
C VAL F 287 -19.92 7.13 -17.39
N LEU F 288 -20.85 7.70 -18.14
CA LEU F 288 -21.51 6.98 -19.19
C LEU F 288 -20.70 7.17 -20.46
N GLU F 289 -20.32 6.08 -21.11
CA GLU F 289 -19.66 6.18 -22.41
C GLU F 289 -20.69 5.95 -23.50
N THR F 290 -20.96 6.98 -24.27
CA THR F 290 -22.03 6.97 -25.25
C THR F 290 -21.44 7.00 -26.65
N PHE F 291 -22.28 6.99 -27.66
CA PHE F 291 -21.83 6.91 -29.03
C PHE F 291 -21.53 8.28 -29.60
N GLY F 292 -20.57 8.33 -30.52
CA GLY F 292 -20.25 9.55 -31.25
C GLY F 292 -20.17 10.80 -30.42
N SER F 293 -20.97 11.80 -30.79
CA SER F 293 -21.00 13.12 -30.12
C SER F 293 -21.72 13.14 -28.79
N GLY F 294 -22.02 11.98 -28.26
CA GLY F 294 -22.64 11.88 -26.95
C GLY F 294 -24.06 11.35 -26.95
N ASN F 295 -24.39 10.46 -27.87
CA ASN F 295 -25.74 9.95 -28.02
C ASN F 295 -25.83 8.55 -27.46
N GLY F 296 -26.77 8.35 -26.53
CA GLY F 296 -27.09 7.01 -26.05
C GLY F 296 -28.40 6.60 -26.65
N PRO F 297 -28.85 5.39 -26.36
CA PRO F 297 -30.18 5.02 -26.84
C PRO F 297 -31.26 5.88 -26.19
N SER F 298 -32.30 6.20 -26.94
CA SER F 298 -33.38 7.03 -26.42
C SER F 298 -34.62 6.22 -26.02
N LYS F 299 -34.55 4.89 -25.91
CA LYS F 299 -35.74 4.16 -25.52
C LYS F 299 -36.21 4.60 -24.11
N PRO F 300 -37.53 4.83 -23.95
CA PRO F 300 -38.08 5.43 -22.73
C PRO F 300 -37.74 4.70 -21.45
N ASP F 301 -37.71 3.37 -21.47
CA ASP F 301 -37.40 2.65 -20.23
C ASP F 301 -35.96 2.92 -19.77
N LEU F 302 -35.02 3.04 -20.71
CA LEU F 302 -33.64 3.35 -20.36
C LEU F 302 -33.56 4.76 -19.81
N LEU F 303 -34.19 5.71 -20.49
CA LEU F 303 -34.12 7.11 -20.05
C LEU F 303 -34.72 7.29 -18.66
N GLN F 304 -35.80 6.54 -18.41
CA GLN F 304 -36.43 6.52 -17.10
C GLN F 304 -35.48 6.04 -15.99
N GLU F 305 -34.66 5.04 -16.28
CA GLU F 305 -33.67 4.60 -15.30
C GLU F 305 -32.63 5.66 -15.01
N LEU F 306 -32.28 6.46 -16.01
CA LEU F 306 -31.33 7.55 -15.80
C LEU F 306 -31.99 8.66 -14.97
N ARG F 307 -33.26 8.94 -15.26
CA ARG F 307 -34.02 9.91 -14.49
C ARG F 307 -34.10 9.48 -13.03
N ALA F 308 -34.45 8.22 -12.80
CA ALA F 308 -34.59 7.69 -11.46
C ALA F 308 -33.27 7.74 -10.68
N ALA F 309 -32.15 7.49 -11.34
CA ALA F 309 -30.86 7.56 -10.68
C ALA F 309 -30.53 8.99 -10.33
N ALA F 310 -30.79 9.90 -11.25
CA ALA F 310 -30.61 11.32 -10.97
C ALA F 310 -31.45 11.76 -9.78
N GLN F 311 -32.68 11.26 -9.67
CA GLN F 311 -33.53 11.57 -8.52
C GLN F 311 -32.97 11.03 -7.21
N ARG F 312 -32.28 9.90 -7.26
CA ARG F 312 -31.60 9.38 -6.06
C ARG F 312 -30.35 10.21 -5.72
N GLY F 313 -29.98 11.17 -6.56
CA GLY F 313 -28.79 11.98 -6.34
C GLY F 313 -27.53 11.51 -7.06
N LEU F 314 -27.65 10.51 -7.92
CA LEU F 314 -26.50 10.05 -8.70
C LEU F 314 -26.07 11.11 -9.71
N ILE F 315 -24.76 11.37 -9.81
CA ILE F 315 -24.24 12.27 -10.82
C ILE F 315 -23.64 11.50 -11.99
N MET F 316 -24.00 11.91 -13.19
CA MET F 316 -23.60 11.23 -14.41
C MET F 316 -22.78 12.18 -15.27
N VAL F 317 -21.67 11.70 -15.81
CA VAL F 317 -20.88 12.43 -16.79
C VAL F 317 -20.90 11.68 -18.09
N ASN F 318 -21.21 12.37 -19.18
CA ASN F 318 -21.30 11.75 -20.51
C ASN F 318 -20.00 11.96 -21.31
N CYS F 319 -19.31 10.85 -21.57
CA CYS F 319 -18.10 10.84 -22.40
C CYS F 319 -18.33 10.01 -23.64
N SER F 320 -17.59 10.32 -24.70
CA SER F 320 -17.72 9.60 -25.94
C SER F 320 -16.86 8.36 -25.93
N GLN F 321 -17.41 7.28 -26.48
CA GLN F 321 -16.65 6.08 -26.80
C GLN F 321 -15.55 6.33 -27.84
N CYS F 322 -15.70 7.36 -28.66
CA CYS F 322 -14.69 7.67 -29.66
C CYS F 322 -13.41 8.17 -29.04
N LEU F 323 -12.31 7.70 -29.57
CA LEU F 323 -10.98 8.13 -29.15
C LEU F 323 -10.80 9.64 -29.25
N ARG F 324 -11.25 10.22 -30.37
CA ARG F 324 -11.05 11.65 -30.67
C ARG F 324 -12.38 12.40 -30.76
N GLY F 325 -12.36 13.68 -30.38
CA GLY F 325 -13.56 14.54 -30.38
C GLY F 325 -14.32 14.62 -29.05
N SER F 326 -15.50 15.22 -29.14
CA SER F 326 -16.12 15.88 -28.03
C SER F 326 -17.61 15.57 -27.95
N VAL F 327 -18.13 15.57 -26.73
CA VAL F 327 -19.56 15.41 -26.51
C VAL F 327 -20.26 16.75 -26.65
N THR F 328 -21.26 16.83 -27.53
CA THR F 328 -22.15 17.99 -27.61
C THR F 328 -23.25 17.81 -26.55
N PRO F 329 -23.51 18.85 -25.71
CA PRO F 329 -24.62 18.79 -24.72
C PRO F 329 -26.04 18.38 -25.26
N GLY F 330 -26.85 17.72 -24.43
CA GLY F 330 -28.24 17.43 -24.79
C GLY F 330 -28.83 16.07 -24.47
N TYR F 331 -28.04 15.00 -24.57
CA TYR F 331 -28.58 13.65 -24.31
C TYR F 331 -29.14 13.49 -22.88
N ALA F 332 -30.42 13.10 -22.80
CA ALA F 332 -31.11 12.79 -21.54
C ALA F 332 -31.30 13.97 -20.59
N THR F 333 -30.98 15.19 -21.03
CA THR F 333 -31.05 16.36 -20.15
C THR F 333 -32.50 16.68 -19.78
N SER F 334 -33.45 16.32 -20.64
CA SER F 334 -34.88 16.58 -20.32
C SER F 334 -35.40 15.67 -19.22
N LEU F 335 -34.68 14.59 -18.92
CA LEU F 335 -35.08 13.69 -17.83
C LEU F 335 -34.16 13.76 -16.60
N ALA F 336 -32.85 13.72 -16.80
CA ALA F 336 -31.87 13.72 -15.69
C ALA F 336 -31.47 15.13 -15.28
N GLY F 337 -31.94 16.14 -16.02
CA GLY F 337 -31.62 17.53 -15.72
C GLY F 337 -30.14 17.73 -15.57
N ALA F 338 -29.79 18.58 -14.60
CA ALA F 338 -28.40 18.98 -14.38
C ALA F 338 -27.55 17.87 -13.73
N ASN F 339 -28.18 16.74 -13.35
CA ASN F 339 -27.44 15.57 -12.87
C ASN F 339 -26.69 14.81 -13.96
N ILE F 340 -26.96 15.13 -15.25
CA ILE F 340 -26.13 14.60 -16.34
C ILE F 340 -25.33 15.70 -17.05
N VAL F 341 -24.02 15.59 -16.96
CA VAL F 341 -23.07 16.63 -17.33
C VAL F 341 -22.25 16.20 -18.52
N SER F 342 -22.07 17.07 -19.49
CA SER F 342 -21.24 16.75 -20.63
C SER F 342 -19.76 16.69 -20.25
N GLY F 343 -19.09 15.63 -20.68
CA GLY F 343 -17.67 15.50 -20.46
C GLY F 343 -16.83 16.14 -21.54
N LEU F 344 -17.47 16.77 -22.52
CA LEU F 344 -16.77 17.42 -23.63
C LEU F 344 -15.73 16.48 -24.24
N ASP F 345 -14.47 16.89 -24.30
CA ASP F 345 -13.45 16.10 -24.97
C ASP F 345 -12.60 15.26 -23.97
N MET F 346 -13.10 15.08 -22.74
CA MET F 346 -12.33 14.35 -21.74
C MET F 346 -12.18 12.89 -22.10
N THR F 347 -11.02 12.33 -21.82
CA THR F 347 -10.89 10.88 -21.77
C THR F 347 -11.74 10.36 -20.62
N SER F 348 -12.12 9.09 -20.71
CA SER F 348 -12.90 8.45 -19.67
C SER F 348 -12.11 8.32 -18.39
N GLU F 349 -10.79 8.15 -18.52
CA GLU F 349 -9.89 8.08 -17.37
C GLU F 349 -9.92 9.42 -16.59
N ALA F 350 -9.80 10.52 -17.31
CA ALA F 350 -9.90 11.83 -16.69
C ALA F 350 -11.26 12.04 -16.07
N ALA F 351 -12.31 11.62 -16.77
CA ALA F 351 -13.65 11.86 -16.31
C ALA F 351 -13.91 11.13 -15.00
N LEU F 352 -13.47 9.90 -14.93
CA LEU F 352 -13.67 9.10 -13.74
C LEU F 352 -12.87 9.68 -12.57
N ALA F 353 -11.66 10.17 -12.84
CA ALA F 353 -10.84 10.78 -11.80
C ALA F 353 -11.47 12.09 -11.25
N LYS F 354 -11.99 12.91 -12.15
CA LYS F 354 -12.56 14.18 -11.79
C LYS F 354 -13.82 14.01 -11.01
N LEU F 355 -14.57 12.99 -11.37
CA LEU F 355 -15.80 12.68 -10.68
C LEU F 355 -15.51 12.19 -9.25
N SER F 356 -14.52 11.33 -9.12
CA SER F 356 -14.08 10.84 -7.81
C SER F 356 -13.57 12.00 -6.93
N TYR F 357 -12.81 12.92 -7.53
CA TYR F 357 -12.31 14.12 -6.85
C TYR F 357 -13.44 15.04 -6.39
N VAL F 358 -14.32 15.40 -7.31
CA VAL F 358 -15.41 16.30 -7.03
C VAL F 358 -16.38 15.73 -6.00
N LEU F 359 -16.71 14.45 -6.11
CA LEU F 359 -17.62 13.81 -5.16
C LEU F 359 -16.97 13.63 -3.79
N GLY F 360 -15.65 13.64 -3.74
CA GLY F 360 -14.97 13.51 -2.48
C GLY F 360 -14.84 14.81 -1.72
N LEU F 361 -15.09 15.94 -2.38
CA LEU F 361 -14.95 17.25 -1.72
C LEU F 361 -16.02 17.38 -0.63
N PRO F 362 -15.62 17.85 0.56
CA PRO F 362 -16.60 17.93 1.64
C PRO F 362 -17.58 19.11 1.51
N GLU F 363 -18.83 18.87 1.92
CA GLU F 363 -19.82 19.93 2.21
C GLU F 363 -20.10 20.83 1.01
N LEU F 364 -20.47 20.21 -0.10
CA LEU F 364 -20.82 20.97 -1.29
C LEU F 364 -22.23 20.58 -1.67
N SER F 365 -22.98 21.55 -2.19
CA SER F 365 -24.28 21.26 -2.76
C SER F 365 -24.08 20.45 -4.02
N LEU F 366 -25.14 19.80 -4.44
CA LEU F 366 -25.16 19.13 -5.70
C LEU F 366 -24.87 20.07 -6.89
N GLU F 367 -25.40 21.29 -6.83
CA GLU F 367 -25.24 22.26 -7.94
C GLU F 367 -23.79 22.67 -8.06
N ARG F 368 -23.11 22.74 -6.92
CA ARG F 368 -21.71 23.12 -6.90
C ARG F 368 -20.88 22.01 -7.54
N ARG F 369 -21.24 20.76 -7.27
CA ARG F 369 -20.51 19.60 -7.80
C ARG F 369 -20.64 19.56 -9.32
N GLN F 370 -21.84 19.83 -9.80
CA GLN F 370 -22.10 19.97 -11.23
C GLN F 370 -21.32 21.11 -11.88
N GLU F 371 -21.20 22.25 -11.20
CA GLU F 371 -20.40 23.36 -11.71
C GLU F 371 -18.95 22.95 -11.84
N LEU F 372 -18.45 22.23 -10.85
CA LEU F 372 -17.01 21.88 -10.83
C LEU F 372 -16.69 20.88 -11.94
N LEU F 373 -17.59 19.92 -12.15
CA LEU F 373 -17.43 18.96 -13.25
C LEU F 373 -17.39 19.61 -14.65
N ALA F 374 -18.07 20.74 -14.80
CA ALA F 374 -18.08 21.49 -16.05
C ALA F 374 -16.87 22.42 -16.24
N LYS F 375 -15.98 22.51 -15.25
CA LYS F 375 -14.80 23.35 -15.35
C LYS F 375 -13.59 22.51 -15.75
N ASP F 376 -12.60 23.17 -16.35
CA ASP F 376 -11.31 22.55 -16.63
C ASP F 376 -10.44 22.70 -15.40
N LEU F 377 -10.40 21.69 -14.55
CA LEU F 377 -9.71 21.80 -13.26
C LEU F 377 -8.22 21.51 -13.29
N ARG F 378 -7.77 20.71 -14.26
CA ARG F 378 -6.35 20.31 -14.32
C ARG F 378 -5.79 20.26 -15.72
N GLY F 379 -6.49 20.85 -16.69
CA GLY F 379 -6.02 20.82 -18.07
C GLY F 379 -6.52 19.60 -18.80
N GLU F 380 -7.50 18.93 -18.21
CA GLU F 380 -8.08 17.70 -18.76
C GLU F 380 -9.20 17.90 -19.78
N MET F 381 -9.73 19.11 -19.86
CA MET F 381 -10.94 19.37 -20.64
C MET F 381 -10.84 20.71 -21.35
N THR F 382 -11.17 20.73 -22.63
CA THR F 382 -11.14 21.96 -23.44
C THR F 382 -12.54 22.53 -23.49
N LEU F 383 -12.74 23.74 -22.98
CA LEU F 383 -14.03 24.41 -23.03
C LEU F 383 -14.23 25.09 -24.38
N PRO F 384 -15.47 25.06 -24.92
CA PRO F 384 -15.72 25.73 -26.20
C PRO F 384 -15.80 27.25 -26.00
N GLU G 31 -24.91 -4.26 -67.48
CA GLU G 31 -25.84 -3.54 -66.56
C GLU G 31 -25.93 -4.24 -65.18
N ARG G 32 -25.75 -3.48 -64.10
CA ARG G 32 -25.77 -4.05 -62.73
C ARG G 32 -26.72 -3.26 -61.85
N HIS G 33 -27.58 -3.94 -61.08
CA HIS G 33 -28.63 -3.26 -60.32
CA HIS G 33 -28.65 -3.27 -60.34
C HIS G 33 -28.40 -3.41 -58.83
N LEU G 34 -28.56 -2.30 -58.12
CA LEU G 34 -28.34 -2.26 -56.68
C LEU G 34 -29.58 -1.85 -55.95
N LEU G 35 -29.72 -2.34 -54.73
CA LEU G 35 -30.74 -1.84 -53.82
C LEU G 35 -30.10 -0.96 -52.78
N LEU G 36 -30.55 0.28 -52.71
CA LEU G 36 -30.05 1.23 -51.75
C LEU G 36 -31.03 1.32 -50.60
N ILE G 37 -30.62 0.82 -49.43
CA ILE G 37 -31.49 0.77 -48.26
C ILE G 37 -31.17 1.91 -47.33
N TYR G 38 -32.15 2.76 -47.08
CA TYR G 38 -31.94 3.92 -46.28
C TYR G 38 -32.60 3.73 -44.93
N THR G 39 -31.78 3.56 -43.88
CA THR G 39 -32.29 3.23 -42.55
C THR G 39 -32.37 4.42 -41.59
N GLY G 40 -31.68 5.49 -41.91
CA GLY G 40 -31.60 6.64 -41.01
C GLY G 40 -30.21 7.24 -41.01
N GLY G 41 -29.95 8.10 -40.05
CA GLY G 41 -28.63 8.73 -39.93
C GLY G 41 -28.47 10.12 -40.56
N THR G 42 -27.39 10.80 -40.17
CA THR G 42 -27.13 12.17 -40.51
C THR G 42 -27.18 12.41 -42.00
N LEU G 43 -26.76 11.42 -42.77
CA LEU G 43 -26.70 11.56 -44.22
C LEU G 43 -28.00 12.10 -44.79
N GLY G 44 -29.13 11.58 -44.33
CA GLY G 44 -30.41 11.94 -44.94
C GLY G 44 -31.15 13.06 -44.25
N MET G 45 -30.56 13.62 -43.20
CA MET G 45 -31.28 14.58 -42.37
C MET G 45 -31.32 15.99 -42.98
N GLN G 46 -32.05 16.88 -42.32
CA GLN G 46 -32.17 18.28 -42.72
C GLN G 46 -31.69 19.15 -41.60
N SER G 47 -31.09 20.29 -41.94
CA SER G 47 -30.73 21.30 -40.93
C SER G 47 -31.88 22.30 -40.77
N LYS G 48 -32.25 22.57 -39.51
CA LYS G 48 -33.36 23.50 -39.20
C LYS G 48 -33.08 24.25 -37.91
N GLY G 49 -32.50 25.44 -38.05
CA GLY G 49 -32.13 26.25 -36.91
C GLY G 49 -30.94 25.64 -36.19
N GLY G 50 -29.92 25.27 -36.96
CA GLY G 50 -28.69 24.67 -36.44
C GLY G 50 -28.86 23.34 -35.74
N VAL G 51 -29.96 22.64 -36.06
CA VAL G 51 -30.29 21.35 -35.44
C VAL G 51 -30.79 20.41 -36.54
N LEU G 52 -30.42 19.13 -36.41
CA LEU G 52 -30.74 18.14 -37.43
C LEU G 52 -32.04 17.41 -37.12
N VAL G 53 -32.90 17.30 -38.13
CA VAL G 53 -34.17 16.60 -37.99
C VAL G 53 -34.29 15.59 -39.12
N PRO G 54 -35.22 14.64 -39.00
CA PRO G 54 -35.34 13.66 -40.08
C PRO G 54 -35.63 14.26 -41.47
N GLY G 55 -35.20 13.52 -42.50
CA GLY G 55 -35.23 13.97 -43.88
C GLY G 55 -35.69 12.85 -44.80
N PRO G 56 -37.02 12.69 -44.93
CA PRO G 56 -37.54 11.68 -45.84
C PRO G 56 -37.46 12.11 -47.32
N GLY G 57 -37.79 11.17 -48.19
CA GLY G 57 -37.79 11.40 -49.62
C GLY G 57 -36.39 11.60 -50.15
N LEU G 58 -35.51 10.65 -49.86
CA LEU G 58 -34.15 10.70 -50.36
C LEU G 58 -34.19 10.60 -51.89
N VAL G 59 -34.99 9.68 -52.40
CA VAL G 59 -35.08 9.46 -53.84
C VAL G 59 -35.44 10.74 -54.61
N THR G 60 -36.23 11.63 -54.03
CA THR G 60 -36.66 12.83 -54.75
C THR G 60 -35.51 13.84 -54.84
N LEU G 61 -34.60 13.84 -53.87
CA LEU G 61 -33.40 14.67 -53.96
C LEU G 61 -32.40 14.10 -54.94
N LEU G 62 -32.11 12.81 -54.83
CA LEU G 62 -31.11 12.16 -55.68
C LEU G 62 -31.44 12.31 -57.17
N ARG G 63 -32.72 12.28 -57.52
CA ARG G 63 -33.17 12.37 -58.90
C ARG G 63 -32.71 13.69 -59.53
N THR G 64 -32.59 14.74 -58.72
CA THR G 64 -32.19 16.05 -59.19
C THR G 64 -30.69 16.26 -59.25
N LEU G 65 -29.89 15.25 -58.88
CA LEU G 65 -28.44 15.40 -58.86
C LEU G 65 -27.82 14.55 -59.97
N PRO G 66 -27.24 15.22 -60.99
CA PRO G 66 -26.62 14.52 -62.11
C PRO G 66 -25.63 13.45 -61.74
N MET G 67 -24.84 13.68 -60.69
CA MET G 67 -23.85 12.66 -60.26
C MET G 67 -24.52 11.39 -59.75
N PHE G 68 -25.76 11.52 -59.28
CA PHE G 68 -26.54 10.38 -58.81
C PHE G 68 -27.60 9.84 -59.78
N HIS G 69 -28.04 10.67 -60.74
CA HIS G 69 -29.10 10.26 -61.67
C HIS G 69 -28.94 10.89 -63.06
N ASP G 70 -28.76 10.02 -64.05
CA ASP G 70 -28.63 10.43 -65.44
C ASP G 70 -30.03 10.49 -66.09
N LYS G 71 -30.69 11.64 -66.03
CA LYS G 71 -32.05 11.80 -66.62
C LYS G 71 -32.11 11.36 -68.08
N GLU G 72 -31.12 11.80 -68.86
CA GLU G 72 -31.12 11.55 -70.30
C GLU G 72 -31.17 10.04 -70.61
N PHE G 73 -30.37 9.26 -69.90
CA PHE G 73 -30.33 7.80 -70.09
C PHE G 73 -31.61 7.14 -69.59
N ALA G 74 -32.21 7.73 -68.56
CA ALA G 74 -33.44 7.21 -68.00
C ALA G 74 -34.61 7.31 -69.00
N GLN G 75 -34.82 8.49 -69.57
CA GLN G 75 -35.85 8.66 -70.60
C GLN G 75 -35.55 7.84 -71.85
N ALA G 76 -34.29 7.86 -72.28
CA ALA G 76 -33.85 7.09 -73.47
C ALA G 76 -33.95 5.56 -73.30
N GLN G 77 -34.18 5.08 -72.08
CA GLN G 77 -34.38 3.65 -71.85
C GLN G 77 -35.75 3.41 -71.23
N GLY G 78 -36.58 4.46 -71.20
CA GLY G 78 -37.86 4.43 -70.50
C GLY G 78 -37.85 3.64 -69.21
N LEU G 79 -36.92 3.96 -68.32
CA LEU G 79 -36.82 3.27 -67.04
C LEU G 79 -37.96 3.71 -66.15
N PRO G 80 -38.47 2.80 -65.30
CA PRO G 80 -39.46 3.25 -64.32
C PRO G 80 -38.85 4.30 -63.42
N ASP G 81 -39.66 5.21 -62.88
CA ASP G 81 -39.07 6.35 -62.15
C ASP G 81 -38.88 6.11 -60.64
N HIS G 82 -38.90 4.86 -60.21
CA HIS G 82 -38.34 4.49 -58.90
C HIS G 82 -36.85 4.08 -59.03
N ALA G 83 -36.38 3.90 -60.27
CA ALA G 83 -35.04 3.40 -60.57
C ALA G 83 -34.13 4.55 -61.02
N LEU G 84 -33.01 4.75 -60.31
CA LEU G 84 -32.05 5.77 -60.70
C LEU G 84 -30.91 5.12 -61.44
N ALA G 85 -30.23 5.92 -62.24
CA ALA G 85 -29.13 5.46 -63.07
C ALA G 85 -27.92 6.38 -62.87
N LEU G 86 -26.80 5.79 -62.46
CA LEU G 86 -25.58 6.60 -62.33
C LEU G 86 -25.11 6.92 -63.73
N PRO G 87 -24.53 8.12 -63.91
CA PRO G 87 -23.85 8.39 -65.16
C PRO G 87 -22.81 7.31 -65.47
N PRO G 88 -22.31 7.27 -66.72
CA PRO G 88 -21.28 6.27 -67.03
C PRO G 88 -20.00 6.58 -66.29
N ALA G 89 -19.38 5.54 -65.72
CA ALA G 89 -18.08 5.68 -65.06
C ALA G 89 -17.01 5.44 -66.09
N SER G 90 -15.74 5.53 -65.67
CA SER G 90 -14.61 5.31 -66.58
C SER G 90 -14.73 3.99 -67.33
N HIS G 91 -14.74 2.89 -66.56
CA HIS G 91 -14.83 1.54 -67.12
C HIS G 91 -16.10 0.89 -66.56
N GLY G 92 -16.14 -0.44 -66.58
CA GLY G 92 -17.20 -1.19 -65.91
C GLY G 92 -18.53 -1.10 -66.65
N PRO G 93 -19.56 -1.76 -66.10
CA PRO G 93 -20.90 -1.69 -66.67
C PRO G 93 -21.69 -0.53 -66.07
N ARG G 94 -22.88 -0.28 -66.61
CA ARG G 94 -23.72 0.77 -66.12
C ARG G 94 -24.37 0.37 -64.79
N VAL G 95 -24.47 1.30 -63.85
CA VAL G 95 -25.03 1.02 -62.52
C VAL G 95 -26.39 1.68 -62.31
N LEU G 96 -27.40 0.85 -62.04
CA LEU G 96 -28.75 1.30 -61.73
C LEU G 96 -29.09 0.91 -60.31
N TYR G 97 -29.94 1.70 -59.67
CA TYR G 97 -30.27 1.40 -58.30
C TYR G 97 -31.67 1.85 -57.94
N THR G 98 -32.25 1.15 -56.97
CA THR G 98 -33.57 1.47 -56.44
C THR G 98 -33.41 1.88 -55.00
N VAL G 99 -34.16 2.88 -54.57
CA VAL G 99 -34.10 3.36 -53.22
C VAL G 99 -35.24 2.82 -52.38
N LEU G 100 -34.88 2.10 -51.35
CA LEU G 100 -35.84 1.64 -50.38
C LEU G 100 -35.66 2.38 -49.09
N GLU G 101 -36.65 3.17 -48.73
CA GLU G 101 -36.60 3.98 -47.54
C GLU G 101 -37.38 3.30 -46.38
N CYS G 102 -36.67 2.92 -45.32
CA CYS G 102 -37.31 2.36 -44.14
C CYS G 102 -38.14 3.40 -43.41
N GLN G 103 -39.13 2.93 -42.69
CA GLN G 103 -39.98 3.80 -41.90
C GLN G 103 -40.30 3.05 -40.61
N PRO G 104 -40.09 3.68 -39.45
CA PRO G 104 -39.49 5.01 -39.32
C PRO G 104 -37.96 5.00 -39.53
N LEU G 105 -37.43 6.15 -39.87
CA LEU G 105 -35.98 6.33 -39.93
C LEU G 105 -35.41 6.50 -38.53
N LEU G 106 -34.26 5.87 -38.29
CA LEU G 106 -33.67 5.78 -36.94
C LEU G 106 -32.32 6.50 -36.82
N ASP G 107 -32.15 7.22 -35.72
CA ASP G 107 -30.81 7.54 -35.23
C ASP G 107 -30.15 6.18 -34.92
N SER G 108 -28.89 6.02 -35.34
CA SER G 108 -28.24 4.73 -35.16
C SER G 108 -28.02 4.33 -33.68
N SER G 109 -28.02 5.29 -32.77
CA SER G 109 -27.91 4.98 -31.35
C SER G 109 -29.11 4.22 -30.82
N ASP G 110 -30.23 4.22 -31.56
CA ASP G 110 -31.44 3.54 -31.14
C ASP G 110 -31.59 2.20 -31.83
N MET G 111 -30.63 1.82 -32.65
CA MET G 111 -30.74 0.53 -33.31
C MET G 111 -30.33 -0.60 -32.40
N THR G 112 -30.94 -1.75 -32.66
CA THR G 112 -30.72 -2.96 -31.88
C THR G 112 -30.56 -4.13 -32.84
N ILE G 113 -30.31 -5.31 -32.26
CA ILE G 113 -30.20 -6.54 -33.01
C ILE G 113 -31.43 -6.74 -33.92
N ASP G 114 -32.62 -6.41 -33.43
CA ASP G 114 -33.82 -6.57 -34.23
C ASP G 114 -33.83 -5.71 -35.50
N ASP G 115 -33.34 -4.48 -35.39
CA ASP G 115 -33.28 -3.61 -36.56
C ASP G 115 -32.31 -4.18 -37.58
N TRP G 116 -31.19 -4.72 -37.11
CA TRP G 116 -30.22 -5.30 -38.02
C TRP G 116 -30.72 -6.59 -38.66
N ILE G 117 -31.44 -7.40 -37.90
CA ILE G 117 -32.15 -8.55 -38.47
C ILE G 117 -33.12 -8.14 -39.57
N ARG G 118 -33.90 -7.09 -39.33
CA ARG G 118 -34.78 -6.54 -40.37
C ARG G 118 -34.02 -6.19 -41.63
N ILE G 119 -32.86 -5.56 -41.49
CA ILE G 119 -32.07 -5.17 -42.66
C ILE G 119 -31.61 -6.41 -43.37
N ALA G 120 -31.19 -7.40 -42.61
CA ALA G 120 -30.74 -8.65 -43.21
C ALA G 120 -31.89 -9.34 -43.98
N LYS G 121 -33.10 -9.24 -43.44
CA LYS G 121 -34.24 -9.85 -44.09
C LYS G 121 -34.65 -9.10 -45.35
N ILE G 122 -34.46 -7.78 -45.37
CA ILE G 122 -34.66 -7.01 -46.60
C ILE G 122 -33.71 -7.48 -47.70
N ILE G 123 -32.46 -7.68 -47.34
CA ILE G 123 -31.46 -8.15 -48.31
C ILE G 123 -31.82 -9.56 -48.79
N GLU G 124 -32.19 -10.44 -47.87
CA GLU G 124 -32.60 -11.80 -48.19
C GLU G 124 -33.76 -11.81 -49.18
N ARG G 125 -34.77 -11.05 -48.87
CA ARG G 125 -35.94 -11.03 -49.70
C ARG G 125 -35.71 -10.59 -51.14
N HIS G 126 -34.77 -9.68 -51.34
CA HIS G 126 -34.49 -9.14 -52.64
C HIS G 126 -33.19 -9.69 -53.22
N TYR G 127 -32.66 -10.75 -52.63
CA TYR G 127 -31.31 -11.19 -52.98
C TYR G 127 -31.09 -11.48 -54.46
N GLU G 128 -32.03 -12.18 -55.09
CA GLU G 128 -31.81 -12.59 -56.50
C GLU G 128 -32.06 -11.49 -57.48
N GLN G 129 -32.79 -10.47 -57.07
CA GLN G 129 -33.14 -9.38 -57.96
C GLN G 129 -32.05 -8.34 -58.10
N TYR G 130 -31.05 -8.32 -57.21
CA TYR G 130 -30.00 -7.30 -57.24
C TYR G 130 -28.60 -7.89 -57.18
N GLN G 131 -27.61 -7.18 -57.73
CA GLN G 131 -26.23 -7.66 -57.72
C GLN G 131 -25.43 -7.14 -56.52
N GLY G 132 -25.98 -6.16 -55.81
CA GLY G 132 -25.32 -5.59 -54.63
C GLY G 132 -26.23 -4.68 -53.85
N PHE G 133 -25.76 -4.27 -52.67
CA PHE G 133 -26.58 -3.51 -51.72
C PHE G 133 -25.76 -2.44 -51.04
N VAL G 134 -26.38 -1.28 -50.85
CA VAL G 134 -25.78 -0.23 -50.11
C VAL G 134 -26.76 0.13 -49.02
N VAL G 135 -26.25 0.32 -47.81
CA VAL G 135 -27.08 0.61 -46.68
C VAL G 135 -26.63 1.92 -46.06
N ILE G 136 -27.50 2.93 -46.11
CA ILE G 136 -27.22 4.17 -45.45
C ILE G 136 -27.60 4.03 -43.99
N HIS G 137 -26.67 4.40 -43.11
CA HIS G 137 -26.77 4.07 -41.69
C HIS G 137 -26.11 5.20 -40.92
N GLY G 138 -26.57 5.49 -39.71
CA GLY G 138 -25.90 6.47 -38.86
C GLY G 138 -24.53 5.97 -38.42
N THR G 139 -23.57 6.88 -38.24
CA THR G 139 -22.20 6.50 -37.93
C THR G 139 -22.02 5.98 -36.49
N ASP G 140 -22.83 6.47 -35.55
CA ASP G 140 -22.68 6.13 -34.12
C ASP G 140 -22.58 4.62 -33.84
N THR G 141 -23.41 3.79 -34.47
CA THR G 141 -23.36 2.35 -34.27
C THR G 141 -23.14 1.61 -35.56
N MET G 142 -22.61 2.28 -36.56
CA MET G 142 -22.38 1.63 -37.84
C MET G 142 -21.48 0.43 -37.74
N ALA G 143 -20.48 0.51 -36.89
CA ALA G 143 -19.55 -0.62 -36.71
C ALA G 143 -20.27 -1.83 -36.13
N SER G 144 -21.19 -1.57 -35.22
CA SER G 144 -21.96 -2.66 -34.65
C SER G 144 -22.88 -3.23 -35.71
N GLY G 145 -23.52 -2.36 -36.49
CA GLY G 145 -24.41 -2.84 -37.54
C GLY G 145 -23.70 -3.69 -38.57
N ALA G 146 -22.55 -3.19 -39.04
CA ALA G 146 -21.78 -3.91 -40.01
C ALA G 146 -21.33 -5.26 -39.46
N SER G 147 -20.90 -5.28 -38.20
CA SER G 147 -20.45 -6.52 -37.60
C SER G 147 -21.61 -7.50 -37.52
N MET G 148 -22.77 -7.04 -37.05
CA MET G 148 -23.95 -7.91 -36.96
C MET G 148 -24.37 -8.46 -38.30
N LEU G 149 -24.49 -7.60 -39.29
CA LEU G 149 -24.84 -8.08 -40.62
C LEU G 149 -23.84 -9.05 -41.19
N SER G 150 -22.57 -8.83 -40.89
CA SER G 150 -21.51 -9.75 -41.32
C SER G 150 -21.83 -11.19 -40.88
N PHE G 151 -22.30 -11.34 -39.67
CA PHE G 151 -22.59 -12.66 -39.14
C PHE G 151 -23.92 -13.15 -39.60
N MET G 152 -24.91 -12.29 -39.62
CA MET G 152 -26.23 -12.69 -40.05
C MET G 152 -26.28 -13.23 -41.49
N LEU G 153 -25.47 -12.67 -42.39
CA LEU G 153 -25.50 -13.05 -43.80
C LEU G 153 -24.47 -14.09 -44.14
N GLU G 154 -24.75 -15.32 -43.73
CA GLU G 154 -23.84 -16.43 -43.97
C GLU G 154 -23.76 -16.79 -45.45
N ASN G 155 -22.54 -17.02 -45.93
CA ASN G 155 -22.27 -17.36 -47.34
C ASN G 155 -22.62 -16.24 -48.30
N LEU G 156 -22.55 -15.01 -47.82
CA LEU G 156 -22.82 -13.84 -48.67
C LEU G 156 -21.98 -13.87 -49.94
N HIS G 157 -22.63 -13.64 -51.08
CA HIS G 157 -21.96 -13.72 -52.39
C HIS G 157 -21.80 -12.36 -53.01
N LYS G 158 -22.40 -11.34 -52.40
CA LYS G 158 -22.52 -10.01 -53.01
C LYS G 158 -22.18 -8.91 -52.04
N PRO G 159 -21.68 -7.77 -52.54
CA PRO G 159 -21.30 -6.69 -51.66
C PRO G 159 -22.49 -6.08 -50.96
N VAL G 160 -22.32 -5.87 -49.67
CA VAL G 160 -23.24 -5.11 -48.84
C VAL G 160 -22.39 -4.00 -48.24
N ILE G 161 -22.55 -2.79 -48.75
CA ILE G 161 -21.70 -1.67 -48.33
C ILE G 161 -22.45 -0.68 -47.49
N LEU G 162 -22.07 -0.55 -46.22
CA LEU G 162 -22.63 0.48 -45.36
C LEU G 162 -21.92 1.77 -45.55
N THR G 163 -22.66 2.86 -45.44
CA THR G 163 -22.05 4.14 -45.53
C THR G 163 -22.90 5.15 -44.81
N GLY G 164 -22.34 6.34 -44.61
CA GLY G 164 -22.99 7.39 -43.85
C GLY G 164 -22.15 8.64 -43.98
N ALA G 165 -22.39 9.62 -43.14
CA ALA G 165 -21.74 10.92 -43.25
C ALA G 165 -21.77 11.66 -41.95
N GLN G 166 -20.78 12.50 -41.72
CA GLN G 166 -20.81 13.42 -40.58
C GLN G 166 -21.70 14.61 -40.82
N VAL G 167 -21.96 14.93 -42.09
CA VAL G 167 -22.78 16.09 -42.48
C VAL G 167 -23.85 15.66 -43.50
N PRO G 168 -25.09 16.15 -43.35
CA PRO G 168 -26.15 15.68 -44.26
C PRO G 168 -25.90 16.05 -45.72
N ILE G 169 -26.34 15.17 -46.62
CA ILE G 169 -26.22 15.41 -48.05
C ILE G 169 -26.98 16.68 -48.51
N ARG G 170 -27.99 17.12 -47.75
CA ARG G 170 -28.71 18.36 -48.04
C ARG G 170 -27.98 19.62 -47.60
N VAL G 171 -26.95 19.50 -46.77
CA VAL G 171 -26.11 20.66 -46.45
C VAL G 171 -25.04 20.75 -47.55
N LEU G 172 -24.75 21.96 -48.00
CA LEU G 172 -23.97 22.16 -49.22
C LEU G 172 -22.59 21.53 -49.10
N TRP G 173 -21.89 21.89 -48.02
CA TRP G 173 -20.54 21.39 -47.78
C TRP G 173 -20.60 20.12 -46.94
N ASN G 174 -20.48 18.99 -47.59
CA ASN G 174 -20.64 17.72 -46.89
C ASN G 174 -19.74 16.61 -47.39
N ASP G 175 -19.69 15.53 -46.61
CA ASP G 175 -18.95 14.32 -46.99
C ASP G 175 -19.87 13.26 -47.58
N ALA G 176 -21.18 13.51 -47.53
CA ALA G 176 -22.17 12.51 -47.91
C ALA G 176 -22.17 12.20 -49.39
N ARG G 177 -22.03 13.20 -50.23
CA ARG G 177 -22.15 12.97 -51.68
C ARG G 177 -21.12 11.95 -52.10
N GLU G 178 -19.87 12.18 -51.72
CA GLU G 178 -18.81 11.27 -52.17
C GLU G 178 -18.87 9.91 -51.44
N ASN G 179 -19.29 9.87 -50.19
CA ASN G 179 -19.44 8.57 -49.50
C ASN G 179 -20.53 7.72 -50.13
N LEU G 180 -21.68 8.32 -50.43
CA LEU G 180 -22.77 7.58 -51.06
C LEU G 180 -22.41 7.13 -52.47
N LEU G 181 -21.84 8.04 -53.27
CA LEU G 181 -21.47 7.68 -54.63
C LEU G 181 -20.43 6.57 -54.64
N GLY G 182 -19.43 6.70 -53.78
CA GLY G 182 -18.37 5.70 -53.71
C GLY G 182 -18.89 4.33 -53.32
N ALA G 183 -19.79 4.29 -52.37
CA ALA G 183 -20.40 3.00 -51.99
C ALA G 183 -21.16 2.37 -53.15
N LEU G 184 -21.94 3.19 -53.87
CA LEU G 184 -22.70 2.67 -55.04
C LEU G 184 -21.76 2.16 -56.11
N LEU G 185 -20.72 2.94 -56.42
CA LEU G 185 -19.76 2.53 -57.46
C LEU G 185 -19.01 1.26 -57.07
N VAL G 186 -18.62 1.14 -55.79
CA VAL G 186 -17.92 -0.06 -55.35
C VAL G 186 -18.86 -1.25 -55.45
N ALA G 187 -20.07 -1.12 -54.93
CA ALA G 187 -21.02 -2.25 -54.94
C ALA G 187 -21.45 -2.59 -56.36
N GLY G 188 -21.52 -1.56 -57.20
CA GLY G 188 -21.89 -1.73 -58.58
C GLY G 188 -20.84 -2.33 -59.48
N GLN G 189 -19.57 -2.17 -59.15
CA GLN G 189 -18.51 -2.56 -60.08
C GLN G 189 -17.60 -3.68 -59.62
N TYR G 190 -17.64 -4.08 -58.36
CA TYR G 190 -16.69 -5.08 -57.87
C TYR G 190 -17.40 -6.16 -57.10
N ILE G 191 -16.91 -7.37 -57.22
CA ILE G 191 -17.53 -8.50 -56.55
C ILE G 191 -16.70 -8.76 -55.31
N ILE G 192 -17.06 -8.03 -54.26
CA ILE G 192 -16.48 -8.18 -52.94
C ILE G 192 -17.61 -8.70 -52.06
N PRO G 193 -17.60 -10.00 -51.76
CA PRO G 193 -18.70 -10.66 -51.09
C PRO G 193 -18.66 -10.52 -49.58
N GLU G 194 -18.71 -9.28 -49.09
CA GLU G 194 -18.54 -9.02 -47.68
C GLU G 194 -19.39 -7.85 -47.29
N VAL G 195 -19.72 -7.78 -46.01
CA VAL G 195 -20.34 -6.59 -45.46
C VAL G 195 -19.19 -5.63 -45.20
N CYS G 196 -19.23 -4.48 -45.86
CA CYS G 196 -18.16 -3.47 -45.79
C CYS G 196 -18.65 -2.14 -45.26
N LEU G 197 -17.70 -1.26 -44.98
CA LEU G 197 -18.00 0.11 -44.62
C LEU G 197 -17.20 1.00 -45.57
N PHE G 198 -17.89 1.88 -46.31
CA PHE G 198 -17.20 2.83 -47.18
C PHE G 198 -17.32 4.23 -46.64
N MET G 199 -16.18 4.86 -46.33
CA MET G 199 -16.13 6.27 -45.90
C MET G 199 -14.80 6.91 -46.30
N ASN G 200 -14.85 8.15 -46.76
CA ASN G 200 -13.66 8.95 -46.97
C ASN G 200 -12.66 8.21 -47.85
N SER G 201 -13.16 7.73 -48.98
CA SER G 201 -12.36 7.08 -49.99
C SER G 201 -11.75 5.72 -49.59
N GLN G 202 -12.23 5.10 -48.50
CA GLN G 202 -11.71 3.83 -48.04
C GLN G 202 -12.82 2.80 -47.86
N LEU G 203 -12.58 1.58 -48.31
CA LEU G 203 -13.48 0.47 -48.07
C LEU G 203 -12.89 -0.42 -46.99
N PHE G 204 -13.57 -0.55 -45.85
CA PHE G 204 -13.10 -1.37 -44.73
C PHE G 204 -13.91 -2.64 -44.62
N ARG G 205 -13.32 -3.70 -44.07
CA ARG G 205 -14.10 -4.85 -43.71
C ARG G 205 -14.99 -4.46 -42.56
N GLY G 206 -16.29 -4.70 -42.68
CA GLY G 206 -17.26 -4.22 -41.72
C GLY G 206 -16.99 -4.68 -40.31
N ASN G 207 -16.66 -5.95 -40.15
CA ASN G 207 -16.44 -6.47 -38.82
C ASN G 207 -15.06 -6.15 -38.24
N ARG G 208 -14.31 -5.29 -38.92
CA ARG G 208 -13.00 -4.87 -38.46
C ARG G 208 -12.94 -3.39 -38.08
N VAL G 209 -14.04 -2.66 -38.29
CA VAL G 209 -14.01 -1.21 -38.07
C VAL G 209 -14.50 -0.80 -36.71
N THR G 210 -14.07 0.39 -36.31
CA THR G 210 -14.62 1.04 -35.12
C THR G 210 -14.55 2.57 -35.36
N LYS G 211 -15.44 3.29 -34.71
CA LYS G 211 -15.52 4.73 -34.89
C LYS G 211 -14.53 5.40 -33.95
N VAL G 212 -13.60 6.15 -34.52
CA VAL G 212 -12.56 6.78 -33.72
C VAL G 212 -12.65 8.29 -33.60
N ASP G 213 -13.41 8.94 -34.47
CA ASP G 213 -13.50 10.40 -34.43
C ASP G 213 -14.94 10.87 -34.61
N SER G 214 -15.41 11.67 -33.69
CA SER G 214 -16.79 12.12 -33.70
C SER G 214 -17.00 13.38 -34.55
N GLN G 215 -15.95 13.96 -35.11
CA GLN G 215 -16.09 15.20 -35.89
C GLN G 215 -15.48 15.12 -37.32
N LYS G 216 -14.32 14.49 -37.49
CA LYS G 216 -13.66 14.47 -38.77
C LYS G 216 -14.33 13.54 -39.78
N PHE G 217 -14.08 13.83 -41.04
CA PHE G 217 -14.61 13.01 -42.11
C PHE G 217 -14.00 11.61 -42.12
N GLU G 218 -12.74 11.51 -41.69
CA GLU G 218 -12.13 10.21 -41.42
C GLU G 218 -12.60 9.76 -40.05
N ALA G 219 -13.80 9.21 -40.00
CA ALA G 219 -14.45 8.88 -38.73
C ALA G 219 -14.13 7.48 -38.23
N PHE G 220 -13.73 6.59 -39.14
CA PHE G 220 -13.54 5.20 -38.82
C PHE G 220 -12.13 4.74 -39.04
N CYS G 221 -11.80 3.67 -38.34
CA CYS G 221 -10.48 3.06 -38.39
C CYS G 221 -10.69 1.55 -38.39
N SER G 222 -9.87 0.83 -39.14
CA SER G 222 -9.80 -0.63 -39.10
C SER G 222 -8.44 -0.95 -38.46
N PRO G 223 -8.39 -1.00 -37.12
CA PRO G 223 -7.08 -0.94 -36.46
C PRO G 223 -6.17 -2.14 -36.68
N ASN G 224 -6.73 -3.32 -36.90
CA ASN G 224 -5.94 -4.53 -37.05
C ASN G 224 -6.09 -5.19 -38.41
N LEU G 225 -6.51 -4.45 -39.41
CA LEU G 225 -6.55 -4.96 -40.77
C LEU G 225 -6.49 -3.81 -41.73
N SER G 226 -5.79 -4.01 -42.84
CA SER G 226 -5.81 -3.02 -43.88
C SER G 226 -7.21 -2.84 -44.40
N PRO G 227 -7.46 -1.68 -45.01
CA PRO G 227 -8.65 -1.54 -45.82
C PRO G 227 -8.71 -2.56 -46.91
N LEU G 228 -9.90 -2.98 -47.29
CA LEU G 228 -10.10 -3.86 -48.42
C LEU G 228 -9.86 -3.11 -49.72
N ALA G 229 -10.09 -1.81 -49.71
CA ALA G 229 -9.90 -1.00 -50.90
C ALA G 229 -9.66 0.44 -50.59
N THR G 230 -8.97 1.08 -51.52
CA THR G 230 -8.70 2.51 -51.46
C THR G 230 -9.04 3.11 -52.79
N VAL G 231 -9.57 4.32 -52.74
CA VAL G 231 -10.00 5.03 -53.91
C VAL G 231 -9.21 6.32 -54.06
N GLY G 232 -8.64 6.50 -55.25
CA GLY G 232 -7.86 7.69 -55.57
C GLY G 232 -8.05 7.90 -57.05
N ALA G 233 -7.01 8.41 -57.70
CA ALA G 233 -6.97 8.38 -59.17
C ALA G 233 -7.28 6.98 -59.69
N ASP G 234 -6.74 5.96 -58.99
CA ASP G 234 -7.08 4.57 -59.23
C ASP G 234 -7.78 3.96 -58.04
N VAL G 235 -8.45 2.83 -58.30
CA VAL G 235 -9.05 2.01 -57.30
C VAL G 235 -8.15 0.82 -57.02
N THR G 236 -7.66 0.72 -55.79
CA THR G 236 -6.76 -0.35 -55.40
C THR G 236 -7.49 -1.29 -54.45
N ILE G 237 -7.52 -2.57 -54.77
CA ILE G 237 -8.22 -3.55 -53.96
C ILE G 237 -7.27 -4.61 -53.44
N ALA G 238 -7.32 -4.85 -52.14
CA ALA G 238 -6.56 -5.90 -51.51
C ALA G 238 -7.22 -7.28 -51.74
N TRP G 239 -7.10 -7.80 -52.95
CA TRP G 239 -7.70 -9.09 -53.29
C TRP G 239 -7.13 -10.23 -52.48
N ASP G 240 -5.90 -10.09 -52.01
CA ASP G 240 -5.32 -11.05 -51.06
C ASP G 240 -6.14 -11.20 -49.77
N LEU G 241 -6.87 -10.17 -49.35
CA LEU G 241 -7.66 -10.21 -48.13
C LEU G 241 -9.11 -10.55 -48.39
N VAL G 242 -9.64 -10.08 -49.52
CA VAL G 242 -11.06 -10.21 -49.80
C VAL G 242 -11.44 -11.67 -49.76
N ARG G 243 -12.54 -11.97 -49.11
CA ARG G 243 -12.98 -13.35 -48.97
C ARG G 243 -13.52 -13.94 -50.28
N LYS G 244 -13.54 -15.28 -50.34
CA LYS G 244 -13.85 -16.01 -51.56
C LYS G 244 -15.34 -16.31 -51.66
N VAL G 245 -15.91 -16.04 -52.83
CA VAL G 245 -17.31 -16.37 -53.11
C VAL G 245 -17.45 -17.89 -53.16
N LYS G 246 -18.31 -18.45 -52.31
CA LYS G 246 -18.61 -19.88 -52.38
C LYS G 246 -19.93 -20.07 -53.14
N TRP G 247 -19.82 -20.17 -54.47
CA TRP G 247 -20.98 -20.11 -55.36
C TRP G 247 -21.96 -21.24 -55.15
N LYS G 248 -21.44 -22.37 -54.72
CA LYS G 248 -22.24 -23.57 -54.52
C LYS G 248 -23.23 -23.43 -53.36
N ASP G 249 -22.81 -22.79 -52.27
CA ASP G 249 -23.61 -22.70 -51.05
C ASP G 249 -24.60 -21.54 -51.10
N PRO G 250 -25.83 -21.77 -50.67
CA PRO G 250 -26.77 -20.68 -50.71
C PRO G 250 -26.62 -19.72 -49.53
N LEU G 251 -27.15 -18.51 -49.68
CA LEU G 251 -27.22 -17.57 -48.59
C LEU G 251 -28.07 -18.13 -47.46
N VAL G 252 -27.58 -18.01 -46.24
CA VAL G 252 -28.37 -18.39 -45.08
C VAL G 252 -28.38 -17.22 -44.13
N VAL G 253 -29.57 -16.74 -43.80
CA VAL G 253 -29.72 -15.55 -42.98
C VAL G 253 -30.12 -15.94 -41.58
N HIS G 254 -29.29 -15.55 -40.62
CA HIS G 254 -29.50 -15.91 -39.24
C HIS G 254 -30.36 -14.88 -38.51
N SER G 255 -31.66 -15.14 -38.45
CA SER G 255 -32.60 -14.40 -37.60
C SER G 255 -32.53 -14.86 -36.16
N ASN G 256 -31.95 -16.04 -35.94
CA ASN G 256 -31.71 -16.61 -34.62
C ASN G 256 -30.41 -16.06 -34.01
N MET G 257 -30.47 -14.84 -33.50
CA MET G 257 -29.30 -14.20 -32.88
C MET G 257 -29.67 -14.07 -31.44
N GLU G 258 -28.79 -14.52 -30.55
CA GLU G 258 -29.07 -14.40 -29.12
C GLU G 258 -29.09 -12.93 -28.72
N HIS G 259 -30.18 -12.52 -28.08
CA HIS G 259 -30.37 -11.16 -27.63
C HIS G 259 -29.73 -10.89 -26.26
N ASP G 260 -29.67 -11.91 -25.39
CA ASP G 260 -29.12 -11.74 -24.03
C ASP G 260 -27.60 -11.83 -23.99
N VAL G 261 -26.94 -10.92 -24.73
CA VAL G 261 -25.50 -10.77 -24.72
C VAL G 261 -25.21 -9.31 -24.41
N ALA G 262 -24.14 -9.07 -23.68
CA ALA G 262 -23.82 -7.75 -23.19
C ALA G 262 -22.34 -7.50 -23.35
N LEU G 263 -21.97 -6.24 -23.15
CA LEU G 263 -20.60 -5.82 -23.13
C LEU G 263 -20.36 -5.20 -21.77
N LEU G 264 -19.23 -5.52 -21.16
CA LEU G 264 -18.87 -4.98 -19.84
C LEU G 264 -17.44 -4.46 -19.87
N ARG G 265 -17.27 -3.17 -19.63
CA ARG G 265 -15.94 -2.60 -19.59
C ARG G 265 -15.40 -2.60 -18.15
N LEU G 266 -14.33 -3.36 -17.92
CA LEU G 266 -13.74 -3.40 -16.59
C LEU G 266 -12.93 -2.13 -16.39
N TYR G 267 -13.12 -1.48 -15.27
CA TYR G 267 -12.40 -0.27 -14.99
C TYR G 267 -11.67 -0.55 -13.71
N PRO G 268 -10.62 0.20 -13.43
CA PRO G 268 -9.85 -0.08 -12.24
C PRO G 268 -10.71 -0.05 -10.97
N GLY G 269 -10.55 -1.08 -10.16
CA GLY G 269 -11.30 -1.14 -8.89
C GLY G 269 -12.75 -1.55 -9.01
N ILE G 270 -13.20 -2.02 -10.18
CA ILE G 270 -14.58 -2.39 -10.35
C ILE G 270 -14.95 -3.45 -9.32
N PRO G 271 -16.00 -3.23 -8.51
CA PRO G 271 -16.30 -4.19 -7.43
C PRO G 271 -16.97 -5.47 -7.89
N ALA G 272 -16.64 -6.54 -7.18
CA ALA G 272 -17.19 -7.84 -7.47
C ALA G 272 -18.72 -7.82 -7.44
N SER G 273 -19.30 -7.04 -6.53
CA SER G 273 -20.76 -7.04 -6.37
C SER G 273 -21.44 -6.45 -7.59
N LEU G 274 -20.80 -5.48 -8.20
CA LEU G 274 -21.30 -4.90 -9.43
C LEU G 274 -21.17 -5.86 -10.60
N VAL G 275 -20.05 -6.55 -10.68
CA VAL G 275 -19.88 -7.59 -11.69
C VAL G 275 -20.91 -8.72 -11.50
N ARG G 276 -21.16 -9.12 -10.25
CA ARG G 276 -22.16 -10.14 -9.95
C ARG G 276 -23.52 -9.73 -10.46
N ALA G 277 -23.93 -8.49 -10.15
CA ALA G 277 -25.20 -7.97 -10.59
C ALA G 277 -25.29 -7.95 -12.12
N PHE G 278 -24.21 -7.54 -12.78
CA PHE G 278 -24.22 -7.39 -14.23
C PHE G 278 -24.37 -8.74 -14.92
N LEU G 279 -23.79 -9.78 -14.35
CA LEU G 279 -23.81 -11.09 -14.97
C LEU G 279 -24.97 -12.00 -14.53
N GLN G 280 -25.98 -11.48 -13.83
CA GLN G 280 -27.14 -12.30 -13.45
C GLN G 280 -27.92 -12.84 -14.67
N PRO G 281 -28.61 -13.99 -14.50
CA PRO G 281 -29.62 -14.41 -15.48
C PRO G 281 -30.60 -13.28 -15.78
N PRO G 282 -31.09 -13.20 -17.01
CA PRO G 282 -30.93 -14.22 -18.05
C PRO G 282 -29.74 -14.04 -19.02
N LEU G 283 -28.69 -13.33 -18.64
CA LEU G 283 -27.55 -13.09 -19.55
C LEU G 283 -26.90 -14.40 -19.96
N LYS G 284 -26.66 -14.59 -21.25
CA LYS G 284 -26.10 -15.82 -21.77
C LYS G 284 -24.65 -15.64 -22.18
N GLY G 285 -24.30 -14.44 -22.61
CA GLY G 285 -22.92 -14.15 -23.02
C GLY G 285 -22.50 -12.73 -22.67
N VAL G 286 -21.21 -12.53 -22.46
CA VAL G 286 -20.70 -11.20 -22.24
C VAL G 286 -19.33 -11.04 -22.91
N VAL G 287 -19.11 -9.87 -23.50
CA VAL G 287 -17.77 -9.44 -23.89
C VAL G 287 -17.18 -8.62 -22.76
N LEU G 288 -16.10 -9.11 -22.16
CA LEU G 288 -15.39 -8.36 -21.14
C LEU G 288 -14.29 -7.54 -21.78
N GLU G 289 -14.28 -6.24 -21.56
CA GLU G 289 -13.22 -5.41 -22.11
C GLU G 289 -12.21 -5.18 -21.04
N THR G 290 -11.02 -5.73 -21.25
CA THR G 290 -9.99 -5.73 -20.22
C THR G 290 -8.84 -4.81 -20.63
N PHE G 291 -7.81 -4.69 -19.79
CA PHE G 291 -6.70 -3.77 -20.04
C PHE G 291 -5.61 -4.39 -20.88
N GLY G 292 -4.95 -3.57 -21.67
CA GLY G 292 -3.84 -4.00 -22.50
C GLY G 292 -3.99 -5.30 -23.27
N SER G 293 -3.08 -6.24 -23.01
CA SER G 293 -3.09 -7.57 -23.64
C SER G 293 -4.14 -8.54 -23.11
N GLY G 294 -5.11 -8.05 -22.35
CA GLY G 294 -6.18 -8.90 -21.87
C GLY G 294 -6.19 -9.15 -20.37
N ASN G 295 -5.74 -8.17 -19.59
CA ASN G 295 -5.62 -8.33 -18.15
C ASN G 295 -6.72 -7.56 -17.47
N GLY G 296 -7.51 -8.26 -16.66
CA GLY G 296 -8.47 -7.64 -15.76
C GLY G 296 -7.89 -7.63 -14.37
N PRO G 297 -8.61 -7.07 -13.41
CA PRO G 297 -8.14 -7.16 -12.03
C PRO G 297 -8.13 -8.60 -11.56
N SER G 298 -7.16 -8.96 -10.73
CA SER G 298 -7.05 -10.30 -10.26
C SER G 298 -7.55 -10.47 -8.84
N LYS G 299 -8.27 -9.50 -8.28
CA LYS G 299 -8.75 -9.66 -6.91
C LYS G 299 -9.68 -10.87 -6.82
N PRO G 300 -9.48 -11.73 -5.81
CA PRO G 300 -10.18 -12.99 -5.73
C PRO G 300 -11.69 -12.87 -5.80
N ASP G 301 -12.29 -11.87 -5.18
CA ASP G 301 -13.74 -11.81 -5.17
C ASP G 301 -14.27 -11.59 -6.59
N LEU G 302 -13.58 -10.79 -7.39
CA LEU G 302 -13.98 -10.56 -8.77
C LEU G 302 -13.79 -11.83 -9.60
N LEU G 303 -12.65 -12.49 -9.47
CA LEU G 303 -12.43 -13.74 -10.20
C LEU G 303 -13.48 -14.80 -9.83
N GLN G 304 -13.85 -14.85 -8.56
CA GLN G 304 -14.88 -15.77 -8.10
C GLN G 304 -16.21 -15.53 -8.80
N GLU G 305 -16.55 -14.26 -9.04
CA GLU G 305 -17.80 -13.94 -9.74
C GLU G 305 -17.76 -14.41 -11.18
N LEU G 306 -16.58 -14.38 -11.77
CA LEU G 306 -16.43 -14.90 -13.14
C LEU G 306 -16.53 -16.42 -13.18
N ARG G 307 -15.95 -17.06 -12.18
CA ARG G 307 -16.08 -18.50 -12.01
C ARG G 307 -17.53 -18.89 -11.87
N ALA G 308 -18.24 -18.20 -10.99
CA ALA G 308 -19.62 -18.54 -10.70
C ALA G 308 -20.50 -18.36 -11.93
N ALA G 309 -20.22 -17.33 -12.74
CA ALA G 309 -21.00 -17.12 -13.94
C ALA G 309 -20.71 -18.22 -14.97
N ALA G 310 -19.44 -18.59 -15.12
CA ALA G 310 -19.07 -19.72 -15.95
C ALA G 310 -19.79 -21.01 -15.51
N GLN G 311 -19.91 -21.23 -14.21
CA GLN G 311 -20.62 -22.40 -13.70
C GLN G 311 -22.12 -22.36 -14.00
N ARG G 312 -22.70 -21.17 -14.09
CA ARG G 312 -24.10 -21.04 -14.56
C ARG G 312 -24.25 -21.24 -16.07
N GLY G 313 -23.13 -21.40 -16.77
CA GLY G 313 -23.15 -21.58 -18.22
C GLY G 313 -22.94 -20.32 -19.04
N LEU G 314 -22.59 -19.22 -18.39
CA LEU G 314 -22.33 -17.98 -19.12
C LEU G 314 -21.06 -18.13 -19.92
N ILE G 315 -21.09 -17.68 -21.18
CA ILE G 315 -19.86 -17.61 -21.97
C ILE G 315 -19.29 -16.19 -22.04
N MET G 316 -17.99 -16.08 -21.82
CA MET G 316 -17.30 -14.80 -21.74
C MET G 316 -16.24 -14.73 -22.81
N VAL G 317 -16.18 -13.59 -23.51
CA VAL G 317 -15.13 -13.32 -24.49
C VAL G 317 -14.33 -12.14 -23.99
N ASN G 318 -13.02 -12.30 -23.95
CA ASN G 318 -12.11 -11.26 -23.49
C ASN G 318 -11.53 -10.45 -24.66
N CYS G 319 -11.91 -9.17 -24.75
CA CYS G 319 -11.38 -8.23 -25.73
C CYS G 319 -10.60 -7.13 -25.03
N SER G 320 -9.65 -6.54 -25.73
CA SER G 320 -8.87 -5.46 -25.18
C SER G 320 -9.61 -4.14 -25.33
N GLN G 321 -9.53 -3.31 -24.30
CA GLN G 321 -9.91 -1.89 -24.39
C GLN G 321 -9.07 -1.08 -25.36
N CYS G 322 -7.86 -1.51 -25.64
CA CYS G 322 -7.02 -0.79 -26.58
C CYS G 322 -7.58 -0.89 -28.00
N LEU G 323 -7.49 0.23 -28.70
CA LEU G 323 -7.87 0.28 -30.10
C LEU G 323 -7.12 -0.75 -30.94
N ARG G 324 -5.81 -0.86 -30.74
CA ARG G 324 -4.95 -1.70 -31.56
C ARG G 324 -4.31 -2.84 -30.75
N GLY G 325 -4.06 -3.97 -31.41
CA GLY G 325 -3.46 -5.15 -30.78
C GLY G 325 -4.46 -6.20 -30.28
N SER G 326 -3.91 -7.14 -29.51
CA SER G 326 -4.48 -8.45 -29.38
C SER G 326 -4.44 -8.93 -27.92
N VAL G 327 -5.41 -9.76 -27.55
CA VAL G 327 -5.47 -10.40 -26.25
C VAL G 327 -4.62 -11.66 -26.25
N THR G 328 -3.64 -11.74 -25.36
CA THR G 328 -2.87 -12.98 -25.12
C THR G 328 -3.68 -13.84 -24.12
N PRO G 329 -3.88 -15.14 -24.43
CA PRO G 329 -4.64 -16.04 -23.55
C PRO G 329 -4.14 -16.08 -22.09
N GLY G 330 -5.05 -16.35 -21.14
CA GLY G 330 -4.63 -16.62 -19.77
C GLY G 330 -5.45 -16.02 -18.63
N TYR G 331 -5.98 -14.81 -18.81
CA TYR G 331 -6.72 -14.15 -17.73
C TYR G 331 -7.94 -14.97 -17.30
N ALA G 332 -7.97 -15.29 -16.00
CA ALA G 332 -9.10 -15.97 -15.36
C ALA G 332 -9.36 -17.41 -15.82
N THR G 333 -8.47 -17.97 -16.64
CA THR G 333 -8.70 -19.31 -17.19
C THR G 333 -8.63 -20.39 -16.10
N SER G 334 -7.87 -20.14 -15.03
CA SER G 334 -7.77 -21.10 -13.92
C SER G 334 -9.05 -21.17 -13.10
N LEU G 335 -9.95 -20.19 -13.25
CA LEU G 335 -11.25 -20.22 -12.57
C LEU G 335 -12.46 -20.44 -13.50
N ALA G 336 -12.52 -19.72 -14.63
CA ALA G 336 -13.65 -19.84 -15.56
C ALA G 336 -13.45 -20.94 -16.61
N GLY G 337 -12.27 -21.56 -16.62
CA GLY G 337 -11.95 -22.58 -17.59
C GLY G 337 -12.26 -22.13 -19.01
N ALA G 338 -12.78 -23.06 -19.80
CA ALA G 338 -13.02 -22.85 -21.23
C ALA G 338 -14.23 -21.94 -21.50
N ASN G 339 -14.95 -21.56 -20.45
CA ASN G 339 -16.04 -20.56 -20.59
C ASN G 339 -15.55 -19.12 -20.80
N ILE G 340 -14.26 -18.87 -20.61
CA ILE G 340 -13.67 -17.59 -20.98
C ILE G 340 -12.71 -17.74 -22.15
N VAL G 341 -13.05 -17.09 -23.25
CA VAL G 341 -12.39 -17.26 -24.51
C VAL G 341 -11.67 -15.98 -24.89
N SER G 342 -10.45 -16.10 -25.41
CA SER G 342 -9.74 -14.93 -25.90
C SER G 342 -10.35 -14.40 -27.18
N GLY G 343 -10.60 -13.10 -27.23
CA GLY G 343 -11.05 -12.46 -28.44
C GLY G 343 -9.95 -12.04 -29.39
N LEU G 344 -8.69 -12.37 -29.06
CA LEU G 344 -7.55 -12.00 -29.87
C LEU G 344 -7.62 -10.52 -30.30
N ASP G 345 -7.57 -10.24 -31.59
CA ASP G 345 -7.51 -8.85 -32.05
C ASP G 345 -8.88 -8.30 -32.46
N MET G 346 -9.96 -8.95 -32.07
CA MET G 346 -11.30 -8.53 -32.48
C MET G 346 -11.67 -7.20 -31.91
N THR G 347 -12.36 -6.38 -32.70
CA THR G 347 -13.07 -5.25 -32.13
C THR G 347 -14.18 -5.78 -31.22
N SER G 348 -14.63 -4.95 -30.29
CA SER G 348 -15.69 -5.33 -29.36
C SER G 348 -17.03 -5.48 -30.10
N GLU G 349 -17.21 -4.69 -31.15
CA GLU G 349 -18.38 -4.78 -32.01
C GLU G 349 -18.43 -6.17 -32.67
N ALA G 350 -17.31 -6.62 -33.22
CA ALA G 350 -17.26 -7.94 -33.81
C ALA G 350 -17.48 -9.02 -32.77
N ALA G 351 -16.87 -8.85 -31.61
CA ALA G 351 -16.96 -9.86 -30.58
C ALA G 351 -18.38 -10.05 -30.10
N LEU G 352 -19.09 -8.95 -29.89
CA LEU G 352 -20.48 -9.00 -29.46
C LEU G 352 -21.38 -9.63 -30.52
N ALA G 353 -21.11 -9.34 -31.78
CA ALA G 353 -21.88 -9.92 -32.88
C ALA G 353 -21.67 -11.43 -32.98
N LYS G 354 -20.41 -11.85 -32.88
CA LYS G 354 -20.05 -13.26 -33.01
C LYS G 354 -20.64 -14.07 -31.88
N LEU G 355 -20.69 -13.47 -30.71
CA LEU G 355 -21.21 -14.13 -29.54
C LEU G 355 -22.71 -14.31 -29.65
N SER G 356 -23.38 -13.26 -30.14
CA SER G 356 -24.82 -13.33 -30.41
C SER G 356 -25.15 -14.39 -31.48
N TYR G 357 -24.33 -14.44 -32.52
CA TYR G 357 -24.46 -15.43 -33.57
C TYR G 357 -24.25 -16.88 -33.05
N VAL G 358 -23.11 -17.12 -32.41
CA VAL G 358 -22.77 -18.44 -31.93
C VAL G 358 -23.79 -18.93 -30.90
N LEU G 359 -24.25 -18.06 -29.99
CA LEU G 359 -25.21 -18.45 -28.96
C LEU G 359 -26.58 -18.68 -29.54
N GLY G 360 -26.85 -18.09 -30.70
CA GLY G 360 -28.12 -18.30 -31.35
C GLY G 360 -28.20 -19.57 -32.19
N LEU G 361 -27.06 -20.20 -32.48
CA LEU G 361 -27.07 -21.46 -33.27
C LEU G 361 -27.79 -22.59 -32.53
N PRO G 362 -28.63 -23.38 -33.22
CA PRO G 362 -29.41 -24.41 -32.53
C PRO G 362 -28.62 -25.68 -32.27
N GLU G 363 -28.90 -26.29 -31.13
CA GLU G 363 -28.47 -27.64 -30.81
C GLU G 363 -26.96 -27.82 -30.92
N LEU G 364 -26.21 -27.01 -30.18
CA LEU G 364 -24.77 -27.18 -30.06
C LEU G 364 -24.41 -27.36 -28.62
N SER G 365 -23.39 -28.16 -28.36
CA SER G 365 -22.83 -28.24 -27.02
C SER G 365 -22.16 -26.93 -26.67
N LEU G 366 -21.95 -26.72 -25.39
CA LEU G 366 -21.10 -25.63 -24.92
C LEU G 366 -19.67 -25.66 -25.53
N GLU G 367 -19.07 -26.84 -25.65
CA GLU G 367 -17.69 -26.95 -26.13
C GLU G 367 -17.62 -26.51 -27.58
N ARG G 368 -18.68 -26.79 -28.33
CA ARG G 368 -18.75 -26.46 -29.73
C ARG G 368 -18.84 -24.96 -29.88
N ARG G 369 -19.62 -24.31 -29.02
CA ARG G 369 -19.78 -22.86 -29.04
C ARG G 369 -18.46 -22.18 -28.75
N GLN G 370 -17.75 -22.69 -27.76
CA GLN G 370 -16.39 -22.23 -27.48
C GLN G 370 -15.43 -22.42 -28.66
N GLU G 371 -15.51 -23.55 -29.35
CA GLU G 371 -14.66 -23.76 -30.53
C GLU G 371 -14.97 -22.72 -31.62
N LEU G 372 -16.25 -22.44 -31.82
CA LEU G 372 -16.68 -21.52 -32.89
C LEU G 372 -16.23 -20.10 -32.59
N LEU G 373 -16.34 -19.68 -31.34
CA LEU G 373 -15.82 -18.37 -30.92
C LEU G 373 -14.32 -18.18 -31.15
N ALA G 374 -13.56 -19.27 -31.09
CA ALA G 374 -12.10 -19.24 -31.32
C ALA G 374 -11.72 -19.30 -32.79
N LYS G 375 -12.69 -19.45 -33.69
CA LYS G 375 -12.40 -19.50 -35.15
C LYS G 375 -12.62 -18.12 -35.76
N ASP G 376 -11.95 -17.89 -36.87
CA ASP G 376 -12.20 -16.72 -37.67
C ASP G 376 -13.37 -17.01 -38.61
N LEU G 377 -14.57 -16.60 -38.25
CA LEU G 377 -15.75 -17.01 -39.00
C LEU G 377 -16.11 -16.09 -40.17
N ARG G 378 -15.73 -14.82 -40.10
CA ARG G 378 -16.09 -13.85 -41.14
C ARG G 378 -14.96 -12.90 -41.47
N GLY G 379 -13.73 -13.20 -41.06
CA GLY G 379 -12.58 -12.32 -41.37
C GLY G 379 -12.40 -11.28 -40.28
N GLU G 380 -13.07 -11.49 -39.16
CA GLU G 380 -13.06 -10.56 -38.03
C GLU G 380 -11.90 -10.74 -37.07
N MET G 381 -11.17 -11.84 -37.19
CA MET G 381 -10.19 -12.22 -36.18
C MET G 381 -8.98 -12.84 -36.86
N THR G 382 -7.78 -12.40 -36.47
CA THR G 382 -6.53 -12.93 -36.99
C THR G 382 -5.99 -13.98 -36.01
N LEU G 383 -5.87 -15.21 -36.46
CA LEU G 383 -5.30 -16.28 -35.63
C LEU G 383 -3.78 -16.24 -35.68
N PRO G 384 -3.11 -16.51 -34.55
CA PRO G 384 -1.64 -16.37 -34.53
C PRO G 384 -0.84 -17.43 -35.32
N GLU H 31 -24.00 39.40 -49.47
CA GLU H 31 -23.61 38.86 -50.80
C GLU H 31 -22.13 39.09 -51.11
N ARG H 32 -21.42 38.04 -51.51
CA ARG H 32 -19.96 38.13 -51.77
C ARG H 32 -19.63 37.52 -53.13
N HIS H 33 -18.81 38.21 -53.92
CA HIS H 33 -18.60 37.84 -55.31
C HIS H 33 -17.12 37.41 -55.53
N LEU H 34 -16.95 36.29 -56.22
CA LEU H 34 -15.62 35.72 -56.47
C LEU H 34 -15.37 35.62 -57.93
N LEU H 35 -14.10 35.72 -58.28
CA LEU H 35 -13.66 35.41 -59.62
C LEU H 35 -12.97 34.05 -59.62
N LEU H 36 -13.47 33.12 -60.43
CA LEU H 36 -12.89 31.80 -60.56
C LEU H 36 -12.05 31.74 -61.82
N ILE H 37 -10.74 31.66 -61.66
CA ILE H 37 -9.81 31.71 -62.75
C ILE H 37 -9.37 30.29 -63.09
N TYR H 38 -9.65 29.87 -64.31
CA TYR H 38 -9.34 28.51 -64.72
C TYR H 38 -8.15 28.53 -65.69
N THR H 39 -7.00 28.06 -65.22
CA THR H 39 -5.75 28.14 -65.98
C THR H 39 -5.37 26.86 -66.69
N GLY H 40 -5.97 25.75 -66.30
CA GLY H 40 -5.62 24.44 -66.86
C GLY H 40 -5.62 23.35 -65.78
N GLY H 41 -5.05 22.21 -66.11
CA GLY H 41 -4.97 21.12 -65.19
C GLY H 41 -6.04 20.05 -65.34
N THR H 42 -5.79 18.93 -64.70
CA THR H 42 -6.64 17.74 -64.79
C THR H 42 -8.10 18.04 -64.46
N LEU H 43 -8.32 18.96 -63.51
CA LEU H 43 -9.65 19.25 -63.05
C LEU H 43 -10.61 19.47 -64.19
N GLY H 44 -10.18 20.22 -65.19
CA GLY H 44 -11.09 20.60 -66.26
C GLY H 44 -11.04 19.73 -67.49
N MET H 45 -10.23 18.69 -67.48
CA MET H 45 -10.02 17.88 -68.68
C MET H 45 -11.14 16.87 -68.95
N GLN H 46 -11.06 16.19 -70.10
CA GLN H 46 -11.99 15.14 -70.50
C GLN H 46 -11.24 13.84 -70.71
N SER H 47 -11.87 12.72 -70.37
CA SER H 47 -11.29 11.40 -70.68
C SER H 47 -11.75 10.94 -72.07
N LYS H 48 -10.81 10.49 -72.89
CA LYS H 48 -11.10 10.05 -74.27
C LYS H 48 -10.19 8.89 -74.70
N GLY H 49 -10.69 7.68 -74.50
CA GLY H 49 -9.91 6.48 -74.75
C GLY H 49 -8.80 6.31 -73.73
N GLY H 50 -9.16 6.43 -72.45
CA GLY H 50 -8.22 6.28 -71.33
C GLY H 50 -7.08 7.29 -71.31
N VAL H 51 -7.28 8.44 -71.97
CA VAL H 51 -6.29 9.52 -72.05
C VAL H 51 -6.97 10.88 -71.89
N LEU H 52 -6.30 11.79 -71.20
CA LEU H 52 -6.90 13.08 -70.84
C LEU H 52 -6.57 14.13 -71.89
N VAL H 53 -7.60 14.86 -72.34
CA VAL H 53 -7.42 15.95 -73.30
C VAL H 53 -8.06 17.22 -72.74
N PRO H 54 -7.75 18.38 -73.33
CA PRO H 54 -8.31 19.62 -72.77
C PRO H 54 -9.84 19.65 -72.78
N GLY H 55 -10.39 20.42 -71.83
CA GLY H 55 -11.83 20.44 -71.56
C GLY H 55 -12.30 21.86 -71.35
N PRO H 56 -12.58 22.56 -72.45
CA PRO H 56 -13.06 23.93 -72.32
C PRO H 56 -14.54 23.98 -71.91
N GLY H 57 -15.00 25.19 -71.65
CA GLY H 57 -16.37 25.42 -71.26
C GLY H 57 -16.66 24.83 -69.90
N LEU H 58 -15.86 25.20 -68.92
CA LEU H 58 -16.13 24.80 -67.53
C LEU H 58 -17.46 25.37 -67.05
N VAL H 59 -17.69 26.65 -67.34
CA VAL H 59 -18.93 27.29 -66.93
C VAL H 59 -20.21 26.55 -67.40
N THR H 60 -20.19 25.93 -68.57
CA THR H 60 -21.40 25.32 -69.11
C THR H 60 -21.68 24.02 -68.35
N LEU H 61 -20.65 23.38 -67.81
CA LEU H 61 -20.85 22.21 -66.97
C LEU H 61 -21.33 22.60 -65.58
N LEU H 62 -20.65 23.55 -64.97
CA LEU H 62 -20.99 23.99 -63.62
C LEU H 62 -22.44 24.46 -63.48
N ARG H 63 -22.96 25.10 -64.53
CA ARG H 63 -24.34 25.61 -64.55
C ARG H 63 -25.36 24.48 -64.37
N THR H 64 -25.03 23.27 -64.83
CA THR H 64 -25.88 22.12 -64.71
C THR H 64 -25.76 21.35 -63.39
N LEU H 65 -24.91 21.81 -62.47
CA LEU H 65 -24.69 21.10 -61.21
C LEU H 65 -25.24 21.92 -60.05
N PRO H 66 -26.32 21.46 -59.42
CA PRO H 66 -26.95 22.17 -58.31
C PRO H 66 -26.03 22.58 -57.20
N MET H 67 -25.04 21.75 -56.88
CA MET H 67 -24.09 22.11 -55.83
C MET H 67 -23.24 23.31 -56.21
N PHE H 68 -23.07 23.53 -57.51
CA PHE H 68 -22.33 24.69 -58.00
C PHE H 68 -23.17 25.87 -58.49
N HIS H 69 -24.41 25.61 -58.83
CA HIS H 69 -25.29 26.66 -59.38
C HIS H 69 -26.75 26.48 -59.00
N ASP H 70 -27.26 27.46 -58.26
CA ASP H 70 -28.65 27.51 -57.88
C ASP H 70 -29.49 28.22 -58.96
N LYS H 71 -30.04 27.46 -59.92
CA LYS H 71 -30.88 28.03 -61.00
C LYS H 71 -32.04 28.88 -60.48
N GLU H 72 -32.76 28.36 -59.48
CA GLU H 72 -33.98 29.04 -58.94
C GLU H 72 -33.63 30.43 -58.45
N PHE H 73 -32.53 30.58 -57.72
CA PHE H 73 -32.10 31.88 -57.19
C PHE H 73 -31.60 32.80 -58.30
N ALA H 74 -31.02 32.22 -59.34
CA ALA H 74 -30.51 32.99 -60.47
C ALA H 74 -31.65 33.66 -61.24
N GLN H 75 -32.67 32.89 -61.61
CA GLN H 75 -33.85 33.46 -62.28
C GLN H 75 -34.60 34.43 -61.37
N ALA H 76 -34.79 34.06 -60.11
CA ALA H 76 -35.46 34.92 -59.13
C ALA H 76 -34.72 36.23 -58.80
N GLN H 77 -33.47 36.36 -59.23
CA GLN H 77 -32.72 37.61 -59.07
C GLN H 77 -32.30 38.16 -60.41
N GLY H 78 -32.84 37.58 -61.49
CA GLY H 78 -32.42 37.89 -62.85
C GLY H 78 -30.93 38.18 -62.99
N LEU H 79 -30.10 37.26 -62.52
CA LEU H 79 -28.65 37.43 -62.62
C LEU H 79 -28.22 37.23 -64.06
N PRO H 80 -27.18 37.97 -64.49
CA PRO H 80 -26.64 37.68 -65.82
C PRO H 80 -26.15 36.23 -65.85
N ASP H 81 -26.16 35.59 -67.02
CA ASP H 81 -25.86 34.14 -67.05
C ASP H 81 -24.37 33.80 -67.26
N HIS H 82 -23.48 34.77 -67.03
CA HIS H 82 -22.06 34.49 -66.83
C HIS H 82 -21.75 34.29 -65.31
N ALA H 83 -22.71 34.65 -64.45
CA ALA H 83 -22.55 34.62 -63.01
C ALA H 83 -23.26 33.43 -62.41
N LEU H 84 -22.52 32.60 -61.68
CA LEU H 84 -23.11 31.46 -61.00
C LEU H 84 -23.32 31.80 -59.54
N ALA H 85 -24.22 31.06 -58.92
CA ALA H 85 -24.61 31.28 -57.54
C ALA H 85 -24.59 29.95 -56.80
N LEU H 86 -23.80 29.88 -55.74
CA LEU H 86 -23.80 28.68 -54.92
C LEU H 86 -25.11 28.64 -54.15
N PRO H 87 -25.65 27.42 -53.94
CA PRO H 87 -26.78 27.29 -53.02
C PRO H 87 -26.43 27.90 -51.66
N PRO H 88 -27.44 28.13 -50.83
CA PRO H 88 -27.14 28.68 -49.51
C PRO H 88 -26.37 27.66 -48.70
N ALA H 89 -25.33 28.13 -47.99
CA ALA H 89 -24.58 27.30 -47.06
C ALA H 89 -25.24 27.40 -45.68
N SER H 90 -24.66 26.71 -44.70
CA SER H 90 -25.17 26.71 -43.34
C SER H 90 -25.35 28.13 -42.82
N HIS H 91 -24.23 28.86 -42.73
CA HIS H 91 -24.22 30.25 -42.24
C HIS H 91 -23.71 31.15 -43.35
N GLY H 92 -23.23 32.34 -42.99
CA GLY H 92 -22.52 33.21 -43.93
C GLY H 92 -23.43 33.88 -44.92
N PRO H 93 -22.84 34.71 -45.82
CA PRO H 93 -23.60 35.36 -46.88
C PRO H 93 -23.63 34.49 -48.14
N ARG H 94 -24.43 34.90 -49.11
CA ARG H 94 -24.57 34.16 -50.36
C ARG H 94 -23.32 34.36 -51.22
N VAL H 95 -22.86 33.30 -51.87
CA VAL H 95 -21.64 33.37 -52.69
C VAL H 95 -21.96 33.26 -54.17
N LEU H 96 -21.57 34.29 -54.91
CA LEU H 96 -21.71 34.33 -56.36
C LEU H 96 -20.32 34.33 -56.97
N TYR H 97 -20.19 33.76 -58.16
CA TYR H 97 -18.90 33.75 -58.79
C TYR H 97 -18.97 33.79 -60.31
N THR H 98 -17.93 34.36 -60.90
CA THR H 98 -17.80 34.46 -62.36
C THR H 98 -16.63 33.59 -62.81
N VAL H 99 -16.77 32.90 -63.92
CA VAL H 99 -15.75 32.02 -64.42
C VAL H 99 -14.96 32.65 -65.55
N LEU H 100 -13.66 32.80 -65.32
CA LEU H 100 -12.79 33.31 -66.31
C LEU H 100 -11.90 32.19 -66.77
N GLU H 101 -12.08 31.79 -68.01
CA GLU H 101 -11.31 30.71 -68.57
C GLU H 101 -10.14 31.23 -69.42
N CYS H 102 -8.91 30.94 -68.99
CA CYS H 102 -7.72 31.33 -69.75
C CYS H 102 -7.59 30.54 -71.04
N GLN H 103 -6.95 31.13 -72.02
CA GLN H 103 -6.75 30.46 -73.28
C GLN H 103 -5.36 30.85 -73.76
N PRO H 104 -4.52 29.88 -74.13
CA PRO H 104 -4.79 28.46 -74.01
C PRO H 104 -4.67 27.90 -72.57
N LEU H 105 -5.36 26.80 -72.32
CA LEU H 105 -5.27 26.10 -71.05
C LEU H 105 -3.98 25.29 -71.01
N LEU H 106 -3.31 25.31 -69.85
CA LEU H 106 -1.97 24.74 -69.70
C LEU H 106 -1.92 23.55 -68.77
N ASP H 107 -1.16 22.52 -69.16
CA ASP H 107 -0.60 21.56 -68.20
C ASP H 107 0.34 22.35 -67.27
N SER H 108 0.27 22.11 -65.97
CA SER H 108 1.00 22.92 -65.02
C SER H 108 2.52 22.74 -65.15
N SER H 109 2.95 21.62 -65.72
CA SER H 109 4.38 21.40 -65.95
C SER H 109 4.97 22.38 -66.96
N ASP H 110 4.11 23.04 -67.73
CA ASP H 110 4.54 24.01 -68.73
C ASP H 110 4.45 25.43 -68.24
N MET H 111 4.02 25.63 -67.01
CA MET H 111 3.91 26.99 -66.50
C MET H 111 5.24 27.53 -66.02
N THR H 112 5.35 28.85 -66.12
CA THR H 112 6.58 29.57 -65.83
C THR H 112 6.22 30.82 -65.07
N ILE H 113 7.26 31.54 -64.67
CA ILE H 113 7.11 32.81 -63.96
C ILE H 113 6.16 33.74 -64.75
N ASP H 114 6.26 33.75 -66.07
CA ASP H 114 5.39 34.63 -66.87
C ASP H 114 3.91 34.28 -66.78
N ASP H 115 3.60 32.99 -66.74
CA ASP H 115 2.22 32.56 -66.58
C ASP H 115 1.67 32.99 -65.21
N TRP H 116 2.49 32.86 -64.17
CA TRP H 116 2.06 33.26 -62.84
C TRP H 116 1.91 34.78 -62.73
N ILE H 117 2.80 35.54 -63.37
CA ILE H 117 2.64 36.98 -63.47
C ILE H 117 1.30 37.33 -64.14
N ARG H 118 0.97 36.66 -65.23
CA ARG H 118 -0.30 36.88 -65.89
C ARG H 118 -1.48 36.68 -64.94
N ILE H 119 -1.41 35.63 -64.13
CA ILE H 119 -2.49 35.37 -63.20
C ILE H 119 -2.56 36.49 -62.19
N ALA H 120 -1.41 36.95 -61.73
CA ALA H 120 -1.38 38.02 -60.75
C ALA H 120 -1.98 39.28 -61.35
N LYS H 121 -1.73 39.49 -62.65
CA LYS H 121 -2.26 40.69 -63.31
C LYS H 121 -3.77 40.61 -63.53
N ILE H 122 -4.29 39.41 -63.74
CA ILE H 122 -5.72 39.21 -63.79
C ILE H 122 -6.35 39.59 -62.45
N ILE H 123 -5.75 39.14 -61.37
CA ILE H 123 -6.27 39.46 -60.03
C ILE H 123 -6.21 40.97 -59.81
N GLU H 124 -5.09 41.58 -60.17
CA GLU H 124 -4.92 43.03 -60.02
C GLU H 124 -6.00 43.79 -60.77
N ARG H 125 -6.21 43.44 -62.03
CA ARG H 125 -7.17 44.13 -62.88
C ARG H 125 -8.57 44.11 -62.30
N HIS H 126 -8.94 43.01 -61.65
CA HIS H 126 -10.29 42.85 -61.13
C HIS H 126 -10.38 42.98 -59.62
N TYR H 127 -9.35 43.52 -59.01
CA TYR H 127 -9.23 43.47 -57.54
C TYR H 127 -10.41 44.10 -56.81
N GLU H 128 -10.86 45.27 -57.26
CA GLU H 128 -11.91 45.99 -56.54
C GLU H 128 -13.30 45.41 -56.79
N GLN H 129 -13.48 44.67 -57.87
CA GLN H 129 -14.78 44.15 -58.24
C GLN H 129 -15.13 42.86 -57.52
N TYR H 130 -14.17 42.19 -56.90
CA TYR H 130 -14.44 40.87 -56.25
C TYR H 130 -13.90 40.82 -54.83
N GLN H 131 -14.49 39.98 -53.98
CA GLN H 131 -14.06 39.86 -52.61
C GLN H 131 -13.05 38.73 -52.40
N GLY H 132 -12.88 37.89 -53.41
CA GLY H 132 -11.95 36.77 -53.33
C GLY H 132 -11.74 36.12 -54.68
N PHE H 133 -10.75 35.22 -54.75
CA PHE H 133 -10.35 34.57 -55.97
C PHE H 133 -10.05 33.09 -55.76
N VAL H 134 -10.46 32.27 -56.73
CA VAL H 134 -10.10 30.90 -56.73
C VAL H 134 -9.42 30.64 -58.07
N VAL H 135 -8.32 29.91 -58.05
CA VAL H 135 -7.55 29.62 -59.24
C VAL H 135 -7.45 28.12 -59.43
N ILE H 136 -8.05 27.60 -60.48
CA ILE H 136 -7.92 26.20 -60.81
C ILE H 136 -6.60 26.03 -61.55
N HIS H 137 -5.80 25.09 -61.08
CA HIS H 137 -4.40 24.97 -61.51
C HIS H 137 -4.03 23.51 -61.48
N GLY H 138 -3.16 23.05 -62.37
CA GLY H 138 -2.68 21.66 -62.32
C GLY H 138 -1.87 21.41 -61.04
N THR H 139 -1.91 20.19 -60.53
CA THR H 139 -1.22 19.88 -59.27
C THR H 139 0.30 19.84 -59.39
N ASP H 140 0.81 19.45 -60.56
CA ASP H 140 2.25 19.25 -60.73
C ASP H 140 3.11 20.42 -60.24
N THR H 141 2.74 21.64 -60.56
CA THR H 141 3.53 22.81 -60.14
C THR H 141 2.70 23.77 -59.30
N MET H 142 1.60 23.28 -58.73
CA MET H 142 0.76 24.13 -57.94
C MET H 142 1.50 24.82 -56.79
N ALA H 143 2.40 24.09 -56.14
CA ALA H 143 3.16 24.63 -55.02
C ALA H 143 4.05 25.76 -55.48
N SER H 144 4.64 25.61 -56.66
CA SER H 144 5.45 26.68 -57.23
C SER H 144 4.59 27.89 -57.57
N GLY H 145 3.43 27.64 -58.19
CA GLY H 145 2.52 28.73 -58.51
C GLY H 145 2.04 29.48 -57.28
N ALA H 146 1.63 28.74 -56.25
CA ALA H 146 1.16 29.37 -55.04
C ALA H 146 2.25 30.17 -54.38
N SER H 147 3.47 29.63 -54.38
CA SER H 147 4.58 30.34 -53.80
C SER H 147 4.85 31.64 -54.58
N MET H 148 4.89 31.56 -55.91
CA MET H 148 5.12 32.74 -56.72
C MET H 148 4.06 33.79 -56.50
N LEU H 149 2.80 33.40 -56.54
CA LEU H 149 1.75 34.38 -56.36
C LEU H 149 1.81 35.02 -55.00
N SER H 150 2.19 34.23 -54.00
CA SER H 150 2.35 34.73 -52.65
C SER H 150 3.26 35.94 -52.61
N PHE H 151 4.37 35.87 -53.33
CA PHE H 151 5.29 36.96 -53.36
C PHE H 151 4.82 38.07 -54.27
N MET H 152 4.31 37.71 -55.42
CA MET H 152 3.87 38.73 -56.38
C MET H 152 2.80 39.66 -55.81
N LEU H 153 1.90 39.13 -54.96
CA LEU H 153 0.75 39.92 -54.47
C LEU H 153 1.02 40.55 -53.13
N GLU H 154 1.84 41.59 -53.13
CA GLU H 154 2.25 42.25 -51.90
C GLU H 154 1.07 43.00 -51.28
N ASN H 155 0.93 42.88 -49.96
CA ASN H 155 -0.17 43.48 -49.21
C ASN H 155 -1.53 42.93 -49.57
N LEU H 156 -1.57 41.69 -50.03
CA LEU H 156 -2.85 41.07 -50.37
C LEU H 156 -3.85 41.17 -49.21
N HIS H 157 -5.08 41.60 -49.53
CA HIS H 157 -6.13 41.78 -48.53
C HIS H 157 -7.22 40.74 -48.61
N LYS H 158 -7.19 39.91 -49.66
CA LYS H 158 -8.29 39.00 -49.96
C LYS H 158 -7.78 37.60 -50.27
N PRO H 159 -8.61 36.58 -50.02
CA PRO H 159 -8.17 35.22 -50.27
C PRO H 159 -7.98 34.95 -51.75
N VAL H 160 -6.84 34.31 -52.05
CA VAL H 160 -6.56 33.74 -53.36
C VAL H 160 -6.31 32.26 -53.14
N ILE H 161 -7.27 31.42 -53.50
CA ILE H 161 -7.21 30.01 -53.18
C ILE H 161 -6.99 29.19 -54.44
N LEU H 162 -5.84 28.53 -54.51
CA LEU H 162 -5.58 27.59 -55.59
C LEU H 162 -6.18 26.24 -55.28
N THR H 163 -6.61 25.54 -56.29
CA THR H 163 -7.10 24.21 -56.12
C THR H 163 -6.99 23.46 -57.42
N GLY H 164 -7.20 22.17 -57.34
CA GLY H 164 -7.05 21.30 -58.49
C GLY H 164 -7.54 19.93 -58.10
N ALA H 165 -7.21 18.93 -58.91
CA ALA H 165 -7.69 17.57 -58.66
C ALA H 165 -6.82 16.52 -59.31
N GLN H 166 -6.78 15.33 -58.73
CA GLN H 166 -6.11 14.19 -59.38
C GLN H 166 -6.96 13.61 -60.50
N VAL H 167 -8.27 13.84 -60.45
CA VAL H 167 -9.21 13.26 -61.42
C VAL H 167 -10.12 14.38 -61.95
N PRO H 168 -10.42 14.38 -63.26
CA PRO H 168 -11.26 15.46 -63.79
C PRO H 168 -12.67 15.49 -63.24
N ILE H 169 -13.23 16.68 -63.11
CA ILE H 169 -14.58 16.89 -62.60
C ILE H 169 -15.61 16.21 -63.50
N ARG H 170 -15.28 15.99 -64.78
CA ARG H 170 -16.17 15.31 -65.71
C ARG H 170 -16.17 13.80 -65.57
N VAL H 171 -15.18 13.23 -64.89
CA VAL H 171 -15.22 11.81 -64.59
C VAL H 171 -16.05 11.66 -63.33
N LEU H 172 -16.90 10.63 -63.29
CA LEU H 172 -17.92 10.53 -62.25
C LEU H 172 -17.31 10.48 -60.83
N TRP H 173 -16.37 9.58 -60.64
CA TRP H 173 -15.71 9.40 -59.35
C TRP H 173 -14.46 10.25 -59.26
N ASN H 174 -14.57 11.41 -58.61
CA ASN H 174 -13.49 12.38 -58.61
C ASN H 174 -13.36 13.16 -57.31
N ASP H 175 -12.22 13.84 -57.18
CA ASP H 175 -11.93 14.68 -56.04
C ASP H 175 -12.18 16.16 -56.35
N ALA H 176 -12.47 16.44 -57.62
CA ALA H 176 -12.59 17.80 -58.09
C ALA H 176 -13.80 18.53 -57.56
N ARG H 177 -14.95 17.87 -57.49
CA ARG H 177 -16.16 18.55 -57.04
C ARG H 177 -15.96 19.16 -55.67
N GLU H 178 -15.49 18.35 -54.73
CA GLU H 178 -15.36 18.83 -53.35
C GLU H 178 -14.16 19.81 -53.19
N ASN H 179 -13.09 19.62 -53.94
CA ASN H 179 -11.99 20.59 -53.91
C ASN H 179 -12.44 21.94 -54.41
N LEU H 180 -13.15 21.96 -55.53
CA LEU H 180 -13.57 23.24 -56.10
C LEU H 180 -14.59 23.93 -55.21
N LEU H 181 -15.57 23.17 -54.75
CA LEU H 181 -16.60 23.74 -53.90
C LEU H 181 -16.00 24.29 -52.61
N GLY H 182 -15.10 23.54 -52.01
CA GLY H 182 -14.47 23.98 -50.78
C GLY H 182 -13.68 25.24 -50.96
N ALA H 183 -12.95 25.35 -52.07
CA ALA H 183 -12.18 26.59 -52.33
C ALA H 183 -13.11 27.78 -52.46
N LEU H 184 -14.21 27.60 -53.17
CA LEU H 184 -15.19 28.69 -53.35
C LEU H 184 -15.80 29.09 -52.02
N LEU H 185 -16.19 28.11 -51.23
CA LEU H 185 -16.78 28.42 -49.92
C LEU H 185 -15.82 29.09 -49.00
N VAL H 186 -14.57 28.66 -49.02
CA VAL H 186 -13.57 29.29 -48.15
C VAL H 186 -13.35 30.72 -48.58
N ALA H 187 -13.12 30.93 -49.87
CA ALA H 187 -12.84 32.27 -50.37
C ALA H 187 -14.07 33.16 -50.23
N GLY H 188 -15.24 32.56 -50.37
CA GLY H 188 -16.49 33.29 -50.24
C GLY H 188 -16.86 33.70 -48.82
N GLN H 189 -16.40 32.95 -47.82
CA GLN H 189 -16.93 33.13 -46.47
C GLN H 189 -15.93 33.61 -45.44
N TYR H 190 -14.64 33.57 -45.74
CA TYR H 190 -13.65 33.91 -44.72
C TYR H 190 -12.68 34.91 -45.27
N ILE H 191 -12.20 35.79 -44.39
CA ILE H 191 -11.24 36.79 -44.81
C ILE H 191 -9.88 36.30 -44.36
N ILE H 192 -9.27 35.49 -45.22
CA ILE H 192 -7.94 34.99 -45.08
C ILE H 192 -7.15 35.63 -46.20
N PRO H 193 -6.33 36.64 -45.87
CA PRO H 193 -5.63 37.45 -46.88
C PRO H 193 -4.31 36.83 -47.32
N GLU H 194 -4.38 35.62 -47.86
CA GLU H 194 -3.21 34.89 -48.25
C GLU H 194 -3.46 34.09 -49.51
N VAL H 195 -2.38 33.78 -50.22
CA VAL H 195 -2.46 32.81 -51.28
C VAL H 195 -2.41 31.45 -50.62
N CYS H 196 -3.45 30.65 -50.82
CA CYS H 196 -3.62 29.36 -50.18
C CYS H 196 -3.79 28.26 -51.18
N LEU H 197 -3.72 27.04 -50.68
CA LEU H 197 -4.02 25.88 -51.46
C LEU H 197 -5.09 25.10 -50.73
N PHE H 198 -6.22 24.81 -51.38
CA PHE H 198 -7.26 23.97 -50.80
C PHE H 198 -7.36 22.63 -51.51
N MET H 199 -7.15 21.54 -50.77
CA MET H 199 -7.30 20.17 -51.29
C MET H 199 -7.67 19.22 -50.18
N ASN H 200 -8.58 18.30 -50.47
CA ASN H 200 -8.90 17.21 -49.56
C ASN H 200 -9.23 17.75 -48.16
N SER H 201 -10.15 18.71 -48.13
CA SER H 201 -10.66 19.28 -46.90
C SER H 201 -9.65 20.09 -46.05
N GLN H 202 -8.52 20.47 -46.62
CA GLN H 202 -7.50 21.21 -45.90
C GLN H 202 -7.08 22.48 -46.65
N LEU H 203 -6.93 23.58 -45.92
CA LEU H 203 -6.44 24.82 -46.47
C LEU H 203 -5.03 25.04 -45.98
N PHE H 204 -4.08 25.05 -46.90
CA PHE H 204 -2.68 25.22 -46.55
C PHE H 204 -2.21 26.62 -46.93
N ARG H 205 -1.20 27.13 -46.24
CA ARG H 205 -0.53 28.32 -46.71
C ARG H 205 0.22 27.97 -48.00
N GLY H 206 0.01 28.74 -49.05
CA GLY H 206 0.50 28.40 -50.37
C GLY H 206 2.00 28.26 -50.41
N ASN H 207 2.71 29.17 -49.78
CA ASN H 207 4.16 29.13 -49.81
C ASN H 207 4.76 28.15 -48.81
N ARG H 208 3.91 27.32 -48.19
CA ARG H 208 4.36 26.27 -47.29
C ARG H 208 4.11 24.85 -47.80
N VAL H 209 3.44 24.70 -48.95
CA VAL H 209 3.08 23.38 -49.44
C VAL H 209 4.07 22.80 -50.45
N THR H 210 4.05 21.47 -50.53
CA THR H 210 4.74 20.76 -51.55
C THR H 210 3.94 19.49 -51.88
N LYS H 211 4.08 19.01 -53.10
CA LYS H 211 3.32 17.85 -53.57
C LYS H 211 4.07 16.59 -53.16
N VAL H 212 3.42 15.73 -52.39
CA VAL H 212 4.07 14.52 -51.85
C VAL H 212 3.57 13.21 -52.42
N ASP H 213 2.41 13.21 -53.04
CA ASP H 213 1.85 11.99 -53.60
C ASP H 213 1.27 12.21 -54.99
N SER H 214 1.71 11.42 -55.94
CA SER H 214 1.29 11.60 -57.34
C SER H 214 -0.02 10.90 -57.67
N GLN H 215 -0.61 10.16 -56.74
CA GLN H 215 -1.82 9.36 -57.01
C GLN H 215 -2.97 9.61 -56.02
N LYS H 216 -2.68 9.75 -54.74
CA LYS H 216 -3.73 9.89 -53.76
C LYS H 216 -4.39 11.28 -53.80
N PHE H 217 -5.60 11.34 -53.27
CA PHE H 217 -6.31 12.59 -53.16
C PHE H 217 -5.65 13.53 -52.17
N GLU H 218 -5.04 12.98 -51.12
CA GLU H 218 -4.18 13.78 -50.26
C GLU H 218 -2.82 13.93 -50.97
N ALA H 219 -2.73 14.87 -51.90
CA ALA H 219 -1.58 15.02 -52.75
C ALA H 219 -0.54 15.95 -52.17
N PHE H 220 -0.94 16.84 -51.28
CA PHE H 220 -0.06 17.88 -50.77
C PHE H 220 0.13 17.82 -49.28
N CYS H 221 1.25 18.38 -48.86
CA CYS H 221 1.65 18.42 -47.49
C CYS H 221 2.20 19.81 -47.22
N SER H 222 1.95 20.34 -46.02
CA SER H 222 2.61 21.53 -45.53
C SER H 222 3.53 21.01 -44.40
N PRO H 223 4.76 20.60 -44.73
CA PRO H 223 5.57 19.91 -43.74
C PRO H 223 6.00 20.66 -42.49
N ASN H 224 6.19 21.97 -42.57
CA ASN H 224 6.69 22.76 -41.47
C ASN H 224 5.74 23.81 -41.02
N LEU H 225 4.46 23.63 -41.33
CA LEU H 225 3.43 24.50 -40.78
C LEU H 225 2.12 23.78 -40.76
N SER H 226 1.32 24.01 -39.73
CA SER H 226 -0.04 23.50 -39.73
C SER H 226 -0.82 24.07 -40.87
N PRO H 227 -1.87 23.35 -41.31
CA PRO H 227 -2.87 23.95 -42.19
C PRO H 227 -3.44 25.20 -41.58
N LEU H 228 -3.79 26.17 -42.41
CA LEU H 228 -4.49 27.35 -41.98
C LEU H 228 -5.92 27.02 -41.62
N ALA H 229 -6.47 25.98 -42.24
CA ALA H 229 -7.83 25.57 -41.94
C ALA H 229 -8.08 24.12 -42.24
N THR H 230 -9.08 23.58 -41.55
CA THR H 230 -9.52 22.22 -41.75
C THR H 230 -11.02 22.24 -41.82
N VAL H 231 -11.55 21.38 -42.68
CA VAL H 231 -12.96 21.30 -42.95
C VAL H 231 -13.47 19.91 -42.58
N GLY H 232 -14.51 19.91 -41.76
CA GLY H 232 -15.12 18.65 -41.32
C GLY H 232 -16.57 18.99 -41.08
N ALA H 233 -17.16 18.32 -40.09
CA ALA H 233 -18.45 18.74 -39.58
C ALA H 233 -18.41 20.26 -39.27
N ASP H 234 -17.29 20.71 -38.71
CA ASP H 234 -17.03 22.12 -38.50
C ASP H 234 -15.85 22.60 -39.32
N VAL H 235 -15.78 23.91 -39.49
CA VAL H 235 -14.65 24.56 -40.11
C VAL H 235 -13.77 25.15 -39.01
N THR H 236 -12.53 24.66 -38.92
CA THR H 236 -11.57 25.12 -37.91
C THR H 236 -10.47 25.94 -38.58
N ILE H 237 -10.25 27.16 -38.12
CA ILE H 237 -9.27 28.04 -38.71
C ILE H 237 -8.23 28.43 -37.69
N ALA H 238 -6.97 28.26 -38.07
CA ALA H 238 -5.86 28.65 -37.25
C ALA H 238 -5.63 30.17 -37.35
N TRP H 239 -6.51 30.96 -36.73
CA TRP H 239 -6.40 32.43 -36.77
C TRP H 239 -5.09 32.93 -36.17
N ASP H 240 -4.50 32.17 -35.25
CA ASP H 240 -3.19 32.48 -34.71
C ASP H 240 -2.09 32.53 -35.79
N LEU H 241 -2.26 31.78 -36.88
CA LEU H 241 -1.28 31.76 -37.95
C LEU H 241 -1.62 32.72 -39.09
N VAL H 242 -2.91 32.87 -39.36
CA VAL H 242 -3.36 33.63 -40.50
C VAL H 242 -2.80 35.03 -40.42
N ARG H 243 -2.28 35.54 -41.53
CA ARG H 243 -1.68 36.87 -41.54
C ARG H 243 -2.71 37.98 -41.45
N LYS H 244 -2.25 39.15 -41.04
CA LYS H 244 -3.12 40.30 -40.72
C LYS H 244 -3.34 41.18 -41.93
N VAL H 245 -4.60 41.52 -42.19
CA VAL H 245 -4.96 42.45 -43.26
C VAL H 245 -4.44 43.84 -42.93
N LYS H 246 -3.59 44.40 -43.78
CA LYS H 246 -3.11 45.79 -43.60
C LYS H 246 -3.93 46.70 -44.50
N TRP H 247 -5.06 47.15 -43.96
CA TRP H 247 -6.08 47.82 -44.76
C TRP H 247 -5.61 49.14 -45.36
N LYS H 248 -4.68 49.78 -44.69
CA LYS H 248 -4.14 51.07 -45.09
C LYS H 248 -3.32 50.97 -46.38
N ASP H 249 -2.52 49.90 -46.52
CA ASP H 249 -1.59 49.77 -47.64
C ASP H 249 -2.25 49.16 -48.88
N PRO H 250 -1.99 49.75 -50.06
CA PRO H 250 -2.62 49.18 -51.24
C PRO H 250 -1.89 47.92 -51.75
N LEU H 251 -2.61 47.13 -52.56
CA LEU H 251 -2.04 46.01 -53.24
C LEU H 251 -0.93 46.50 -54.15
N VAL H 252 0.21 45.83 -54.10
CA VAL H 252 1.30 46.08 -55.06
C VAL H 252 1.68 44.77 -55.72
N VAL H 253 1.57 44.72 -57.04
CA VAL H 253 1.80 43.50 -57.79
C VAL H 253 3.16 43.55 -58.44
N HIS H 254 4.01 42.58 -58.11
CA HIS H 254 5.36 42.55 -58.60
C HIS H 254 5.47 41.77 -59.90
N SER H 255 5.41 42.48 -61.01
CA SER H 255 5.72 41.94 -62.33
C SER H 255 7.20 41.82 -62.56
N ASN H 256 7.97 42.54 -61.75
CA ASN H 256 9.42 42.52 -61.79
C ASN H 256 9.96 41.35 -60.97
N MET H 257 9.95 40.16 -61.56
CA MET H 257 10.46 38.97 -60.88
C MET H 257 11.66 38.55 -61.67
N GLU H 258 12.78 38.31 -61.01
CA GLU H 258 13.97 37.87 -61.73
C GLU H 258 13.72 36.47 -62.29
N HIS H 259 13.97 36.33 -63.59
CA HIS H 259 13.78 35.07 -64.29
C HIS H 259 15.02 34.17 -64.18
N ASP H 260 16.23 34.75 -64.09
CA ASP H 260 17.48 33.97 -64.07
C ASP H 260 17.80 33.49 -62.66
N VAL H 261 16.89 32.67 -62.14
CA VAL H 261 17.11 31.94 -60.91
C VAL H 261 16.91 30.48 -61.23
N ALA H 262 17.65 29.63 -60.53
CA ALA H 262 17.56 28.22 -60.76
C ALA H 262 17.55 27.48 -59.44
N LEU H 263 17.27 26.16 -59.55
CA LEU H 263 17.35 25.22 -58.45
C LEU H 263 18.35 24.15 -58.82
N LEU H 264 19.24 23.80 -57.89
CA LEU H 264 20.28 22.78 -58.14
C LEU H 264 20.30 21.76 -57.01
N ARG H 265 20.01 20.52 -57.33
CA ARG H 265 19.98 19.49 -56.32
C ARG H 265 21.37 18.82 -56.27
N LEU H 266 22.05 18.96 -55.13
CA LEU H 266 23.36 18.34 -55.00
C LEU H 266 23.10 16.88 -54.79
N TYR H 267 23.83 16.05 -55.49
CA TYR H 267 23.75 14.63 -55.25
C TYR H 267 25.16 14.15 -54.89
N PRO H 268 25.29 12.97 -54.28
CA PRO H 268 26.61 12.56 -53.81
C PRO H 268 27.60 12.46 -54.95
N GLY H 269 28.77 13.05 -54.76
CA GLY H 269 29.81 12.99 -55.76
C GLY H 269 29.60 13.92 -56.92
N ILE H 270 28.65 14.85 -56.82
CA ILE H 270 28.45 15.81 -57.91
C ILE H 270 29.79 16.51 -58.19
N PRO H 271 30.29 16.46 -59.44
CA PRO H 271 31.55 17.13 -59.74
C PRO H 271 31.54 18.67 -59.79
N ALA H 272 32.68 19.24 -59.40
CA ALA H 272 32.87 20.68 -59.44
C ALA H 272 32.67 21.27 -60.83
N SER H 273 33.09 20.56 -61.85
CA SER H 273 32.96 21.05 -63.22
C SER H 273 31.49 21.20 -63.65
N LEU H 274 30.65 20.29 -63.18
CA LEU H 274 29.23 20.38 -63.45
C LEU H 274 28.58 21.54 -62.70
N VAL H 275 28.98 21.74 -61.46
CA VAL H 275 28.50 22.87 -60.68
C VAL H 275 28.97 24.17 -61.32
N ARG H 276 30.20 24.21 -61.78
CA ARG H 276 30.73 25.40 -62.48
C ARG H 276 29.88 25.75 -63.69
N ALA H 277 29.59 24.76 -64.52
CA ALA H 277 28.77 24.95 -65.70
C ALA H 277 27.35 25.43 -65.36
N PHE H 278 26.75 24.86 -64.31
CA PHE H 278 25.41 25.19 -63.90
C PHE H 278 25.29 26.63 -63.40
N LEU H 279 26.34 27.13 -62.74
CA LEU H 279 26.32 28.47 -62.18
C LEU H 279 26.91 29.57 -63.06
N GLN H 280 27.16 29.29 -64.33
CA GLN H 280 27.63 30.35 -65.26
C GLN H 280 26.62 31.50 -65.44
N PRO H 281 27.13 32.72 -65.80
CA PRO H 281 26.26 33.79 -66.26
C PRO H 281 25.37 33.31 -67.38
N PRO H 282 24.14 33.81 -67.48
CA PRO H 282 23.65 34.96 -66.72
C PRO H 282 22.90 34.66 -65.38
N LEU H 283 23.12 33.50 -64.78
CA LEU H 283 22.35 33.11 -63.59
C LEU H 283 22.60 34.14 -62.48
N LYS H 284 21.55 34.60 -61.81
CA LYS H 284 21.68 35.61 -60.76
C LYS H 284 21.47 35.01 -59.38
N GLY H 285 20.67 33.96 -59.29
CA GLY H 285 20.42 33.30 -58.01
C GLY H 285 20.21 31.81 -58.17
N VAL H 286 20.52 31.06 -57.12
CA VAL H 286 20.29 29.64 -57.12
C VAL H 286 19.88 29.14 -55.75
N VAL H 287 18.90 28.24 -55.73
CA VAL H 287 18.57 27.49 -54.54
C VAL H 287 19.34 26.16 -54.58
N LEU H 288 20.27 25.96 -53.65
CA LEU H 288 21.00 24.72 -53.55
C LEU H 288 20.25 23.80 -52.63
N GLU H 289 19.90 22.61 -53.09
CA GLU H 289 19.28 21.63 -52.23
C GLU H 289 20.34 20.70 -51.71
N THR H 290 20.57 20.76 -50.41
CA THR H 290 21.67 20.04 -49.78
C THR H 290 21.11 18.92 -48.91
N PHE H 291 22.00 18.16 -48.27
CA PHE H 291 21.58 16.99 -47.49
C PHE H 291 21.25 17.37 -46.05
N GLY H 292 20.33 16.65 -45.46
CA GLY H 292 19.95 16.83 -44.07
C GLY H 292 19.79 18.24 -43.60
N SER H 293 20.55 18.61 -42.59
CA SER H 293 20.50 19.95 -41.97
C SER H 293 21.20 21.04 -42.75
N GLY H 294 21.53 20.75 -43.99
CA GLY H 294 22.09 21.77 -44.85
C GLY H 294 23.52 21.52 -45.25
N ASN H 295 23.92 20.26 -45.39
CA ASN H 295 25.31 19.90 -45.67
C ASN H 295 25.42 19.48 -47.11
N GLY H 296 26.32 20.12 -47.85
CA GLY H 296 26.69 19.67 -49.16
C GLY H 296 28.04 19.01 -49.06
N PRO H 297 28.55 18.50 -50.18
CA PRO H 297 29.90 17.96 -50.11
C PRO H 297 30.92 19.06 -49.79
N SER H 298 31.96 18.72 -49.04
CA SER H 298 32.95 19.71 -48.66
C SER H 298 34.22 19.60 -49.47
N LYS H 299 34.22 18.85 -50.56
CA LYS H 299 35.41 18.77 -51.35
C LYS H 299 35.85 20.16 -51.82
N PRO H 300 37.16 20.45 -51.74
CA PRO H 300 37.66 21.79 -52.05
C PRO H 300 37.34 22.32 -53.43
N ASP H 301 37.39 21.47 -54.46
CA ASP H 301 37.10 21.99 -55.79
C ASP H 301 35.64 22.44 -55.94
N LEU H 302 34.71 21.73 -55.31
CA LEU H 302 33.32 22.14 -55.32
C LEU H 302 33.14 23.45 -54.54
N LEU H 303 33.72 23.54 -53.35
CA LEU H 303 33.56 24.76 -52.55
C LEU H 303 34.14 25.96 -53.26
N GLN H 304 35.25 25.75 -53.96
CA GLN H 304 35.86 26.81 -54.75
C GLN H 304 34.90 27.34 -55.82
N GLU H 305 34.12 26.46 -56.42
CA GLU H 305 33.15 26.90 -57.44
C GLU H 305 32.05 27.72 -56.84
N LEU H 306 31.69 27.42 -55.60
CA LEU H 306 30.71 28.23 -54.90
C LEU H 306 31.27 29.60 -54.50
N ARG H 307 32.53 29.61 -54.07
CA ARG H 307 33.24 30.85 -53.78
C ARG H 307 33.31 31.73 -55.02
N ALA H 308 33.72 31.14 -56.13
CA ALA H 308 33.85 31.87 -57.38
C ALA H 308 32.52 32.45 -57.87
N ALA H 309 31.43 31.72 -57.69
CA ALA H 309 30.12 32.23 -58.09
C ALA H 309 29.71 33.38 -57.19
N ALA H 310 29.96 33.25 -55.90
CA ALA H 310 29.70 34.34 -54.96
C ALA H 310 30.49 35.59 -55.32
N GLN H 311 31.74 35.40 -55.74
CA GLN H 311 32.57 36.54 -56.21
C GLN H 311 32.04 37.19 -57.47
N ARG H 312 31.39 36.43 -58.34
CA ARG H 312 30.69 37.02 -59.49
C ARG H 312 29.39 37.72 -59.10
N GLY H 313 28.98 37.63 -57.84
CA GLY H 313 27.74 38.28 -57.37
C GLY H 313 26.52 37.36 -57.32
N LEU H 314 26.71 36.06 -57.55
CA LEU H 314 25.60 35.14 -57.50
C LEU H 314 25.13 34.98 -56.06
N ILE H 315 23.82 35.01 -55.84
CA ILE H 315 23.27 34.74 -54.52
C ILE H 315 22.75 33.31 -54.43
N MET H 316 23.13 32.61 -53.37
CA MET H 316 22.79 31.21 -53.15
C MET H 316 21.97 31.06 -51.86
N VAL H 317 20.87 30.30 -51.94
CA VAL H 317 20.04 29.99 -50.79
C VAL H 317 20.11 28.49 -50.56
N ASN H 318 20.41 28.08 -49.34
CA ASN H 318 20.59 26.65 -49.00
C ASN H 318 19.32 26.08 -48.36
N CYS H 319 18.68 25.15 -49.07
CA CYS H 319 17.49 24.46 -48.61
C CYS H 319 17.77 22.97 -48.48
N SER H 320 17.06 22.31 -47.60
CA SER H 320 17.26 20.89 -47.37
C SER H 320 16.45 20.09 -48.36
N GLN H 321 17.07 19.03 -48.87
CA GLN H 321 16.35 18.00 -49.64
C GLN H 321 15.29 17.29 -48.83
N CYS H 322 15.43 17.25 -47.52
CA CYS H 322 14.43 16.62 -46.68
C CYS H 322 13.10 17.37 -46.69
N LEU H 323 12.02 16.61 -46.76
CA LEU H 323 10.68 17.15 -46.73
C LEU H 323 10.48 18.03 -45.48
N ARG H 324 10.92 17.55 -44.31
CA ARG H 324 10.67 18.19 -43.03
C ARG H 324 11.95 18.65 -42.34
N GLY H 325 11.85 19.73 -41.56
CA GLY H 325 12.99 20.31 -40.86
C GLY H 325 13.69 21.47 -41.58
N SER H 326 14.84 21.83 -41.02
CA SER H 326 15.41 23.14 -41.19
C SER H 326 16.90 23.08 -41.44
N VAL H 327 17.41 24.06 -42.18
CA VAL H 327 18.83 24.17 -42.44
C VAL H 327 19.48 24.93 -41.28
N THR H 328 20.48 24.32 -40.66
CA THR H 328 21.32 25.01 -39.66
C THR H 328 22.43 25.77 -40.42
N PRO H 329 22.64 27.06 -40.09
CA PRO H 329 23.68 27.87 -40.78
C PRO H 329 25.09 27.26 -40.74
N GLY H 330 25.91 27.53 -41.76
CA GLY H 330 27.33 27.16 -41.71
C GLY H 330 27.96 26.60 -42.97
N TYR H 331 27.24 25.82 -43.76
CA TYR H 331 27.84 25.23 -44.96
C TYR H 331 28.35 26.29 -45.95
N ALA H 332 29.65 26.18 -46.27
CA ALA H 332 30.31 27.01 -47.27
C ALA H 332 30.44 28.49 -46.93
N THR H 333 30.06 28.87 -45.72
CA THR H 333 30.06 30.29 -45.34
C THR H 333 31.49 30.85 -45.28
N SER H 334 32.48 30.00 -45.00
CA SER H 334 33.88 30.45 -44.94
C SER H 334 34.44 30.75 -46.31
N LEU H 335 33.77 30.30 -47.38
CA LEU H 335 34.18 30.63 -48.74
C LEU H 335 33.24 31.60 -49.47
N ALA H 336 31.92 31.36 -49.42
CA ALA H 336 30.95 32.19 -50.14
C ALA H 336 30.47 33.40 -49.31
N GLY H 337 30.89 33.47 -48.05
CA GLY H 337 30.46 34.54 -47.16
C GLY H 337 28.96 34.73 -47.14
N ALA H 338 28.54 35.99 -47.10
CA ALA H 338 27.14 36.37 -46.97
C ALA H 338 26.33 36.14 -48.28
N ASN H 339 27.02 35.77 -49.36
CA ASN H 339 26.32 35.37 -50.60
C ASN H 339 25.66 33.99 -50.53
N ILE H 340 25.94 33.19 -49.49
CA ILE H 340 25.17 31.97 -49.23
C ILE H 340 24.32 32.08 -47.95
N VAL H 341 23.01 32.02 -48.13
CA VAL H 341 22.02 32.34 -47.11
C VAL H 341 21.29 31.08 -46.74
N SER H 342 21.06 30.86 -45.46
CA SER H 342 20.28 29.70 -45.03
C SER H 342 18.82 29.91 -45.39
N GLY H 343 18.21 28.87 -45.97
CA GLY H 343 16.79 28.87 -46.23
C GLY H 343 15.95 28.38 -45.07
N LEU H 344 16.58 28.07 -43.94
CA LEU H 344 15.88 27.57 -42.76
C LEU H 344 14.90 26.47 -43.13
N ASP H 345 13.63 26.62 -42.80
CA ASP H 345 12.66 25.53 -43.05
C ASP H 345 11.85 25.73 -44.33
N MET H 346 12.30 26.61 -45.22
CA MET H 346 11.53 26.91 -46.44
C MET H 346 11.46 25.72 -47.37
N THR H 347 10.31 25.54 -48.02
CA THR H 347 10.25 24.66 -49.15
C THR H 347 11.09 25.24 -50.27
N SER H 348 11.51 24.40 -51.21
CA SER H 348 12.33 24.85 -52.33
C SER H 348 11.53 25.72 -53.28
N GLU H 349 10.23 25.45 -53.35
CA GLU H 349 9.28 26.28 -54.12
C GLU H 349 9.23 27.70 -53.55
N ALA H 350 9.12 27.81 -52.24
CA ALA H 350 9.13 29.13 -51.60
C ALA H 350 10.45 29.84 -51.80
N ALA H 351 11.53 29.10 -51.67
CA ALA H 351 12.86 29.67 -51.72
C ALA H 351 13.11 30.25 -53.08
N LEU H 352 12.71 29.53 -54.10
CA LEU H 352 12.93 29.96 -55.47
C LEU H 352 12.09 31.20 -55.77
N ALA H 353 10.88 31.23 -55.24
CA ALA H 353 9.97 32.37 -55.43
C ALA H 353 10.51 33.64 -54.75
N LYS H 354 11.01 33.47 -53.52
CA LYS H 354 11.52 34.59 -52.74
C LYS H 354 12.75 35.16 -53.36
N LEU H 355 13.57 34.29 -53.91
CA LEU H 355 14.80 34.70 -54.54
C LEU H 355 14.50 35.49 -55.81
N SER H 356 13.54 35.00 -56.59
CA SER H 356 13.09 35.69 -57.81
C SER H 356 12.52 37.07 -57.47
N TYR H 357 11.74 37.13 -56.40
CA TYR H 357 11.14 38.37 -55.90
C TYR H 357 12.20 39.37 -55.45
N VAL H 358 13.08 38.92 -54.57
CA VAL H 358 14.12 39.79 -54.03
C VAL H 358 15.06 40.28 -55.11
N LEU H 359 15.49 39.40 -56.03
CA LEU H 359 16.40 39.79 -57.07
C LEU H 359 15.73 40.70 -58.08
N GLY H 360 14.41 40.68 -58.14
CA GLY H 360 13.68 41.56 -59.05
C GLY H 360 13.43 42.95 -58.54
N LEU H 361 13.65 43.17 -57.24
CA LEU H 361 13.42 44.49 -56.67
C LEU H 361 14.45 45.47 -57.24
N PRO H 362 14.01 46.67 -57.64
CA PRO H 362 14.93 47.64 -58.21
C PRO H 362 15.82 48.34 -57.20
N GLU H 363 17.06 48.60 -57.60
CA GLU H 363 17.98 49.53 -56.92
C GLU H 363 18.23 49.17 -55.46
N LEU H 364 18.66 47.94 -55.21
CA LEU H 364 19.02 47.51 -53.89
C LEU H 364 20.47 47.08 -53.92
N SER H 365 21.19 47.33 -52.82
CA SER H 365 22.52 46.76 -52.65
C SER H 365 22.42 45.26 -52.48
N LEU H 366 23.52 44.58 -52.69
CA LEU H 366 23.63 43.17 -52.40
C LEU H 366 23.30 42.87 -50.93
N GLU H 367 23.74 43.72 -50.01
CA GLU H 367 23.58 43.47 -48.56
C GLU H 367 22.10 43.56 -48.19
N ARG H 368 21.39 44.46 -48.86
CA ARG H 368 19.93 44.60 -48.67
C ARG H 368 19.16 43.39 -49.17
N ARG H 369 19.59 42.84 -50.29
CA ARG H 369 19.01 41.61 -50.83
C ARG H 369 19.20 40.44 -49.86
N GLN H 370 20.41 40.30 -49.33
CA GLN H 370 20.71 39.26 -48.34
C GLN H 370 19.87 39.42 -47.07
N GLU H 371 19.65 40.66 -46.64
CA GLU H 371 18.79 40.92 -45.47
C GLU H 371 17.36 40.51 -45.71
N LEU H 372 16.86 40.80 -46.92
CA LEU H 372 15.48 40.45 -47.27
C LEU H 372 15.27 38.94 -47.35
N LEU H 373 16.24 38.23 -47.93
CA LEU H 373 16.16 36.76 -47.99
C LEU H 373 16.09 36.11 -46.61
N ALA H 374 16.71 36.75 -45.61
CA ALA H 374 16.75 36.26 -44.23
C ALA H 374 15.53 36.63 -43.41
N LYS H 375 14.61 37.39 -43.99
CA LYS H 375 13.35 37.72 -43.32
C LYS H 375 12.21 36.79 -43.75
N ASP H 376 11.22 36.66 -42.89
CA ASP H 376 9.98 35.97 -43.23
C ASP H 376 9.05 36.95 -43.91
N LEU H 377 9.04 36.97 -45.23
CA LEU H 377 8.31 38.01 -45.95
C LEU H 377 6.85 37.73 -46.18
N ARG H 378 6.46 36.45 -46.23
CA ARG H 378 5.09 36.09 -46.52
C ARG H 378 4.59 34.91 -45.69
N GLY H 379 5.26 34.58 -44.61
CA GLY H 379 4.83 33.44 -43.78
C GLY H 379 5.44 32.15 -44.26
N GLU H 380 6.42 32.25 -45.17
CA GLU H 380 7.07 31.08 -45.77
C GLU H 380 8.23 30.48 -44.97
N MET H 381 8.69 31.19 -43.93
CA MET H 381 9.90 30.80 -43.21
C MET H 381 9.74 31.09 -41.74
N THR H 382 10.10 30.11 -40.91
CA THR H 382 10.04 30.24 -39.47
C THR H 382 11.42 30.64 -38.96
N LEU H 383 11.52 31.80 -38.34
CA LEU H 383 12.78 32.24 -37.73
C LEU H 383 12.97 31.62 -36.34
N PRO H 384 14.20 31.26 -35.98
CA PRO H 384 14.43 30.54 -34.69
C PRO H 384 14.27 31.38 -33.41
N1 EPE I . -1.83 -15.70 66.81
C2 EPE I . -2.96 -15.18 67.57
C3 EPE I . -2.64 -13.86 68.28
N4 EPE I . -1.54 -14.04 69.23
C5 EPE I . -0.40 -14.53 68.45
C6 EPE I . -0.75 -15.86 67.78
C7 EPE I . -1.22 -12.75 69.89
C8 EPE I . -0.80 -12.97 71.35
O8 EPE I . -1.94 -12.82 72.23
C9 EPE I . -2.21 -16.98 66.16
C10 EPE I . -1.25 -17.40 65.07
S EPE I . -1.61 -18.89 64.44
O1S EPE I . -1.58 -19.96 65.48
O2S EPE I . -2.97 -18.79 63.89
O3S EPE I . -0.64 -19.25 63.38
N1 EPE J . -27.92 -13.35 34.66
C2 EPE J . -27.83 -13.06 33.21
C3 EPE J . -28.55 -14.08 32.34
N4 EPE J . -28.00 -15.38 32.69
C5 EPE J . -28.53 -15.68 34.02
C6 EPE J . -27.74 -14.78 34.96
C7 EPE J . -28.20 -16.43 31.65
C8 EPE J . -29.61 -16.60 31.11
O8 EPE J . -30.32 -17.39 32.05
C9 EPE J . -26.94 -12.58 35.46
C10 EPE J . -26.72 -11.16 34.99
S EPE J . -26.63 -10.03 36.21
O1S EPE J . -27.99 -9.49 36.43
O2S EPE J . -26.16 -10.64 37.49
O3S EPE J . -25.74 -8.94 35.78
N1 EPE K . 1.61 7.54 16.70
C2 EPE K . 0.27 8.08 17.01
C3 EPE K . 0.12 9.56 16.71
N4 EPE K . 1.17 10.33 17.39
C5 EPE K . 2.46 9.79 16.95
C6 EPE K . 2.56 8.37 17.46
C7 EPE K . 1.23 11.79 17.13
C8 EPE K . -0.12 12.50 17.15
O8 EPE K . -0.55 12.63 15.79
C9 EPE K . 1.92 6.14 17.05
C10 EPE K . 0.84 5.12 16.73
S EPE K . 1.41 3.61 16.32
O1S EPE K . 0.40 2.68 16.83
O2S EPE K . 1.55 3.55 14.85
O3S EPE K . 2.71 3.30 16.94
N1 EPE L . 27.31 -15.01 40.17
C2 EPE L . 28.13 -15.33 39.00
C3 EPE L . 28.16 -16.86 38.80
N4 EPE L . 28.73 -17.53 39.97
C5 EPE L . 27.89 -17.22 41.12
C6 EPE L . 27.90 -15.71 41.33
C7 EPE L . 28.78 -19.00 39.76
C8 EPE L . 30.23 -19.47 39.66
O8 EPE L . 30.77 -19.18 38.35
C9 EPE L . 27.31 -13.55 40.41
C10 EPE L . 26.21 -13.16 41.40
S EPE L . 26.28 -11.53 41.74
O1S EPE L . 25.99 -10.80 40.51
O2S EPE L . 25.31 -11.18 42.80
O3S EPE L . 27.64 -11.20 42.17
N1 EPE M . 27.91 16.20 -39.70
C2 EPE M . 27.19 17.35 -40.29
C3 EPE M . 28.07 18.61 -40.22
N4 EPE M . 28.41 18.89 -38.82
C5 EPE M . 29.30 17.80 -38.38
C6 EPE M . 28.37 16.57 -38.35
C7 EPE M . 28.91 20.27 -38.57
C8 EPE M . 30.21 20.61 -39.29
O8 EPE M . 31.31 20.26 -38.45
C9 EPE M . 27.07 14.97 -39.64
C10 EPE M . 26.67 14.48 -41.03
S EPE M . 26.61 12.83 -41.26
O1S EPE M . 26.04 12.06 -40.10
O2S EPE M . 25.60 12.54 -42.27
O3S EPE M . 27.92 12.37 -41.70
N1 EPE N . 1.62 -7.89 -17.27
C2 EPE N . 2.77 -8.84 -17.24
C3 EPE N . 2.37 -10.22 -17.81
N4 EPE N . 1.25 -10.77 -17.05
C5 EPE N . 0.13 -9.82 -17.13
C6 EPE N . 0.56 -8.52 -16.46
C7 EPE N . 0.83 -12.11 -17.52
C8 EPE N . 1.37 -13.21 -16.60
O8 EPE N . 2.81 -13.14 -16.58
C9 EPE N . 2.01 -6.57 -16.73
C10 EPE N . 1.03 -5.48 -17.11
S EPE N . 1.45 -4.03 -16.39
O1S EPE N . 1.52 -4.16 -14.94
O2S EPE N . 2.76 -3.66 -16.93
O3S EPE N . 0.46 -2.99 -16.71
N1 EPE O . -27.40 12.27 -34.55
C2 EPE O . -28.10 13.38 -35.22
C3 EPE O . -28.21 14.60 -34.29
N4 EPE O . -28.89 14.22 -33.04
C5 EPE O . -28.00 13.28 -32.34
C6 EPE O . -27.99 12.04 -33.22
C7 EPE O . -29.31 15.35 -32.18
C8 EPE O . -28.48 16.63 -32.42
O8 EPE O . -28.88 17.33 -33.63
C9 EPE O . -27.51 11.06 -35.38
C10 EPE O . -26.18 10.33 -35.46
S EPE O . -26.40 8.99 -36.43
O1S EPE O . -27.75 8.50 -36.37
O2S EPE O . -25.92 9.33 -37.77
O3S EPE O . -25.53 7.90 -35.97
N1 EPE P . -1.55 15.86 -66.70
C2 EPE P . -2.66 15.06 -67.24
C3 EPE P . -2.60 14.87 -68.75
N4 EPE P . -1.29 14.30 -69.14
C5 EPE P . -0.14 14.90 -68.41
C6 EPE P . -0.58 16.20 -67.77
C7 EPE P . -1.31 12.82 -69.03
C8 EPE P . -1.52 12.27 -70.45
O8 EPE P . -0.50 12.79 -71.32
C9 EPE P . -2.03 17.07 -66.00
C10 EPE P . -0.94 17.72 -65.17
S EPE P . -1.53 19.02 -64.35
O1S EPE P . -1.57 20.14 -65.31
O2S EPE P . -2.85 18.74 -63.69
O3S EPE P . -0.62 19.36 -63.26
#